data_8F53
#
_entry.id   8F53
#
_cell.length_a   1.00
_cell.length_b   1.00
_cell.length_c   1.00
_cell.angle_alpha   90.00
_cell.angle_beta   90.00
_cell.angle_gamma   90.00
#
_symmetry.space_group_name_H-M   'P 1'
#
_entity_poly.entity_id   1
_entity_poly.type   'polypeptide(L)'
_entity_poly.pdbx_seq_one_letter_code
;MMEAMVKYLAEKAGISEVEAAEIVLKAVKISGGDVVKSIELVDLFIEILNKGRE
;
_entity_poly.pdbx_strand_id   A,F,K,U,J1,Od,Tc,Ba,B,G,L,V,Z,Id,Nh,Sl,Xp,Yb,C,H,M,W,Ca,He,Mi,Rm,Wq,Ae,D,I,N,X,Bb,Gf,Lj,Qn,Vr,Zt,E,J,O,Y,Dc,Fg,Kk,Po,Us,Hu,P,Gv,Q,Fw,R,Ex,S,Dy,T,Cz,0,2
#
# COMPACT_ATOMS: atom_id res chain seq x y z
N MET A 1 22.98 31.14 11.77
CA MET A 1 21.96 31.22 12.87
C MET A 1 22.63 31.55 14.19
N MET A 2 23.61 30.72 14.58
CA MET A 2 24.15 30.76 15.93
C MET A 2 24.90 32.06 16.22
N GLU A 3 25.55 32.66 15.21
CA GLU A 3 26.31 33.87 15.46
C GLU A 3 25.41 35.00 15.95
N ALA A 4 24.20 35.12 15.38
CA ALA A 4 23.24 36.10 15.88
C ALA A 4 22.85 35.77 17.32
N MET A 5 22.64 34.49 17.62
CA MET A 5 22.30 34.09 18.98
C MET A 5 23.43 34.40 19.94
N VAL A 6 24.68 34.21 19.51
CA VAL A 6 25.82 34.40 20.42
C VAL A 6 25.90 35.86 20.87
N LYS A 7 25.87 36.79 19.92
CA LYS A 7 25.93 38.20 20.29
C LYS A 7 24.67 38.63 21.03
N TYR A 8 23.52 38.13 20.61
CA TYR A 8 22.26 38.45 21.30
C TYR A 8 22.34 38.07 22.77
N LEU A 9 22.78 36.85 23.05
CA LEU A 9 22.90 36.40 24.45
C LEU A 9 23.97 37.19 25.19
N ALA A 10 25.12 37.43 24.55
CA ALA A 10 26.19 38.17 25.21
C ALA A 10 25.72 39.56 25.62
N GLU A 11 24.99 40.25 24.74
CA GLU A 11 24.48 41.57 25.07
C GLU A 11 23.41 41.50 26.16
N LYS A 12 22.44 40.59 26.00
CA LYS A 12 21.30 40.56 26.91
C LYS A 12 21.64 39.96 28.26
N ALA A 13 22.72 39.18 28.37
CA ALA A 13 23.13 38.61 29.64
C ALA A 13 24.42 39.21 30.19
N GLY A 14 25.16 39.98 29.38
CA GLY A 14 26.39 40.59 29.82
C GLY A 14 27.59 39.66 29.85
N ILE A 15 27.42 38.39 29.48
CA ILE A 15 28.54 37.46 29.51
C ILE A 15 29.48 37.71 28.34
N SER A 16 30.67 37.12 28.41
CA SER A 16 31.66 37.26 27.37
C SER A 16 31.24 36.50 26.11
N GLU A 17 31.93 36.80 25.01
CA GLU A 17 31.62 36.15 23.74
C GLU A 17 31.87 34.65 23.81
N VAL A 18 32.97 34.23 24.44
CA VAL A 18 33.30 32.81 24.48
C VAL A 18 32.31 32.04 25.37
N GLU A 19 31.89 32.63 26.49
CA GLU A 19 30.90 31.98 27.33
C GLU A 19 29.55 31.87 26.62
N ALA A 20 29.16 32.93 25.90
CA ALA A 20 27.92 32.88 25.14
C ALA A 20 27.98 31.81 24.07
N ALA A 21 29.14 31.65 23.42
CA ALA A 21 29.28 30.59 22.42
C ALA A 21 29.08 29.22 23.05
N GLU A 22 29.64 29.00 24.24
CA GLU A 22 29.48 27.73 24.92
C GLU A 22 28.01 27.46 25.25
N ILE A 23 27.32 28.48 25.79
CA ILE A 23 25.92 28.28 26.16
C ILE A 23 25.06 28.05 24.92
N VAL A 24 25.35 28.78 23.84
CA VAL A 24 24.60 28.59 22.61
C VAL A 24 24.85 27.22 22.01
N LEU A 25 26.08 26.71 22.12
CA LEU A 25 26.36 25.35 21.65
C LEU A 25 25.60 24.32 22.48
N LYS A 26 25.52 24.53 23.80
CA LYS A 26 24.71 23.65 24.64
C LYS A 26 23.24 23.68 24.20
N ALA A 27 22.71 24.87 23.94
CA ALA A 27 21.32 24.99 23.52
C ALA A 27 21.09 24.27 22.20
N VAL A 28 21.99 24.47 21.24
CA VAL A 28 21.82 23.84 19.93
C VAL A 28 21.90 22.33 20.05
N LYS A 29 22.81 21.83 20.88
CA LYS A 29 22.95 20.39 21.07
C LYS A 29 21.68 19.79 21.68
N ILE A 30 21.14 20.44 22.72
CA ILE A 30 19.92 19.92 23.35
C ILE A 30 18.74 20.01 22.39
N SER A 31 18.65 21.08 21.62
CA SER A 31 17.51 21.30 20.74
C SER A 31 17.40 20.24 19.64
N GLY A 32 18.46 19.47 19.40
CA GLY A 32 18.48 18.59 18.26
C GLY A 32 18.72 19.30 16.95
N GLY A 33 19.34 20.49 17.01
CA GLY A 33 19.62 21.27 15.83
C GLY A 33 18.49 22.15 15.35
N ASP A 34 17.31 22.07 15.97
CA ASP A 34 16.20 22.92 15.57
C ASP A 34 16.51 24.38 15.85
N VAL A 35 16.23 25.23 14.86
CA VAL A 35 16.49 26.66 15.00
C VAL A 35 15.53 27.29 16.00
N VAL A 36 14.24 26.96 15.88
CA VAL A 36 13.23 27.58 16.74
C VAL A 36 13.47 27.20 18.20
N LYS A 37 13.64 25.92 18.47
CA LYS A 37 13.86 25.48 19.85
C LYS A 37 15.13 26.09 20.42
N SER A 38 16.16 26.28 19.58
CA SER A 38 17.38 26.91 20.06
C SER A 38 17.12 28.34 20.52
N ILE A 39 16.31 29.09 19.77
CA ILE A 39 16.02 30.47 20.14
C ILE A 39 15.17 30.52 21.39
N GLU A 40 14.18 29.63 21.50
CA GLU A 40 13.40 29.55 22.73
C GLU A 40 14.29 29.24 23.93
N LEU A 41 15.21 28.29 23.77
CA LEU A 41 16.12 27.93 24.85
C LEU A 41 17.03 29.09 25.21
N VAL A 42 17.49 29.85 24.22
CA VAL A 42 18.36 30.98 24.53
C VAL A 42 17.60 32.06 25.29
N ASP A 43 16.33 32.29 24.93
CA ASP A 43 15.53 33.24 25.70
C ASP A 43 15.31 32.76 27.13
N LEU A 44 15.02 31.47 27.29
CA LEU A 44 14.91 30.90 28.62
C LEU A 44 16.21 31.03 29.40
N PHE A 45 17.35 30.87 28.71
CA PHE A 45 18.64 31.03 29.35
C PHE A 45 18.86 32.47 29.77
N ILE A 46 18.41 33.44 28.97
CA ILE A 46 18.51 34.83 29.40
C ILE A 46 17.69 35.06 30.66
N GLU A 47 16.47 34.52 30.70
CA GLU A 47 15.63 34.68 31.88
C GLU A 47 16.31 34.10 33.11
N ILE A 48 16.76 32.85 33.02
CA ILE A 48 17.39 32.18 34.14
C ILE A 48 18.67 32.90 34.54
N LEU A 49 19.51 33.22 33.57
CA LEU A 49 20.82 33.81 33.82
C LEU A 49 20.72 35.24 34.33
N ASN A 50 19.56 35.86 34.21
CA ASN A 50 19.34 37.15 34.85
C ASN A 50 18.79 36.98 36.26
N LYS A 51 17.68 36.24 36.41
CA LYS A 51 17.02 36.20 37.71
C LYS A 51 17.74 35.31 38.72
N GLY A 52 18.67 34.45 38.27
CA GLY A 52 19.37 33.58 39.20
C GLY A 52 20.52 34.23 39.93
N ARG A 53 21.11 35.27 39.37
CA ARG A 53 22.13 36.03 40.08
C ARG A 53 21.53 37.16 40.90
N GLU A 54 20.31 37.58 40.57
CA GLU A 54 19.55 38.51 41.39
C GLU A 54 18.65 37.74 42.35
N MET B 1 35.70 -2.37 -19.95
CA MET B 1 35.36 -3.66 -19.29
C MET B 1 35.83 -4.83 -20.12
N MET B 2 35.19 -5.01 -21.27
CA MET B 2 35.46 -6.17 -22.11
C MET B 2 36.87 -6.14 -22.70
N GLU B 3 37.40 -4.95 -22.98
CA GLU B 3 38.73 -4.89 -23.57
C GLU B 3 39.79 -5.47 -22.64
N ALA B 4 39.67 -5.22 -21.34
CA ALA B 4 40.59 -5.86 -20.39
C ALA B 4 40.41 -7.37 -20.39
N MET B 5 39.16 -7.83 -20.47
CA MET B 5 38.91 -9.27 -20.51
C MET B 5 39.49 -9.90 -21.77
N VAL B 6 39.42 -9.19 -22.91
CA VAL B 6 39.89 -9.76 -24.17
C VAL B 6 41.38 -10.03 -24.11
N LYS B 7 42.17 -9.02 -23.71
CA LYS B 7 43.62 -9.21 -23.63
C LYS B 7 43.98 -10.18 -22.51
N TYR B 8 43.29 -10.11 -21.38
CA TYR B 8 43.53 -11.05 -20.29
C TYR B 8 43.37 -12.49 -20.76
N LEU B 9 42.26 -12.78 -21.44
CA LEU B 9 42.02 -14.13 -21.94
C LEU B 9 43.05 -14.52 -23.01
N ALA B 10 43.33 -13.61 -23.94
CA ALA B 10 44.29 -13.91 -25.00
C ALA B 10 45.65 -14.26 -24.43
N GLU B 11 46.08 -13.54 -23.40
CA GLU B 11 47.38 -13.82 -22.78
C GLU B 11 47.34 -15.13 -22.01
N LYS B 12 46.30 -15.32 -21.18
CA LYS B 12 46.24 -16.48 -20.31
C LYS B 12 45.82 -17.76 -21.03
N ALA B 13 45.35 -17.66 -22.27
CA ALA B 13 45.00 -18.85 -23.06
C ALA B 13 45.79 -18.97 -24.35
N GLY B 14 46.53 -17.94 -24.75
CA GLY B 14 47.33 -17.98 -25.96
C GLY B 14 46.56 -17.82 -27.25
N ILE B 15 45.24 -17.62 -27.19
CA ILE B 15 44.45 -17.48 -28.41
C ILE B 15 44.66 -16.09 -29.00
N SER B 16 44.22 -15.94 -30.25
CA SER B 16 44.34 -14.67 -30.96
C SER B 16 43.39 -13.63 -30.38
N GLU B 17 43.62 -12.37 -30.76
CA GLU B 17 42.80 -11.28 -30.26
C GLU B 17 41.34 -11.42 -30.70
N VAL B 18 41.11 -11.84 -31.94
CA VAL B 18 39.74 -11.91 -32.45
C VAL B 18 39.01 -13.14 -31.91
N GLU B 19 39.72 -14.24 -31.65
CA GLU B 19 39.10 -15.39 -31.01
C GLU B 19 38.72 -15.07 -29.57
N ALA B 20 39.60 -14.36 -28.85
CA ALA B 20 39.27 -13.95 -27.50
C ALA B 20 38.08 -13.01 -27.49
N ALA B 21 37.99 -12.12 -28.48
CA ALA B 21 36.83 -11.23 -28.57
C ALA B 21 35.54 -12.03 -28.73
N GLU B 22 35.57 -13.06 -29.57
CA GLU B 22 34.38 -13.89 -29.75
C GLU B 22 33.99 -14.60 -28.47
N ILE B 23 34.97 -15.19 -27.78
CA ILE B 23 34.66 -15.92 -26.54
C ILE B 23 34.15 -14.96 -25.48
N VAL B 24 34.74 -13.76 -25.39
CA VAL B 24 34.31 -12.78 -24.40
C VAL B 24 32.89 -12.29 -24.72
N LEU B 25 32.57 -12.14 -26.01
CA LEU B 25 31.21 -11.77 -26.37
C LEU B 25 30.22 -12.85 -25.99
N LYS B 26 30.60 -14.12 -26.19
CA LYS B 26 29.74 -15.22 -25.73
C LYS B 26 29.51 -15.15 -24.23
N ALA B 27 30.60 -14.92 -23.47
CA ALA B 27 30.48 -14.84 -22.01
C ALA B 27 29.56 -13.69 -21.60
N VAL B 28 29.74 -12.52 -22.21
CA VAL B 28 28.93 -11.36 -21.86
C VAL B 28 27.47 -11.61 -22.20
N LYS B 29 27.19 -12.24 -23.34
CA LYS B 29 25.81 -12.51 -23.72
C LYS B 29 25.15 -13.49 -22.74
N ILE B 30 25.86 -14.56 -22.38
CA ILE B 30 25.30 -15.53 -21.44
C ILE B 30 25.10 -14.89 -20.06
N SER B 31 26.03 -14.05 -19.64
CA SER B 31 25.98 -13.46 -18.31
C SER B 31 24.79 -12.55 -18.10
N GLY B 32 24.11 -12.13 -19.16
CA GLY B 32 23.09 -11.12 -19.03
C GLY B 32 23.64 -9.73 -18.87
N GLY B 33 24.88 -9.49 -19.31
CA GLY B 33 25.52 -8.21 -19.19
C GLY B 33 26.13 -7.93 -17.83
N ASP B 34 26.03 -8.85 -16.89
CA ASP B 34 26.65 -8.65 -15.57
C ASP B 34 28.17 -8.65 -15.69
N VAL B 35 28.81 -7.68 -15.04
CA VAL B 35 30.26 -7.58 -15.10
C VAL B 35 30.90 -8.71 -14.31
N VAL B 36 30.39 -9.01 -13.12
CA VAL B 36 31.02 -10.02 -12.27
C VAL B 36 30.90 -11.40 -12.90
N LYS B 37 29.69 -11.76 -13.34
CA LYS B 37 29.50 -13.08 -13.93
C LYS B 37 30.33 -13.24 -15.19
N SER B 38 30.51 -12.16 -15.96
CA SER B 38 31.35 -12.24 -17.15
C SER B 38 32.78 -12.58 -16.78
N ILE B 39 33.30 -11.97 -15.71
CA ILE B 39 34.68 -12.25 -15.30
C ILE B 39 34.80 -13.67 -14.76
N GLU B 40 33.79 -14.12 -13.99
CA GLU B 40 33.81 -15.49 -13.52
C GLU B 40 33.81 -16.48 -14.69
N LEU B 41 32.98 -16.22 -15.71
CA LEU B 41 32.93 -17.10 -16.87
C LEU B 41 34.24 -17.10 -17.62
N VAL B 42 34.83 -15.92 -17.83
CA VAL B 42 36.10 -15.84 -18.54
C VAL B 42 37.18 -16.58 -17.77
N ASP B 43 37.15 -16.51 -16.44
CA ASP B 43 38.08 -17.30 -15.63
C ASP B 43 37.83 -18.79 -15.83
N LEU B 44 36.56 -19.20 -15.87
CA LEU B 44 36.25 -20.61 -16.07
C LEU B 44 36.69 -21.09 -17.45
N PHE B 45 36.56 -20.24 -18.47
CA PHE B 45 37.01 -20.62 -19.81
C PHE B 45 38.52 -20.87 -19.83
N ILE B 46 39.27 -20.07 -19.08
CA ILE B 46 40.72 -20.25 -19.02
C ILE B 46 41.07 -21.63 -18.46
N GLU B 47 40.29 -22.10 -17.49
CA GLU B 47 40.48 -23.46 -16.98
C GLU B 47 40.12 -24.49 -18.06
N ILE B 48 38.90 -24.42 -18.58
CA ILE B 48 38.46 -25.38 -19.59
C ILE B 48 39.37 -25.33 -20.81
N LEU B 49 39.68 -24.13 -21.27
CA LEU B 49 40.45 -23.98 -22.50
C LEU B 49 41.89 -24.44 -22.37
N ASN B 50 42.38 -24.65 -21.14
CA ASN B 50 43.73 -25.16 -20.94
C ASN B 50 43.73 -26.68 -20.76
N LYS B 51 43.02 -27.17 -19.74
CA LYS B 51 42.96 -28.61 -19.52
C LYS B 51 42.20 -29.33 -20.63
N GLY B 52 41.39 -28.61 -21.40
CA GLY B 52 40.66 -29.22 -22.49
C GLY B 52 41.51 -29.61 -23.67
N ARG B 53 42.70 -29.01 -23.79
CA ARG B 53 43.65 -29.36 -24.84
C ARG B 53 44.79 -30.23 -24.34
N GLU B 54 45.11 -30.19 -23.05
CA GLU B 54 46.11 -31.06 -22.47
C GLU B 54 45.46 -32.30 -21.88
N MET C 1 -31.40 -2.40 25.52
CA MET C 1 -30.22 -2.21 26.42
C MET C 1 -30.62 -1.51 27.72
N MET C 2 -30.95 -0.22 27.57
CA MET C 2 -31.05 0.66 28.73
C MET C 2 -32.26 0.34 29.60
N GLU C 3 -33.36 -0.15 29.02
CA GLU C 3 -34.54 -0.42 29.83
C GLU C 3 -34.28 -1.51 30.86
N ALA C 4 -33.52 -2.54 30.48
CA ALA C 4 -33.10 -3.54 31.45
C ALA C 4 -32.22 -2.93 32.53
N MET C 5 -31.31 -2.05 32.13
CA MET C 5 -30.43 -1.40 33.10
C MET C 5 -31.24 -0.51 34.05
N VAL C 6 -32.27 0.17 33.54
CA VAL C 6 -33.02 1.10 34.38
C VAL C 6 -33.71 0.36 35.52
N LYS C 7 -34.44 -0.71 35.19
CA LYS C 7 -35.13 -1.48 36.23
C LYS C 7 -34.14 -2.20 37.12
N TYR C 8 -33.06 -2.73 36.53
CA TYR C 8 -32.04 -3.40 37.32
C TYR C 8 -31.47 -2.46 38.38
N LEU C 9 -31.11 -1.25 37.98
CA LEU C 9 -30.57 -0.27 38.93
C LEU C 9 -31.63 0.15 39.94
N ALA C 10 -32.86 0.39 39.50
CA ALA C 10 -33.91 0.81 40.42
C ALA C 10 -34.13 -0.24 41.50
N GLU C 11 -34.16 -1.52 41.12
CA GLU C 11 -34.34 -2.59 42.10
C GLU C 11 -33.14 -2.71 43.02
N LYS C 12 -31.93 -2.74 42.44
CA LYS C 12 -30.73 -3.00 43.23
C LYS C 12 -30.30 -1.80 44.07
N ALA C 13 -30.75 -0.60 43.71
CA ALA C 13 -30.41 0.60 44.49
C ALA C 13 -31.62 1.19 45.22
N GLY C 14 -32.84 0.79 44.89
CA GLY C 14 -34.02 1.29 45.55
C GLY C 14 -34.47 2.67 45.10
N ILE C 15 -33.80 3.26 44.11
CA ILE C 15 -34.17 4.59 43.65
C ILE C 15 -35.38 4.50 42.73
N SER C 16 -36.00 5.65 42.49
CA SER C 16 -37.14 5.73 41.59
C SER C 16 -36.69 5.47 40.16
N GLU C 17 -37.65 5.08 39.31
CA GLU C 17 -37.32 4.75 37.93
C GLU C 17 -36.84 5.97 37.16
N VAL C 18 -37.36 7.16 37.46
CA VAL C 18 -36.92 8.36 36.76
C VAL C 18 -35.49 8.72 37.15
N GLU C 19 -35.12 8.52 38.41
CA GLU C 19 -33.74 8.75 38.82
C GLU C 19 -32.81 7.70 38.23
N ALA C 20 -33.27 6.45 38.18
CA ALA C 20 -32.47 5.40 37.54
C ALA C 20 -32.26 5.70 36.07
N ALA C 21 -33.28 6.22 35.40
CA ALA C 21 -33.13 6.60 33.99
C ALA C 21 -32.07 7.67 33.82
N GLU C 22 -32.07 8.68 34.70
CA GLU C 22 -31.06 9.73 34.62
C GLU C 22 -29.65 9.16 34.83
N ILE C 23 -29.48 8.31 35.85
CA ILE C 23 -28.15 7.77 36.11
C ILE C 23 -27.70 6.87 34.97
N VAL C 24 -28.61 6.08 34.41
CA VAL C 24 -28.26 5.21 33.30
C VAL C 24 -27.90 6.04 32.06
N LEU C 25 -28.60 7.15 31.84
CA LEU C 25 -28.24 8.03 30.73
C LEU C 25 -26.86 8.63 30.93
N LYS C 26 -26.54 9.03 32.15
CA LYS C 26 -25.18 9.51 32.46
C LYS C 26 -24.15 8.42 32.13
N ALA C 27 -24.42 7.19 32.57
CA ALA C 27 -23.47 6.10 32.32
C ALA C 27 -23.29 5.86 30.83
N VAL C 28 -24.40 5.85 30.08
CA VAL C 28 -24.31 5.60 28.64
C VAL C 28 -23.54 6.72 27.95
N LYS C 29 -23.77 7.97 28.37
CA LYS C 29 -23.05 9.09 27.77
C LYS C 29 -21.56 9.00 28.04
N ILE C 30 -21.17 8.73 29.29
CA ILE C 30 -19.74 8.64 29.62
C ILE C 30 -19.10 7.45 28.90
N SER C 31 -19.83 6.34 28.80
CA SER C 31 -19.29 5.12 28.21
C SER C 31 -18.99 5.26 26.71
N GLY C 32 -19.49 6.31 26.06
CA GLY C 32 -19.35 6.43 24.63
C GLY C 32 -20.30 5.54 23.86
N GLY C 33 -21.40 5.13 24.49
CA GLY C 33 -22.37 4.26 23.86
C GLY C 33 -22.04 2.78 23.92
N ASP C 34 -20.91 2.40 24.48
CA ASP C 34 -20.56 0.98 24.59
C ASP C 34 -21.50 0.28 25.56
N VAL C 35 -22.00 -0.88 25.15
CA VAL C 35 -22.94 -1.64 25.98
C VAL C 35 -22.22 -2.23 27.18
N VAL C 36 -21.04 -2.82 26.96
CA VAL C 36 -20.31 -3.48 28.04
C VAL C 36 -19.87 -2.46 29.09
N LYS C 37 -19.26 -1.36 28.65
CA LYS C 37 -18.81 -0.35 29.59
C LYS C 37 -19.99 0.23 30.36
N SER C 38 -21.14 0.39 29.70
CA SER C 38 -22.32 0.89 30.39
C SER C 38 -22.73 -0.03 31.53
N ILE C 39 -22.69 -1.34 31.29
CA ILE C 39 -23.09 -2.30 32.32
C ILE C 39 -22.07 -2.32 33.45
N GLU C 40 -20.78 -2.30 33.13
CA GLU C 40 -19.75 -2.23 34.16
C GLU C 40 -19.94 -0.98 35.02
N LEU C 41 -20.18 0.16 34.37
CA LEU C 41 -20.31 1.42 35.09
C LEU C 41 -21.57 1.44 35.95
N VAL C 42 -22.68 0.89 35.45
CA VAL C 42 -23.90 0.82 36.25
C VAL C 42 -23.71 -0.13 37.43
N ASP C 43 -22.93 -1.20 37.25
CA ASP C 43 -22.59 -2.05 38.39
C ASP C 43 -21.78 -1.28 39.42
N LEU C 44 -20.82 -0.46 38.96
CA LEU C 44 -20.03 0.34 39.89
C LEU C 44 -20.91 1.32 40.65
N PHE C 45 -21.90 1.91 39.99
CA PHE C 45 -22.79 2.85 40.67
C PHE C 45 -23.54 2.15 41.81
N ILE C 46 -23.97 0.90 41.58
CA ILE C 46 -24.70 0.18 42.61
C ILE C 46 -23.85 0.00 43.86
N GLU C 47 -22.53 -0.14 43.69
CA GLU C 47 -21.63 -0.16 44.84
C GLU C 47 -21.56 1.21 45.51
N ILE C 48 -21.19 2.23 44.75
CA ILE C 48 -21.06 3.58 45.30
C ILE C 48 -22.39 4.03 45.90
N LEU C 49 -23.49 3.78 45.18
CA LEU C 49 -24.78 4.27 45.61
C LEU C 49 -25.32 3.56 46.85
N ASN C 50 -24.69 2.45 47.26
CA ASN C 50 -25.09 1.75 48.47
C ASN C 50 -24.19 2.08 49.65
N LYS C 51 -22.88 1.86 49.51
CA LYS C 51 -21.95 2.19 50.58
C LYS C 51 -21.80 3.69 50.76
N GLY C 52 -22.19 4.48 49.76
CA GLY C 52 -22.10 5.93 49.89
C GLY C 52 -23.13 6.52 50.82
N ARG C 53 -24.24 5.82 51.05
CA ARG C 53 -25.24 6.25 52.01
C ARG C 53 -25.12 5.55 53.35
N GLU C 54 -24.51 4.37 53.38
CA GLU C 54 -24.24 3.68 54.64
C GLU C 54 -22.81 3.93 55.08
N MET D 1 17.71 -36.49 -5.70
CA MET D 1 17.34 -36.25 -4.28
C MET D 1 16.94 -37.57 -3.61
N MET D 2 15.76 -38.06 -4.00
CA MET D 2 15.21 -39.24 -3.34
C MET D 2 16.06 -40.48 -3.57
N GLU D 3 16.68 -40.59 -4.75
CA GLU D 3 17.48 -41.78 -5.05
C GLU D 3 18.63 -41.94 -4.06
N ALA D 4 19.27 -40.84 -3.68
CA ALA D 4 20.30 -40.90 -2.65
C ALA D 4 19.72 -41.36 -1.32
N MET D 5 18.54 -40.84 -0.98
CA MET D 5 17.89 -41.25 0.26
C MET D 5 17.52 -42.73 0.24
N VAL D 6 17.10 -43.25 -0.91
CA VAL D 6 16.64 -44.63 -0.98
C VAL D 6 17.79 -45.58 -0.66
N LYS D 7 18.93 -45.41 -1.34
CA LYS D 7 20.07 -46.28 -1.10
C LYS D 7 20.66 -46.05 0.29
N TYR D 8 20.70 -44.80 0.72
CA TYR D 8 21.19 -44.48 2.06
C TYR D 8 20.39 -45.22 3.13
N LEU D 9 19.06 -45.16 3.03
CA LEU D 9 18.20 -45.85 3.98
C LEU D 9 18.34 -47.37 3.86
N ALA D 10 18.39 -47.88 2.64
CA ALA D 10 18.53 -49.33 2.47
C ALA D 10 19.82 -49.84 3.10
N GLU D 11 20.92 -49.12 2.93
CA GLU D 11 22.19 -49.53 3.52
C GLU D 11 22.15 -49.40 5.04
N LYS D 12 21.69 -48.25 5.55
CA LYS D 12 21.76 -47.99 6.97
C LYS D 12 20.68 -48.69 7.78
N ALA D 13 19.63 -49.21 7.12
CA ALA D 13 18.60 -49.96 7.80
C ALA D 13 18.53 -51.42 7.36
N GLY D 14 19.22 -51.79 6.29
CA GLY D 14 19.23 -53.17 5.81
C GLY D 14 18.02 -53.58 5.02
N ILE D 15 17.06 -52.68 4.81
CA ILE D 15 15.85 -53.06 4.07
C ILE D 15 16.14 -53.09 2.56
N SER D 16 15.23 -53.72 1.83
CA SER D 16 15.35 -53.83 0.38
C SER D 16 15.12 -52.48 -0.29
N GLU D 17 15.47 -52.41 -1.57
CA GLU D 17 15.31 -51.17 -2.32
C GLU D 17 13.84 -50.75 -2.40
N VAL D 18 12.94 -51.70 -2.66
CA VAL D 18 11.54 -51.34 -2.86
C VAL D 18 10.89 -50.89 -1.55
N GLU D 19 11.28 -51.49 -0.43
CA GLU D 19 10.77 -51.04 0.86
C GLU D 19 11.32 -49.67 1.22
N ALA D 20 12.61 -49.45 0.95
CA ALA D 20 13.19 -48.13 1.18
C ALA D 20 12.52 -47.08 0.31
N ALA D 21 12.20 -47.43 -0.94
CA ALA D 21 11.50 -46.48 -1.81
C ALA D 21 10.15 -46.11 -1.22
N GLU D 22 9.42 -47.09 -0.69
CA GLU D 22 8.12 -46.80 -0.10
C GLU D 22 8.25 -45.90 1.12
N ILE D 23 9.21 -46.19 2.00
CA ILE D 23 9.38 -45.37 3.20
C ILE D 23 9.81 -43.95 2.82
N VAL D 24 10.70 -43.83 1.84
CA VAL D 24 11.15 -42.50 1.42
C VAL D 24 10.01 -41.74 0.76
N LEU D 25 9.14 -42.42 0.02
CA LEU D 25 7.98 -41.74 -0.55
C LEU D 25 7.03 -41.25 0.54
N LYS D 26 6.83 -42.07 1.58
CA LYS D 26 6.05 -41.61 2.73
C LYS D 26 6.66 -40.37 3.37
N ALA D 27 7.98 -40.37 3.56
CA ALA D 27 8.65 -39.23 4.16
C ALA D 27 8.49 -37.98 3.30
N VAL D 28 8.67 -38.13 1.99
CA VAL D 28 8.56 -36.98 1.09
C VAL D 28 7.13 -36.44 1.09
N LYS D 29 6.14 -37.33 1.12
CA LYS D 29 4.76 -36.88 1.13
C LYS D 29 4.44 -36.13 2.43
N ILE D 30 4.85 -36.66 3.58
CA ILE D 30 4.58 -35.99 4.85
C ILE D 30 5.31 -34.65 4.91
N SER D 31 6.55 -34.61 4.43
CA SER D 31 7.36 -33.41 4.51
C SER D 31 6.82 -32.25 3.68
N GLY D 32 5.87 -32.51 2.79
CA GLY D 32 5.43 -31.47 1.89
C GLY D 32 6.39 -31.19 0.76
N GLY D 33 7.24 -32.15 0.43
CA GLY D 33 8.22 -31.98 -0.62
C GLY D 33 9.49 -31.26 -0.22
N ASP D 34 9.61 -30.81 1.02
CA ASP D 34 10.82 -30.13 1.47
C ASP D 34 11.98 -31.12 1.53
N VAL D 35 13.12 -30.71 0.98
CA VAL D 35 14.28 -31.59 0.93
C VAL D 35 14.86 -31.79 2.33
N VAL D 36 15.00 -30.70 3.09
CA VAL D 36 15.63 -30.78 4.41
C VAL D 36 14.79 -31.62 5.35
N LYS D 37 13.48 -31.35 5.41
CA LYS D 37 12.62 -32.12 6.30
C LYS D 37 12.60 -33.59 5.90
N SER D 38 12.67 -33.87 4.61
CA SER D 38 12.70 -35.26 4.17
C SER D 38 13.94 -35.98 4.70
N ILE D 39 15.10 -35.30 4.67
CA ILE D 39 16.32 -35.93 5.16
C ILE D 39 16.27 -36.09 6.67
N GLU D 40 15.78 -35.08 7.39
CA GLU D 40 15.62 -35.21 8.83
C GLU D 40 14.73 -36.39 9.19
N LEU D 41 13.60 -36.53 8.47
CA LEU D 41 12.65 -37.58 8.78
C LEU D 41 13.19 -38.95 8.42
N VAL D 42 13.93 -39.06 7.30
CA VAL D 42 14.55 -40.33 6.96
C VAL D 42 15.62 -40.69 7.98
N ASP D 43 16.34 -39.71 8.51
CA ASP D 43 17.27 -39.99 9.60
C ASP D 43 16.53 -40.49 10.83
N LEU D 44 15.39 -39.88 11.14
CA LEU D 44 14.60 -40.34 12.28
C LEU D 44 14.12 -41.77 12.08
N PHE D 45 13.75 -42.14 10.86
CA PHE D 45 13.32 -43.50 10.59
C PHE D 45 14.45 -44.50 10.87
N ILE D 46 15.68 -44.14 10.53
CA ILE D 46 16.81 -45.03 10.75
C ILE D 46 16.99 -45.30 12.24
N GLU D 47 16.66 -44.33 13.09
CA GLU D 47 16.66 -44.57 14.53
C GLU D 47 15.52 -45.50 14.92
N ILE D 48 14.28 -45.13 14.57
CA ILE D 48 13.12 -45.94 14.92
C ILE D 48 13.26 -47.34 14.34
N LEU D 49 13.67 -47.44 13.08
CA LEU D 49 13.69 -48.72 12.38
C LEU D 49 14.78 -49.65 12.90
N ASN D 50 15.73 -49.14 13.70
CA ASN D 50 16.77 -49.98 14.28
C ASN D 50 16.44 -50.36 15.73
N LYS D 51 16.25 -49.36 16.60
CA LYS D 51 15.87 -49.67 17.98
C LYS D 51 14.47 -50.26 18.08
N GLY D 52 13.65 -50.09 17.04
CA GLY D 52 12.32 -50.66 17.06
C GLY D 52 12.30 -52.17 16.93
N ARG D 53 13.33 -52.75 16.31
CA ARG D 53 13.46 -54.20 16.24
C ARG D 53 14.36 -54.75 17.34
N GLU D 54 15.28 -53.96 17.86
CA GLU D 54 16.09 -54.36 19.00
C GLU D 54 15.52 -53.74 20.28
N MET E 1 8.77 12.12 37.03
CA MET E 1 8.10 13.01 36.03
C MET E 1 8.41 14.47 36.32
N MET E 2 7.90 15.00 37.44
CA MET E 2 8.18 16.38 37.81
C MET E 2 8.68 16.54 39.25
N GLU E 3 8.10 15.78 40.19
CA GLU E 3 8.36 16.06 41.59
C GLU E 3 9.80 15.76 41.99
N ALA E 4 10.38 14.68 41.47
CA ALA E 4 11.77 14.38 41.78
C ALA E 4 12.69 15.49 41.28
N MET E 5 12.39 16.04 40.10
CA MET E 5 13.20 17.13 39.56
C MET E 5 13.12 18.37 40.44
N VAL E 6 11.94 18.68 40.97
CA VAL E 6 11.78 19.92 41.75
C VAL E 6 12.65 19.87 42.99
N LYS E 7 12.59 18.77 43.74
CA LYS E 7 13.48 18.61 44.88
C LYS E 7 14.93 18.51 44.43
N TYR E 8 15.17 17.74 43.37
CA TYR E 8 16.53 17.59 42.85
C TYR E 8 17.11 18.94 42.44
N LEU E 9 16.33 19.74 41.72
CA LEU E 9 16.81 21.07 41.32
C LEU E 9 16.97 22.00 42.51
N ALA E 10 16.01 21.99 43.44
CA ALA E 10 16.08 22.88 44.59
C ALA E 10 17.34 22.64 45.41
N GLU E 11 17.69 21.38 45.63
CA GLU E 11 18.87 21.07 46.43
C GLU E 11 20.15 21.46 45.71
N LYS E 12 20.26 21.09 44.43
CA LYS E 12 21.51 21.29 43.70
C LYS E 12 21.75 22.74 43.32
N ALA E 13 20.71 23.57 43.31
CA ALA E 13 20.86 25.00 43.02
C ALA E 13 20.58 25.88 44.22
N GLY E 14 20.04 25.34 45.31
CA GLY E 14 19.78 26.13 46.49
C GLY E 14 18.57 27.03 46.42
N ILE E 15 17.80 26.97 45.33
CA ILE E 15 16.64 27.83 45.16
C ILE E 15 15.47 27.27 45.95
N SER E 16 14.42 28.09 46.12
CA SER E 16 13.25 27.68 46.87
C SER E 16 12.44 26.63 46.12
N GLU E 17 11.51 25.99 46.84
CA GLU E 17 10.66 24.97 46.23
C GLU E 17 9.81 25.56 45.10
N VAL E 18 9.24 26.75 45.32
CA VAL E 18 8.36 27.34 44.31
C VAL E 18 9.16 27.85 43.12
N GLU E 19 10.36 28.39 43.34
CA GLU E 19 11.19 28.80 42.23
C GLU E 19 11.66 27.61 41.42
N ALA E 20 11.99 26.50 42.09
CA ALA E 20 12.31 25.27 41.37
C ALA E 20 11.11 24.77 40.58
N ALA E 21 9.92 24.84 41.17
CA ALA E 21 8.71 24.39 40.46
C ALA E 21 8.50 25.20 39.19
N GLU E 22 8.75 26.50 39.24
CA GLU E 22 8.60 27.34 38.05
C GLU E 22 9.59 26.94 36.97
N ILE E 23 10.85 26.77 37.34
CA ILE E 23 11.88 26.45 36.35
C ILE E 23 11.64 25.07 35.75
N VAL E 24 11.23 24.11 36.58
CA VAL E 24 10.97 22.76 36.06
C VAL E 24 9.78 22.78 35.11
N LEU E 25 8.77 23.61 35.37
CA LEU E 25 7.65 23.72 34.45
C LEU E 25 8.09 24.33 33.13
N LYS E 26 9.02 25.28 33.17
CA LYS E 26 9.61 25.82 31.95
C LYS E 26 10.31 24.72 31.15
N ALA E 27 11.10 23.89 31.84
CA ALA E 27 11.81 22.80 31.17
C ALA E 27 10.83 21.81 30.54
N VAL E 28 9.78 21.44 31.28
CA VAL E 28 8.83 20.46 30.76
C VAL E 28 8.09 21.02 29.55
N LYS E 29 7.68 22.29 29.62
CA LYS E 29 6.93 22.88 28.52
C LYS E 29 7.78 22.98 27.26
N ILE E 30 9.01 23.48 27.39
CA ILE E 30 9.88 23.67 26.23
C ILE E 30 10.35 22.33 25.68
N SER E 31 10.49 21.32 26.54
CA SER E 31 10.93 19.99 26.13
C SER E 31 9.87 19.21 25.36
N GLY E 32 8.65 19.72 25.25
CA GLY E 32 7.59 18.97 24.60
C GLY E 32 7.03 17.86 25.43
N GLY E 33 7.22 17.89 26.75
CA GLY E 33 6.73 16.86 27.63
C GLY E 33 7.59 15.62 27.72
N ASP E 34 8.70 15.56 26.98
CA ASP E 34 9.58 14.41 27.04
C ASP E 34 10.25 14.31 28.40
N VAL E 35 10.26 13.11 28.97
CA VAL E 35 10.87 12.92 30.29
C VAL E 35 12.38 13.08 30.21
N VAL E 36 13.00 12.43 29.23
CA VAL E 36 14.46 12.43 29.15
C VAL E 36 14.99 13.84 28.87
N LYS E 37 14.38 14.52 27.90
CA LYS E 37 14.84 15.88 27.57
C LYS E 37 14.68 16.82 28.75
N SER E 38 13.62 16.63 29.55
CA SER E 38 13.43 17.47 30.72
C SER E 38 14.55 17.29 31.71
N ILE E 39 15.03 16.05 31.90
CA ILE E 39 16.13 15.81 32.83
C ILE E 39 17.42 16.40 32.28
N GLU E 40 17.69 16.19 31.00
CA GLU E 40 18.86 16.81 30.38
C GLU E 40 18.84 18.32 30.54
N LEU E 41 17.67 18.94 30.32
CA LEU E 41 17.57 20.39 30.38
C LEU E 41 17.69 20.90 31.81
N VAL E 42 17.10 20.19 32.76
CA VAL E 42 17.23 20.60 34.16
C VAL E 42 18.67 20.48 34.64
N ASP E 43 19.40 19.48 34.14
CA ASP E 43 20.83 19.39 34.45
C ASP E 43 21.58 20.60 33.91
N LEU E 44 21.24 21.02 32.69
CA LEU E 44 21.89 22.20 32.11
C LEU E 44 21.58 23.45 32.93
N PHE E 45 20.36 23.56 33.46
CA PHE E 45 20.03 24.71 34.30
C PHE E 45 20.90 24.73 35.55
N ILE E 46 21.18 23.56 36.13
CA ILE E 46 22.01 23.50 37.32
C ILE E 46 23.41 24.02 37.03
N GLU E 47 23.93 23.74 35.83
CA GLU E 47 25.20 24.32 35.41
C GLU E 47 25.08 25.84 35.24
N ILE E 48 24.16 26.28 34.39
CA ILE E 48 24.00 27.71 34.14
C ILE E 48 23.67 28.45 35.43
N LEU E 49 22.78 27.89 36.25
CA LEU E 49 22.32 28.58 37.45
C LEU E 49 23.40 28.68 38.52
N ASN E 50 24.49 27.91 38.41
CA ASN E 50 25.59 28.00 39.35
C ASN E 50 26.70 28.93 38.85
N LYS E 51 27.27 28.63 37.68
CA LYS E 51 28.31 29.49 37.13
C LYS E 51 27.75 30.84 36.70
N GLY E 52 26.44 30.96 36.52
CA GLY E 52 25.84 32.23 36.16
C GLY E 52 25.85 33.25 37.29
N ARG E 53 25.90 32.79 38.53
CA ARG E 53 26.04 33.67 39.69
C ARG E 53 27.47 33.77 40.18
N GLU E 54 28.29 32.76 39.90
CA GLU E 54 29.72 32.81 40.22
C GLU E 54 30.51 33.35 39.03
N MET F 1 -33.08 14.23 -19.56
CA MET F 1 -31.97 15.23 -19.52
C MET F 1 -31.88 15.95 -20.86
N MET F 2 -31.57 15.18 -21.90
CA MET F 2 -31.37 15.77 -23.22
C MET F 2 -32.68 16.36 -23.78
N GLU F 3 -33.83 15.78 -23.43
CA GLU F 3 -35.09 16.27 -23.98
C GLU F 3 -35.35 17.71 -23.56
N ALA F 4 -35.03 18.06 -22.32
CA ALA F 4 -35.18 19.44 -21.88
C ALA F 4 -34.25 20.37 -22.66
N MET F 5 -33.02 19.94 -22.93
CA MET F 5 -32.10 20.75 -23.71
C MET F 5 -32.62 20.95 -25.13
N VAL F 6 -33.19 19.91 -25.73
CA VAL F 6 -33.63 20.00 -27.12
C VAL F 6 -34.71 21.06 -27.26
N LYS F 7 -35.73 21.01 -26.40
CA LYS F 7 -36.76 22.04 -26.44
C LYS F 7 -36.22 23.38 -25.96
N TYR F 8 -35.36 23.37 -24.94
CA TYR F 8 -34.76 24.62 -24.47
C TYR F 8 -33.97 25.30 -25.59
N LEU F 9 -33.16 24.53 -26.33
CA LEU F 9 -32.41 25.11 -27.43
C LEU F 9 -33.33 25.55 -28.57
N ALA F 10 -34.32 24.72 -28.90
CA ALA F 10 -35.21 25.05 -30.02
C ALA F 10 -35.92 26.37 -29.80
N GLU F 11 -36.43 26.60 -28.59
CA GLU F 11 -37.13 27.84 -28.30
C GLU F 11 -36.19 29.04 -28.35
N LYS F 12 -35.05 28.93 -27.66
CA LYS F 12 -34.14 30.06 -27.51
C LYS F 12 -33.34 30.36 -28.77
N ALA F 13 -33.32 29.45 -29.75
CA ALA F 13 -32.64 29.70 -31.01
C ALA F 13 -33.56 29.68 -32.22
N GLY F 14 -34.83 29.28 -32.05
CA GLY F 14 -35.78 29.29 -33.14
C GLY F 14 -35.63 28.16 -34.15
N ILE F 15 -34.74 27.20 -33.90
CA ILE F 15 -34.51 26.11 -34.83
C ILE F 15 -35.55 25.01 -34.62
N SER F 16 -35.64 24.09 -35.57
CA SER F 16 -36.60 22.99 -35.50
C SER F 16 -36.18 21.96 -34.46
N GLU F 17 -37.10 21.06 -34.14
CA GLU F 17 -36.81 20.01 -33.16
C GLU F 17 -35.68 19.11 -33.65
N VAL F 18 -35.70 18.71 -34.92
CA VAL F 18 -34.69 17.79 -35.41
C VAL F 18 -33.33 18.48 -35.51
N GLU F 19 -33.29 19.76 -35.89
CA GLU F 19 -32.04 20.49 -35.90
C GLU F 19 -31.52 20.70 -34.48
N ALA F 20 -32.41 20.97 -33.54
CA ALA F 20 -32.02 21.05 -32.13
C ALA F 20 -31.51 19.71 -31.62
N ALA F 21 -32.17 18.62 -32.01
CA ALA F 21 -31.73 17.29 -31.58
C ALA F 21 -30.33 16.99 -32.09
N GLU F 22 -30.03 17.39 -33.34
CA GLU F 22 -28.70 17.16 -33.89
C GLU F 22 -27.64 17.93 -33.10
N ILE F 23 -27.88 19.22 -32.87
CA ILE F 23 -26.89 20.05 -32.17
C ILE F 23 -26.71 19.57 -30.74
N VAL F 24 -27.79 19.18 -30.08
CA VAL F 24 -27.67 18.70 -28.71
C VAL F 24 -26.89 17.40 -28.65
N LEU F 25 -27.07 16.53 -29.65
CA LEU F 25 -26.29 15.30 -29.69
C LEU F 25 -24.81 15.59 -29.92
N LYS F 26 -24.50 16.60 -30.73
CA LYS F 26 -23.11 17.04 -30.87
C LYS F 26 -22.54 17.52 -29.54
N ALA F 27 -23.32 18.30 -28.79
CA ALA F 27 -22.86 18.79 -27.50
C ALA F 27 -22.59 17.65 -26.54
N VAL F 28 -23.50 16.68 -26.47
CA VAL F 28 -23.34 15.55 -25.54
C VAL F 28 -22.11 14.73 -25.92
N LYS F 29 -21.90 14.50 -27.21
CA LYS F 29 -20.77 13.68 -27.65
C LYS F 29 -19.44 14.34 -27.27
N ILE F 30 -19.29 15.64 -27.56
CA ILE F 30 -18.06 16.35 -27.24
C ILE F 30 -17.86 16.41 -25.73
N SER F 31 -18.95 16.64 -24.98
CA SER F 31 -18.86 16.80 -23.53
C SER F 31 -18.42 15.54 -22.82
N GLY F 32 -18.42 14.39 -23.49
CA GLY F 32 -18.11 13.15 -22.82
C GLY F 32 -19.26 12.59 -22.01
N GLY F 33 -20.48 13.01 -22.30
CA GLY F 33 -21.64 12.58 -21.55
C GLY F 33 -21.90 13.32 -20.26
N ASP F 34 -21.05 14.28 -19.91
CA ASP F 34 -21.26 15.06 -18.69
C ASP F 34 -22.49 15.94 -18.83
N VAL F 35 -23.34 15.95 -17.81
CA VAL F 35 -24.57 16.73 -17.87
C VAL F 35 -24.27 18.22 -17.79
N VAL F 36 -23.41 18.62 -16.86
CA VAL F 36 -23.13 20.04 -16.66
C VAL F 36 -22.45 20.65 -17.88
N LYS F 37 -21.43 19.96 -18.41
CA LYS F 37 -20.72 20.49 -19.57
C LYS F 37 -21.66 20.60 -20.77
N SER F 38 -22.58 19.66 -20.92
CA SER F 38 -23.53 19.73 -22.02
C SER F 38 -24.41 20.97 -21.92
N ILE F 39 -24.83 21.32 -20.71
CA ILE F 39 -25.66 22.51 -20.54
C ILE F 39 -24.85 23.77 -20.78
N GLU F 40 -23.63 23.83 -20.25
CA GLU F 40 -22.75 24.96 -20.54
C GLU F 40 -22.51 25.09 -22.03
N LEU F 41 -22.25 23.97 -22.71
CA LEU F 41 -21.96 24.01 -24.14
C LEU F 41 -23.20 24.40 -24.94
N VAL F 42 -24.38 23.89 -24.56
CA VAL F 42 -25.60 24.26 -25.26
C VAL F 42 -25.90 25.74 -25.06
N ASP F 43 -25.60 26.29 -23.89
CA ASP F 43 -25.76 27.73 -23.68
C ASP F 43 -24.85 28.52 -24.62
N LEU F 44 -23.62 28.07 -24.80
CA LEU F 44 -22.69 28.75 -25.70
C LEU F 44 -23.21 28.72 -27.13
N PHE F 45 -23.84 27.62 -27.54
CA PHE F 45 -24.41 27.57 -28.88
C PHE F 45 -25.51 28.62 -29.06
N ILE F 46 -26.32 28.83 -28.02
CA ILE F 46 -27.38 29.83 -28.10
C ILE F 46 -26.79 31.22 -28.33
N GLU F 47 -25.60 31.48 -27.79
CA GLU F 47 -24.91 32.74 -28.07
C GLU F 47 -24.40 32.77 -29.51
N ILE F 48 -23.59 31.77 -29.88
CA ILE F 48 -23.03 31.72 -31.23
C ILE F 48 -24.14 31.69 -32.27
N LEU F 49 -25.16 30.86 -32.04
CA LEU F 49 -26.20 30.66 -33.03
C LEU F 49 -27.09 31.89 -33.19
N ASN F 50 -27.02 32.86 -32.28
CA ASN F 50 -27.79 34.10 -32.39
C ASN F 50 -26.95 35.24 -32.97
N LYS F 51 -25.84 35.56 -32.31
CA LYS F 51 -24.98 36.63 -32.81
C LYS F 51 -24.30 36.23 -34.13
N GLY F 52 -24.20 34.93 -34.41
CA GLY F 52 -23.56 34.48 -35.64
C GLY F 52 -24.39 34.72 -36.88
N ARG F 53 -25.69 34.90 -36.74
CA ARG F 53 -26.55 35.24 -37.86
C ARG F 53 -26.84 36.73 -37.96
N GLU F 54 -26.78 37.45 -36.85
CA GLU F 54 -26.92 38.90 -36.86
C GLU F 54 -25.54 39.56 -36.93
N MET G 1 -13.12 36.58 12.79
CA MET G 1 -11.67 36.38 13.08
C MET G 1 -10.93 37.70 12.97
N MET G 2 -10.82 38.21 11.74
CA MET G 2 -10.03 39.40 11.49
C MET G 2 -10.62 40.64 12.14
N GLU G 3 -11.95 40.73 12.24
CA GLU G 3 -12.56 41.94 12.80
C GLU G 3 -12.13 42.15 14.25
N ALA G 4 -12.04 41.07 15.02
CA ALA G 4 -11.53 41.19 16.39
C ALA G 4 -10.09 41.66 16.41
N MET G 5 -9.26 41.15 15.48
CA MET G 5 -7.88 41.59 15.41
C MET G 5 -7.78 43.06 15.03
N VAL G 6 -8.64 43.52 14.12
CA VAL G 6 -8.56 44.90 13.65
C VAL G 6 -8.81 45.87 14.79
N LYS G 7 -9.90 45.66 15.54
CA LYS G 7 -10.16 46.50 16.70
C LYS G 7 -9.11 46.26 17.79
N TYR G 8 -8.72 45.00 17.99
CA TYR G 8 -7.70 44.71 18.99
C TYR G 8 -6.41 45.44 18.67
N LEU G 9 -5.98 45.40 17.41
CA LEU G 9 -4.76 46.11 17.01
C LEU G 9 -4.94 47.62 17.08
N ALA G 10 -6.09 48.12 16.61
CA ALA G 10 -6.31 49.56 16.60
C ALA G 10 -6.25 50.15 18.00
N GLU G 11 -6.87 49.48 18.97
CA GLU G 11 -6.88 49.99 20.34
C GLU G 11 -5.49 49.92 20.96
N LYS G 12 -4.81 48.78 20.81
CA LYS G 12 -3.52 48.62 21.47
C LYS G 12 -2.43 49.48 20.85
N ALA G 13 -2.45 49.66 19.53
CA ALA G 13 -1.45 50.48 18.85
C ALA G 13 -1.91 51.91 18.61
N GLY G 14 -3.19 52.21 18.80
CA GLY G 14 -3.69 53.55 18.62
C GLY G 14 -3.91 53.98 17.18
N ILE G 15 -3.67 53.10 16.21
CA ILE G 15 -3.81 53.44 14.80
C ILE G 15 -5.29 53.43 14.42
N SER G 16 -5.60 53.96 13.25
CA SER G 16 -6.97 54.03 12.77
C SER G 16 -7.47 52.66 12.34
N GLU G 17 -8.79 52.56 12.13
CA GLU G 17 -9.38 51.30 11.71
C GLU G 17 -8.84 50.86 10.35
N VAL G 18 -8.73 51.80 9.40
CA VAL G 18 -8.28 51.41 8.05
C VAL G 18 -6.80 51.05 8.05
N GLU G 19 -5.98 51.73 8.85
CA GLU G 19 -4.58 51.35 8.96
C GLU G 19 -4.42 49.99 9.65
N ALA G 20 -5.25 49.73 10.67
CA ALA G 20 -5.24 48.41 11.29
C ALA G 20 -5.70 47.34 10.31
N ALA G 21 -6.71 47.65 9.50
CA ALA G 21 -7.18 46.68 8.52
C ALA G 21 -6.09 46.32 7.53
N GLU G 22 -5.32 47.31 7.08
CA GLU G 22 -4.22 47.04 6.16
C GLU G 22 -3.18 46.13 6.79
N ILE G 23 -2.77 46.43 8.03
CA ILE G 23 -1.73 45.65 8.68
C ILE G 23 -2.24 44.23 8.97
N VAL G 24 -3.50 44.10 9.38
CA VAL G 24 -4.04 42.77 9.66
C VAL G 24 -4.12 41.96 8.38
N LEU G 25 -4.43 42.60 7.25
CA LEU G 25 -4.46 41.88 5.98
C LEU G 25 -3.06 41.41 5.59
N LYS G 26 -2.04 42.23 5.87
CA LYS G 26 -0.67 41.80 5.65
C LYS G 26 -0.34 40.56 6.50
N ALA G 27 -0.76 40.57 7.77
CA ALA G 27 -0.47 39.44 8.65
C ALA G 27 -1.16 38.17 8.16
N VAL G 28 -2.41 38.27 7.74
CA VAL G 28 -3.15 37.09 7.30
C VAL G 28 -2.53 36.52 6.03
N LYS G 29 -2.07 37.39 5.13
CA LYS G 29 -1.47 36.93 3.88
C LYS G 29 -0.18 36.15 4.13
N ILE G 30 0.70 36.68 4.99
CA ILE G 30 1.96 36.01 5.29
C ILE G 30 1.71 34.71 6.04
N SER G 31 0.73 34.71 6.95
CA SER G 31 0.47 33.55 7.77
C SER G 31 0.01 32.34 6.96
N GLY G 32 -0.39 32.54 5.71
CA GLY G 32 -0.99 31.47 4.95
C GLY G 32 -2.43 31.19 5.33
N GLY G 33 -3.11 32.16 5.94
CA GLY G 33 -4.47 31.99 6.39
C GLY G 33 -4.64 31.35 7.74
N ASP G 34 -3.57 30.92 8.38
CA ASP G 34 -3.67 30.31 9.70
C ASP G 34 -4.14 31.33 10.72
N VAL G 35 -5.10 30.92 11.57
CA VAL G 35 -5.64 31.82 12.57
C VAL G 35 -4.63 32.09 13.67
N VAL G 36 -3.97 31.04 14.17
CA VAL G 36 -3.05 31.19 15.29
C VAL G 36 -1.86 32.05 14.89
N LYS G 37 -1.25 31.74 13.74
CA LYS G 37 -0.08 32.51 13.29
C LYS G 37 -0.44 33.98 13.09
N SER G 38 -1.65 34.25 12.60
CA SER G 38 -2.07 35.63 12.41
C SER G 38 -2.13 36.38 13.73
N ILE G 39 -2.60 35.70 14.79
CA ILE G 39 -2.67 36.36 16.10
C ILE G 39 -1.28 36.57 16.67
N GLU G 40 -0.39 35.59 16.47
CA GLU G 40 1.01 35.78 16.89
C GLU G 40 1.63 36.97 16.18
N LEU G 41 1.44 37.08 14.87
CA LEU G 41 2.01 38.18 14.12
C LEU G 41 1.43 39.51 14.57
N VAL G 42 0.11 39.58 14.77
CA VAL G 42 -0.51 40.83 15.20
C VAL G 42 0.01 41.23 16.57
N ASP G 43 0.24 40.26 17.45
CA ASP G 43 0.84 40.57 18.74
C ASP G 43 2.25 41.13 18.56
N LEU G 44 3.03 40.53 17.66
CA LEU G 44 4.39 41.01 17.41
C LEU G 44 4.36 42.43 16.85
N PHE G 45 3.41 42.73 15.96
CA PHE G 45 3.33 44.09 15.41
C PHE G 45 3.07 45.10 16.52
N ILE G 46 2.27 44.73 17.52
CA ILE G 46 1.98 45.63 18.63
C ILE G 46 3.26 45.96 19.39
N GLU G 47 4.18 45.00 19.50
CA GLU G 47 5.48 45.27 20.09
C GLU G 47 6.31 46.17 19.19
N ILE G 48 6.51 45.77 17.94
CA ILE G 48 7.32 46.55 17.02
C ILE G 48 6.74 47.94 16.85
N LEU G 49 5.42 48.03 16.68
CA LEU G 49 4.78 49.31 16.40
C LEU G 49 4.83 50.26 17.59
N ASN G 50 5.16 49.77 18.79
CA ASN G 50 5.31 50.65 19.95
C ASN G 50 6.77 51.07 20.16
N LYS G 51 7.67 50.09 20.34
CA LYS G 51 9.07 50.42 20.53
C LYS G 51 9.70 50.98 19.26
N GLY G 52 9.08 50.75 18.10
CA GLY G 52 9.61 51.30 16.86
C GLY G 52 9.46 52.80 16.73
N ARG G 53 8.47 53.37 17.42
CA ARG G 53 8.31 54.82 17.47
C ARG G 53 8.92 55.45 18.71
N GLU G 54 9.00 54.71 19.81
CA GLU G 54 9.67 55.18 21.01
C GLU G 54 11.11 54.68 21.05
N MET H 1 -4.05 -14.86 -37.89
CA MET H 1 -4.15 -16.03 -36.97
C MET H 1 -5.35 -16.88 -37.36
N MET H 2 -6.49 -16.22 -37.54
CA MET H 2 -7.72 -16.94 -37.88
C MET H 2 -7.65 -17.59 -39.26
N GLU H 3 -6.90 -16.99 -40.19
CA GLU H 3 -6.88 -17.54 -41.55
C GLU H 3 -6.32 -18.95 -41.57
N ALA H 4 -5.34 -19.24 -40.73
CA ALA H 4 -4.85 -20.62 -40.61
C ALA H 4 -5.94 -21.54 -40.09
N MET H 5 -6.71 -21.08 -39.11
CA MET H 5 -7.79 -21.90 -38.58
C MET H 5 -8.87 -22.16 -39.63
N VAL H 6 -9.18 -21.14 -40.45
CA VAL H 6 -10.25 -21.29 -41.43
C VAL H 6 -9.88 -22.34 -42.47
N LYS H 7 -8.66 -22.27 -43.02
CA LYS H 7 -8.19 -23.32 -43.90
C LYS H 7 -8.06 -24.64 -43.16
N TYR H 8 -7.53 -24.60 -41.94
CA TYR H 8 -7.36 -25.82 -41.15
C TYR H 8 -8.70 -26.51 -40.93
N LEU H 9 -9.73 -25.75 -40.54
CA LEU H 9 -11.04 -26.35 -40.31
C LEU H 9 -11.68 -26.81 -41.61
N ALA H 10 -11.58 -26.01 -42.67
CA ALA H 10 -12.21 -26.38 -43.94
C ALA H 10 -11.67 -27.71 -44.45
N GLU H 11 -10.36 -27.90 -44.39
CA GLU H 11 -9.76 -29.14 -44.87
C GLU H 11 -10.16 -30.32 -44.00
N LYS H 12 -10.05 -30.18 -42.68
CA LYS H 12 -10.27 -31.29 -41.77
C LYS H 12 -11.75 -31.65 -41.61
N ALA H 13 -12.66 -30.74 -41.97
CA ALA H 13 -14.08 -31.02 -41.90
C ALA H 13 -14.77 -31.04 -43.24
N GLY H 14 -14.11 -30.60 -44.31
CA GLY H 14 -14.68 -30.62 -45.64
C GLY H 14 -15.64 -29.48 -45.95
N ILE H 15 -15.88 -28.59 -44.99
CA ILE H 15 -16.82 -27.49 -45.22
C ILE H 15 -16.18 -26.43 -46.11
N SER H 16 -17.03 -25.53 -46.62
CA SER H 16 -16.59 -24.47 -47.50
C SER H 16 -15.84 -23.38 -46.71
N GLU H 17 -15.20 -22.47 -47.46
CA GLU H 17 -14.44 -21.41 -46.81
C GLU H 17 -15.34 -20.50 -45.98
N VAL H 18 -16.50 -20.11 -46.53
CA VAL H 18 -17.38 -19.20 -45.81
C VAL H 18 -18.03 -19.89 -44.61
N GLU H 19 -18.36 -21.17 -44.73
CA GLU H 19 -18.88 -21.90 -43.58
C GLU H 19 -17.82 -22.08 -42.51
N ALA H 20 -16.58 -22.34 -42.92
CA ALA H 20 -15.48 -22.39 -41.95
C ALA H 20 -15.26 -21.03 -41.32
N ALA H 21 -15.34 -19.96 -42.11
CA ALA H 21 -15.15 -18.62 -41.57
C ALA H 21 -16.21 -18.29 -40.52
N GLU H 22 -17.46 -18.68 -40.78
CA GLU H 22 -18.53 -18.45 -39.80
C GLU H 22 -18.24 -19.18 -38.50
N ILE H 23 -17.91 -20.47 -38.58
CA ILE H 23 -17.70 -21.27 -37.38
C ILE H 23 -16.49 -20.75 -36.60
N VAL H 24 -15.41 -20.39 -37.31
CA VAL H 24 -14.23 -19.88 -36.64
C VAL H 24 -14.53 -18.55 -35.95
N LEU H 25 -15.37 -17.72 -36.56
CA LEU H 25 -15.77 -16.47 -35.91
C LEU H 25 -16.57 -16.75 -34.65
N LYS H 26 -17.43 -17.77 -34.67
CA LYS H 26 -18.14 -18.18 -33.46
C LYS H 26 -17.17 -18.59 -32.37
N ALA H 27 -16.15 -19.37 -32.72
CA ALA H 27 -15.18 -19.83 -31.72
C ALA H 27 -14.41 -18.66 -31.11
N VAL H 28 -13.99 -17.70 -31.95
CA VAL H 28 -13.21 -16.57 -31.44
C VAL H 28 -14.06 -15.72 -30.50
N LYS H 29 -15.34 -15.53 -30.84
CA LYS H 29 -16.21 -14.71 -30.01
C LYS H 29 -16.40 -15.33 -28.62
N ILE H 30 -16.69 -16.63 -28.55
CA ILE H 30 -16.90 -17.29 -27.27
C ILE H 30 -15.60 -17.33 -26.48
N SER H 31 -14.48 -17.53 -27.15
CA SER H 31 -13.19 -17.65 -26.48
C SER H 31 -12.75 -16.35 -25.83
N GLY H 32 -13.39 -15.23 -26.13
CA GLY H 32 -12.93 -13.94 -25.64
C GLY H 32 -11.72 -13.40 -26.35
N GLY H 33 -11.45 -13.86 -27.57
CA GLY H 33 -10.29 -13.44 -28.31
C GLY H 33 -9.02 -14.19 -28.01
N ASP H 34 -9.04 -15.10 -27.03
CA ASP H 34 -7.84 -15.88 -26.71
C ASP H 34 -7.47 -16.79 -27.88
N VAL H 35 -6.19 -16.78 -28.22
CA VAL H 35 -5.72 -17.62 -29.33
C VAL H 35 -5.76 -19.09 -28.95
N VAL H 36 -5.30 -19.43 -27.75
CA VAL H 36 -5.21 -20.82 -27.35
C VAL H 36 -6.60 -21.45 -27.27
N LYS H 37 -7.53 -20.78 -26.57
CA LYS H 37 -8.87 -21.33 -26.42
C LYS H 37 -9.55 -21.48 -27.78
N SER H 38 -9.29 -20.54 -28.70
CA SER H 38 -9.88 -20.64 -30.03
C SER H 38 -9.41 -21.89 -30.76
N ILE H 39 -8.12 -22.22 -30.63
CA ILE H 39 -7.60 -23.41 -31.29
C ILE H 39 -8.12 -24.68 -30.63
N GLU H 40 -8.15 -24.71 -29.30
CA GLU H 40 -8.76 -25.83 -28.60
C GLU H 40 -10.22 -25.99 -28.99
N LEU H 41 -10.94 -24.87 -29.08
CA LEU H 41 -12.37 -24.93 -29.40
C LEU H 41 -12.58 -25.36 -30.85
N VAL H 42 -11.75 -24.88 -31.77
CA VAL H 42 -11.87 -25.30 -33.16
C VAL H 42 -11.55 -26.78 -33.30
N ASP H 43 -10.59 -27.29 -32.53
CA ASP H 43 -10.30 -28.73 -32.56
C ASP H 43 -11.51 -29.53 -32.11
N LEU H 44 -12.21 -29.06 -31.08
CA LEU H 44 -13.41 -29.76 -30.61
C LEU H 44 -14.49 -29.78 -31.68
N PHE H 45 -14.64 -28.68 -32.43
CA PHE H 45 -15.64 -28.65 -33.50
C PHE H 45 -15.33 -29.72 -34.55
N ILE H 46 -14.05 -29.96 -34.83
CA ILE H 46 -13.68 -30.97 -35.82
C ILE H 46 -14.12 -32.36 -35.35
N GLU H 47 -14.05 -32.62 -34.05
CA GLU H 47 -14.59 -33.87 -33.51
C GLU H 47 -16.11 -33.90 -33.64
N ILE H 48 -16.79 -32.89 -33.10
CA ILE H 48 -18.24 -32.85 -33.15
C ILE H 48 -18.73 -32.87 -34.59
N LEU H 49 -18.11 -32.05 -35.45
CA LEU H 49 -18.58 -31.91 -36.81
C LEU H 49 -18.34 -33.15 -37.66
N ASN H 50 -17.57 -34.12 -37.17
CA ASN H 50 -17.36 -35.38 -37.88
C ASN H 50 -18.25 -36.50 -37.33
N LYS H 51 -18.16 -36.78 -36.03
CA LYS H 51 -18.99 -37.81 -35.44
C LYS H 51 -20.46 -37.39 -35.36
N GLY H 52 -20.74 -36.09 -35.45
CA GLY H 52 -22.12 -35.62 -35.42
C GLY H 52 -22.90 -35.96 -36.68
N ARG H 53 -22.21 -36.14 -37.80
CA ARG H 53 -22.85 -36.57 -39.04
C ARG H 53 -22.76 -38.07 -39.26
N GLU H 54 -21.75 -38.72 -38.70
CA GLU H 54 -21.65 -40.17 -38.76
C GLU H 54 -22.26 -40.80 -37.51
N MET I 1 22.85 33.24 6.78
CA MET I 1 21.43 33.56 6.44
C MET I 1 20.98 34.79 7.23
N MET I 2 20.91 34.62 8.55
CA MET I 2 20.36 35.67 9.41
C MET I 2 21.27 36.88 9.50
N GLU I 3 22.59 36.71 9.37
CA GLU I 3 23.49 37.84 9.51
C GLU I 3 23.27 38.86 8.40
N ALA I 4 22.98 38.41 7.18
CA ALA I 4 22.63 39.34 6.11
C ALA I 4 21.34 40.08 6.45
N MET I 5 20.35 39.38 7.02
CA MET I 5 19.11 40.03 7.40
C MET I 5 19.34 41.08 8.48
N VAL I 6 20.25 40.80 9.42
CA VAL I 6 20.45 41.74 10.53
C VAL I 6 20.99 43.07 10.02
N LYS I 7 22.05 43.04 9.20
CA LYS I 7 22.60 44.27 8.66
C LYS I 7 21.63 44.93 7.71
N TYR I 8 20.93 44.14 6.89
CA TYR I 8 19.95 44.70 5.96
C TYR I 8 18.88 45.48 6.70
N LEU I 9 18.33 44.89 7.76
CA LEU I 9 17.29 45.56 8.54
C LEU I 9 17.85 46.78 9.26
N ALA I 10 19.05 46.66 9.85
CA ALA I 10 19.65 47.79 10.54
C ALA I 10 19.83 48.97 9.60
N GLU I 11 20.29 48.71 8.38
CA GLU I 11 20.48 49.79 7.41
C GLU I 11 19.15 50.36 6.95
N LYS I 12 18.20 49.50 6.59
CA LYS I 12 16.95 49.97 5.99
C LYS I 12 15.96 50.51 7.02
N ALA I 13 16.17 50.25 8.30
CA ALA I 13 15.30 50.78 9.35
C ALA I 13 16.01 51.74 10.28
N GLY I 14 17.33 51.83 10.24
CA GLY I 14 18.08 52.74 11.09
C GLY I 14 18.29 52.25 12.51
N ILE I 15 17.82 51.05 12.84
CA ILE I 15 17.96 50.56 14.21
C ILE I 15 19.39 50.03 14.43
N SER I 16 19.72 49.82 15.70
CA SER I 16 21.02 49.32 16.08
C SER I 16 21.18 47.85 15.72
N GLU I 17 22.42 47.37 15.80
CA GLU I 17 22.70 45.99 15.46
C GLU I 17 21.99 45.02 16.39
N VAL I 18 22.02 45.30 17.70
CA VAL I 18 21.42 44.38 18.67
C VAL I 18 19.90 44.39 18.56
N GLU I 19 19.30 45.55 18.29
CA GLU I 19 17.85 45.60 18.10
C GLU I 19 17.44 44.86 16.83
N ALA I 20 18.22 45.02 15.75
CA ALA I 20 17.94 44.28 14.54
C ALA I 20 18.08 42.78 14.77
N ALA I 21 19.07 42.37 15.56
CA ALA I 21 19.24 40.96 15.87
C ALA I 21 18.01 40.41 16.59
N GLU I 22 17.47 41.18 17.55
CA GLU I 22 16.29 40.74 18.27
C GLU I 22 15.09 40.61 17.33
N ILE I 23 14.87 41.61 16.47
CA ILE I 23 13.72 41.57 15.57
C ILE I 23 13.88 40.41 14.58
N VAL I 24 15.09 40.18 14.09
CA VAL I 24 15.31 39.10 13.14
C VAL I 24 15.11 37.74 13.81
N LEU I 25 15.50 37.62 15.09
CA LEU I 25 15.24 36.39 15.82
C LEU I 25 13.75 36.16 16.02
N LYS I 26 13.01 37.22 16.31
CA LYS I 26 11.55 37.12 16.37
C LYS I 26 10.98 36.63 15.05
N ALA I 27 11.44 37.21 13.94
CA ALA I 27 10.95 36.81 12.62
C ALA I 27 11.25 35.34 12.35
N VAL I 28 12.48 34.90 12.66
CA VAL I 28 12.85 33.51 12.41
C VAL I 28 12.02 32.58 13.28
N LYS I 29 11.77 32.96 14.53
CA LYS I 29 10.98 32.11 15.43
C LYS I 29 9.55 31.97 14.94
N ILE I 30 8.93 33.08 14.52
CA ILE I 30 7.55 33.02 14.03
C ILE I 30 7.49 32.25 12.71
N SER I 31 8.47 32.44 11.85
CA SER I 31 8.46 31.84 10.52
C SER I 31 8.61 30.32 10.54
N GLY I 32 8.92 29.73 11.68
CA GLY I 32 9.20 28.31 11.73
C GLY I 32 10.53 27.93 11.14
N GLY I 33 11.47 28.86 11.08
CA GLY I 33 12.79 28.59 10.53
C GLY I 33 12.89 28.66 9.02
N ASP I 34 11.78 28.94 8.32
CA ASP I 34 11.82 29.04 6.88
C ASP I 34 12.60 30.28 6.45
N VAL I 35 13.46 30.11 5.45
CA VAL I 35 14.28 31.23 4.97
C VAL I 35 13.42 32.25 4.24
N VAL I 36 12.54 31.78 3.36
CA VAL I 36 11.74 32.69 2.53
C VAL I 36 10.80 33.52 3.41
N LYS I 37 10.06 32.85 4.29
CA LYS I 37 9.11 33.55 5.14
C LYS I 37 9.82 34.55 6.03
N SER I 38 11.02 34.22 6.50
CA SER I 38 11.78 35.16 7.31
C SER I 38 12.09 36.44 6.54
N ILE I 39 12.45 36.30 5.26
CA ILE I 39 12.78 37.49 4.47
C ILE I 39 11.53 38.31 4.19
N GLU I 40 10.42 37.64 3.83
CA GLU I 40 9.17 38.36 3.63
C GLU I 40 8.76 39.11 4.89
N LEU I 41 8.90 38.46 6.04
CA LEU I 41 8.50 39.07 7.30
C LEU I 41 9.42 40.23 7.68
N VAL I 42 10.72 40.11 7.39
CA VAL I 42 11.61 41.23 7.65
C VAL I 42 11.32 42.41 6.73
N ASP I 43 10.92 42.15 5.48
CA ASP I 43 10.50 43.24 4.61
C ASP I 43 9.24 43.92 5.14
N LEU I 44 8.27 43.11 5.60
CA LEU I 44 7.09 43.68 6.23
C LEU I 44 7.45 44.50 7.47
N PHE I 45 8.44 44.01 8.23
CA PHE I 45 8.92 44.78 9.38
C PHE I 45 9.53 46.11 8.93
N ILE I 46 10.27 46.09 7.82
CA ILE I 46 10.85 47.34 7.32
C ILE I 46 9.76 48.33 6.93
N GLU I 47 8.66 47.82 6.36
CA GLU I 47 7.53 48.69 6.04
C GLU I 47 6.91 49.27 7.30
N ILE I 48 6.56 48.39 8.26
CA ILE I 48 5.86 48.81 9.47
C ILE I 48 6.73 49.76 10.29
N LEU I 49 7.98 49.38 10.53
CA LEU I 49 8.87 50.11 11.41
C LEU I 49 9.22 51.49 10.87
N ASN I 50 8.98 51.74 9.59
CA ASN I 50 9.13 53.06 9.01
C ASN I 50 7.82 53.84 9.06
N LYS I 51 6.74 53.28 8.50
CA LYS I 51 5.51 54.07 8.39
C LYS I 51 4.82 54.27 9.73
N GLY I 52 5.13 53.46 10.76
CA GLY I 52 4.48 53.61 12.05
C GLY I 52 5.06 54.70 12.92
N ARG I 53 6.32 55.09 12.69
CA ARG I 53 6.90 56.21 13.39
C ARG I 53 6.67 57.54 12.68
N GLU I 54 6.34 57.49 11.39
CA GLU I 54 5.90 58.67 10.66
C GLU I 54 4.38 58.70 10.62
N MET J 1 36.43 2.55 -18.35
CA MET J 1 36.54 2.57 -16.87
C MET J 1 37.79 1.82 -16.43
N MET J 2 37.78 0.51 -16.66
CA MET J 2 38.87 -0.34 -16.18
C MET J 2 40.17 -0.05 -16.90
N GLU J 3 40.13 0.37 -18.17
CA GLU J 3 41.36 0.60 -18.91
C GLU J 3 42.19 1.70 -18.27
N ALA J 4 41.54 2.77 -17.77
CA ALA J 4 42.28 3.80 -17.05
C ALA J 4 42.89 3.22 -15.78
N MET J 5 42.15 2.38 -15.07
CA MET J 5 42.68 1.76 -13.86
C MET J 5 43.89 0.89 -14.16
N VAL J 6 43.86 0.16 -15.29
CA VAL J 6 44.95 -0.77 -15.59
C VAL J 6 46.26 -0.01 -15.77
N LYS J 7 46.25 1.03 -16.61
CA LYS J 7 47.47 1.80 -16.84
C LYS J 7 47.87 2.57 -15.60
N TYR J 8 46.91 3.13 -14.88
CA TYR J 8 47.20 3.84 -13.64
C TYR J 8 47.94 2.93 -12.66
N LEU J 9 47.42 1.73 -12.44
CA LEU J 9 48.07 0.79 -11.54
C LEU J 9 49.44 0.36 -12.06
N ALA J 10 49.54 0.06 -13.36
CA ALA J 10 50.81 -0.37 -13.94
C ALA J 10 51.89 0.70 -13.73
N GLU J 11 51.54 1.96 -13.98
CA GLU J 11 52.51 3.04 -13.82
C GLU J 11 52.87 3.24 -12.35
N LYS J 12 51.85 3.33 -11.48
CA LYS J 12 52.11 3.65 -10.08
C LYS J 12 52.79 2.49 -9.36
N ALA J 13 52.44 1.25 -9.68
CA ALA J 13 53.02 0.09 -9.03
C ALA J 13 54.21 -0.50 -9.79
N GLY J 14 54.40 -0.12 -11.06
CA GLY J 14 55.52 -0.62 -11.83
C GLY J 14 55.35 -2.02 -12.38
N ILE J 15 54.16 -2.60 -12.27
CA ILE J 15 53.92 -3.96 -12.74
C ILE J 15 53.60 -3.94 -14.23
N SER J 16 53.60 -5.12 -14.85
CA SER J 16 53.33 -5.24 -16.27
C SER J 16 51.85 -4.97 -16.57
N GLU J 17 51.55 -4.81 -17.86
CA GLU J 17 50.18 -4.55 -18.28
C GLU J 17 49.27 -5.72 -17.95
N VAL J 18 49.73 -6.96 -18.19
CA VAL J 18 48.88 -8.11 -17.96
C VAL J 18 48.67 -8.37 -16.47
N GLU J 19 49.70 -8.16 -15.64
CA GLU J 19 49.51 -8.32 -14.20
C GLU J 19 48.56 -7.26 -13.65
N ALA J 20 48.69 -6.03 -14.14
CA ALA J 20 47.76 -4.98 -13.73
C ALA J 20 46.34 -5.33 -14.15
N ALA J 21 46.16 -5.90 -15.35
CA ALA J 21 44.84 -6.30 -15.78
C ALA J 21 44.25 -7.35 -14.85
N GLU J 22 45.07 -8.32 -14.44
CA GLU J 22 44.58 -9.37 -13.53
C GLU J 22 44.17 -8.77 -12.18
N ILE J 23 45.01 -7.89 -11.63
CA ILE J 23 44.69 -7.31 -10.32
C ILE J 23 43.44 -6.43 -10.42
N VAL J 24 43.31 -5.68 -11.51
CA VAL J 24 42.14 -4.83 -11.68
C VAL J 24 40.89 -5.67 -11.85
N LEU J 25 40.99 -6.81 -12.53
CA LEU J 25 39.85 -7.70 -12.65
C LEU J 25 39.45 -8.28 -11.29
N LYS J 26 40.45 -8.63 -10.47
CA LYS J 26 40.17 -9.07 -9.11
C LYS J 26 39.43 -7.98 -8.32
N ALA J 27 39.92 -6.74 -8.42
CA ALA J 27 39.28 -5.64 -7.71
C ALA J 27 37.84 -5.45 -8.17
N VAL J 28 37.61 -5.48 -9.48
CA VAL J 28 36.27 -5.29 -10.01
C VAL J 28 35.35 -6.42 -9.56
N LYS J 29 35.87 -7.65 -9.55
CA LYS J 29 35.05 -8.80 -9.14
C LYS J 29 34.66 -8.69 -7.67
N ILE J 30 35.62 -8.37 -6.80
CA ILE J 30 35.31 -8.25 -5.37
C ILE J 30 34.37 -7.07 -5.12
N SER J 31 34.58 -5.98 -5.84
CA SER J 31 33.81 -4.76 -5.61
C SER J 31 32.34 -4.89 -6.00
N GLY J 32 31.96 -5.97 -6.69
CA GLY J 32 30.60 -6.09 -7.18
C GLY J 32 30.31 -5.24 -8.39
N GLY J 33 31.34 -4.84 -9.13
CA GLY J 33 31.17 -4.01 -10.30
C GLY J 33 31.03 -2.52 -10.03
N ASP J 34 31.02 -2.10 -8.78
CA ASP J 34 30.93 -0.68 -8.46
C ASP J 34 32.19 0.04 -8.90
N VAL J 35 32.01 1.19 -9.53
CA VAL J 35 33.14 1.96 -10.04
C VAL J 35 33.93 2.57 -8.88
N VAL J 36 33.22 3.18 -7.92
CA VAL J 36 33.89 3.87 -6.82
C VAL J 36 34.70 2.88 -5.98
N LYS J 37 34.07 1.78 -5.58
CA LYS J 37 34.77 0.79 -4.76
C LYS J 37 35.96 0.22 -5.50
N SER J 38 35.85 0.03 -6.81
CA SER J 38 36.97 -0.48 -7.58
C SER J 38 38.15 0.48 -7.52
N ILE J 39 37.89 1.78 -7.60
CA ILE J 39 38.98 2.75 -7.56
C ILE J 39 39.58 2.81 -6.17
N GLU J 40 38.75 2.82 -5.12
CA GLU J 40 39.26 2.78 -3.76
C GLU J 40 40.15 1.56 -3.53
N LEU J 41 39.70 0.40 -4.02
CA LEU J 41 40.43 -0.85 -3.80
C LEU J 41 41.73 -0.87 -4.59
N VAL J 42 41.71 -0.37 -5.83
CA VAL J 42 42.95 -0.28 -6.61
C VAL J 42 43.92 0.68 -5.94
N ASP J 43 43.41 1.77 -5.34
CA ASP J 43 44.29 2.65 -4.58
C ASP J 43 44.89 1.92 -3.38
N LEU J 44 44.09 1.10 -2.69
CA LEU J 44 44.61 0.33 -1.57
C LEU J 44 45.68 -0.65 -2.03
N PHE J 45 45.49 -1.27 -3.19
CA PHE J 45 46.50 -2.20 -3.70
C PHE J 45 47.82 -1.50 -3.95
N ILE J 46 47.78 -0.27 -4.44
CA ILE J 46 49.01 0.48 -4.69
C ILE J 46 49.79 0.68 -3.39
N GLU J 47 49.08 0.92 -2.28
CA GLU J 47 49.75 1.00 -0.98
C GLU J 47 50.35 -0.35 -0.59
N ILE J 48 49.53 -1.40 -0.62
CA ILE J 48 49.99 -2.73 -0.22
C ILE J 48 51.13 -3.18 -1.14
N LEU J 49 50.96 -2.98 -2.45
CA LEU J 49 51.93 -3.47 -3.40
C LEU J 49 53.26 -2.72 -3.33
N ASN J 50 53.31 -1.57 -2.65
CA ASN J 50 54.55 -0.84 -2.46
C ASN J 50 55.22 -1.20 -1.13
N LYS J 51 54.53 -0.95 -0.02
CA LYS J 51 55.10 -1.29 1.28
C LYS J 51 55.21 -2.79 1.50
N GLY J 52 54.52 -3.59 0.69
CA GLY J 52 54.64 -5.04 0.79
C GLY J 52 55.96 -5.58 0.31
N ARG J 53 56.65 -4.85 -0.57
CA ARG J 53 57.99 -5.21 -1.00
C ARG J 53 59.06 -4.37 -0.32
N GLU J 54 58.75 -3.15 0.07
CA GLU J 54 59.66 -2.33 0.86
C GLU J 54 59.21 -2.28 2.31
N MET K 1 -33.38 -5.83 22.17
CA MET K 1 -32.93 -7.26 22.16
C MET K 1 -33.09 -7.89 23.54
N MET K 2 -32.49 -7.24 24.54
CA MET K 2 -32.41 -7.82 25.86
C MET K 2 -33.78 -8.03 26.50
N GLU K 3 -34.74 -7.13 26.24
CA GLU K 3 -36.05 -7.27 26.87
C GLU K 3 -36.73 -8.57 26.45
N ALA K 4 -36.58 -8.97 25.19
CA ALA K 4 -37.10 -10.27 24.77
C ALA K 4 -36.37 -11.40 25.49
N MET K 5 -35.05 -11.28 25.65
CA MET K 5 -34.29 -12.31 26.34
C MET K 5 -34.70 -12.42 27.80
N VAL K 6 -35.02 -11.29 28.43
CA VAL K 6 -35.34 -11.31 29.86
C VAL K 6 -36.60 -12.12 30.11
N LYS K 7 -37.69 -11.80 29.38
CA LYS K 7 -38.93 -12.54 29.58
C LYS K 7 -38.80 -13.97 29.10
N TYR K 8 -38.09 -14.19 27.99
CA TYR K 8 -37.85 -15.54 27.50
C TYR K 8 -37.19 -16.41 28.58
N LEU K 9 -36.12 -15.89 29.18
CA LEU K 9 -35.43 -16.63 30.23
C LEU K 9 -36.32 -16.82 31.46
N ALA K 10 -37.04 -15.77 31.87
CA ALA K 10 -37.91 -15.88 33.04
C ALA K 10 -38.96 -16.96 32.84
N GLU K 11 -39.55 -17.03 31.64
CA GLU K 11 -40.56 -18.06 31.38
C GLU K 11 -39.93 -19.44 31.31
N LYS K 12 -38.83 -19.59 30.57
CA LYS K 12 -38.24 -20.90 30.34
C LYS K 12 -37.47 -21.42 31.54
N ALA K 13 -37.12 -20.56 32.50
CA ALA K 13 -36.41 -21.00 33.70
C ALA K 13 -37.21 -20.80 34.98
N GLY K 14 -38.35 -20.12 34.93
CA GLY K 14 -39.17 -19.94 36.11
C GLY K 14 -38.66 -18.92 37.11
N ILE K 15 -37.59 -18.21 36.79
CA ILE K 15 -37.05 -17.21 37.71
C ILE K 15 -37.83 -15.91 37.57
N SER K 16 -37.63 -15.02 38.55
CA SER K 16 -38.26 -13.72 38.52
C SER K 16 -37.66 -12.84 37.43
N GLU K 17 -38.39 -11.79 37.06
CA GLU K 17 -37.91 -10.92 35.99
C GLU K 17 -36.65 -10.16 36.37
N VAL K 18 -36.53 -9.76 37.64
CA VAL K 18 -35.33 -9.05 38.08
C VAL K 18 -34.11 -9.98 38.10
N GLU K 19 -34.29 -11.23 38.48
CA GLU K 19 -33.20 -12.20 38.42
C GLU K 19 -32.81 -12.50 36.97
N ALA K 20 -33.82 -12.64 36.11
CA ALA K 20 -33.53 -12.84 34.69
C ALA K 20 -32.80 -11.65 34.10
N ALA K 21 -33.16 -10.44 34.52
CA ALA K 21 -32.46 -9.26 34.05
C ALA K 21 -30.98 -9.31 34.43
N GLU K 22 -30.69 -9.72 35.68
CA GLU K 22 -29.31 -9.83 36.12
C GLU K 22 -28.54 -10.85 35.29
N ILE K 23 -29.14 -12.03 35.08
CA ILE K 23 -28.44 -13.07 34.32
C ILE K 23 -28.24 -12.63 32.87
N VAL K 24 -29.23 -11.96 32.29
CA VAL K 24 -29.11 -11.51 30.91
C VAL K 24 -28.04 -10.43 30.80
N LEU K 25 -27.92 -9.57 31.82
CA LEU K 25 -26.87 -8.56 31.81
C LEU K 25 -25.49 -9.22 31.91
N LYS K 26 -25.38 -10.27 32.73
CA LYS K 26 -24.13 -11.03 32.77
C LYS K 26 -23.79 -11.61 31.41
N ALA K 27 -24.79 -12.20 30.74
CA ALA K 27 -24.56 -12.80 29.43
C ALA K 27 -24.11 -11.75 28.42
N VAL K 28 -24.79 -10.60 28.40
CA VAL K 28 -24.43 -9.53 27.47
C VAL K 28 -23.03 -9.01 27.75
N LYS K 29 -22.67 -8.88 29.02
CA LYS K 29 -21.34 -8.39 29.38
C LYS K 29 -20.26 -9.36 28.92
N ILE K 30 -20.46 -10.67 29.17
CA ILE K 30 -19.46 -11.65 28.75
C ILE K 30 -19.38 -11.73 27.24
N SER K 31 -20.51 -11.65 26.55
CA SER K 31 -20.56 -11.81 25.10
C SER K 31 -19.83 -10.72 24.35
N GLY K 32 -19.47 -9.62 25.00
CA GLY K 32 -18.91 -8.48 24.30
C GLY K 32 -19.94 -7.67 23.55
N GLY K 33 -21.21 -7.76 23.93
CA GLY K 33 -22.27 -7.05 23.26
C GLY K 33 -22.82 -7.72 22.03
N ASP K 34 -22.26 -8.84 21.60
CA ASP K 34 -22.78 -9.55 20.44
C ASP K 34 -24.17 -10.10 20.72
N VAL K 35 -25.09 -9.89 19.78
CA VAL K 35 -26.46 -10.36 19.95
C VAL K 35 -26.52 -11.88 19.85
N VAL K 36 -25.84 -12.44 18.84
CA VAL K 36 -25.91 -13.89 18.62
C VAL K 36 -25.33 -14.64 19.80
N LYS K 37 -24.12 -14.25 20.23
CA LYS K 37 -23.49 -14.91 21.37
C LYS K 37 -24.34 -14.78 22.62
N SER K 38 -24.98 -13.62 22.80
CA SER K 38 -25.84 -13.44 23.96
C SER K 38 -26.99 -14.44 23.96
N ILE K 39 -27.60 -14.66 22.80
CA ILE K 39 -28.74 -15.58 22.72
C ILE K 39 -28.27 -17.02 22.93
N GLU K 40 -27.14 -17.39 22.31
CA GLU K 40 -26.58 -18.71 22.53
C GLU K 40 -26.28 -18.94 24.00
N LEU K 41 -25.71 -17.93 24.66
CA LEU K 41 -25.34 -18.05 26.07
C LEU K 41 -26.57 -18.13 26.96
N VAL K 42 -27.61 -17.36 26.66
CA VAL K 42 -28.84 -17.42 27.43
C VAL K 42 -29.50 -18.78 27.26
N ASP K 43 -29.43 -19.36 26.05
CA ASP K 43 -29.91 -20.73 25.87
C ASP K 43 -29.09 -21.70 26.69
N LEU K 44 -27.76 -21.50 26.73
CA LEU K 44 -26.91 -22.35 27.54
C LEU K 44 -27.26 -22.25 29.02
N PHE K 45 -27.61 -21.05 29.49
CA PHE K 45 -28.02 -20.89 30.89
C PHE K 45 -29.29 -21.67 31.18
N ILE K 46 -30.24 -21.68 30.24
CA ILE K 46 -31.50 -22.38 30.47
C ILE K 46 -31.27 -23.87 30.69
N GLU K 47 -30.29 -24.45 29.97
CA GLU K 47 -29.93 -25.84 30.22
C GLU K 47 -29.33 -26.00 31.61
N ILE K 48 -28.30 -25.21 31.92
CA ILE K 48 -27.64 -25.32 33.22
C ILE K 48 -28.61 -25.01 34.34
N LEU K 49 -29.41 -23.96 34.18
CA LEU K 49 -30.31 -23.53 35.24
C LEU K 49 -31.45 -24.50 35.48
N ASN K 50 -31.70 -25.44 34.56
CA ASN K 50 -32.73 -26.45 34.74
C ASN K 50 -32.14 -27.75 35.29
N LYS K 51 -31.19 -28.36 34.58
CA LYS K 51 -30.59 -29.60 35.06
C LYS K 51 -29.72 -29.37 36.29
N GLY K 52 -29.31 -28.12 36.55
CA GLY K 52 -28.52 -27.83 37.73
C GLY K 52 -29.31 -27.88 39.02
N ARG K 53 -30.63 -27.73 38.96
CA ARG K 53 -31.49 -27.89 40.12
C ARG K 53 -32.18 -29.25 40.15
N GLU K 54 -32.35 -29.89 39.00
CA GLU K 54 -32.87 -31.26 38.96
C GLU K 54 -31.71 -32.25 38.95
N MET L 1 20.34 -33.80 -8.79
CA MET L 1 21.50 -32.91 -8.47
C MET L 1 22.51 -33.65 -7.62
N MET L 2 22.01 -34.30 -6.57
CA MET L 2 22.89 -34.93 -5.58
C MET L 2 23.64 -36.12 -6.15
N GLU L 3 23.07 -36.85 -7.12
CA GLU L 3 23.74 -38.04 -7.62
C GLU L 3 25.06 -37.70 -8.28
N ALA L 4 25.11 -36.59 -9.01
CA ALA L 4 26.39 -36.14 -9.56
C ALA L 4 27.38 -35.80 -8.45
N MET L 5 26.89 -35.16 -7.38
CA MET L 5 27.77 -34.82 -6.26
C MET L 5 28.30 -36.06 -5.57
N VAL L 6 27.49 -37.12 -5.49
CA VAL L 6 27.92 -38.32 -4.77
C VAL L 6 29.11 -38.96 -5.45
N LYS L 7 29.00 -39.20 -6.76
CA LYS L 7 30.11 -39.83 -7.49
C LYS L 7 31.30 -38.89 -7.58
N TYR L 8 31.04 -37.60 -7.79
CA TYR L 8 32.12 -36.62 -7.83
C TYR L 8 32.93 -36.65 -6.53
N LEU L 9 32.25 -36.63 -5.39
CA LEU L 9 32.94 -36.67 -4.10
C LEU L 9 33.65 -38.00 -3.91
N ALA L 10 33.00 -39.11 -4.25
CA ALA L 10 33.61 -40.42 -4.08
C ALA L 10 34.91 -40.53 -4.87
N GLU L 11 34.89 -40.08 -6.13
CA GLU L 11 36.09 -40.12 -6.95
C GLU L 11 37.17 -39.19 -6.43
N LYS L 12 36.81 -37.94 -6.13
CA LYS L 12 37.82 -36.96 -5.78
C LYS L 12 38.37 -37.18 -4.38
N ALA L 13 37.58 -37.76 -3.48
CA ALA L 13 38.03 -38.03 -2.11
C ALA L 13 38.42 -39.48 -1.89
N GLY L 14 38.09 -40.38 -2.81
CA GLY L 14 38.44 -41.78 -2.67
C GLY L 14 37.60 -42.57 -1.69
N ILE L 15 36.56 -41.96 -1.13
CA ILE L 15 35.70 -42.67 -0.19
C ILE L 15 34.69 -43.53 -0.95
N SER L 16 34.07 -44.45 -0.23
CA SER L 16 33.03 -45.28 -0.81
C SER L 16 31.78 -44.46 -1.10
N GLU L 17 30.99 -44.93 -2.06
CA GLU L 17 29.81 -44.17 -2.47
C GLU L 17 28.76 -44.09 -1.38
N VAL L 18 28.70 -45.07 -0.46
CA VAL L 18 27.75 -44.99 0.63
C VAL L 18 28.17 -43.92 1.64
N GLU L 19 29.46 -43.75 1.87
CA GLU L 19 29.93 -42.67 2.74
C GLU L 19 29.77 -41.32 2.05
N ALA L 20 30.02 -41.27 0.74
CA ALA L 20 29.82 -40.03 0.00
C ALA L 20 28.35 -39.61 0.04
N ALA L 21 27.43 -40.58 -0.04
CA ALA L 21 26.01 -40.25 0.07
C ALA L 21 25.71 -39.61 1.42
N GLU L 22 26.28 -40.14 2.50
CA GLU L 22 26.06 -39.57 3.82
C GLU L 22 26.59 -38.15 3.90
N ILE L 23 27.80 -37.92 3.41
CA ILE L 23 28.38 -36.59 3.47
C ILE L 23 27.58 -35.60 2.61
N VAL L 24 27.14 -36.05 1.45
CA VAL L 24 26.36 -35.18 0.57
C VAL L 24 25.02 -34.85 1.19
N LEU L 25 24.41 -35.82 1.89
CA LEU L 25 23.16 -35.53 2.58
C LEU L 25 23.37 -34.53 3.71
N LYS L 26 24.49 -34.64 4.44
CA LYS L 26 24.83 -33.64 5.44
C LYS L 26 24.95 -32.26 4.81
N ALA L 27 25.65 -32.18 3.68
CA ALA L 27 25.84 -30.89 3.00
C ALA L 27 24.50 -30.32 2.55
N VAL L 28 23.64 -31.14 1.97
CA VAL L 28 22.35 -30.66 1.50
C VAL L 28 21.50 -30.19 2.66
N LYS L 29 21.53 -30.92 3.78
CA LYS L 29 20.76 -30.54 4.96
C LYS L 29 21.23 -29.19 5.51
N ILE L 30 22.54 -29.00 5.63
CA ILE L 30 23.06 -27.73 6.16
C ILE L 30 22.79 -26.59 5.19
N SER L 31 22.90 -26.84 3.89
CA SER L 31 22.75 -25.79 2.89
C SER L 31 21.35 -25.20 2.86
N GLY L 32 20.37 -25.87 3.47
CA GLY L 32 18.99 -25.46 3.32
C GLY L 32 18.40 -25.85 1.99
N GLY L 33 18.98 -26.87 1.33
CA GLY L 33 18.50 -27.33 0.05
C GLY L 33 19.04 -26.57 -1.15
N ASP L 34 19.79 -25.49 -0.95
CA ASP L 34 20.32 -24.73 -2.07
C ASP L 34 21.31 -25.57 -2.86
N VAL L 35 21.19 -25.53 -4.20
CA VAL L 35 22.07 -26.31 -5.05
C VAL L 35 23.49 -25.74 -5.03
N VAL L 36 23.62 -24.42 -5.17
CA VAL L 36 24.94 -23.81 -5.27
C VAL L 36 25.71 -23.98 -3.95
N LYS L 37 25.03 -23.73 -2.83
CA LYS L 37 25.70 -23.86 -1.54
C LYS L 37 26.11 -25.30 -1.28
N SER L 38 25.29 -26.26 -1.70
CA SER L 38 25.66 -27.66 -1.54
C SER L 38 26.93 -27.98 -2.32
N ILE L 39 27.06 -27.46 -3.54
CA ILE L 39 28.25 -27.72 -4.33
C ILE L 39 29.47 -27.05 -3.69
N GLU L 40 29.30 -25.82 -3.21
CA GLU L 40 30.40 -25.15 -2.52
C GLU L 40 30.85 -25.96 -1.31
N LEU L 41 29.89 -26.45 -0.52
CA LEU L 41 30.23 -27.25 0.66
C LEU L 41 30.94 -28.55 0.27
N VAL L 42 30.44 -29.24 -0.76
CA VAL L 42 31.06 -30.48 -1.18
C VAL L 42 32.48 -30.23 -1.65
N ASP L 43 32.71 -29.11 -2.35
CA ASP L 43 34.07 -28.74 -2.71
C ASP L 43 34.91 -28.49 -1.46
N LEU L 44 34.34 -27.80 -0.47
CA LEU L 44 35.05 -27.53 0.77
C LEU L 44 35.40 -28.82 1.50
N PHE L 45 34.49 -29.81 1.48
CA PHE L 45 34.78 -31.08 2.14
C PHE L 45 35.96 -31.78 1.49
N ILE L 46 36.07 -31.70 0.16
CA ILE L 46 37.17 -32.35 -0.55
C ILE L 46 38.51 -31.78 -0.11
N GLU L 47 38.58 -30.48 0.14
CA GLU L 47 39.79 -29.88 0.70
C GLU L 47 40.05 -30.42 2.10
N ILE L 48 39.06 -30.33 2.98
CA ILE L 48 39.23 -30.78 4.35
C ILE L 48 39.54 -32.27 4.38
N LEU L 49 38.80 -33.06 3.60
CA LEU L 49 38.94 -34.51 3.64
C LEU L 49 40.27 -34.98 3.07
N ASN L 50 41.00 -34.13 2.36
CA ASN L 50 42.33 -34.50 1.86
C ASN L 50 43.43 -34.07 2.82
N LYS L 51 43.53 -32.77 3.11
CA LYS L 51 44.56 -32.30 4.02
C LYS L 51 44.30 -32.74 5.45
N GLY L 52 43.06 -33.14 5.77
CA GLY L 52 42.77 -33.62 7.12
C GLY L 52 43.39 -34.96 7.45
N ARG L 53 43.61 -35.80 6.45
CA ARG L 53 44.31 -37.06 6.67
C ARG L 53 45.81 -36.95 6.42
N GLU L 54 46.22 -36.05 5.54
CA GLU L 54 47.64 -35.78 5.32
C GLU L 54 48.10 -34.63 6.21
N MET M 1 -0.24 -26.54 27.79
CA MET M 1 0.83 -25.56 28.15
C MET M 1 0.82 -25.21 29.64
N MET M 2 -0.34 -25.29 30.27
CA MET M 2 -0.48 -25.02 31.70
C MET M 2 -0.44 -26.33 32.49
N GLU M 3 -0.92 -26.31 33.74
CA GLU M 3 -1.28 -27.52 34.47
C GLU M 3 -0.06 -28.24 35.01
N ALA M 4 1.14 -27.81 34.62
CA ALA M 4 2.30 -28.09 35.44
C ALA M 4 2.38 -27.09 36.60
N MET M 5 1.87 -25.88 36.38
CA MET M 5 1.98 -24.82 37.38
C MET M 5 1.21 -25.17 38.64
N VAL M 6 0.15 -25.96 38.53
CA VAL M 6 -0.70 -26.23 39.68
C VAL M 6 0.06 -27.03 40.73
N LYS M 7 0.68 -28.14 40.33
CA LYS M 7 1.44 -28.95 41.28
C LYS M 7 2.70 -28.22 41.73
N TYR M 8 3.35 -27.50 40.81
CA TYR M 8 4.51 -26.70 41.18
C TYR M 8 4.18 -25.74 42.31
N LEU M 9 3.08 -24.99 42.16
CA LEU M 9 2.67 -24.04 43.20
C LEU M 9 2.26 -24.76 44.47
N ALA M 10 1.50 -25.86 44.36
CA ALA M 10 1.06 -26.59 45.55
C ALA M 10 2.26 -27.07 46.36
N GLU M 11 3.29 -27.60 45.69
CA GLU M 11 4.48 -28.05 46.39
C GLU M 11 5.26 -26.88 46.97
N LYS M 12 5.48 -25.84 46.17
CA LYS M 12 6.35 -24.74 46.60
C LYS M 12 5.69 -23.83 47.64
N ALA M 13 4.35 -23.83 47.71
CA ALA M 13 3.65 -22.99 48.67
C ALA M 13 2.93 -23.78 49.75
N GLY M 14 2.82 -25.10 49.61
CA GLY M 14 2.14 -25.92 50.60
C GLY M 14 0.64 -25.90 50.55
N ILE M 15 0.04 -25.18 49.59
CA ILE M 15 -1.41 -25.11 49.50
C ILE M 15 -1.96 -26.39 48.88
N SER M 16 -3.27 -26.57 49.03
CA SER M 16 -3.95 -27.73 48.48
C SER M 16 -4.07 -27.63 46.95
N GLU M 17 -4.42 -28.74 46.32
CA GLU M 17 -4.56 -28.76 44.87
C GLU M 17 -5.66 -27.82 44.39
N VAL M 18 -6.80 -27.81 45.09
CA VAL M 18 -7.91 -26.97 44.65
C VAL M 18 -7.60 -25.49 44.82
N GLU M 19 -6.89 -25.13 45.90
CA GLU M 19 -6.47 -23.75 46.09
C GLU M 19 -5.43 -23.35 45.05
N ALA M 20 -4.49 -24.24 44.78
CA ALA M 20 -3.49 -23.97 43.74
C ALA M 20 -4.16 -23.81 42.38
N ALA M 21 -5.17 -24.65 42.09
CA ALA M 21 -5.88 -24.52 40.83
C ALA M 21 -6.56 -23.17 40.71
N GLU M 22 -7.17 -22.70 41.80
CA GLU M 22 -7.83 -21.40 41.77
C GLU M 22 -6.83 -20.28 41.53
N ILE M 23 -5.70 -20.31 42.24
CA ILE M 23 -4.71 -19.24 42.08
C ILE M 23 -4.10 -19.28 40.67
N VAL M 24 -3.85 -20.48 40.14
CA VAL M 24 -3.29 -20.59 38.80
C VAL M 24 -4.29 -20.12 37.76
N LEU M 25 -5.58 -20.38 37.98
CA LEU M 25 -6.60 -19.87 37.06
C LEU M 25 -6.65 -18.35 37.11
N LYS M 26 -6.53 -17.77 38.30
CA LYS M 26 -6.44 -16.32 38.41
C LYS M 26 -5.25 -15.78 37.62
N ALA M 27 -4.08 -16.39 37.78
CA ALA M 27 -2.90 -15.95 37.07
C ALA M 27 -3.08 -16.05 35.56
N VAL M 28 -3.63 -17.18 35.09
CA VAL M 28 -3.80 -17.37 33.66
C VAL M 28 -4.79 -16.36 33.09
N LYS M 29 -5.89 -16.11 33.80
CA LYS M 29 -6.88 -15.15 33.33
C LYS M 29 -6.30 -13.75 33.25
N ILE M 30 -5.59 -13.31 34.31
CA ILE M 30 -5.07 -11.95 34.32
C ILE M 30 -3.90 -11.79 33.34
N SER M 31 -3.18 -12.88 33.07
CA SER M 31 -2.04 -12.83 32.15
C SER M 31 -2.45 -12.70 30.69
N GLY M 32 -3.75 -12.80 30.38
CA GLY M 32 -4.18 -12.80 29.00
C GLY M 32 -3.93 -14.09 28.27
N GLY M 33 -3.75 -15.19 28.99
CA GLY M 33 -3.48 -16.48 28.39
C GLY M 33 -2.04 -16.72 27.97
N ASP M 34 -1.15 -15.76 28.20
CA ASP M 34 0.25 -15.94 27.86
C ASP M 34 0.90 -16.97 28.77
N VAL M 35 1.69 -17.87 28.19
CA VAL M 35 2.33 -18.92 28.97
C VAL M 35 3.44 -18.34 29.85
N VAL M 36 4.32 -17.53 29.24
CA VAL M 36 5.47 -17.01 29.98
C VAL M 36 5.02 -16.10 31.11
N LYS M 37 4.10 -15.18 30.81
CA LYS M 37 3.62 -14.27 31.84
C LYS M 37 2.95 -15.03 32.98
N SER M 38 2.25 -16.11 32.65
CA SER M 38 1.62 -16.91 33.70
C SER M 38 2.67 -17.53 34.61
N ILE M 39 3.77 -18.02 34.04
CA ILE M 39 4.81 -18.63 34.85
C ILE M 39 5.49 -17.57 35.73
N GLU M 40 5.78 -16.40 35.15
CA GLU M 40 6.37 -15.33 35.94
C GLU M 40 5.44 -14.93 37.09
N LEU M 41 4.14 -14.83 36.82
CA LEU M 41 3.20 -14.40 37.84
C LEU M 41 3.03 -15.46 38.92
N VAL M 42 3.03 -16.74 38.53
CA VAL M 42 2.97 -17.80 39.53
C VAL M 42 4.24 -17.83 40.37
N ASP M 43 5.39 -17.51 39.77
CA ASP M 43 6.62 -17.37 40.55
C ASP M 43 6.50 -16.22 41.55
N LEU M 44 5.90 -15.10 41.12
CA LEU M 44 5.72 -13.98 42.02
C LEU M 44 4.79 -14.35 43.19
N PHE M 45 3.75 -15.14 42.91
CA PHE M 45 2.85 -15.56 43.98
C PHE M 45 3.57 -16.39 45.02
N ILE M 46 4.49 -17.26 44.57
CA ILE M 46 5.24 -18.10 45.51
C ILE M 46 6.05 -17.24 46.47
N GLU M 47 6.50 -16.07 46.02
CA GLU M 47 7.17 -15.14 46.91
C GLU M 47 6.18 -14.49 47.87
N ILE M 48 5.13 -13.85 47.32
CA ILE M 48 4.14 -13.18 48.16
C ILE M 48 3.52 -14.17 49.13
N LEU M 49 3.16 -15.35 48.65
CA LEU M 49 2.44 -16.32 49.47
C LEU M 49 3.30 -16.92 50.57
N ASN M 50 4.61 -16.69 50.57
CA ASN M 50 5.47 -17.16 51.64
C ASN M 50 5.81 -16.05 52.63
N LYS M 51 6.37 -14.94 52.14
CA LYS M 51 6.68 -13.82 53.03
C LYS M 51 5.43 -13.12 53.52
N GLY M 52 4.30 -13.31 52.83
CA GLY M 52 3.05 -12.71 53.28
C GLY M 52 2.49 -13.34 54.53
N ARG M 53 2.83 -14.59 54.81
CA ARG M 53 2.43 -15.24 56.05
C ARG M 53 3.52 -15.18 57.13
N GLU M 54 4.77 -14.99 56.74
CA GLU M 54 5.85 -14.77 57.70
C GLU M 54 6.05 -13.28 57.95
N MET N 1 33.47 -6.51 21.69
CA MET N 1 33.11 -5.25 22.38
C MET N 1 33.32 -5.39 23.88
N MET N 2 32.74 -6.45 24.46
CA MET N 2 32.71 -6.59 25.91
C MET N 2 34.09 -6.74 26.51
N GLU N 3 35.05 -7.34 25.79
CA GLU N 3 36.37 -7.57 26.38
C GLU N 3 37.05 -6.25 26.74
N ALA N 4 36.87 -5.22 25.90
CA ALA N 4 37.39 -3.90 26.23
C ALA N 4 36.71 -3.34 27.47
N MET N 5 35.39 -3.53 27.59
CA MET N 5 34.67 -3.02 28.75
C MET N 5 35.13 -3.71 30.03
N VAL N 6 35.38 -5.01 29.98
CA VAL N 6 35.76 -5.75 31.18
C VAL N 6 37.07 -5.21 31.75
N LYS N 7 38.08 -5.06 30.89
CA LYS N 7 39.32 -4.43 31.33
C LYS N 7 39.08 -2.97 31.70
N TYR N 8 38.30 -2.25 30.88
CA TYR N 8 38.03 -0.84 31.15
C TYR N 8 37.38 -0.67 32.52
N LEU N 9 36.38 -1.50 32.83
CA LEU N 9 35.71 -1.39 34.12
C LEU N 9 36.62 -1.84 35.26
N ALA N 10 37.34 -2.94 35.07
CA ALA N 10 38.22 -3.45 36.13
C ALA N 10 39.24 -2.42 36.57
N GLU N 11 39.86 -1.73 35.60
CA GLU N 11 40.87 -0.74 35.94
C GLU N 11 40.25 0.47 36.64
N LYS N 12 39.15 0.99 36.09
CA LYS N 12 38.57 2.23 36.60
C LYS N 12 37.84 2.04 37.92
N ALA N 13 37.43 0.81 38.26
CA ALA N 13 36.77 0.54 39.52
C ALA N 13 37.61 -0.27 40.49
N GLY N 14 38.72 -0.85 40.03
CA GLY N 14 39.58 -1.64 40.89
C GLY N 14 39.10 -3.05 41.16
N ILE N 15 37.95 -3.44 40.60
CA ILE N 15 37.43 -4.78 40.85
C ILE N 15 38.21 -5.80 40.03
N SER N 16 38.04 -7.07 40.39
CA SER N 16 38.67 -8.15 39.65
C SER N 16 38.00 -8.31 38.29
N GLU N 17 38.73 -8.94 37.36
CA GLU N 17 38.20 -9.11 36.02
C GLU N 17 36.99 -10.05 36.00
N VAL N 18 36.94 -11.02 36.92
CA VAL N 18 35.77 -11.91 36.98
C VAL N 18 34.56 -11.15 37.51
N GLU N 19 34.76 -10.26 38.48
CA GLU N 19 33.66 -9.42 38.95
C GLU N 19 33.27 -8.41 37.89
N ALA N 20 34.24 -7.86 37.16
CA ALA N 20 33.93 -6.97 36.06
C ALA N 20 33.15 -7.69 34.96
N ALA N 21 33.51 -8.96 34.70
CA ALA N 21 32.80 -9.73 33.69
C ALA N 21 31.34 -9.90 34.07
N GLU N 22 31.06 -10.15 35.35
CA GLU N 22 29.67 -10.30 35.80
C GLU N 22 28.89 -9.01 35.61
N ILE N 23 29.46 -7.88 36.04
CA ILE N 23 28.74 -6.61 35.95
C ILE N 23 28.54 -6.22 34.49
N VAL N 24 29.54 -6.44 33.64
CA VAL N 24 29.38 -6.12 32.23
C VAL N 24 28.30 -6.99 31.59
N LEU N 25 28.19 -8.24 32.00
CA LEU N 25 27.12 -9.10 31.47
C LEU N 25 25.75 -8.60 31.92
N LYS N 26 25.65 -8.10 33.15
CA LYS N 26 24.41 -7.49 33.61
C LYS N 26 24.04 -6.29 32.74
N ALA N 27 25.02 -5.45 32.42
CA ALA N 27 24.75 -4.27 31.59
C ALA N 27 24.27 -4.65 30.20
N VAL N 28 24.87 -5.68 29.60
CA VAL N 28 24.51 -6.06 28.23
C VAL N 28 23.09 -6.59 28.19
N LYS N 29 22.68 -7.36 29.21
CA LYS N 29 21.32 -7.89 29.24
C LYS N 29 20.30 -6.75 29.32
N ILE N 30 20.46 -5.84 30.28
CA ILE N 30 19.51 -4.75 30.44
C ILE N 30 19.51 -3.86 29.20
N SER N 31 20.67 -3.64 28.59
CA SER N 31 20.78 -2.78 27.43
C SER N 31 20.07 -3.34 26.20
N GLY N 32 19.66 -4.60 26.23
CA GLY N 32 19.08 -5.22 25.05
C GLY N 32 20.10 -5.55 23.99
N GLY N 33 21.37 -5.70 24.36
CA GLY N 33 22.42 -5.99 23.42
C GLY N 33 22.99 -4.79 22.69
N ASP N 34 22.45 -3.59 22.92
CA ASP N 34 22.97 -2.41 22.27
C ASP N 34 24.37 -2.09 22.76
N VAL N 35 25.28 -1.82 21.82
CA VAL N 35 26.65 -1.51 22.18
C VAL N 35 26.73 -0.15 22.86
N VAL N 36 26.05 0.85 22.32
CA VAL N 36 26.14 2.21 22.85
C VAL N 36 25.56 2.26 24.26
N LYS N 37 24.38 1.68 24.46
CA LYS N 37 23.76 1.69 25.79
C LYS N 37 24.63 0.97 26.80
N SER N 38 25.28 -0.13 26.38
CA SER N 38 26.15 -0.86 27.30
C SER N 38 27.31 0.02 27.78
N ILE N 39 27.87 0.83 26.89
CA ILE N 39 28.99 1.69 27.27
C ILE N 39 28.51 2.83 28.17
N GLU N 40 27.36 3.43 27.83
CA GLU N 40 26.77 4.43 28.71
C GLU N 40 26.47 3.84 30.08
N LEU N 41 25.90 2.63 30.10
CA LEU N 41 25.52 2.01 31.36
C LEU N 41 26.74 1.61 32.18
N VAL N 42 27.79 1.10 31.52
CA VAL N 42 29.01 0.75 32.23
C VAL N 42 29.69 2.00 32.79
N ASP N 43 29.62 3.11 32.07
CA ASP N 43 30.15 4.36 32.60
C ASP N 43 29.42 4.77 33.88
N LEU N 44 28.09 4.61 33.88
CA LEU N 44 27.31 4.95 35.06
C LEU N 44 27.71 4.09 36.25
N PHE N 45 28.03 2.81 36.01
CA PHE N 45 28.46 1.94 37.10
C PHE N 45 29.74 2.46 37.73
N ILE N 46 30.66 2.98 36.91
CA ILE N 46 31.93 3.48 37.42
C ILE N 46 31.70 4.65 38.37
N GLU N 47 30.66 5.45 38.13
CA GLU N 47 30.28 6.49 39.07
C GLU N 47 29.71 5.86 40.34
N ILE N 48 28.65 5.07 40.21
CA ILE N 48 28.00 4.46 41.37
C ILE N 48 29.01 3.61 42.15
N LEU N 49 29.79 2.82 41.44
CA LEU N 49 30.70 1.88 42.10
C LEU N 49 31.86 2.57 42.80
N ASN N 50 32.05 3.88 42.59
CA ASN N 50 33.08 4.64 43.29
C ASN N 50 32.51 5.49 44.40
N LYS N 51 31.52 6.34 44.08
CA LYS N 51 30.90 7.16 45.12
C LYS N 51 30.03 6.34 46.05
N GLY N 52 29.62 5.14 45.65
CA GLY N 52 28.84 4.28 46.51
C GLY N 52 29.61 3.69 47.66
N ARG N 53 30.94 3.59 47.53
CA ARG N 53 31.80 3.14 48.62
C ARG N 53 32.41 4.29 49.39
N GLU N 54 32.56 5.46 48.77
CA GLU N 54 33.04 6.65 49.46
C GLU N 54 31.86 7.46 49.99
N MET O 1 2.88 15.46 37.57
CA MET O 1 3.04 16.85 37.06
C MET O 1 1.97 17.77 37.66
N MET O 2 0.77 17.21 37.85
CA MET O 2 -0.33 18.02 38.36
C MET O 2 -0.03 18.58 39.74
N GLU O 3 0.63 17.80 40.60
CA GLU O 3 0.93 18.29 41.94
C GLU O 3 1.82 19.53 41.89
N ALA O 4 2.77 19.57 40.96
CA ALA O 4 3.56 20.78 40.78
C ALA O 4 2.70 21.94 40.29
N MET O 5 1.78 21.68 39.36
CA MET O 5 0.91 22.74 38.88
C MET O 5 0.00 23.26 39.99
N VAL O 6 -0.49 22.36 40.85
CA VAL O 6 -1.42 22.77 41.89
C VAL O 6 -0.74 23.72 42.87
N LYS O 7 0.44 23.35 43.37
CA LYS O 7 1.19 24.26 44.23
C LYS O 7 1.64 25.49 43.45
N TYR O 8 2.07 25.30 42.20
CA TYR O 8 2.49 26.44 41.39
C TYR O 8 1.35 27.44 41.23
N LEU O 9 0.16 26.96 40.90
CA LEU O 9 -0.99 27.85 40.75
C LEU O 9 -1.40 28.47 42.09
N ALA O 10 -1.41 27.66 43.15
CA ALA O 10 -1.84 28.17 44.45
C ALA O 10 -0.94 29.31 44.92
N GLU O 11 0.38 29.17 44.74
CA GLU O 11 1.30 30.22 45.16
C GLU O 11 1.14 31.47 44.32
N LYS O 12 1.09 31.32 42.99
CA LYS O 12 1.08 32.46 42.09
C LYS O 12 -0.28 33.16 42.02
N ALA O 13 -1.34 32.50 42.46
CA ALA O 13 -2.66 33.12 42.48
C ALA O 13 -3.22 33.34 43.88
N GLY O 14 -2.60 32.75 44.91
CA GLY O 14 -3.06 32.93 46.27
C GLY O 14 -4.27 32.12 46.67
N ILE O 15 -4.80 31.30 45.77
CA ILE O 15 -5.99 30.49 46.07
C ILE O 15 -5.59 29.31 46.95
N SER O 16 -6.58 28.63 47.51
CA SER O 16 -6.34 27.49 48.38
C SER O 16 -5.89 26.28 47.59
N GLU O 17 -5.37 25.28 48.32
CA GLU O 17 -4.90 24.06 47.67
C GLU O 17 -6.03 23.34 46.95
N VAL O 18 -7.21 23.25 47.58
CA VAL O 18 -8.31 22.54 46.95
C VAL O 18 -8.90 23.35 45.81
N GLU O 19 -8.93 24.68 45.91
CA GLU O 19 -9.38 25.50 44.80
C GLU O 19 -8.42 25.40 43.62
N ALA O 20 -7.11 25.36 43.90
CA ALA O 20 -6.15 25.15 42.82
C ALA O 20 -6.32 23.78 42.19
N ALA O 21 -6.57 22.76 43.01
CA ALA O 21 -6.77 21.42 42.48
C ALA O 21 -7.94 21.37 41.52
N GLU O 22 -9.03 22.06 41.85
CA GLU O 22 -10.20 22.09 40.97
C GLU O 22 -9.87 22.74 39.63
N ILE O 23 -9.21 23.90 39.68
CA ILE O 23 -8.89 24.61 38.44
C ILE O 23 -7.91 23.83 37.58
N VAL O 24 -6.92 23.19 38.21
CA VAL O 24 -5.95 22.41 37.45
C VAL O 24 -6.63 21.20 36.80
N LEU O 25 -7.61 20.60 37.47
CA LEU O 25 -8.36 19.50 36.87
C LEU O 25 -9.16 19.97 35.67
N LYS O 26 -9.71 21.19 35.74
CA LYS O 26 -10.39 21.77 34.59
C LYS O 26 -9.42 21.93 33.41
N ALA O 27 -8.21 22.44 33.69
CA ALA O 27 -7.23 22.64 32.63
C ALA O 27 -6.83 21.32 31.98
N VAL O 28 -6.59 20.29 32.79
CA VAL O 28 -6.16 19.01 32.25
C VAL O 28 -7.26 18.40 31.39
N LYS O 29 -8.51 18.52 31.82
CA LYS O 29 -9.63 17.94 31.06
C LYS O 29 -9.78 18.62 29.70
N ILE O 30 -9.76 19.96 29.68
CA ILE O 30 -9.91 20.69 28.43
C ILE O 30 -8.72 20.42 27.50
N SER O 31 -7.52 20.34 28.07
CA SER O 31 -6.31 20.14 27.28
C SER O 31 -6.27 18.80 26.57
N GLY O 32 -7.16 17.87 26.92
CA GLY O 32 -7.06 16.53 26.37
C GLY O 32 -5.98 15.69 27.02
N GLY O 33 -5.54 16.05 28.21
CA GLY O 33 -4.49 15.35 28.90
C GLY O 33 -3.09 15.75 28.51
N ASP O 34 -2.93 16.64 27.53
CA ASP O 34 -1.60 17.08 27.12
C ASP O 34 -0.91 17.83 28.25
N VAL O 35 0.34 17.48 28.52
CA VAL O 35 1.10 18.15 29.57
C VAL O 35 1.40 19.58 29.17
N VAL O 36 1.84 19.79 27.93
CA VAL O 36 2.26 21.12 27.51
C VAL O 36 1.09 22.09 27.53
N LYS O 37 -0.03 21.69 26.91
CA LYS O 37 -1.19 22.58 26.88
C LYS O 37 -1.70 22.89 28.27
N SER O 38 -1.63 21.92 29.18
CA SER O 38 -2.06 22.16 30.55
C SER O 38 -1.23 23.25 31.22
N ILE O 39 0.09 23.24 30.98
CA ILE O 39 0.96 24.24 31.59
C ILE O 39 0.71 25.60 30.95
N GLU O 40 0.57 25.64 29.62
CA GLU O 40 0.20 26.88 28.96
C GLU O 40 -1.13 27.40 29.48
N LEU O 41 -2.10 26.51 29.64
CA LEU O 41 -3.42 26.91 30.07
C LEU O 41 -3.42 27.37 31.54
N VAL O 42 -2.65 26.69 32.39
CA VAL O 42 -2.57 27.12 33.79
C VAL O 42 -1.90 28.47 33.91
N ASP O 43 -0.89 28.74 33.07
CA ASP O 43 -0.30 30.07 33.05
C ASP O 43 -1.31 31.11 32.60
N LEU O 44 -2.14 30.77 31.61
CA LEU O 44 -3.18 31.68 31.15
C LEU O 44 -4.15 32.01 32.28
N PHE O 45 -4.47 31.03 33.13
CA PHE O 45 -5.35 31.28 34.26
C PHE O 45 -4.72 32.26 35.24
N ILE O 46 -3.41 32.16 35.46
CA ILE O 46 -2.73 33.03 36.41
C ILE O 46 -2.84 34.49 35.98
N GLU O 47 -2.83 34.74 34.66
CA GLU O 47 -3.08 36.09 34.17
C GLU O 47 -4.52 36.50 34.42
N ILE O 48 -5.48 35.71 33.92
CA ILE O 48 -6.89 36.04 34.09
C ILE O 48 -7.25 36.13 35.56
N LEU O 49 -6.77 35.18 36.36
CA LEU O 49 -7.16 35.12 37.76
C LEU O 49 -6.57 36.25 38.59
N ASN O 50 -5.61 37.00 38.05
CA ASN O 50 -5.04 38.16 38.75
C ASN O 50 -5.63 39.47 38.24
N LYS O 51 -5.52 39.74 36.94
CA LYS O 51 -6.09 40.96 36.39
C LYS O 51 -7.61 40.93 36.41
N GLY O 52 -8.21 39.74 36.51
CA GLY O 52 -9.66 39.66 36.55
C GLY O 52 -10.28 40.12 37.86
N ARG O 53 -9.51 40.11 38.94
CA ARG O 53 -9.97 40.65 40.22
C ARG O 53 -9.49 42.06 40.47
N GLU O 54 -8.39 42.47 39.84
CA GLU O 54 -7.91 43.84 39.92
C GLU O 54 -8.49 44.67 38.77
N MET P 1 -32.41 10.17 -22.39
CA MET P 1 -31.20 10.40 -23.22
C MET P 1 -31.39 9.86 -24.63
N MET P 2 -31.67 8.56 -24.72
CA MET P 2 -31.77 7.87 -26.00
C MET P 2 -33.07 8.16 -26.74
N GLU P 3 -34.07 8.77 -26.10
CA GLU P 3 -35.28 9.13 -26.83
C GLU P 3 -34.98 10.13 -27.95
N ALA P 4 -33.98 11.01 -27.73
CA ALA P 4 -33.55 11.90 -28.80
C ALA P 4 -32.95 11.13 -29.96
N MET P 5 -32.20 10.07 -29.67
CA MET P 5 -31.60 9.26 -30.73
C MET P 5 -32.68 8.59 -31.57
N VAL P 6 -33.78 8.16 -30.94
CA VAL P 6 -34.83 7.47 -31.68
C VAL P 6 -35.45 8.40 -32.71
N LYS P 7 -35.83 9.61 -32.29
CA LYS P 7 -36.35 10.58 -33.24
C LYS P 7 -35.27 11.02 -34.23
N TYR P 8 -34.06 11.25 -33.72
CA TYR P 8 -32.96 11.66 -34.60
C TYR P 8 -32.69 10.59 -35.65
N LEU P 9 -32.64 9.33 -35.24
CA LEU P 9 -32.42 8.25 -36.21
C LEU P 9 -33.60 8.11 -37.17
N ALA P 10 -34.82 8.16 -36.63
CA ALA P 10 -36.00 7.96 -37.46
C ALA P 10 -36.09 9.01 -38.56
N GLU P 11 -35.85 10.28 -38.21
CA GLU P 11 -35.93 11.35 -39.20
C GLU P 11 -34.82 11.22 -40.25
N LYS P 12 -33.59 11.02 -39.80
CA LYS P 12 -32.46 11.04 -40.73
C LYS P 12 -32.43 9.80 -41.62
N ALA P 13 -32.97 8.67 -41.14
CA ALA P 13 -32.97 7.44 -41.92
C ALA P 13 -34.34 7.13 -42.54
N GLY P 14 -35.39 7.84 -42.15
CA GLY P 14 -36.71 7.63 -42.71
C GLY P 14 -37.43 6.39 -42.23
N ILE P 15 -36.90 5.70 -41.22
CA ILE P 15 -37.52 4.49 -40.70
C ILE P 15 -38.60 4.86 -39.70
N SER P 16 -39.44 3.89 -39.34
CA SER P 16 -40.53 4.13 -38.40
C SER P 16 -39.99 4.30 -36.99
N GLU P 17 -40.87 4.82 -36.11
CA GLU P 17 -40.49 5.04 -34.73
C GLU P 17 -40.12 3.73 -34.03
N VAL P 18 -40.88 2.66 -34.28
CA VAL P 18 -40.61 1.40 -33.62
C VAL P 18 -39.35 0.74 -34.19
N GLU P 19 -39.12 0.87 -35.50
CA GLU P 19 -37.89 0.34 -36.07
C GLU P 19 -36.67 1.12 -35.59
N ALA P 20 -36.81 2.43 -35.43
CA ALA P 20 -35.73 3.22 -34.86
C ALA P 20 -35.47 2.82 -33.41
N ALA P 21 -36.54 2.56 -32.65
CA ALA P 21 -36.38 2.13 -31.26
C ALA P 21 -35.60 0.82 -31.18
N GLU P 22 -35.91 -0.12 -32.07
CA GLU P 22 -35.22 -1.41 -32.07
C GLU P 22 -33.73 -1.22 -32.34
N ILE P 23 -33.39 -0.41 -33.36
CA ILE P 23 -31.99 -0.22 -33.72
C ILE P 23 -31.24 0.52 -32.63
N VAL P 24 -31.87 1.52 -32.01
CA VAL P 24 -31.22 2.25 -30.93
C VAL P 24 -31.00 1.33 -29.73
N LEU P 25 -31.94 0.42 -29.47
CA LEU P 25 -31.74 -0.55 -28.40
C LEU P 25 -30.55 -1.46 -28.69
N LYS P 26 -30.38 -1.87 -29.95
CA LYS P 26 -29.21 -2.64 -30.34
C LYS P 26 -27.93 -1.84 -30.09
N ALA P 27 -27.92 -0.57 -30.47
CA ALA P 27 -26.73 0.26 -30.29
C ALA P 27 -26.38 0.41 -28.81
N VAL P 28 -27.37 0.68 -27.97
CA VAL P 28 -27.10 0.88 -26.55
C VAL P 28 -26.60 -0.39 -25.91
N LYS P 29 -27.19 -1.53 -26.26
CA LYS P 29 -26.80 -2.82 -25.68
C LYS P 29 -25.34 -3.15 -26.02
N ILE P 30 -24.97 -3.01 -27.30
CA ILE P 30 -23.62 -3.37 -27.72
C ILE P 30 -22.61 -2.35 -27.25
N SER P 31 -23.01 -1.09 -27.11
CA SER P 31 -22.11 -0.03 -26.65
C SER P 31 -21.73 -0.18 -25.17
N GLY P 32 -22.38 -1.07 -24.43
CA GLY P 32 -22.14 -1.16 -23.01
C GLY P 32 -22.83 -0.09 -22.19
N GLY P 33 -23.85 0.56 -22.75
CA GLY P 33 -24.55 1.62 -22.07
C GLY P 33 -23.89 2.98 -22.12
N ASP P 34 -22.73 3.09 -22.76
CA ASP P 34 -22.06 4.39 -22.87
C ASP P 34 -22.85 5.32 -23.78
N VAL P 35 -23.04 6.55 -23.32
CA VAL P 35 -23.82 7.52 -24.10
C VAL P 35 -23.05 7.92 -25.36
N VAL P 36 -21.77 8.24 -25.22
CA VAL P 36 -20.99 8.73 -26.35
C VAL P 36 -20.88 7.66 -27.43
N LYS P 37 -20.54 6.43 -27.05
CA LYS P 37 -20.41 5.36 -28.04
C LYS P 37 -21.74 5.10 -28.73
N SER P 38 -22.84 5.21 -28.00
CA SER P 38 -24.15 5.01 -28.63
C SER P 38 -24.42 6.04 -29.70
N ILE P 39 -24.03 7.29 -29.46
CA ILE P 39 -24.26 8.34 -30.46
C ILE P 39 -23.34 8.14 -31.66
N GLU P 40 -22.08 7.77 -31.42
CA GLU P 40 -21.19 7.45 -32.53
C GLU P 40 -21.74 6.29 -33.34
N LEU P 41 -22.23 5.24 -32.66
CA LEU P 41 -22.72 4.06 -33.35
C LEU P 41 -24.01 4.35 -34.12
N VAL P 42 -24.89 5.17 -33.54
CA VAL P 42 -26.13 5.51 -34.23
C VAL P 42 -25.83 6.34 -35.48
N ASP P 43 -24.83 7.22 -35.41
CA ASP P 43 -24.40 7.93 -36.61
C ASP P 43 -23.84 6.96 -37.65
N LEU P 44 -23.09 5.95 -37.20
CA LEU P 44 -22.56 4.96 -38.12
C LEU P 44 -23.69 4.19 -38.80
N PHE P 45 -24.77 3.91 -38.08
CA PHE P 45 -25.90 3.23 -38.70
C PHE P 45 -26.54 4.09 -39.79
N ILE P 46 -26.61 5.40 -39.57
CA ILE P 46 -27.21 6.28 -40.56
C ILE P 46 -26.44 6.25 -41.86
N GLU P 47 -25.12 6.16 -41.78
CA GLU P 47 -24.30 5.99 -42.98
C GLU P 47 -24.59 4.66 -43.65
N ILE P 48 -24.50 3.56 -42.89
CA ILE P 48 -24.74 2.24 -43.45
C ILE P 48 -26.16 2.14 -44.00
N LEU P 49 -27.13 2.64 -43.24
CA LEU P 49 -28.53 2.52 -43.62
C LEU P 49 -28.88 3.35 -44.85
N ASN P 50 -28.03 4.30 -45.25
CA ASN P 50 -28.27 5.09 -46.46
C ASN P 50 -27.59 4.45 -47.67
N LYS P 51 -26.26 4.29 -47.59
CA LYS P 51 -25.54 3.71 -48.72
C LYS P 51 -25.81 2.22 -48.86
N GLY P 52 -26.34 1.57 -47.82
CA GLY P 52 -26.68 0.16 -47.91
C GLY P 52 -27.87 -0.13 -48.77
N ARG P 53 -28.78 0.82 -48.93
CA ARG P 53 -29.92 0.69 -49.83
C ARG P 53 -29.68 1.34 -51.18
N GLU P 54 -28.81 2.34 -51.24
CA GLU P 54 -28.43 2.96 -52.50
C GLU P 54 -27.18 2.28 -53.06
N MET Q 1 -13.51 37.38 7.32
CA MET Q 1 -12.41 37.78 6.39
C MET Q 1 -12.90 38.88 5.44
N MET Q 2 -14.01 38.60 4.76
CA MET Q 2 -14.46 39.49 3.68
C MET Q 2 -14.85 40.87 4.18
N GLU Q 3 -15.35 40.99 5.42
CA GLU Q 3 -15.79 42.30 5.88
C GLU Q 3 -14.63 43.29 5.97
N ALA Q 4 -13.45 42.81 6.35
CA ALA Q 4 -12.27 43.67 6.33
C ALA Q 4 -11.92 44.10 4.91
N MET Q 5 -12.02 43.17 3.95
CA MET Q 5 -11.71 43.50 2.56
C MET Q 5 -12.67 44.54 2.02
N VAL Q 6 -13.96 44.43 2.36
CA VAL Q 6 -14.96 45.34 1.79
C VAL Q 6 -14.65 46.78 2.20
N LYS Q 7 -14.43 47.02 3.49
CA LYS Q 7 -14.02 48.35 3.93
C LYS Q 7 -12.65 48.70 3.39
N TYR Q 8 -11.73 47.73 3.38
CA TYR Q 8 -10.39 47.97 2.87
C TYR Q 8 -10.43 48.43 1.41
N LEU Q 9 -11.22 47.74 0.58
CA LEU Q 9 -11.33 48.13 -0.82
C LEU Q 9 -12.07 49.46 -0.98
N ALA Q 10 -13.17 49.63 -0.23
CA ALA Q 10 -13.96 50.86 -0.36
C ALA Q 10 -13.11 52.10 -0.08
N GLU Q 11 -12.29 52.05 0.97
CA GLU Q 11 -11.44 53.20 1.29
C GLU Q 11 -10.37 53.43 0.24
N LYS Q 12 -9.65 52.37 -0.14
CA LYS Q 12 -8.51 52.49 -1.03
C LYS Q 12 -8.91 52.71 -2.49
N ALA Q 13 -10.17 52.50 -2.85
CA ALA Q 13 -10.64 52.78 -4.20
C ALA Q 13 -11.73 53.84 -4.27
N GLY Q 14 -12.29 54.26 -3.12
CA GLY Q 14 -13.32 55.26 -3.10
C GLY Q 14 -14.70 54.79 -3.48
N ILE Q 15 -14.87 53.49 -3.77
CA ILE Q 15 -16.18 52.98 -4.15
C ILE Q 15 -17.06 52.79 -2.92
N SER Q 16 -18.37 52.65 -3.18
CA SER Q 16 -19.34 52.47 -2.11
C SER Q 16 -19.23 51.07 -1.50
N GLU Q 17 -19.89 50.89 -0.35
CA GLU Q 17 -19.87 49.59 0.32
C GLU Q 17 -20.48 48.51 -0.56
N VAL Q 18 -21.62 48.80 -1.20
CA VAL Q 18 -22.29 47.78 -2.00
C VAL Q 18 -21.48 47.43 -3.24
N GLU Q 19 -20.82 48.42 -3.85
CA GLU Q 19 -19.96 48.13 -4.99
C GLU Q 19 -18.71 47.36 -4.56
N ALA Q 20 -18.15 47.71 -3.39
CA ALA Q 20 -17.02 46.95 -2.87
C ALA Q 20 -17.44 45.52 -2.52
N ALA Q 21 -18.64 45.35 -1.98
CA ALA Q 21 -19.11 44.01 -1.64
C ALA Q 21 -19.23 43.15 -2.88
N GLU Q 22 -19.73 43.72 -3.99
CA GLU Q 22 -19.86 42.97 -5.23
C GLU Q 22 -18.49 42.52 -5.74
N ILE Q 23 -17.52 43.45 -5.78
CA ILE Q 23 -16.20 43.11 -6.31
C ILE Q 23 -15.51 42.08 -5.42
N VAL Q 24 -15.64 42.22 -4.09
CA VAL Q 24 -15.01 41.26 -3.19
C VAL Q 24 -15.63 39.88 -3.36
N LEU Q 25 -16.94 39.81 -3.60
CA LEU Q 25 -17.58 38.52 -3.84
C LEU Q 25 -17.05 37.89 -5.13
N LYS Q 26 -16.81 38.70 -6.15
CA LYS Q 26 -16.18 38.20 -7.38
C LYS Q 26 -14.80 37.62 -7.08
N ALA Q 27 -14.00 38.33 -6.28
CA ALA Q 27 -12.67 37.85 -5.94
C ALA Q 27 -12.73 36.53 -5.17
N VAL Q 28 -13.64 36.43 -4.21
CA VAL Q 28 -13.74 35.22 -3.41
C VAL Q 28 -14.17 34.04 -4.27
N LYS Q 29 -15.15 34.25 -5.14
CA LYS Q 29 -15.63 33.17 -6.00
C LYS Q 29 -14.54 32.66 -6.93
N ILE Q 30 -13.85 33.59 -7.61
CA ILE Q 30 -12.83 33.20 -8.58
C ILE Q 30 -11.61 32.60 -7.89
N SER Q 31 -11.32 33.02 -6.65
CA SER Q 31 -10.19 32.50 -5.90
C SER Q 31 -10.39 31.06 -5.44
N GLY Q 32 -11.60 30.51 -5.56
CA GLY Q 32 -11.88 29.22 -5.00
C GLY Q 32 -12.05 29.22 -3.50
N GLY Q 33 -12.35 30.38 -2.91
CA GLY Q 33 -12.52 30.50 -1.48
C GLY Q 33 -11.26 30.68 -0.68
N ASP Q 34 -10.09 30.63 -1.31
CA ASP Q 34 -8.84 30.82 -0.58
C ASP Q 34 -8.74 32.23 -0.03
N VAL Q 35 -8.34 32.34 1.24
CA VAL Q 35 -8.23 33.64 1.87
C VAL Q 35 -7.07 34.44 1.27
N VAL Q 36 -5.90 33.80 1.13
CA VAL Q 36 -4.72 34.51 0.67
C VAL Q 36 -4.91 35.00 -0.76
N LYS Q 37 -5.39 34.12 -1.64
CA LYS Q 37 -5.60 34.51 -3.04
C LYS Q 37 -6.61 35.64 -3.15
N SER Q 38 -7.63 35.64 -2.28
CA SER Q 38 -8.62 36.71 -2.30
C SER Q 38 -7.98 38.05 -1.97
N ILE Q 39 -7.04 38.07 -1.01
CA ILE Q 39 -6.39 39.32 -0.64
C ILE Q 39 -5.46 39.79 -1.75
N GLU Q 40 -4.76 38.86 -2.40
CA GLU Q 40 -3.93 39.22 -3.54
C GLU Q 40 -4.78 39.83 -4.65
N LEU Q 41 -5.92 39.20 -4.97
CA LEU Q 41 -6.79 39.72 -6.02
C LEU Q 41 -7.34 41.09 -5.67
N VAL Q 42 -7.78 41.28 -4.42
CA VAL Q 42 -8.32 42.57 -4.02
C VAL Q 42 -7.23 43.64 -4.09
N ASP Q 43 -6.00 43.29 -3.77
CA ASP Q 43 -4.89 44.23 -3.94
C ASP Q 43 -4.71 44.59 -5.42
N LEU Q 44 -4.78 43.58 -6.30
CA LEU Q 44 -4.64 43.84 -7.73
C LEU Q 44 -5.77 44.72 -8.24
N PHE Q 45 -7.00 44.52 -7.75
CA PHE Q 45 -8.11 45.37 -8.17
C PHE Q 45 -7.85 46.82 -7.78
N ILE Q 46 -7.26 47.05 -6.62
CA ILE Q 46 -6.95 48.41 -6.19
C ILE Q 46 -5.97 49.06 -7.15
N GLU Q 47 -5.05 48.28 -7.71
CA GLU Q 47 -4.18 48.81 -8.75
C GLU Q 47 -4.96 49.11 -10.03
N ILE Q 48 -5.64 48.10 -10.57
CA ILE Q 48 -6.41 48.28 -11.80
C ILE Q 48 -7.44 49.39 -11.63
N LEU Q 49 -8.19 49.34 -10.52
CA LEU Q 49 -9.29 50.27 -10.34
C LEU Q 49 -8.84 51.70 -10.09
N ASN Q 50 -7.56 51.92 -9.82
CA ASN Q 50 -7.04 53.28 -9.67
C ASN Q 50 -6.38 53.78 -10.95
N LYS Q 51 -5.40 53.05 -11.47
CA LYS Q 51 -4.72 53.49 -12.69
C LYS Q 51 -5.63 53.37 -13.91
N GLY Q 52 -6.67 52.52 -13.83
CA GLY Q 52 -7.52 52.28 -14.99
C GLY Q 52 -8.47 53.41 -15.30
N ARG Q 53 -8.76 54.28 -14.33
CA ARG Q 53 -9.63 55.43 -14.55
C ARG Q 53 -8.86 56.68 -14.94
N GLU Q 54 -7.54 56.67 -14.86
CA GLU Q 54 -6.73 57.81 -15.27
C GLU Q 54 -6.39 57.71 -16.76
N MET R 1 0.21 -8.56 -40.16
CA MET R 1 1.22 -7.48 -39.94
C MET R 1 2.54 -7.88 -40.61
N MET R 2 3.04 -9.06 -40.25
CA MET R 2 4.30 -9.54 -40.81
C MET R 2 4.23 -9.73 -42.33
N GLU R 3 3.05 -10.10 -42.86
CA GLU R 3 2.96 -10.32 -44.30
C GLU R 3 3.23 -9.04 -45.08
N ALA R 4 2.81 -7.89 -44.55
CA ALA R 4 3.15 -6.62 -45.19
C ALA R 4 4.65 -6.39 -45.22
N MET R 5 5.33 -6.73 -44.11
CA MET R 5 6.78 -6.58 -44.07
C MET R 5 7.46 -7.52 -45.07
N VAL R 6 6.95 -8.74 -45.21
CA VAL R 6 7.59 -9.73 -46.07
C VAL R 6 7.61 -9.24 -47.52
N LYS R 7 6.45 -8.81 -48.02
CA LYS R 7 6.41 -8.25 -49.37
C LYS R 7 7.15 -6.91 -49.43
N TYR R 8 7.01 -6.10 -48.38
CA TYR R 8 7.72 -4.82 -48.34
C TYR R 8 9.23 -5.03 -48.45
N LEU R 9 9.76 -6.00 -47.69
CA LEU R 9 11.20 -6.28 -47.76
C LEU R 9 11.58 -6.90 -49.10
N ALA R 10 10.77 -7.84 -49.59
CA ALA R 10 11.11 -8.52 -50.84
C ALA R 10 11.25 -7.53 -51.99
N GLU R 11 10.34 -6.57 -52.09
CA GLU R 11 10.40 -5.58 -53.17
C GLU R 11 11.59 -4.65 -52.98
N LYS R 12 11.77 -4.12 -51.77
CA LYS R 12 12.79 -3.10 -51.53
C LYS R 12 14.19 -3.67 -51.52
N ALA R 13 14.35 -4.98 -51.32
CA ALA R 13 15.66 -5.62 -51.32
C ALA R 13 15.87 -6.58 -52.48
N GLY R 14 14.82 -6.92 -53.22
CA GLY R 14 14.94 -7.83 -54.35
C GLY R 14 15.04 -9.30 -54.00
N ILE R 15 14.92 -9.65 -52.73
CA ILE R 15 15.03 -11.03 -52.31
C ILE R 15 13.70 -11.75 -52.54
N SER R 16 13.75 -13.09 -52.48
CA SER R 16 12.56 -13.91 -52.70
C SER R 16 11.64 -13.83 -51.49
N GLU R 17 10.40 -14.33 -51.68
CA GLU R 17 9.44 -14.33 -50.58
C GLU R 17 9.93 -15.18 -49.41
N VAL R 18 10.47 -16.36 -49.70
CA VAL R 18 10.90 -17.25 -48.61
C VAL R 18 12.12 -16.67 -47.90
N GLU R 19 13.02 -16.01 -48.64
CA GLU R 19 14.16 -15.36 -48.01
C GLU R 19 13.71 -14.16 -47.18
N ALA R 20 12.75 -13.39 -47.69
CA ALA R 20 12.20 -12.28 -46.91
C ALA R 20 11.48 -12.80 -45.67
N ALA R 21 10.75 -13.90 -45.80
CA ALA R 21 10.05 -14.46 -44.65
C ALA R 21 11.02 -14.87 -43.56
N GLU R 22 12.15 -15.47 -43.93
CA GLU R 22 13.14 -15.87 -42.95
C GLU R 22 13.70 -14.65 -42.21
N ILE R 23 14.06 -13.60 -42.95
CA ILE R 23 14.66 -12.43 -42.33
C ILE R 23 13.64 -11.72 -41.43
N VAL R 24 12.39 -11.63 -41.88
CA VAL R 24 11.36 -10.96 -41.07
C VAL R 24 11.12 -11.73 -39.78
N LEU R 25 11.18 -13.05 -39.84
CA LEU R 25 11.02 -13.85 -38.61
C LEU R 25 12.17 -13.60 -37.65
N LYS R 26 13.39 -13.44 -38.18
CA LYS R 26 14.53 -13.06 -37.34
C LYS R 26 14.27 -11.73 -36.65
N ALA R 27 13.77 -10.73 -37.39
CA ALA R 27 13.51 -9.43 -36.81
C ALA R 27 12.44 -9.50 -35.73
N VAL R 28 11.36 -10.25 -35.98
CA VAL R 28 10.28 -10.34 -35.01
C VAL R 28 10.77 -11.01 -33.72
N LYS R 29 11.62 -12.03 -33.86
CA LYS R 29 12.13 -12.74 -32.68
C LYS R 29 13.01 -11.83 -31.83
N ILE R 30 13.96 -11.13 -32.45
CA ILE R 30 14.85 -10.24 -31.70
C ILE R 30 14.07 -9.10 -31.08
N SER R 31 13.08 -8.57 -31.79
CA SER R 31 12.29 -7.45 -31.31
C SER R 31 11.46 -7.77 -30.08
N GLY R 32 11.30 -9.05 -29.74
CA GLY R 32 10.40 -9.44 -28.67
C GLY R 32 8.95 -9.38 -29.05
N GLY R 33 8.65 -9.44 -30.35
CA GLY R 33 7.29 -9.37 -30.83
C GLY R 33 6.74 -7.97 -30.98
N ASP R 34 7.49 -6.94 -30.62
CA ASP R 34 7.02 -5.57 -30.79
C ASP R 34 6.85 -5.23 -32.26
N VAL R 35 5.69 -4.65 -32.60
CA VAL R 35 5.42 -4.30 -33.99
C VAL R 35 6.31 -3.16 -34.44
N VAL R 36 6.40 -2.10 -33.63
CA VAL R 36 7.15 -0.91 -34.04
C VAL R 36 8.64 -1.24 -34.18
N LYS R 37 9.20 -1.99 -33.22
CA LYS R 37 10.61 -2.34 -33.29
C LYS R 37 10.90 -3.21 -34.51
N SER R 38 9.98 -4.11 -34.85
CA SER R 38 10.17 -4.96 -36.02
C SER R 38 10.26 -4.14 -37.29
N ILE R 39 9.44 -3.10 -37.41
CA ILE R 39 9.46 -2.27 -38.61
C ILE R 39 10.74 -1.45 -38.66
N GLU R 40 11.16 -0.90 -37.52
CA GLU R 40 12.44 -0.21 -37.46
C GLU R 40 13.58 -1.13 -37.87
N LEU R 41 13.56 -2.37 -37.34
CA LEU R 41 14.65 -3.30 -37.62
C LEU R 41 14.63 -3.77 -39.07
N VAL R 42 13.44 -4.01 -39.62
CA VAL R 42 13.35 -4.41 -41.03
C VAL R 42 13.82 -3.27 -41.93
N ASP R 43 13.54 -2.02 -41.56
CA ASP R 43 14.07 -0.90 -42.33
C ASP R 43 15.58 -0.89 -42.30
N LEU R 44 16.18 -1.17 -41.14
CA LEU R 44 17.64 -1.21 -41.04
C LEU R 44 18.22 -2.30 -41.93
N PHE R 45 17.54 -3.44 -42.03
CA PHE R 45 18.01 -4.50 -42.91
C PHE R 45 18.06 -4.02 -44.36
N ILE R 46 17.07 -3.23 -44.77
CA ILE R 46 17.04 -2.73 -46.15
C ILE R 46 18.25 -1.85 -46.42
N GLU R 47 18.72 -1.12 -45.41
CA GLU R 47 19.97 -0.37 -45.56
C GLU R 47 21.16 -1.31 -45.65
N ILE R 48 21.34 -2.17 -44.64
CA ILE R 48 22.47 -3.08 -44.62
C ILE R 48 22.45 -3.98 -45.85
N LEU R 49 21.27 -4.52 -46.19
CA LEU R 49 21.18 -5.50 -47.26
C LEU R 49 21.43 -4.89 -48.64
N ASN R 50 21.40 -3.56 -48.76
CA ASN R 50 21.70 -2.89 -50.03
C ASN R 50 23.16 -2.46 -50.10
N LYS R 51 23.60 -1.62 -49.15
CA LYS R 51 25.00 -1.18 -49.16
C LYS R 51 25.95 -2.32 -48.79
N GLY R 52 25.44 -3.40 -48.21
CA GLY R 52 26.29 -4.52 -47.88
C GLY R 52 26.73 -5.33 -49.08
N ARG R 53 26.00 -5.26 -50.19
CA ARG R 53 26.41 -5.89 -51.44
C ARG R 53 27.02 -4.91 -52.43
N GLU R 54 26.78 -3.62 -52.26
CA GLU R 54 27.44 -2.59 -53.06
C GLU R 54 28.63 -2.02 -52.31
N MET S 1 26.29 30.78 3.70
CA MET S 1 26.50 30.84 2.23
C MET S 1 26.26 32.25 1.71
N MET S 2 25.22 32.90 2.23
CA MET S 2 24.85 34.22 1.74
C MET S 2 25.94 35.26 1.98
N GLU S 3 26.71 35.13 3.06
CA GLU S 3 27.79 36.08 3.30
C GLU S 3 28.85 36.00 2.20
N ALA S 4 29.16 34.78 1.74
CA ALA S 4 30.07 34.63 0.62
C ALA S 4 29.46 35.22 -0.66
N MET S 5 28.16 35.01 -0.86
CA MET S 5 27.51 35.56 -2.04
C MET S 5 27.52 37.08 -2.02
N VAL S 6 27.35 37.69 -0.84
CA VAL S 6 27.30 39.15 -0.77
C VAL S 6 28.64 39.74 -1.18
N LYS S 7 29.74 39.26 -0.60
CA LYS S 7 31.06 39.77 -0.97
C LYS S 7 31.39 39.43 -2.42
N TYR S 8 31.06 38.22 -2.85
CA TYR S 8 31.31 37.82 -4.22
C TYR S 8 30.64 38.76 -5.20
N LEU S 9 29.36 39.05 -4.98
CA LEU S 9 28.62 39.95 -5.88
C LEU S 9 29.16 41.37 -5.79
N ALA S 10 29.45 41.85 -4.58
CA ALA S 10 29.95 43.21 -4.43
C ALA S 10 31.27 43.38 -5.18
N GLU S 11 32.16 42.40 -5.10
CA GLU S 11 33.44 42.48 -5.81
C GLU S 11 33.23 42.37 -7.32
N LYS S 12 32.46 41.38 -7.76
CA LYS S 12 32.32 41.13 -9.19
C LYS S 12 31.40 42.12 -9.89
N ALA S 13 30.58 42.87 -9.16
CA ALA S 13 29.72 43.88 -9.75
C ALA S 13 30.06 45.30 -9.32
N GLY S 14 30.92 45.46 -8.31
CA GLY S 14 31.31 46.79 -7.87
C GLY S 14 30.31 47.51 -7.01
N ILE S 15 29.15 46.91 -6.72
CA ILE S 15 28.14 47.57 -5.91
C ILE S 15 28.55 47.53 -4.44
N SER S 16 27.89 48.36 -3.64
CA SER S 16 28.10 48.37 -2.21
C SER S 16 27.54 47.10 -1.59
N GLU S 17 28.07 46.74 -0.42
CA GLU S 17 27.66 45.49 0.22
C GLU S 17 26.21 45.55 0.70
N VAL S 18 25.71 46.73 1.05
CA VAL S 18 24.31 46.83 1.44
C VAL S 18 23.39 46.61 0.25
N GLU S 19 23.78 47.10 -0.94
CA GLU S 19 23.02 46.81 -2.15
C GLU S 19 23.17 45.35 -2.55
N ALA S 20 24.38 44.81 -2.41
CA ALA S 20 24.59 43.40 -2.70
C ALA S 20 23.76 42.53 -1.76
N ALA S 21 23.63 42.94 -0.49
CA ALA S 21 22.79 42.19 0.43
C ALA S 21 21.34 42.18 -0.02
N GLU S 22 20.84 43.32 -0.50
CA GLU S 22 19.47 43.38 -0.99
C GLU S 22 19.27 42.46 -2.19
N ILE S 23 20.20 42.51 -3.16
CA ILE S 23 20.05 41.68 -4.35
C ILE S 23 20.18 40.21 -4.01
N VAL S 24 21.08 39.86 -3.09
CA VAL S 24 21.23 38.47 -2.70
C VAL S 24 19.99 37.98 -1.95
N LEU S 25 19.38 38.84 -1.15
CA LEU S 25 18.14 38.46 -0.47
C LEU S 25 17.02 38.24 -1.48
N LYS S 26 16.95 39.09 -2.51
CA LYS S 26 15.99 38.87 -3.59
C LYS S 26 16.21 37.52 -4.25
N ALA S 27 17.47 37.19 -4.57
CA ALA S 27 17.77 35.92 -5.21
C ALA S 27 17.38 34.75 -4.31
N VAL S 28 17.71 34.84 -3.02
CA VAL S 28 17.41 33.74 -2.11
C VAL S 28 15.91 33.55 -1.96
N LYS S 29 15.17 34.66 -1.86
CA LYS S 29 13.72 34.57 -1.72
C LYS S 29 13.09 33.94 -2.97
N ILE S 30 13.47 34.42 -4.15
CA ILE S 30 12.85 33.90 -5.38
C ILE S 30 13.29 32.47 -5.65
N SER S 31 14.49 32.09 -5.21
CA SER S 31 14.99 30.73 -5.43
C SER S 31 14.31 29.68 -4.58
N GLY S 32 13.47 30.09 -3.62
CA GLY S 32 12.88 29.13 -2.71
C GLY S 32 13.83 28.62 -1.64
N GLY S 33 14.91 29.36 -1.38
CA GLY S 33 15.87 28.97 -0.39
C GLY S 33 16.91 27.96 -0.85
N ASP S 34 16.84 27.51 -2.09
CA ASP S 34 17.83 26.57 -2.61
C ASP S 34 19.18 27.25 -2.75
N VAL S 35 20.24 26.55 -2.33
CA VAL S 35 21.57 27.13 -2.38
C VAL S 35 22.08 27.21 -3.82
N VAL S 36 21.96 26.11 -4.56
CA VAL S 36 22.51 26.07 -5.92
C VAL S 36 21.80 27.07 -6.82
N LYS S 37 20.47 27.09 -6.77
CA LYS S 37 19.72 28.04 -7.59
C LYS S 37 20.08 29.47 -7.25
N SER S 38 20.32 29.75 -5.96
CA SER S 38 20.71 31.10 -5.57
C SER S 38 22.05 31.49 -6.19
N ILE S 39 22.99 30.55 -6.25
CA ILE S 39 24.30 30.86 -6.82
C ILE S 39 24.19 31.07 -8.33
N GLU S 40 23.42 30.21 -9.01
CA GLU S 40 23.19 30.40 -10.43
C GLU S 40 22.54 31.76 -10.70
N LEU S 41 21.57 32.14 -9.89
CA LEU S 41 20.86 33.39 -10.10
C LEU S 41 21.76 34.58 -9.80
N VAL S 42 22.65 34.46 -8.81
CA VAL S 42 23.60 35.54 -8.55
C VAL S 42 24.60 35.67 -9.69
N ASP S 43 25.01 34.55 -10.30
CA ASP S 43 25.88 34.65 -11.48
C ASP S 43 25.15 35.34 -12.64
N LEU S 44 23.88 34.99 -12.86
CA LEU S 44 23.10 35.67 -13.88
C LEU S 44 22.97 37.15 -13.56
N PHE S 45 22.82 37.49 -12.28
CA PHE S 45 22.78 38.90 -11.89
C PHE S 45 24.10 39.59 -12.19
N ILE S 46 25.22 38.89 -11.97
CA ILE S 46 26.52 39.48 -12.29
C ILE S 46 26.64 39.74 -13.78
N GLU S 47 26.09 38.85 -14.62
CA GLU S 47 26.09 39.07 -16.06
C GLU S 47 25.24 40.28 -16.42
N ILE S 48 23.99 40.31 -15.94
CA ILE S 48 23.05 41.35 -16.29
C ILE S 48 23.53 42.71 -15.79
N LEU S 49 23.97 42.78 -14.54
CA LEU S 49 24.31 44.04 -13.90
C LEU S 49 25.57 44.65 -14.48
N ASN S 50 26.30 43.90 -15.31
CA ASN S 50 27.44 44.43 -16.05
C ASN S 50 27.05 44.82 -17.46
N LYS S 51 26.42 43.91 -18.21
CA LYS S 51 26.14 44.21 -19.61
C LYS S 51 25.00 45.21 -19.77
N GLY S 52 24.15 45.41 -18.75
CA GLY S 52 23.08 46.38 -18.86
C GLY S 52 23.51 47.81 -18.67
N ARG S 53 24.63 48.04 -17.99
CA ARG S 53 25.17 49.38 -17.84
C ARG S 53 26.18 49.73 -18.92
N GLU S 54 26.74 48.72 -19.59
CA GLU S 54 27.58 48.94 -20.76
C GLU S 54 26.71 48.91 -22.01
N MET T 1 34.03 6.10 -21.31
CA MET T 1 33.92 7.57 -21.20
C MET T 1 35.21 8.17 -20.63
N MET T 2 35.79 7.48 -19.66
CA MET T 2 36.97 8.00 -18.98
C MET T 2 38.15 8.17 -19.93
N GLU T 3 38.30 7.29 -20.93
CA GLU T 3 39.41 7.44 -21.86
C GLU T 3 39.30 8.74 -22.64
N ALA T 4 38.08 9.11 -23.04
CA ALA T 4 37.89 10.40 -23.70
C ALA T 4 38.19 11.54 -22.75
N MET T 5 37.80 11.41 -21.48
CA MET T 5 38.09 12.44 -20.49
C MET T 5 39.59 12.59 -20.28
N VAL T 6 40.33 11.47 -20.29
CA VAL T 6 41.77 11.54 -20.02
C VAL T 6 42.48 12.33 -21.12
N LYS T 7 42.23 11.98 -22.38
CA LYS T 7 42.86 12.70 -23.48
C LYS T 7 42.37 14.15 -23.53
N TYR T 8 41.08 14.35 -23.32
CA TYR T 8 40.52 15.69 -23.31
C TYR T 8 41.22 16.58 -22.29
N LEU T 9 41.38 16.09 -21.06
CA LEU T 9 42.04 16.86 -20.02
C LEU T 9 43.52 17.06 -20.32
N ALA T 10 44.20 16.00 -20.78
CA ALA T 10 45.62 16.12 -21.10
C ALA T 10 45.85 17.19 -22.17
N GLU T 11 45.01 17.23 -23.19
CA GLU T 11 45.14 18.24 -24.23
C GLU T 11 44.82 19.63 -23.70
N LYS T 12 43.69 19.77 -22.99
CA LYS T 12 43.24 21.08 -22.57
C LYS T 12 44.02 21.64 -21.40
N ALA T 13 44.79 20.82 -20.68
CA ALA T 13 45.59 21.29 -19.57
C ALA T 13 47.10 21.10 -19.78
N GLY T 14 47.50 20.33 -20.78
CA GLY T 14 48.92 20.11 -21.05
C GLY T 14 49.59 19.11 -20.15
N ILE T 15 48.87 18.51 -19.21
CA ILE T 15 49.49 17.53 -18.31
C ILE T 15 49.69 16.21 -19.03
N SER T 16 50.55 15.37 -18.45
CA SER T 16 50.78 14.04 -18.98
C SER T 16 49.53 13.18 -18.79
N GLU T 17 49.41 12.15 -19.64
CA GLU T 17 48.22 11.32 -19.58
C GLU T 17 48.15 10.48 -18.30
N VAL T 18 49.28 10.16 -17.68
CA VAL T 18 49.24 9.46 -16.41
C VAL T 18 48.74 10.37 -15.29
N GLU T 19 49.11 11.65 -15.33
CA GLU T 19 48.55 12.61 -14.37
C GLU T 19 47.08 12.89 -14.67
N ALA T 20 46.73 12.99 -15.95
CA ALA T 20 45.34 13.15 -16.32
C ALA T 20 44.51 11.96 -15.87
N ALA T 21 45.06 10.75 -15.98
CA ALA T 21 44.35 9.57 -15.51
C ALA T 21 44.09 9.65 -14.01
N GLU T 22 45.08 10.10 -13.24
CA GLU T 22 44.90 10.25 -11.80
C GLU T 22 43.81 11.26 -11.47
N ILE T 23 43.84 12.42 -12.14
CA ILE T 23 42.85 13.45 -11.84
C ILE T 23 41.45 12.99 -12.26
N VAL T 24 41.35 12.30 -13.40
CA VAL T 24 40.05 11.81 -13.86
C VAL T 24 39.52 10.74 -12.91
N LEU T 25 40.41 9.88 -12.38
CA LEU T 25 39.97 8.90 -11.39
C LEU T 25 39.49 9.57 -10.13
N LYS T 26 40.17 10.64 -9.69
CA LYS T 26 39.69 11.42 -8.54
C LYS T 26 38.30 11.96 -8.81
N ALA T 27 38.09 12.55 -9.99
CA ALA T 27 36.79 13.12 -10.33
C ALA T 27 35.71 12.05 -10.35
N VAL T 28 36.01 10.89 -10.95
CA VAL T 28 35.01 9.82 -11.03
C VAL T 28 34.68 9.30 -9.64
N LYS T 29 35.70 9.13 -8.79
CA LYS T 29 35.47 8.63 -7.44
C LYS T 29 34.60 9.59 -6.63
N ILE T 30 34.92 10.89 -6.67
CA ILE T 30 34.17 11.85 -5.87
C ILE T 30 32.78 12.08 -6.45
N SER T 31 32.61 11.92 -7.76
CA SER T 31 31.30 12.11 -8.40
C SER T 31 30.30 11.01 -8.09
N GLY T 32 30.74 9.93 -7.46
CA GLY T 32 29.86 8.79 -7.24
C GLY T 32 29.64 7.94 -8.47
N GLY T 33 30.51 8.03 -9.47
CA GLY T 33 30.38 7.26 -10.68
C GLY T 33 29.47 7.86 -11.73
N ASP T 34 28.82 8.99 -11.44
CA ASP T 34 27.96 9.63 -12.42
C ASP T 34 28.78 10.18 -13.58
N VAL T 35 28.33 9.91 -14.80
CA VAL T 35 29.06 10.36 -15.99
C VAL T 35 28.96 11.88 -16.13
N VAL T 36 27.75 12.43 -15.99
CA VAL T 36 27.56 13.86 -16.22
C VAL T 36 28.33 14.67 -15.19
N LYS T 37 28.20 14.32 -13.91
CA LYS T 37 28.91 15.05 -12.87
C LYS T 37 30.42 14.95 -13.07
N SER T 38 30.89 13.80 -13.53
CA SER T 38 32.32 13.65 -13.80
C SER T 38 32.78 14.60 -14.88
N ILE T 39 31.98 14.78 -15.94
CA ILE T 39 32.36 15.68 -17.02
C ILE T 39 32.32 17.12 -16.54
N GLU T 40 31.29 17.50 -15.78
CA GLU T 40 31.25 18.84 -15.22
C GLU T 40 32.47 19.11 -14.33
N LEU T 41 32.84 18.13 -13.51
CA LEU T 41 33.95 18.31 -12.58
C LEU T 41 35.28 18.39 -13.32
N VAL T 42 35.46 17.56 -14.36
CA VAL T 42 36.67 17.65 -15.17
C VAL T 42 36.73 18.99 -15.90
N ASP T 43 35.58 19.52 -16.32
CA ASP T 43 35.56 20.86 -16.91
C ASP T 43 35.99 21.90 -15.88
N LEU T 44 35.53 21.76 -14.63
CA LEU T 44 35.94 22.69 -13.60
C LEU T 44 37.45 22.61 -13.33
N PHE T 45 38.02 21.41 -13.36
CA PHE T 45 39.45 21.27 -13.15
C PHE T 45 40.23 21.99 -14.24
N ILE T 46 39.76 21.95 -15.48
CA ILE T 46 40.45 22.62 -16.57
C ILE T 46 40.52 24.12 -16.32
N GLU T 47 39.50 24.69 -15.67
CA GLU T 47 39.56 26.08 -15.26
C GLU T 47 40.59 26.28 -14.15
N ILE T 48 40.44 25.55 -13.05
CA ILE T 48 41.35 25.70 -11.92
C ILE T 48 42.78 25.42 -12.34
N LEU T 49 42.97 24.33 -13.10
CA LEU T 49 44.32 23.90 -13.46
C LEU T 49 45.01 24.86 -14.42
N ASN T 50 44.28 25.77 -15.04
CA ASN T 50 44.89 26.78 -15.91
C ASN T 50 45.14 28.09 -15.16
N LYS T 51 44.08 28.71 -14.64
CA LYS T 51 44.25 29.95 -13.89
C LYS T 51 45.00 29.74 -12.59
N GLY T 52 45.05 28.50 -12.09
CA GLY T 52 45.76 28.24 -10.84
C GLY T 52 47.27 28.35 -10.97
N ARG T 53 47.80 28.18 -12.18
CA ARG T 53 49.22 28.39 -12.42
C ARG T 53 49.52 29.77 -12.99
N GLU T 54 48.53 30.44 -13.57
CA GLU T 54 48.69 31.81 -14.03
C GLU T 54 48.17 32.79 -12.97
N MET U 1 -36.37 -3.19 18.47
CA MET U 1 -36.31 -3.99 17.22
C MET U 1 -37.15 -5.26 17.35
N MET U 2 -36.66 -6.17 18.20
CA MET U 2 -37.30 -7.48 18.34
C MET U 2 -38.70 -7.37 18.95
N GLU U 3 -38.92 -6.41 19.85
CA GLU U 3 -40.23 -6.32 20.50
C GLU U 3 -41.33 -6.06 19.49
N ALA U 4 -41.06 -5.22 18.48
CA ALA U 4 -42.04 -5.03 17.42
C ALA U 4 -42.27 -6.32 16.65
N MET U 5 -41.19 -7.07 16.38
CA MET U 5 -41.33 -8.33 15.66
C MET U 5 -42.14 -9.34 16.48
N VAL U 6 -41.98 -9.33 17.80
CA VAL U 6 -42.68 -10.32 18.62
C VAL U 6 -44.19 -10.11 18.55
N LYS U 7 -44.64 -8.88 18.78
CA LYS U 7 -46.07 -8.59 18.70
C LYS U 7 -46.60 -8.80 17.28
N TYR U 8 -45.83 -8.35 16.29
CA TYR U 8 -46.25 -8.52 14.90
C TYR U 8 -46.46 -9.99 14.56
N LEU U 9 -45.49 -10.84 14.91
CA LEU U 9 -45.61 -12.27 14.65
C LEU U 9 -46.76 -12.88 15.44
N ALA U 10 -46.90 -12.52 16.72
CA ALA U 10 -47.98 -13.07 17.52
C ALA U 10 -49.34 -12.74 16.93
N GLU U 11 -49.52 -11.50 16.46
CA GLU U 11 -50.79 -11.09 15.87
C GLU U 11 -51.03 -11.80 14.54
N LYS U 12 -50.03 -11.80 13.66
CA LYS U 12 -50.22 -12.31 12.32
C LYS U 12 -50.20 -13.84 12.25
N ALA U 13 -49.74 -14.53 13.30
CA ALA U 13 -49.77 -15.98 13.35
C ALA U 13 -50.66 -16.53 14.44
N GLY U 14 -51.13 -15.71 15.37
CA GLY U 14 -52.01 -16.15 16.44
C GLY U 14 -51.32 -16.86 17.58
N ILE U 15 -49.99 -17.04 17.52
CA ILE U 15 -49.29 -17.74 18.58
C ILE U 15 -49.17 -16.84 19.82
N SER U 16 -48.81 -17.47 20.93
CA SER U 16 -48.66 -16.75 22.20
C SER U 16 -47.43 -15.86 22.17
N GLU U 17 -47.35 -14.96 23.15
CA GLU U 17 -46.24 -14.01 23.22
C GLU U 17 -44.91 -14.73 23.41
N VAL U 18 -44.87 -15.73 24.30
CA VAL U 18 -43.61 -16.41 24.58
C VAL U 18 -43.18 -17.29 23.41
N GLU U 19 -44.12 -17.92 22.71
CA GLU U 19 -43.77 -18.69 21.52
C GLU U 19 -43.24 -17.78 20.43
N ALA U 20 -43.87 -16.62 20.25
CA ALA U 20 -43.38 -15.64 19.28
C ALA U 20 -41.99 -15.17 19.66
N ALA U 21 -41.75 -14.94 20.95
CA ALA U 21 -40.41 -14.54 21.38
C ALA U 21 -39.38 -15.60 21.04
N GLU U 22 -39.72 -16.87 21.24
CA GLU U 22 -38.79 -17.95 20.91
C GLU U 22 -38.49 -17.98 19.41
N ILE U 23 -39.53 -17.88 18.58
CA ILE U 23 -39.31 -17.94 17.13
C ILE U 23 -38.52 -16.72 16.66
N VAL U 24 -38.79 -15.55 17.24
CA VAL U 24 -38.05 -14.35 16.86
C VAL U 24 -36.60 -14.45 17.30
N LEU U 25 -36.34 -15.05 18.46
CA LEU U 25 -34.96 -15.28 18.87
C LEU U 25 -34.25 -16.23 17.92
N LYS U 26 -34.95 -17.28 17.48
CA LYS U 26 -34.38 -18.17 16.47
C LYS U 26 -34.02 -17.41 15.20
N ALA U 27 -34.94 -16.57 14.73
CA ALA U 27 -34.69 -15.81 13.51
C ALA U 27 -33.51 -14.85 13.67
N VAL U 28 -33.44 -14.16 14.81
CA VAL U 28 -32.34 -13.22 15.03
C VAL U 28 -31.01 -13.97 15.12
N LYS U 29 -31.00 -15.12 15.79
CA LYS U 29 -29.77 -15.90 15.94
C LYS U 29 -29.27 -16.39 14.58
N ILE U 30 -30.19 -16.93 13.75
CA ILE U 30 -29.77 -17.48 12.47
C ILE U 30 -29.43 -16.37 11.47
N SER U 31 -30.04 -15.19 11.63
CA SER U 31 -29.79 -14.07 10.72
C SER U 31 -28.41 -13.44 10.93
N GLY U 32 -27.71 -13.77 12.00
CA GLY U 32 -26.47 -13.10 12.31
C GLY U 32 -26.64 -11.73 12.94
N GLY U 33 -27.81 -11.44 13.49
CA GLY U 33 -28.09 -10.16 14.10
C GLY U 33 -28.51 -9.08 13.13
N ASP U 34 -28.58 -9.35 11.84
CA ASP U 34 -29.01 -8.35 10.87
C ASP U 34 -30.50 -8.05 11.06
N VAL U 35 -30.83 -6.75 11.02
CA VAL U 35 -32.21 -6.34 11.21
C VAL U 35 -33.06 -6.73 10.01
N VAL U 36 -32.55 -6.48 8.81
CA VAL U 36 -33.32 -6.73 7.59
C VAL U 36 -33.61 -8.23 7.44
N LYS U 37 -32.57 -9.05 7.56
CA LYS U 37 -32.76 -10.49 7.39
C LYS U 37 -33.70 -11.05 8.44
N SER U 38 -33.65 -10.52 9.66
CA SER U 38 -34.57 -10.97 10.70
C SER U 38 -36.02 -10.69 10.31
N ILE U 39 -36.29 -9.52 9.74
CA ILE U 39 -37.66 -9.19 9.34
C ILE U 39 -38.08 -10.05 8.16
N GLU U 40 -37.19 -10.26 7.20
CA GLU U 40 -37.50 -11.14 6.08
C GLU U 40 -37.83 -12.55 6.55
N LEU U 41 -37.04 -13.08 7.49
CA LEU U 41 -37.30 -14.41 8.02
C LEU U 41 -38.62 -14.47 8.77
N VAL U 42 -38.89 -13.47 9.60
CA VAL U 42 -40.14 -13.46 10.36
C VAL U 42 -41.33 -13.40 9.41
N ASP U 43 -41.22 -12.66 8.32
CA ASP U 43 -42.26 -12.68 7.29
C ASP U 43 -42.37 -14.07 6.67
N LEU U 44 -41.22 -14.71 6.40
CA LEU U 44 -41.23 -16.05 5.83
C LEU U 44 -41.89 -17.05 6.79
N PHE U 45 -41.65 -16.90 8.09
CA PHE U 45 -42.28 -17.79 9.05
C PHE U 45 -43.79 -17.63 9.06
N ILE U 46 -44.28 -16.40 8.87
CA ILE U 46 -45.72 -16.16 8.87
C ILE U 46 -46.38 -16.91 7.72
N GLU U 47 -45.69 -17.02 6.58
CA GLU U 47 -46.20 -17.84 5.50
C GLU U 47 -46.19 -19.32 5.89
N ILE U 48 -45.02 -19.83 6.29
CA ILE U 48 -44.89 -21.24 6.66
C ILE U 48 -45.84 -21.57 7.80
N LEU U 49 -45.88 -20.71 8.82
CA LEU U 49 -46.63 -21.01 10.03
C LEU U 49 -48.14 -20.95 9.81
N ASN U 50 -48.60 -20.41 8.68
CA ASN U 50 -50.02 -20.39 8.36
C ASN U 50 -50.40 -21.51 7.39
N LYS U 51 -49.76 -21.57 6.23
CA LYS U 51 -50.06 -22.63 5.28
C LYS U 51 -49.59 -23.99 5.78
N GLY U 52 -48.66 -24.02 6.73
CA GLY U 52 -48.19 -25.29 7.26
C GLY U 52 -49.18 -26.01 8.13
N ARG U 53 -50.14 -25.28 8.71
CA ARG U 53 -51.23 -25.88 9.46
C ARG U 53 -52.49 -26.08 8.64
N GLU U 54 -52.64 -25.34 7.54
CA GLU U 54 -53.75 -25.53 6.63
C GLU U 54 -53.35 -26.47 5.49
N MET V 1 18.17 -33.88 -13.89
CA MET V 1 18.65 -32.65 -14.59
C MET V 1 20.12 -32.79 -14.95
N MET V 2 20.97 -32.74 -13.93
CA MET V 2 22.41 -32.73 -14.16
C MET V 2 22.88 -34.04 -14.79
N GLU V 3 22.26 -35.17 -14.44
CA GLU V 3 22.72 -36.46 -14.95
C GLU V 3 22.61 -36.53 -16.47
N ALA V 4 21.53 -35.98 -17.04
CA ALA V 4 21.41 -35.93 -18.49
C ALA V 4 22.50 -35.06 -19.09
N MET V 5 22.80 -33.93 -18.43
CA MET V 5 23.85 -33.05 -18.93
C MET V 5 25.21 -33.74 -18.90
N VAL V 6 25.47 -34.56 -17.86
CA VAL V 6 26.78 -35.18 -17.73
C VAL V 6 27.05 -36.11 -18.90
N LYS V 7 26.11 -37.02 -19.20
CA LYS V 7 26.29 -37.94 -20.32
C LYS V 7 26.30 -37.19 -21.65
N TYR V 8 25.41 -36.22 -21.79
CA TYR V 8 25.37 -35.41 -23.01
C TYR V 8 26.72 -34.77 -23.29
N LEU V 9 27.31 -34.12 -22.29
CA LEU V 9 28.61 -33.49 -22.46
C LEU V 9 29.70 -34.52 -22.71
N ALA V 10 29.69 -35.63 -21.97
CA ALA V 10 30.71 -36.65 -22.18
C ALA V 10 30.68 -37.18 -23.61
N GLU V 11 29.48 -37.43 -24.15
CA GLU V 11 29.37 -37.91 -25.52
C GLU V 11 29.80 -36.84 -26.51
N LYS V 12 29.29 -35.62 -26.36
CA LYS V 12 29.52 -34.57 -27.35
C LYS V 12 30.91 -33.96 -27.27
N ALA V 13 31.65 -34.18 -26.18
CA ALA V 13 33.01 -33.68 -26.05
C ALA V 13 34.07 -34.76 -25.93
N GLY V 14 33.67 -36.02 -25.73
CA GLY V 14 34.61 -37.11 -25.62
C GLY V 14 35.31 -37.23 -24.29
N ILE V 15 34.99 -36.36 -23.32
CA ILE V 15 35.65 -36.42 -22.03
C ILE V 15 35.08 -37.57 -21.20
N SER V 16 35.80 -37.90 -20.12
CA SER V 16 35.37 -38.97 -19.23
C SER V 16 34.15 -38.55 -18.42
N GLU V 17 33.51 -39.54 -17.79
CA GLU V 17 32.32 -39.27 -17.00
C GLU V 17 32.63 -38.36 -15.81
N VAL V 18 33.76 -38.59 -15.14
CA VAL V 18 34.09 -37.80 -13.96
C VAL V 18 34.49 -36.38 -14.34
N GLU V 19 35.18 -36.20 -15.46
CA GLU V 19 35.51 -34.84 -15.92
C GLU V 19 34.25 -34.09 -16.33
N ALA V 20 33.33 -34.78 -17.01
CA ALA V 20 32.07 -34.16 -17.37
C ALA V 20 31.28 -33.76 -16.13
N ALA V 21 31.30 -34.59 -15.10
CA ALA V 21 30.62 -34.25 -13.85
C ALA V 21 31.20 -32.97 -13.26
N GLU V 22 32.52 -32.84 -13.26
CA GLU V 22 33.15 -31.64 -12.72
C GLU V 22 32.75 -30.40 -13.53
N ILE V 23 32.80 -30.49 -14.85
CA ILE V 23 32.47 -29.33 -15.68
C ILE V 23 31.00 -28.97 -15.52
N VAL V 24 30.12 -29.98 -15.42
CA VAL V 24 28.70 -29.70 -15.24
C VAL V 24 28.45 -29.07 -13.87
N LEU V 25 29.18 -29.50 -12.85
CA LEU V 25 29.05 -28.87 -11.54
C LEU V 25 29.49 -27.40 -11.60
N LYS V 26 30.57 -27.12 -12.32
CA LYS V 26 31.00 -25.74 -12.51
C LYS V 26 29.90 -24.92 -13.20
N ALA V 27 29.31 -25.48 -14.25
CA ALA V 27 28.25 -24.78 -14.97
C ALA V 27 27.06 -24.50 -14.06
N VAL V 28 26.64 -25.50 -13.27
CA VAL V 28 25.50 -25.32 -12.39
C VAL V 28 25.81 -24.28 -11.33
N LYS V 29 27.04 -24.29 -10.80
CA LYS V 29 27.42 -23.33 -9.77
C LYS V 29 27.40 -21.90 -10.30
N ILE V 30 27.99 -21.69 -11.49
CA ILE V 30 28.00 -20.34 -12.06
C ILE V 30 26.59 -19.89 -12.43
N SER V 31 25.78 -20.82 -12.96
CA SER V 31 24.45 -20.48 -13.43
C SER V 31 23.50 -20.06 -12.31
N GLY V 32 23.88 -20.26 -11.04
CA GLY V 32 22.97 -19.97 -9.95
C GLY V 32 21.87 -20.99 -9.79
N GLY V 33 22.07 -22.21 -10.27
CA GLY V 33 21.08 -23.26 -10.17
C GLY V 33 20.00 -23.22 -11.22
N ASP V 34 20.02 -22.25 -12.14
CA ASP V 34 19.02 -22.19 -13.19
C ASP V 34 19.24 -23.33 -14.18
N VAL V 35 18.15 -24.01 -14.54
CA VAL V 35 18.24 -25.14 -15.45
C VAL V 35 18.58 -24.68 -16.86
N VAL V 36 17.87 -23.66 -17.35
CA VAL V 36 18.07 -23.21 -18.72
C VAL V 36 19.48 -22.66 -18.91
N LYS V 37 19.93 -21.81 -17.97
CA LYS V 37 21.27 -21.24 -18.08
C LYS V 37 22.33 -22.33 -18.04
N SER V 38 22.12 -23.36 -17.23
CA SER V 38 23.08 -24.46 -17.18
C SER V 38 23.18 -25.16 -18.52
N ILE V 39 22.05 -25.36 -19.19
CA ILE V 39 22.08 -26.04 -20.49
C ILE V 39 22.75 -25.15 -21.54
N GLU V 40 22.42 -23.86 -21.55
CA GLU V 40 23.09 -22.93 -22.46
C GLU V 40 24.60 -22.94 -22.24
N LEU V 41 25.02 -22.91 -20.97
CA LEU V 41 26.45 -22.85 -20.66
C LEU V 41 27.15 -24.15 -21.01
N VAL V 42 26.51 -25.29 -20.78
CA VAL V 42 27.09 -26.57 -21.17
C VAL V 42 27.18 -26.68 -22.69
N ASP V 43 26.21 -26.12 -23.41
CA ASP V 43 26.32 -26.05 -24.86
C ASP V 43 27.51 -25.19 -25.27
N LEU V 44 27.70 -24.05 -24.59
CA LEU V 44 28.86 -23.21 -24.90
C LEU V 44 30.17 -23.94 -24.63
N PHE V 45 30.24 -24.72 -23.55
CA PHE V 45 31.44 -25.49 -23.27
C PHE V 45 31.75 -26.46 -24.39
N ILE V 46 30.71 -27.09 -24.95
CA ILE V 46 30.93 -28.05 -26.04
C ILE V 46 31.56 -27.37 -27.24
N GLU V 47 31.18 -26.13 -27.53
CA GLU V 47 31.84 -25.37 -28.58
C GLU V 47 33.29 -25.09 -28.21
N ILE V 48 33.51 -24.50 -27.04
CA ILE V 48 34.87 -24.15 -26.61
C ILE V 48 35.73 -25.41 -26.51
N LEU V 49 35.19 -26.45 -25.88
CA LEU V 49 35.98 -27.65 -25.60
C LEU V 49 36.32 -28.43 -26.86
N ASN V 50 35.65 -28.16 -27.98
CA ASN V 50 35.97 -28.82 -29.25
C ASN V 50 36.95 -27.99 -30.08
N LYS V 51 36.57 -26.75 -30.41
CA LYS V 51 37.44 -25.91 -31.23
C LYS V 51 38.70 -25.51 -30.47
N GLY V 52 38.65 -25.51 -29.14
CA GLY V 52 39.79 -25.07 -28.36
C GLY V 52 40.97 -26.00 -28.40
N ARG V 53 40.75 -27.27 -28.74
CA ARG V 53 41.84 -28.23 -28.90
C ARG V 53 42.31 -28.36 -30.34
N GLU V 54 41.62 -27.71 -31.29
CA GLU V 54 42.05 -27.72 -32.68
C GLU V 54 42.75 -26.40 -33.02
N MET W 1 -7.04 -30.37 26.68
CA MET W 1 -8.08 -30.26 25.62
C MET W 1 -8.60 -31.64 25.25
N MET W 2 -7.73 -32.43 24.62
CA MET W 2 -8.14 -33.72 24.10
C MET W 2 -8.47 -34.71 25.21
N GLU W 3 -7.81 -34.61 26.36
CA GLU W 3 -8.05 -35.56 27.44
C GLU W 3 -9.49 -35.47 27.94
N ALA W 4 -10.03 -34.25 28.03
CA ALA W 4 -11.42 -34.10 28.42
C ALA W 4 -12.35 -34.72 27.39
N MET W 5 -12.03 -34.56 26.11
CA MET W 5 -12.85 -35.17 25.05
C MET W 5 -12.80 -36.69 25.13
N VAL W 6 -11.64 -37.26 25.44
CA VAL W 6 -11.50 -38.72 25.46
C VAL W 6 -12.39 -39.30 26.54
N LYS W 7 -12.31 -38.78 27.77
CA LYS W 7 -13.20 -39.23 28.82
C LYS W 7 -14.65 -38.89 28.51
N TYR W 8 -14.89 -37.69 27.98
CA TYR W 8 -16.24 -37.29 27.63
C TYR W 8 -16.84 -38.24 26.59
N LEU W 9 -16.06 -38.58 25.55
CA LEU W 9 -16.57 -39.49 24.53
C LEU W 9 -16.72 -40.90 25.07
N ALA W 10 -15.73 -41.37 25.85
CA ALA W 10 -15.78 -42.73 26.36
C ALA W 10 -17.02 -42.97 27.21
N GLU W 11 -17.34 -42.01 28.08
CA GLU W 11 -18.52 -42.17 28.95
C GLU W 11 -19.80 -42.12 28.13
N LYS W 12 -19.93 -41.15 27.24
CA LYS W 12 -21.18 -40.95 26.51
C LYS W 12 -21.43 -41.99 25.43
N ALA W 13 -20.38 -42.63 24.92
CA ALA W 13 -20.53 -43.68 23.91
C ALA W 13 -20.30 -45.08 24.46
N GLY W 14 -19.76 -45.22 25.67
CA GLY W 14 -19.51 -46.52 26.24
C GLY W 14 -18.30 -47.25 25.69
N ILE W 15 -17.54 -46.61 24.81
CA ILE W 15 -16.36 -47.26 24.23
C ILE W 15 -15.20 -47.21 25.23
N SER W 16 -14.17 -48.01 24.93
CA SER W 16 -13.00 -48.07 25.79
C SER W 16 -12.17 -46.80 25.69
N GLU W 17 -11.25 -46.64 26.64
CA GLU W 17 -10.41 -45.44 26.67
C GLU W 17 -9.53 -45.36 25.41
N VAL W 18 -8.95 -46.49 24.99
CA VAL W 18 -8.07 -46.46 23.83
C VAL W 18 -8.88 -46.24 22.55
N GLU W 19 -10.08 -46.82 22.47
CA GLU W 19 -10.92 -46.58 21.30
C GLU W 19 -11.37 -45.13 21.23
N ALA W 20 -11.70 -44.53 22.38
CA ALA W 20 -12.05 -43.12 22.41
C ALA W 20 -10.86 -42.26 21.98
N ALA W 21 -9.66 -42.62 22.44
CA ALA W 21 -8.47 -41.87 22.06
C ALA W 21 -8.26 -41.90 20.56
N GLU W 22 -8.47 -43.05 19.93
CA GLU W 22 -8.32 -43.15 18.48
C GLU W 22 -9.31 -42.26 17.75
N ILE W 23 -10.57 -42.28 18.17
CA ILE W 23 -11.60 -41.51 17.48
C ILE W 23 -11.36 -40.02 17.67
N VAL W 24 -10.95 -39.61 18.87
CA VAL W 24 -10.68 -38.19 19.11
C VAL W 24 -9.52 -37.72 18.27
N LEU W 25 -8.51 -38.56 18.05
CA LEU W 25 -7.40 -38.18 17.18
C LEU W 25 -7.86 -38.01 15.74
N LYS W 26 -8.79 -38.85 15.29
CA LYS W 26 -9.38 -38.67 13.98
C LYS W 26 -10.10 -37.32 13.87
N ALA W 27 -10.86 -36.95 14.91
CA ALA W 27 -11.58 -35.68 14.89
C ALA W 27 -10.62 -34.50 14.85
N VAL W 28 -9.56 -34.54 15.67
CA VAL W 28 -8.62 -33.43 15.71
C VAL W 28 -7.92 -33.27 14.38
N LYS W 29 -7.59 -34.39 13.73
CA LYS W 29 -6.88 -34.34 12.45
C LYS W 29 -7.74 -33.70 11.36
N ILE W 30 -9.01 -34.14 11.25
CA ILE W 30 -9.89 -33.60 10.23
C ILE W 30 -10.21 -32.13 10.51
N SER W 31 -10.35 -31.78 11.79
CA SER W 31 -10.71 -30.42 12.15
C SER W 31 -9.64 -29.40 11.82
N GLY W 32 -8.43 -29.84 11.49
CA GLY W 32 -7.33 -28.92 11.30
C GLY W 32 -6.76 -28.40 12.59
N GLY W 33 -6.95 -29.11 13.69
CA GLY W 33 -6.49 -28.69 14.99
C GLY W 33 -7.37 -27.69 15.70
N ASP W 34 -8.46 -27.25 15.09
CA ASP W 34 -9.38 -26.31 15.73
C ASP W 34 -10.05 -26.96 16.93
N VAL W 35 -10.08 -26.24 18.04
CA VAL W 35 -10.68 -26.77 19.26
C VAL W 35 -12.20 -26.86 19.11
N VAL W 36 -12.82 -25.81 18.57
CA VAL W 36 -14.28 -25.77 18.49
C VAL W 36 -14.79 -26.86 17.55
N LYS W 37 -14.21 -26.96 16.36
CA LYS W 37 -14.66 -27.97 15.40
C LYS W 37 -14.48 -29.37 15.97
N SER W 38 -13.40 -29.61 16.72
CA SER W 38 -13.19 -30.91 17.31
C SER W 38 -14.31 -31.28 18.28
N ILE W 39 -14.78 -30.31 19.07
CA ILE W 39 -15.84 -30.58 20.03
C ILE W 39 -17.16 -30.79 19.30
N GLU W 40 -17.45 -29.95 18.30
CA GLU W 40 -18.63 -30.18 17.47
C GLU W 40 -18.57 -31.55 16.81
N LEU W 41 -17.40 -31.89 16.27
CA LEU W 41 -17.26 -33.16 15.57
C LEU W 41 -17.36 -34.35 16.52
N VAL W 42 -16.79 -34.23 17.71
CA VAL W 42 -16.90 -35.31 18.69
C VAL W 42 -18.33 -35.48 19.16
N ASP W 43 -19.07 -34.39 19.30
CA ASP W 43 -20.50 -34.49 19.62
C ASP W 43 -21.24 -35.20 18.50
N LEU W 44 -20.89 -34.90 17.25
CA LEU W 44 -21.53 -35.56 16.12
C LEU W 44 -21.28 -37.06 16.14
N PHE W 45 -20.08 -37.48 16.56
CA PHE W 45 -19.79 -38.90 16.66
C PHE W 45 -20.67 -39.58 17.70
N ILE W 46 -20.93 -38.89 18.82
CA ILE W 46 -21.75 -39.47 19.87
C ILE W 46 -23.16 -39.76 19.36
N GLU W 47 -23.68 -38.92 18.47
CA GLU W 47 -24.95 -39.21 17.83
C GLU W 47 -24.84 -40.42 16.91
N ILE W 48 -23.91 -40.37 15.96
CA ILE W 48 -23.75 -41.47 15.01
C ILE W 48 -23.42 -42.76 15.75
N LEU W 49 -22.52 -42.68 16.72
CA LEU W 49 -22.03 -43.88 17.40
C LEU W 49 -23.09 -44.52 18.29
N ASN W 50 -24.20 -43.83 18.56
CA ASN W 50 -25.29 -44.40 19.35
C ASN W 50 -26.42 -44.91 18.46
N LYS W 51 -26.99 -44.04 17.63
CA LYS W 51 -28.05 -44.48 16.72
C LYS W 51 -27.54 -45.43 15.65
N GLY W 52 -26.24 -45.44 15.40
CA GLY W 52 -25.67 -46.36 14.42
C GLY W 52 -25.70 -47.80 14.85
N ARG W 53 -25.76 -48.06 16.15
CA ARG W 53 -25.90 -49.42 16.67
C ARG W 53 -27.34 -49.75 17.06
N GLU W 54 -28.14 -48.74 17.41
CA GLU W 54 -29.56 -48.94 17.66
C GLU W 54 -30.35 -48.70 16.38
N MET X 1 31.63 -11.26 22.88
CA MET X 1 30.74 -11.55 24.04
C MET X 1 30.98 -12.96 24.56
N MET X 2 31.14 -13.90 23.64
CA MET X 2 31.28 -15.31 24.02
C MET X 2 32.51 -15.54 24.90
N GLU X 3 33.60 -14.83 24.63
CA GLU X 3 34.80 -15.02 25.43
C GLU X 3 34.56 -14.64 26.89
N ALA X 4 33.78 -13.58 27.12
CA ALA X 4 33.42 -13.22 28.49
C ALA X 4 32.55 -14.31 29.12
N MET X 5 31.61 -14.86 28.36
CA MET X 5 30.77 -15.93 28.89
C MET X 5 31.60 -17.17 29.22
N VAL X 6 32.57 -17.50 28.37
CA VAL X 6 33.35 -18.72 28.58
C VAL X 6 34.10 -18.65 29.89
N LYS X 7 34.78 -17.54 30.17
CA LYS X 7 35.46 -17.39 31.45
C LYS X 7 34.44 -17.18 32.57
N TYR X 8 33.37 -16.46 32.30
CA TYR X 8 32.33 -16.26 33.31
C TYR X 8 31.75 -17.61 33.74
N LEU X 9 31.44 -18.48 32.78
CA LEU X 9 30.89 -19.79 33.12
C LEU X 9 31.94 -20.67 33.80
N ALA X 10 33.18 -20.66 33.29
CA ALA X 10 34.22 -21.51 33.86
C ALA X 10 34.43 -21.22 35.34
N GLU X 11 34.48 -19.95 35.72
CA GLU X 11 34.69 -19.60 37.12
C GLU X 11 33.48 -19.97 37.97
N LYS X 12 32.28 -19.62 37.52
CA LYS X 12 31.08 -19.80 38.32
C LYS X 12 30.63 -21.25 38.39
N ALA X 13 31.11 -22.11 37.49
CA ALA X 13 30.77 -23.53 37.52
C ALA X 13 31.96 -24.43 37.76
N GLY X 14 33.19 -23.90 37.73
CA GLY X 14 34.38 -24.68 38.01
C GLY X 14 34.84 -25.58 36.88
N ILE X 15 34.19 -25.54 35.72
CA ILE X 15 34.54 -26.39 34.59
C ILE X 15 35.75 -25.79 33.86
N SER X 16 36.37 -26.59 32.99
CA SER X 16 37.52 -26.14 32.24
C SER X 16 37.11 -25.17 31.13
N GLU X 17 38.13 -24.52 30.54
CA GLU X 17 37.85 -23.57 29.47
C GLU X 17 37.24 -24.26 28.25
N VAL X 18 37.76 -25.42 27.87
CA VAL X 18 37.24 -26.10 26.70
C VAL X 18 35.83 -26.64 26.94
N GLU X 19 35.55 -27.13 28.15
CA GLU X 19 34.20 -27.56 28.48
C GLU X 19 33.25 -26.37 28.53
N ALA X 20 33.72 -25.24 29.06
CA ALA X 20 32.91 -24.02 29.04
C ALA X 20 32.65 -23.56 27.62
N ALA X 21 33.67 -23.64 26.75
CA ALA X 21 33.49 -23.23 25.36
C ALA X 21 32.44 -24.08 24.66
N GLU X 22 32.44 -25.39 24.93
CA GLU X 22 31.44 -26.27 24.33
C GLU X 22 30.03 -25.88 24.77
N ILE X 23 29.84 -25.67 26.08
CA ILE X 23 28.51 -25.36 26.60
C ILE X 23 28.05 -24.00 26.10
N VAL X 24 28.95 -23.01 26.04
CA VAL X 24 28.57 -21.69 25.56
C VAL X 24 28.17 -21.75 24.08
N LEU X 25 28.86 -22.57 23.29
CA LEU X 25 28.49 -22.73 21.89
C LEU X 25 27.10 -23.37 21.77
N LYS X 26 26.78 -24.31 22.65
CA LYS X 26 25.43 -24.88 22.69
C LYS X 26 24.40 -23.80 22.96
N ALA X 27 24.67 -22.92 23.93
CA ALA X 27 23.73 -21.87 24.27
C ALA X 27 23.53 -20.90 23.11
N VAL X 28 24.62 -20.52 22.44
CA VAL X 28 24.51 -19.56 21.34
C VAL X 28 23.71 -20.16 20.19
N LYS X 29 23.89 -21.45 19.93
CA LYS X 29 23.20 -22.11 18.83
C LYS X 29 21.69 -22.14 19.07
N ILE X 30 21.27 -22.55 20.27
CA ILE X 30 19.85 -22.62 20.59
C ILE X 30 19.22 -21.22 20.61
N SER X 31 19.97 -20.24 21.12
CA SER X 31 19.46 -18.89 21.26
C SER X 31 19.18 -18.22 19.92
N GLY X 32 19.65 -18.78 18.82
CA GLY X 32 19.51 -18.12 17.53
C GLY X 32 20.49 -16.98 17.34
N GLY X 33 21.60 -16.99 18.07
CA GLY X 33 22.58 -15.94 17.98
C GLY X 33 22.30 -14.71 18.80
N ASP X 34 21.15 -14.66 19.48
CA ASP X 34 20.83 -13.50 20.31
C ASP X 34 21.76 -13.43 21.52
N VAL X 35 22.28 -12.23 21.78
CA VAL X 35 23.20 -12.04 22.90
C VAL X 35 22.46 -12.15 24.22
N VAL X 36 21.29 -11.51 24.32
CA VAL X 36 20.55 -11.47 25.57
C VAL X 36 20.10 -12.87 25.97
N LYS X 37 19.51 -13.61 25.03
CA LYS X 37 19.05 -14.96 25.34
C LYS X 37 20.21 -15.86 25.73
N SER X 38 21.37 -15.67 25.09
CA SER X 38 22.54 -16.49 25.41
C SER X 38 22.99 -16.26 26.84
N ILE X 39 22.95 -15.01 27.31
CA ILE X 39 23.36 -14.72 28.68
C ILE X 39 22.34 -15.27 29.68
N GLU X 40 21.05 -15.10 29.38
CA GLU X 40 20.03 -15.70 30.23
C GLU X 40 20.19 -17.22 30.28
N LEU X 41 20.46 -17.84 29.13
CA LEU X 41 20.58 -19.29 29.07
C LEU X 41 21.84 -19.77 29.78
N VAL X 42 22.95 -19.04 29.63
CA VAL X 42 24.17 -19.41 30.34
C VAL X 42 23.99 -19.27 31.84
N ASP X 43 23.23 -18.26 32.28
CA ASP X 43 22.94 -18.14 33.70
C ASP X 43 22.15 -19.35 34.21
N LEU X 44 21.19 -19.83 33.41
CA LEU X 44 20.42 -21.00 33.82
C LEU X 44 21.30 -22.23 33.93
N PHE X 45 22.30 -22.36 33.06
CA PHE X 45 23.21 -23.50 33.16
C PHE X 45 23.97 -23.47 34.48
N ILE X 46 24.37 -22.29 34.93
CA ILE X 46 25.10 -22.18 36.19
C ILE X 46 24.25 -22.67 37.36
N GLU X 47 22.92 -22.51 37.26
CA GLU X 47 22.03 -23.08 38.26
C GLU X 47 21.96 -24.60 38.11
N ILE X 48 21.59 -25.08 36.93
CA ILE X 48 21.47 -26.51 36.70
C ILE X 48 22.80 -27.20 36.97
N LEU X 49 23.90 -26.61 36.48
CA LEU X 49 25.20 -27.26 36.58
C LEU X 49 25.73 -27.28 38.01
N ASN X 50 25.11 -26.56 38.94
CA ASN X 50 25.51 -26.58 40.35
C ASN X 50 24.60 -27.49 41.17
N LYS X 51 23.29 -27.21 41.16
CA LYS X 51 22.36 -28.05 41.89
C LYS X 51 22.24 -29.44 41.28
N GLY X 52 22.60 -29.59 40.00
CA GLY X 52 22.52 -30.88 39.35
C GLY X 52 23.57 -31.87 39.82
N ARG X 53 24.67 -31.39 40.39
CA ARG X 53 25.68 -32.27 40.96
C ARG X 53 25.59 -32.33 42.48
N GLU X 54 25.04 -31.32 43.13
CA GLU X 54 24.79 -31.37 44.56
C GLU X 54 23.35 -31.79 44.83
N MET Y 1 -2.85 13.24 37.71
CA MET Y 1 -3.05 11.82 37.27
C MET Y 1 -3.97 11.08 38.24
N MET Y 2 -3.52 10.86 39.47
CA MET Y 2 -4.36 10.21 40.48
C MET Y 2 -4.40 10.97 41.80
N GLU Y 3 -3.27 11.55 42.23
CA GLU Y 3 -3.21 12.10 43.58
C GLU Y 3 -4.10 13.33 43.73
N ALA Y 4 -4.15 14.18 42.71
CA ALA Y 4 -5.04 15.34 42.77
C ALA Y 4 -6.49 14.92 42.90
N MET Y 5 -6.88 13.86 42.19
CA MET Y 5 -8.26 13.38 42.26
C MET Y 5 -8.59 12.86 43.66
N VAL Y 6 -7.64 12.18 44.30
CA VAL Y 6 -7.93 11.57 45.60
C VAL Y 6 -8.26 12.65 46.64
N LYS Y 7 -7.42 13.68 46.72
CA LYS Y 7 -7.73 14.79 47.61
C LYS Y 7 -8.94 15.58 47.11
N TYR Y 8 -9.01 15.80 45.80
CA TYR Y 8 -10.16 16.50 45.24
C TYR Y 8 -11.46 15.78 45.56
N LEU Y 9 -11.48 14.46 45.36
CA LEU Y 9 -12.68 13.68 45.68
C LEU Y 9 -12.96 13.68 47.18
N ALA Y 10 -11.91 13.51 48.00
CA ALA Y 10 -12.11 13.43 49.44
C ALA Y 10 -12.75 14.70 49.99
N GLU Y 11 -12.28 15.86 49.53
CA GLU Y 11 -12.83 17.12 50.03
C GLU Y 11 -14.27 17.32 49.55
N LYS Y 12 -14.51 17.11 48.26
CA LYS Y 12 -15.83 17.41 47.69
C LYS Y 12 -16.89 16.40 48.11
N ALA Y 13 -16.48 15.20 48.52
CA ALA Y 13 -17.43 14.20 48.98
C ALA Y 13 -17.36 13.96 50.49
N GLY Y 14 -16.33 14.47 51.17
CA GLY Y 14 -16.20 14.31 52.60
C GLY Y 14 -15.70 12.95 53.05
N ILE Y 15 -15.38 12.06 52.12
CA ILE Y 15 -14.94 10.70 52.47
C ILE Y 15 -13.46 10.72 52.87
N SER Y 16 -13.00 9.62 53.46
CA SER Y 16 -11.62 9.51 53.90
C SER Y 16 -10.67 9.36 52.71
N GLU Y 17 -9.37 9.52 53.00
CA GLU Y 17 -8.37 9.37 51.94
C GLU Y 17 -8.38 7.96 51.35
N VAL Y 18 -8.48 6.93 52.20
CA VAL Y 18 -8.43 5.57 51.69
C VAL Y 18 -9.69 5.22 50.91
N GLU Y 19 -10.84 5.71 51.35
CA GLU Y 19 -12.07 5.49 50.58
C GLU Y 19 -12.04 6.24 49.27
N ALA Y 20 -11.49 7.46 49.27
CA ALA Y 20 -11.31 8.19 48.01
C ALA Y 20 -10.34 7.47 47.09
N ALA Y 21 -9.24 6.95 47.66
CA ALA Y 21 -8.27 6.22 46.85
C ALA Y 21 -8.91 4.99 46.20
N GLU Y 22 -9.75 4.28 46.94
CA GLU Y 22 -10.42 3.10 46.38
C GLU Y 22 -11.32 3.50 45.21
N ILE Y 23 -12.15 4.53 45.40
CA ILE Y 23 -13.07 4.94 44.35
C ILE Y 23 -12.32 5.46 43.13
N VAL Y 24 -11.24 6.23 43.36
CA VAL Y 24 -10.48 6.76 42.23
C VAL Y 24 -9.82 5.62 41.46
N LEU Y 25 -9.35 4.59 42.16
CA LEU Y 25 -8.78 3.44 41.46
C LEU Y 25 -9.82 2.73 40.61
N LYS Y 26 -11.07 2.65 41.10
CA LYS Y 26 -12.15 2.11 40.30
C LYS Y 26 -12.36 2.92 39.03
N ALA Y 27 -12.35 4.26 39.15
CA ALA Y 27 -12.54 5.11 37.99
C ALA Y 27 -11.42 4.93 36.97
N VAL Y 28 -10.18 4.86 37.43
CA VAL Y 28 -9.05 4.71 36.51
C VAL Y 28 -9.14 3.39 35.77
N LYS Y 29 -9.56 2.32 36.47
CA LYS Y 29 -9.65 1.00 35.86
C LYS Y 29 -10.69 0.98 34.74
N ILE Y 30 -11.91 1.48 35.03
CA ILE Y 30 -12.97 1.48 34.03
C ILE Y 30 -12.61 2.39 32.86
N SER Y 31 -11.98 3.53 33.14
CA SER Y 31 -11.63 4.49 32.10
C SER Y 31 -10.62 3.93 31.11
N GLY Y 32 -9.96 2.83 31.42
CA GLY Y 32 -8.89 2.33 30.59
C GLY Y 32 -7.60 3.13 30.72
N GLY Y 33 -7.42 3.81 31.85
CA GLY Y 33 -6.24 4.62 32.08
C GLY Y 33 -6.30 6.01 31.48
N ASP Y 34 -7.37 6.35 30.77
CA ASP Y 34 -7.48 7.69 30.18
C ASP Y 34 -7.59 8.75 31.28
N VAL Y 35 -6.79 9.80 31.13
CA VAL Y 35 -6.80 10.88 32.13
C VAL Y 35 -8.13 11.62 32.09
N VAL Y 36 -8.59 11.97 30.89
CA VAL Y 36 -9.79 12.80 30.75
C VAL Y 36 -11.02 12.06 31.26
N LYS Y 37 -11.18 10.80 30.84
CA LYS Y 37 -12.35 10.04 31.26
C LYS Y 37 -12.37 9.85 32.77
N SER Y 38 -11.20 9.70 33.40
CA SER Y 38 -11.15 9.55 34.84
C SER Y 38 -11.68 10.78 35.54
N ILE Y 39 -11.35 11.98 35.03
CA ILE Y 39 -11.82 13.21 35.66
C ILE Y 39 -13.32 13.37 35.45
N GLU Y 40 -13.80 13.09 34.24
CA GLU Y 40 -15.24 13.08 34.00
C GLU Y 40 -15.94 12.10 34.92
N LEU Y 41 -15.37 10.91 35.06
CA LEU Y 41 -16.01 9.87 35.86
C LEU Y 41 -15.97 10.21 37.35
N VAL Y 42 -14.85 10.73 37.83
CA VAL Y 42 -14.77 11.11 39.24
C VAL Y 42 -15.71 12.28 39.54
N ASP Y 43 -15.88 13.21 38.59
CA ASP Y 43 -16.86 14.27 38.77
C ASP Y 43 -18.27 13.71 38.91
N LEU Y 44 -18.60 12.71 38.09
CA LEU Y 44 -19.93 12.10 38.19
C LEU Y 44 -20.14 11.44 39.55
N PHE Y 45 -19.09 10.81 40.09
CA PHE Y 45 -19.22 10.21 41.42
C PHE Y 45 -19.56 11.24 42.47
N ILE Y 46 -19.01 12.46 42.34
CA ILE Y 46 -19.31 13.51 43.31
C ILE Y 46 -20.79 13.87 43.27
N GLU Y 47 -21.41 13.80 42.09
CA GLU Y 47 -22.86 13.98 42.00
C GLU Y 47 -23.59 12.82 42.65
N ILE Y 48 -23.32 11.60 42.19
CA ILE Y 48 -24.01 10.42 42.73
C ILE Y 48 -23.78 10.31 44.23
N LEU Y 49 -22.54 10.52 44.66
CA LEU Y 49 -22.18 10.31 46.06
C LEU Y 49 -22.76 11.37 46.97
N ASN Y 50 -23.32 12.46 46.43
CA ASN Y 50 -23.97 13.48 47.25
C ASN Y 50 -25.48 13.34 47.22
N LYS Y 51 -26.08 13.36 46.02
CA LYS Y 51 -27.53 13.20 45.92
C LYS Y 51 -27.97 11.78 46.26
N GLY Y 52 -27.05 10.82 46.24
CA GLY Y 52 -27.38 9.45 46.61
C GLY Y 52 -27.56 9.24 48.09
N ARG Y 53 -27.04 10.14 48.91
CA ARG Y 53 -27.23 10.09 50.36
C ARG Y 53 -28.28 11.07 50.84
N GLU Y 54 -28.45 12.19 50.15
CA GLU Y 54 -29.52 13.13 50.45
C GLU Y 54 -30.71 12.91 49.53
N MET Z 1 -33.47 4.95 -20.73
CA MET Z 1 -33.85 4.00 -21.82
C MET Z 1 -35.23 3.40 -21.59
N MET Z 2 -35.75 3.56 -20.38
CA MET Z 2 -36.98 2.86 -20.01
C MET Z 2 -38.15 3.22 -20.92
N GLU Z 3 -38.28 4.49 -21.30
CA GLU Z 3 -39.41 4.87 -22.14
C GLU Z 3 -39.35 4.18 -23.50
N ALA Z 4 -38.16 4.03 -24.05
CA ALA Z 4 -38.02 3.26 -25.29
C ALA Z 4 -38.40 1.80 -25.07
N MET Z 5 -37.99 1.22 -23.94
CA MET Z 5 -38.33 -0.18 -23.66
C MET Z 5 -39.84 -0.36 -23.54
N VAL Z 6 -40.53 0.59 -22.88
CA VAL Z 6 -41.96 0.42 -22.64
C VAL Z 6 -42.72 0.35 -23.96
N LYS Z 7 -42.43 1.27 -24.87
CA LYS Z 7 -43.06 1.22 -26.19
C LYS Z 7 -42.52 0.04 -26.99
N TYR Z 8 -41.22 -0.24 -26.88
CA TYR Z 8 -40.65 -1.38 -27.59
C TYR Z 8 -41.34 -2.69 -27.19
N LEU Z 9 -41.53 -2.89 -25.89
CA LEU Z 9 -42.21 -4.10 -25.43
C LEU Z 9 -43.69 -4.09 -25.80
N ALA Z 10 -44.35 -2.94 -25.62
CA ALA Z 10 -45.79 -2.87 -25.92
C ALA Z 10 -46.08 -3.24 -27.37
N GLU Z 11 -45.21 -2.83 -28.29
CA GLU Z 11 -45.43 -3.14 -29.71
C GLU Z 11 -45.13 -4.61 -30.00
N LYS Z 12 -43.98 -5.10 -29.55
CA LYS Z 12 -43.55 -6.45 -29.90
C LYS Z 12 -44.34 -7.53 -29.18
N ALA Z 13 -44.95 -7.22 -28.03
CA ALA Z 13 -45.78 -8.18 -27.32
C ALA Z 13 -47.27 -7.86 -27.39
N GLY Z 14 -47.64 -6.69 -27.88
CA GLY Z 14 -49.04 -6.32 -28.03
C GLY Z 14 -49.74 -5.94 -26.74
N ILE Z 15 -49.03 -5.87 -25.63
CA ILE Z 15 -49.65 -5.53 -24.34
C ILE Z 15 -49.87 -4.03 -24.25
N SER Z 16 -50.66 -3.60 -23.27
CA SER Z 16 -50.96 -2.19 -23.09
C SER Z 16 -49.74 -1.44 -22.55
N GLU Z 17 -49.83 -0.11 -22.58
CA GLU Z 17 -48.74 0.72 -22.10
C GLU Z 17 -48.48 0.50 -20.61
N VAL Z 18 -49.54 0.43 -19.81
CA VAL Z 18 -49.36 0.28 -18.36
C VAL Z 18 -48.89 -1.12 -18.01
N GLU Z 19 -49.33 -2.14 -18.76
CA GLU Z 19 -48.82 -3.49 -18.54
C GLU Z 19 -47.35 -3.58 -18.94
N ALA Z 20 -46.97 -2.94 -20.04
CA ALA Z 20 -45.56 -2.89 -20.42
C ALA Z 20 -44.75 -2.13 -19.39
N ALA Z 21 -45.31 -1.03 -18.86
CA ALA Z 21 -44.60 -0.25 -17.84
C ALA Z 21 -44.33 -1.10 -16.61
N GLU Z 22 -45.30 -1.90 -16.19
CA GLU Z 22 -45.11 -2.77 -15.03
C GLU Z 22 -44.00 -3.78 -15.28
N ILE Z 23 -44.04 -4.46 -16.43
CA ILE Z 23 -43.05 -5.49 -16.71
C ILE Z 23 -41.67 -4.88 -16.83
N VAL Z 24 -41.56 -3.72 -17.47
CA VAL Z 24 -40.26 -3.08 -17.62
C VAL Z 24 -39.70 -2.66 -16.27
N LEU Z 25 -40.57 -2.21 -15.36
CA LEU Z 25 -40.10 -1.87 -14.01
C LEU Z 25 -39.60 -3.11 -13.28
N LYS Z 26 -40.26 -4.25 -13.48
CA LYS Z 26 -39.77 -5.51 -12.91
C LYS Z 26 -38.38 -5.82 -13.43
N ALA Z 27 -38.16 -5.67 -14.74
CA ALA Z 27 -36.85 -5.96 -15.33
C ALA Z 27 -35.77 -5.03 -14.78
N VAL Z 28 -36.07 -3.75 -14.63
CA VAL Z 28 -35.07 -2.80 -14.16
C VAL Z 28 -34.71 -3.10 -12.71
N LYS Z 29 -35.69 -3.51 -11.90
CA LYS Z 29 -35.44 -3.82 -10.50
C LYS Z 29 -34.53 -5.03 -10.36
N ILE Z 30 -34.83 -6.11 -11.09
CA ILE Z 30 -34.01 -7.32 -11.01
C ILE Z 30 -32.62 -7.06 -11.56
N SER Z 31 -32.51 -6.26 -12.61
CA SER Z 31 -31.22 -6.00 -13.24
C SER Z 31 -30.27 -5.23 -12.36
N GLY Z 32 -30.74 -4.65 -11.26
CA GLY Z 32 -29.92 -3.77 -10.45
C GLY Z 32 -29.69 -2.42 -11.08
N GLY Z 33 -30.60 -2.01 -11.97
CA GLY Z 33 -30.48 -0.74 -12.65
C GLY Z 33 -29.57 -0.74 -13.87
N ASP Z 34 -28.92 -1.85 -14.18
CA ASP Z 34 -28.07 -1.91 -15.35
C ASP Z 34 -28.88 -1.74 -16.62
N VAL Z 35 -28.39 -0.89 -17.53
CA VAL Z 35 -29.08 -0.65 -18.77
C VAL Z 35 -29.02 -1.87 -19.68
N VAL Z 36 -27.84 -2.47 -19.80
CA VAL Z 36 -27.66 -3.59 -20.72
C VAL Z 36 -28.50 -4.79 -20.28
N LYS Z 37 -28.42 -5.15 -19.00
CA LYS Z 37 -29.17 -6.31 -18.52
C LYS Z 37 -30.67 -6.08 -18.65
N SER Z 38 -31.12 -4.84 -18.47
CA SER Z 38 -32.54 -4.55 -18.62
C SER Z 38 -33.02 -4.83 -20.05
N ILE Z 39 -32.20 -4.48 -21.05
CA ILE Z 39 -32.59 -4.71 -22.43
C ILE Z 39 -32.56 -6.20 -22.75
N GLU Z 40 -31.55 -6.91 -22.24
CA GLU Z 40 -31.51 -8.36 -22.41
C GLU Z 40 -32.75 -9.02 -21.81
N LEU Z 41 -33.13 -8.60 -20.59
CA LEU Z 41 -34.30 -9.19 -19.96
C LEU Z 41 -35.58 -8.87 -20.73
N VAL Z 42 -35.73 -7.62 -21.18
CA VAL Z 42 -36.93 -7.26 -21.93
C VAL Z 42 -37.01 -8.05 -23.23
N ASP Z 43 -35.87 -8.29 -23.88
CA ASP Z 43 -35.85 -9.16 -25.05
C ASP Z 43 -36.27 -10.59 -24.66
N LEU Z 44 -35.77 -11.06 -23.51
CA LEU Z 44 -36.13 -12.40 -23.05
C LEU Z 44 -37.62 -12.49 -22.76
N PHE Z 45 -38.21 -11.44 -22.19
CA PHE Z 45 -39.65 -11.45 -21.93
C PHE Z 45 -40.44 -11.55 -23.23
N ILE Z 46 -39.99 -10.88 -24.28
CA ILE Z 46 -40.69 -10.91 -25.56
C ILE Z 46 -40.76 -12.33 -26.10
N GLU Z 47 -39.71 -13.13 -25.86
CA GLU Z 47 -39.75 -14.54 -26.21
C GLU Z 47 -40.76 -15.28 -25.34
N ILE Z 48 -40.58 -15.21 -24.02
CA ILE Z 48 -41.47 -15.92 -23.11
C ILE Z 48 -42.92 -15.47 -23.31
N LEU Z 49 -43.13 -14.15 -23.40
CA LEU Z 49 -44.48 -13.62 -23.46
C LEU Z 49 -45.18 -13.95 -24.77
N ASN Z 50 -44.45 -14.41 -25.79
CA ASN Z 50 -45.07 -14.85 -27.05
C ASN Z 50 -45.29 -16.35 -27.08
N LYS Z 51 -44.23 -17.14 -26.94
CA LYS Z 51 -44.38 -18.60 -26.95
C LYS Z 51 -45.11 -19.10 -25.71
N GLY Z 52 -45.20 -18.29 -24.65
CA GLY Z 52 -45.93 -18.71 -23.48
C GLY Z 52 -47.43 -18.71 -23.65
N ARG Z 53 -47.94 -17.94 -24.61
CA ARG Z 53 -49.37 -17.96 -24.95
C ARG Z 53 -49.67 -18.83 -26.15
N GLU Z 54 -48.71 -18.97 -27.07
CA GLU Z 54 -48.86 -19.88 -28.20
C GLU Z 54 -48.28 -21.24 -27.86
N MET AA 1 -18.31 36.39 5.85
CA MET AA 1 -18.68 36.00 4.45
C MET AA 1 -20.18 36.09 4.24
N MET AA 2 -20.93 35.42 5.12
CA MET AA 2 -22.39 35.44 5.00
C MET AA 2 -22.96 36.85 5.21
N GLU AA 3 -22.33 37.67 6.06
CA GLU AA 3 -22.83 39.02 6.26
C GLU AA 3 -22.73 39.86 5.00
N ALA AA 4 -21.66 39.69 4.23
CA ALA AA 4 -21.56 40.38 2.95
C ALA AA 4 -22.67 39.94 1.99
N MET AA 5 -22.96 38.64 1.96
CA MET AA 5 -24.03 38.15 1.09
C MET AA 5 -25.37 38.72 1.51
N VAL AA 6 -25.63 38.82 2.82
CA VAL AA 6 -26.92 39.29 3.30
C VAL AA 6 -27.17 40.72 2.83
N LYS AA 7 -26.19 41.61 3.04
CA LYS AA 7 -26.31 42.97 2.53
C LYS AA 7 -26.30 42.98 1.01
N TYR AA 8 -25.45 42.16 0.40
CA TYR AA 8 -25.39 42.09 -1.06
C TYR AA 8 -26.74 41.67 -1.64
N LEU AA 9 -27.37 40.66 -1.05
CA LEU AA 9 -28.68 40.22 -1.54
C LEU AA 9 -29.76 41.24 -1.24
N ALA AA 10 -29.74 41.82 -0.03
CA ALA AA 10 -30.77 42.79 0.34
C ALA AA 10 -30.80 43.97 -0.63
N GLU AA 11 -29.63 44.48 -1.00
CA GLU AA 11 -29.57 45.63 -1.90
C GLU AA 11 -30.02 45.25 -3.31
N LYS AA 12 -29.50 44.14 -3.83
CA LYS AA 12 -29.75 43.76 -5.22
C LYS AA 12 -31.14 43.18 -5.44
N ALA AA 13 -31.85 42.79 -4.38
CA ALA AA 13 -33.22 42.30 -4.51
C ALA AA 13 -34.24 43.16 -3.78
N GLY AA 14 -33.80 44.14 -3.00
CA GLY AA 14 -34.70 45.03 -2.29
C GLY AA 14 -35.35 44.45 -1.06
N ILE AA 15 -35.03 43.21 -0.69
CA ILE AA 15 -35.67 42.59 0.47
C ILE AA 15 -35.03 43.09 1.76
N SER AA 16 -35.72 42.84 2.87
CA SER AA 16 -35.25 43.26 4.17
C SER AA 16 -34.06 42.42 4.62
N GLU AA 17 -33.38 42.90 5.67
CA GLU AA 17 -32.21 42.19 6.18
C GLU AA 17 -32.58 40.80 6.69
N VAL AA 18 -33.69 40.70 7.42
CA VAL AA 18 -34.06 39.39 7.99
C VAL AA 18 -34.50 38.44 6.90
N GLU AA 19 -35.21 38.93 5.88
CA GLU AA 19 -35.58 38.06 4.76
C GLU AA 19 -34.35 37.65 3.97
N ALA AA 20 -33.39 38.57 3.78
CA ALA AA 20 -32.13 38.21 3.14
C ALA AA 20 -31.38 37.18 3.97
N ALA AA 21 -31.37 37.36 5.30
CA ALA AA 21 -30.67 36.40 6.16
C ALA AA 21 -31.27 35.01 6.04
N GLU AA 22 -32.60 34.92 5.95
CA GLU AA 22 -33.25 33.62 5.80
C GLU AA 22 -32.85 32.96 4.49
N ILE AA 23 -32.91 33.70 3.39
CA ILE AA 23 -32.60 33.13 2.08
C ILE AA 23 -31.12 32.73 2.01
N VAL AA 24 -30.24 33.56 2.58
CA VAL AA 24 -28.82 33.23 2.55
C VAL AA 24 -28.53 31.98 3.39
N LEU AA 25 -29.24 31.80 4.50
CA LEU AA 25 -29.06 30.58 5.28
C LEU AA 25 -29.54 29.35 4.52
N LYS AA 26 -30.61 29.50 3.74
CA LYS AA 26 -31.06 28.42 2.87
C LYS AA 26 -29.98 28.05 1.86
N ALA AA 27 -29.35 29.05 1.25
CA ALA AA 27 -28.30 28.80 0.26
C ALA AA 27 -27.11 28.10 0.89
N VAL AA 28 -26.70 28.55 2.08
CA VAL AA 28 -25.52 27.97 2.73
C VAL AA 28 -25.79 26.51 3.09
N LYS AA 29 -26.99 26.20 3.55
CA LYS AA 29 -27.32 24.83 3.94
C LYS AA 29 -27.29 23.89 2.74
N ILE AA 30 -27.96 24.28 1.64
CA ILE AA 30 -27.99 23.42 0.46
C ILE AA 30 -26.60 23.28 -0.15
N SER AA 31 -25.81 24.36 -0.09
CA SER AA 31 -24.47 24.36 -0.69
C SER AA 31 -23.51 23.42 0.02
N GLY AA 32 -23.86 22.91 1.19
CA GLY AA 32 -22.93 22.11 1.96
C GLY AA 32 -21.87 22.92 2.67
N GLY AA 33 -22.13 24.21 2.88
CA GLY AA 33 -21.16 25.09 3.52
C GLY AA 33 -20.09 25.64 2.61
N ASP AA 34 -20.08 25.27 1.33
CA ASP AA 34 -19.08 25.79 0.42
C ASP AA 34 -19.30 27.27 0.18
N VAL AA 35 -18.21 28.04 0.23
CA VAL AA 35 -18.30 29.48 0.02
C VAL AA 35 -18.63 29.78 -1.43
N VAL AA 36 -17.96 29.12 -2.36
CA VAL AA 36 -18.14 29.41 -3.79
C VAL AA 36 -19.57 29.08 -4.22
N LYS AA 37 -20.05 27.89 -3.87
CA LYS AA 37 -21.39 27.49 -4.26
C LYS AA 37 -22.45 28.42 -3.67
N SER AA 38 -22.22 28.89 -2.45
CA SER AA 38 -23.18 29.80 -1.82
C SER AA 38 -23.29 31.10 -2.61
N ILE AA 39 -22.17 31.61 -3.12
CA ILE AA 39 -22.20 32.84 -3.89
C ILE AA 39 -22.84 32.62 -5.25
N GLU AA 40 -22.51 31.52 -5.92
CA GLU AA 40 -23.19 31.18 -7.17
C GLU AA 40 -24.69 31.04 -6.94
N LEU AA 41 -25.08 30.33 -5.88
CA LEU AA 41 -26.49 30.10 -5.61
C LEU AA 41 -27.20 31.39 -5.23
N VAL AA 42 -26.56 32.25 -4.44
CA VAL AA 42 -27.18 33.53 -4.08
C VAL AA 42 -27.34 34.41 -5.30
N ASP AA 43 -26.38 34.37 -6.23
CA ASP AA 43 -26.53 35.11 -7.48
C ASP AA 43 -27.73 34.60 -8.28
N LEU AA 44 -27.93 33.29 -8.31
CA LEU AA 44 -29.08 32.73 -9.01
C LEU AA 44 -30.39 33.21 -8.40
N PHE AA 45 -30.43 33.35 -7.07
CA PHE AA 45 -31.63 33.85 -6.42
C PHE AA 45 -31.94 35.27 -6.89
N ILE AA 46 -30.91 36.10 -7.07
CA ILE AA 46 -31.12 37.48 -7.49
C ILE AA 46 -31.76 37.53 -8.87
N GLU AA 47 -31.45 36.55 -9.72
CA GLU AA 47 -32.15 36.44 -11.00
C GLU AA 47 -33.59 36.00 -10.80
N ILE AA 48 -33.79 34.86 -10.14
CA ILE AA 48 -35.14 34.33 -9.92
C ILE AA 48 -35.98 35.35 -9.16
N LEU AA 49 -35.41 35.94 -8.11
CA LEU AA 49 -36.17 36.84 -7.25
C LEU AA 49 -36.54 38.15 -7.92
N ASN AA 50 -35.96 38.46 -9.09
CA ASN AA 50 -36.32 39.65 -9.84
C ASN AA 50 -37.28 39.34 -10.98
N LYS AA 51 -36.90 38.44 -11.88
CA LYS AA 51 -37.79 38.07 -12.98
C LYS AA 51 -38.98 37.25 -12.49
N GLY AA 52 -38.91 36.68 -11.28
CA GLY AA 52 -40.03 35.95 -10.75
C GLY AA 52 -41.18 36.82 -10.29
N ARG AA 53 -40.92 38.10 -10.06
CA ARG AA 53 -41.98 39.05 -9.74
C ARG AA 53 -42.36 39.94 -10.92
N GLU AA 54 -41.47 40.13 -11.87
CA GLU AA 54 -41.78 40.86 -13.09
C GLU AA 54 -42.29 39.90 -14.16
N MET BA 1 -9.04 -11.56 -37.10
CA MET BA 1 -8.77 -10.14 -36.80
C MET BA 1 -9.57 -9.23 -37.74
N MET BA 2 -9.17 -9.17 -39.01
CA MET BA 2 -9.90 -8.37 -39.98
C MET BA 2 -10.24 -9.13 -41.26
N GLU BA 3 -9.32 -9.97 -41.75
CA GLU BA 3 -9.49 -10.54 -43.08
C GLU BA 3 -10.69 -11.49 -43.14
N ALA BA 4 -10.86 -12.31 -42.11
CA ALA BA 4 -12.01 -13.21 -42.08
C ALA BA 4 -13.32 -12.43 -42.08
N MET BA 5 -13.36 -11.33 -41.34
CA MET BA 5 -14.58 -10.52 -41.30
C MET BA 5 -14.89 -9.91 -42.66
N VAL BA 6 -13.87 -9.48 -43.39
CA VAL BA 6 -14.11 -8.82 -44.68
C VAL BA 6 -14.79 -9.77 -45.65
N LYS BA 7 -14.23 -10.97 -45.81
CA LYS BA 7 -14.89 -11.98 -46.64
C LYS BA 7 -16.21 -12.41 -46.03
N TYR BA 8 -16.24 -12.59 -44.72
CA TYR BA 8 -17.47 -13.00 -44.05
C TYR BA 8 -18.59 -11.99 -44.30
N LEU BA 9 -18.29 -10.69 -44.15
CA LEU BA 9 -19.31 -9.68 -44.40
C LEU BA 9 -19.66 -9.60 -45.88
N ALA BA 10 -18.65 -9.62 -46.75
CA ALA BA 10 -18.90 -9.48 -48.18
C ALA BA 10 -19.83 -10.59 -48.69
N GLU BA 11 -19.59 -11.83 -48.27
CA GLU BA 11 -20.42 -12.94 -48.72
C GLU BA 11 -21.84 -12.82 -48.17
N LYS BA 12 -21.97 -12.51 -46.88
CA LYS BA 12 -23.30 -12.48 -46.26
C LYS BA 12 -24.13 -11.33 -46.78
N ALA BA 13 -23.56 -10.13 -46.86
CA ALA BA 13 -24.31 -8.95 -47.28
C ALA BA 13 -24.27 -8.72 -48.79
N GLY BA 14 -23.41 -9.44 -49.52
CA GLY BA 14 -23.34 -9.29 -50.95
C GLY BA 14 -22.56 -8.07 -51.43
N ILE BA 15 -22.01 -7.28 -50.51
CA ILE BA 15 -21.28 -6.08 -50.92
C ILE BA 15 -19.91 -6.46 -51.49
N SER BA 16 -19.28 -5.49 -52.15
CA SER BA 16 -17.97 -5.71 -52.73
C SER BA 16 -16.89 -5.83 -51.66
N GLU BA 17 -15.72 -6.30 -52.09
CA GLU BA 17 -14.62 -6.50 -51.14
C GLU BA 17 -14.16 -5.18 -50.54
N VAL BA 18 -14.06 -4.12 -51.34
CA VAL BA 18 -13.58 -2.85 -50.82
C VAL BA 18 -14.64 -2.17 -49.95
N GLU BA 19 -15.91 -2.33 -50.30
CA GLU BA 19 -16.97 -1.80 -49.44
C GLU BA 19 -17.01 -2.56 -48.11
N ALA BA 20 -16.80 -3.88 -48.15
CA ALA BA 20 -16.71 -4.64 -46.91
C ALA BA 20 -15.49 -4.21 -46.10
N ALA BA 21 -14.37 -3.97 -46.77
CA ALA BA 21 -13.17 -3.53 -46.07
C ALA BA 21 -13.40 -2.21 -45.36
N GLU BA 22 -14.12 -1.29 -46.00
CA GLU BA 22 -14.41 0.00 -45.38
C GLU BA 22 -15.29 -0.17 -44.15
N ILE BA 23 -16.37 -0.95 -44.27
CA ILE BA 23 -17.30 -1.11 -43.16
C ILE BA 23 -16.62 -1.84 -42.00
N VAL BA 24 -15.80 -2.84 -42.30
CA VAL BA 24 -15.09 -3.55 -41.24
C VAL BA 24 -14.10 -2.64 -40.53
N LEU BA 25 -13.46 -1.73 -41.28
CA LEU BA 25 -12.56 -0.76 -40.65
C LEU BA 25 -13.32 0.18 -39.74
N LYS BA 26 -14.53 0.58 -40.14
CA LYS BA 26 -15.40 1.38 -39.28
C LYS BA 26 -15.72 0.63 -37.99
N ALA BA 27 -16.08 -0.65 -38.11
CA ALA BA 27 -16.40 -1.44 -36.93
C ALA BA 27 -15.19 -1.57 -36.01
N VAL BA 28 -14.01 -1.84 -36.57
CA VAL BA 28 -12.83 -2.01 -35.74
C VAL BA 28 -12.48 -0.71 -35.03
N LYS BA 29 -12.56 0.42 -35.74
CA LYS BA 29 -12.21 1.70 -35.14
C LYS BA 29 -13.14 2.06 -33.98
N ILE BA 30 -14.46 1.92 -34.20
CA ILE BA 30 -15.42 2.30 -33.18
C ILE BA 30 -15.42 1.31 -32.02
N SER BA 31 -15.05 0.05 -32.28
CA SER BA 31 -14.99 -0.97 -31.24
C SER BA 31 -13.81 -0.82 -30.29
N GLY BA 32 -12.89 0.11 -30.55
CA GLY BA 32 -11.70 0.23 -29.73
C GLY BA 32 -10.66 -0.83 -30.00
N GLY BA 33 -10.73 -1.49 -31.15
CA GLY BA 33 -9.80 -2.54 -31.49
C GLY BA 33 -10.08 -3.88 -30.84
N ASP BA 34 -11.14 -3.99 -30.05
CA ASP BA 34 -11.49 -5.26 -29.44
C ASP BA 34 -11.95 -6.27 -30.49
N VAL BA 35 -11.46 -7.50 -30.38
CA VAL BA 35 -11.81 -8.53 -31.36
C VAL BA 35 -13.27 -8.92 -31.20
N VAL BA 36 -13.72 -9.14 -29.97
CA VAL BA 36 -15.07 -9.64 -29.73
C VAL BA 36 -16.11 -8.62 -30.18
N LYS BA 37 -15.94 -7.36 -29.76
CA LYS BA 37 -16.91 -6.33 -30.12
C LYS BA 37 -16.98 -6.14 -31.63
N SER BA 38 -15.85 -6.25 -32.31
CA SER BA 38 -15.85 -6.11 -33.76
C SER BA 38 -16.71 -7.18 -34.42
N ILE BA 39 -16.65 -8.42 -33.91
CA ILE BA 39 -17.46 -9.49 -34.50
C ILE BA 39 -18.93 -9.27 -34.17
N GLU BA 40 -19.24 -8.93 -32.92
CA GLU BA 40 -20.61 -8.60 -32.57
C GLU BA 40 -21.15 -7.47 -33.43
N LEU BA 41 -20.34 -6.44 -33.66
CA LEU BA 41 -20.79 -5.29 -34.43
C LEU BA 41 -20.94 -5.61 -35.91
N VAL BA 42 -20.02 -6.41 -36.47
CA VAL BA 42 -20.15 -6.79 -37.87
C VAL BA 42 -21.37 -7.67 -38.08
N ASP BA 43 -21.70 -8.52 -37.10
CA ASP BA 43 -22.95 -9.28 -37.18
C ASP BA 43 -24.14 -8.34 -37.16
N LEU BA 44 -24.09 -7.32 -36.31
CA LEU BA 44 -25.17 -6.35 -36.25
C LEU BA 44 -25.35 -5.63 -37.57
N PHE BA 45 -24.25 -5.31 -38.25
CA PHE BA 45 -24.34 -4.65 -39.55
C PHE BA 45 -25.05 -5.54 -40.57
N ILE BA 46 -24.78 -6.85 -40.53
CA ILE BA 46 -25.40 -7.77 -41.48
C ILE BA 46 -26.92 -7.75 -41.32
N GLU BA 47 -27.41 -7.63 -40.08
CA GLU BA 47 -28.84 -7.48 -39.87
C GLU BA 47 -29.34 -6.15 -40.45
N ILE BA 48 -28.71 -5.05 -40.05
CA ILE BA 48 -29.13 -3.73 -40.53
C ILE BA 48 -29.00 -3.65 -42.04
N LEU BA 49 -27.89 -4.16 -42.59
CA LEU BA 49 -27.64 -4.05 -44.02
C LEU BA 49 -28.58 -4.91 -44.85
N ASN BA 50 -29.30 -5.84 -44.24
CA ASN BA 50 -30.28 -6.65 -44.97
C ASN BA 50 -31.68 -6.05 -44.88
N LYS BA 51 -32.21 -5.90 -43.67
CA LYS BA 51 -33.53 -5.32 -43.50
C LYS BA 51 -33.55 -3.83 -43.84
N GLY BA 52 -32.39 -3.18 -43.88
CA GLY BA 52 -32.34 -1.78 -44.24
C GLY BA 52 -32.62 -1.50 -45.70
N ARG BA 53 -32.37 -2.48 -46.58
CA ARG BA 53 -32.70 -2.37 -47.99
C ARG BA 53 -34.04 -3.00 -48.34
N GLU BA 54 -34.48 -3.98 -47.55
CA GLU BA 54 -35.79 -4.58 -47.74
C GLU BA 54 -36.81 -3.87 -46.84
N MET CA 1 29.18 27.84 7.28
CA MET CA 1 29.70 26.66 6.52
C MET CA 1 30.79 27.09 5.56
N MET CA 2 30.40 27.90 4.56
CA MET CA 2 31.31 28.27 3.49
C MET CA 2 32.39 29.22 3.98
N GLU CA 3 32.11 30.06 4.98
CA GLU CA 3 33.12 31.01 5.44
C GLU CA 3 34.35 30.30 5.98
N ALA CA 4 34.16 29.19 6.69
CA ALA CA 4 35.30 28.38 7.12
C ALA CA 4 36.04 27.82 5.92
N MET CA 5 35.31 27.36 4.90
CA MET CA 5 35.95 26.84 3.70
C MET CA 5 36.74 27.92 2.97
N VAL CA 6 36.22 29.14 2.93
CA VAL CA 6 36.89 30.20 2.19
C VAL CA 6 38.24 30.51 2.81
N LYS CA 7 38.27 30.74 4.12
CA LYS CA 7 39.53 31.03 4.80
C LYS CA 7 40.46 29.82 4.75
N TYR CA 8 39.92 28.62 4.95
CA TYR CA 8 40.71 27.41 4.91
C TYR CA 8 41.42 27.27 3.57
N LEU CA 9 40.68 27.45 2.47
CA LEU CA 9 41.28 27.35 1.14
C LEU CA 9 42.28 28.48 0.89
N ALA CA 10 41.92 29.71 1.27
CA ALA CA 10 42.83 30.83 1.06
C ALA CA 10 44.16 30.60 1.77
N GLU CA 11 44.12 30.09 2.99
CA GLU CA 11 45.36 29.80 3.72
C GLU CA 11 46.12 28.65 3.08
N LYS CA 12 45.42 27.55 2.78
CA LYS CA 12 46.08 26.34 2.30
C LYS CA 12 46.55 26.45 0.86
N ALA CA 13 45.99 27.36 0.07
CA ALA CA 13 46.38 27.54 -1.32
C ALA CA 13 47.05 28.89 -1.60
N GLY CA 14 47.01 29.83 -0.66
CA GLY CA 14 47.63 31.13 -0.85
C GLY CA 14 46.86 32.09 -1.72
N ILE CA 15 45.65 31.73 -2.16
CA ILE CA 15 44.87 32.60 -3.02
C ILE CA 15 44.17 33.67 -2.19
N SER CA 16 43.64 34.68 -2.88
CA SER CA 16 42.94 35.77 -2.23
C SER CA 16 41.57 35.33 -1.73
N GLU CA 17 40.97 36.16 -0.89
CA GLU CA 17 39.65 35.84 -0.35
C GLU CA 17 38.60 35.74 -1.45
N VAL CA 18 38.62 36.67 -2.41
CA VAL CA 18 37.59 36.67 -3.45
C VAL CA 18 37.78 35.48 -4.40
N GLU CA 19 39.02 35.09 -4.69
CA GLU CA 19 39.25 33.90 -5.52
C GLU CA 19 38.81 32.64 -4.79
N ALA CA 20 39.11 32.56 -3.49
CA ALA CA 20 38.67 31.42 -2.70
C ALA CA 20 37.14 31.36 -2.65
N ALA CA 21 36.49 32.51 -2.53
CA ALA CA 21 35.03 32.53 -2.52
C ALA CA 21 34.47 32.00 -3.83
N GLU CA 22 35.07 32.40 -4.95
CA GLU CA 22 34.62 31.91 -6.25
C GLU CA 22 34.77 30.40 -6.36
N ILE CA 23 35.94 29.89 -5.98
CA ILE CA 23 36.17 28.45 -6.10
C ILE CA 23 35.25 27.68 -5.15
N VAL CA 24 35.01 28.21 -3.96
CA VAL CA 24 34.12 27.55 -3.02
C VAL CA 24 32.68 27.56 -3.53
N LEU CA 25 32.28 28.64 -4.20
CA LEU CA 25 30.94 28.67 -4.79
C LEU CA 25 30.82 27.66 -5.91
N LYS CA 26 31.87 27.51 -6.72
CA LYS CA 26 31.88 26.46 -7.74
C LYS CA 26 31.73 25.08 -7.10
N ALA CA 27 32.47 24.83 -6.02
CA ALA CA 27 32.38 23.53 -5.35
C ALA CA 27 30.98 23.30 -4.79
N VAL CA 28 30.39 24.32 -4.17
CA VAL CA 28 29.05 24.17 -3.61
C VAL CA 28 28.02 23.93 -4.70
N LYS CA 29 28.17 24.61 -5.83
CA LYS CA 29 27.25 24.38 -6.95
C LYS CA 29 27.34 22.95 -7.47
N ILE CA 30 28.57 22.49 -7.74
CA ILE CA 30 28.73 21.15 -8.30
C ILE CA 30 28.28 20.09 -7.30
N SER CA 31 28.54 20.32 -6.02
CA SER CA 31 28.22 19.35 -4.97
C SER CA 31 26.73 19.16 -4.76
N GLY CA 32 25.89 20.01 -5.34
CA GLY CA 32 24.46 19.94 -5.07
C GLY CA 32 24.07 20.47 -3.71
N GLY CA 33 24.91 21.32 -3.11
CA GLY CA 33 24.64 21.87 -1.80
C GLY CA 33 25.00 20.98 -0.64
N ASP CA 34 25.50 19.77 -0.88
CA ASP CA 34 25.89 18.88 0.20
C ASP CA 34 27.13 19.43 0.91
N VAL CA 35 27.09 19.40 2.25
CA VAL CA 35 28.19 19.94 3.03
C VAL CA 35 29.43 19.06 2.91
N VAL CA 36 29.25 17.74 3.03
CA VAL CA 36 30.39 16.82 3.02
C VAL CA 36 31.08 16.84 1.66
N LYS CA 37 30.29 16.70 0.59
CA LYS CA 37 30.87 16.71 -0.75
C LYS CA 37 31.61 18.00 -1.02
N SER CA 38 31.09 19.12 -0.51
CA SER CA 38 31.78 20.39 -0.71
C SER CA 38 33.16 20.37 -0.06
N ILE CA 39 33.28 19.79 1.14
CA ILE CA 39 34.57 19.77 1.82
C ILE CA 39 35.53 18.83 1.12
N GLU CA 40 35.05 17.65 0.70
CA GLU CA 40 35.91 16.74 -0.05
C GLU CA 40 36.39 17.39 -1.33
N LEU CA 41 35.49 18.09 -2.03
CA LEU CA 41 35.85 18.73 -3.29
C LEU CA 41 36.82 19.88 -3.07
N VAL CA 42 36.68 20.62 -1.97
CA VAL CA 42 37.63 21.69 -1.68
C VAL CA 42 38.99 21.11 -1.33
N ASP CA 43 39.05 19.96 -0.65
CA ASP CA 43 40.34 19.32 -0.41
C ASP CA 43 40.98 18.86 -1.71
N LEU CA 44 40.16 18.31 -2.62
CA LEU CA 44 40.66 17.96 -3.95
C LEU CA 44 41.19 19.19 -4.67
N PHE CA 45 40.50 20.32 -4.51
CA PHE CA 45 40.98 21.57 -5.09
C PHE CA 45 42.31 21.97 -4.48
N ILE CA 46 42.47 21.79 -3.16
CA ILE CA 46 43.73 22.14 -2.51
C ILE CA 46 44.87 21.28 -3.05
N GLU CA 47 44.59 20.01 -3.34
CA GLU CA 47 45.61 19.14 -3.95
C GLU CA 47 45.96 19.63 -5.35
N ILE CA 48 44.94 19.82 -6.19
CA ILE CA 48 45.17 20.18 -7.59
C ILE CA 48 45.85 21.54 -7.70
N LEU CA 49 45.34 22.53 -6.96
CA LEU CA 49 45.79 23.90 -7.08
C LEU CA 49 47.20 24.10 -6.57
N ASN CA 50 47.76 23.09 -5.89
CA ASN CA 50 49.16 23.10 -5.49
C ASN CA 50 50.02 22.33 -6.47
N LYS CA 51 49.65 21.08 -6.77
CA LYS CA 51 50.53 20.28 -7.62
C LYS CA 51 50.47 20.68 -9.09
N GLY CA 52 49.48 21.49 -9.50
CA GLY CA 52 49.41 21.94 -10.87
C GLY CA 52 50.29 23.13 -11.20
N ARG CA 53 50.65 23.93 -10.22
CA ARG CA 53 51.56 25.04 -10.42
C ARG CA 53 53.02 24.65 -10.19
N GLU CA 54 53.25 23.61 -9.41
CA GLU CA 54 54.59 23.06 -9.25
C GLU CA 54 54.73 21.82 -10.14
N MET DA 1 32.01 3.08 -25.36
CA MET DA 1 30.82 3.77 -25.91
C MET DA 1 31.24 5.02 -26.66
N MET DA 2 31.83 5.96 -25.93
CA MET DA 2 32.18 7.26 -26.51
C MET DA 2 33.32 7.14 -27.52
N GLU DA 3 34.24 6.19 -27.34
CA GLU DA 3 35.36 6.09 -28.27
C GLU DA 3 34.90 5.79 -29.69
N ALA DA 4 33.88 4.95 -29.84
CA ALA DA 4 33.29 4.74 -31.16
C ALA DA 4 32.66 6.02 -31.68
N MET DA 5 31.98 6.77 -30.82
CA MET DA 5 31.36 8.02 -31.25
C MET DA 5 32.42 9.03 -31.67
N VAL DA 6 33.57 9.07 -30.98
CA VAL DA 6 34.59 10.06 -31.29
C VAL DA 6 35.15 9.83 -32.69
N LYS DA 7 35.56 8.59 -32.98
CA LYS DA 7 36.08 8.28 -34.31
C LYS DA 7 35.02 8.44 -35.38
N TYR DA 8 33.80 7.98 -35.09
CA TYR DA 8 32.70 8.12 -36.04
C TYR DA 8 32.47 9.58 -36.41
N LEU DA 9 32.39 10.45 -35.41
CA LEU DA 9 32.19 11.87 -35.67
C LEU DA 9 33.38 12.48 -36.39
N ALA DA 10 34.61 12.14 -35.98
CA ALA DA 10 35.79 12.69 -36.65
C ALA DA 10 35.81 12.32 -38.12
N GLU DA 11 35.50 11.06 -38.44
CA GLU DA 11 35.49 10.63 -39.84
C GLU DA 11 34.37 11.32 -40.62
N LYS DA 12 33.17 11.36 -40.03
CA LYS DA 12 32.00 11.87 -40.75
C LYS DA 12 31.96 13.39 -40.82
N ALA DA 13 32.80 14.09 -40.05
CA ALA DA 13 32.86 15.54 -40.10
C ALA DA 13 34.23 16.10 -40.45
N GLY DA 14 35.28 15.28 -40.45
CA GLY DA 14 36.61 15.74 -40.77
C GLY DA 14 37.32 16.48 -39.66
N ILE DA 15 36.70 16.60 -38.48
CA ILE DA 15 37.34 17.31 -37.38
C ILE DA 15 38.39 16.44 -36.72
N SER DA 16 39.24 17.08 -35.92
CA SER DA 16 40.31 16.38 -35.22
C SER DA 16 39.73 15.53 -34.10
N GLU DA 17 40.58 14.65 -33.55
CA GLU DA 17 40.15 13.78 -32.46
C GLU DA 17 39.76 14.59 -31.22
N VAL DA 18 40.53 15.61 -30.89
CA VAL DA 18 40.27 16.38 -29.67
C VAL DA 18 39.00 17.21 -29.82
N GLU DA 19 38.75 17.78 -31.00
CA GLU DA 19 37.51 18.51 -31.22
C GLU DA 19 36.30 17.57 -31.18
N ALA DA 20 36.43 16.39 -31.79
CA ALA DA 20 35.35 15.42 -31.72
C ALA DA 20 35.12 14.97 -30.28
N ALA DA 21 36.19 14.81 -29.50
CA ALA DA 21 36.02 14.44 -28.10
C ALA DA 21 35.25 15.51 -27.35
N GLU DA 22 35.56 16.79 -27.61
CA GLU DA 22 34.84 17.87 -26.95
C GLU DA 22 33.36 17.86 -27.31
N ILE DA 23 33.06 17.72 -28.61
CA ILE DA 23 31.66 17.73 -29.02
C ILE DA 23 30.91 16.52 -28.46
N VAL DA 24 31.57 15.36 -28.44
CA VAL DA 24 30.93 14.16 -27.90
C VAL DA 24 30.71 14.31 -26.40
N LEU DA 25 31.64 14.95 -25.68
CA LEU DA 25 31.42 15.20 -24.26
C LEU DA 25 30.24 16.14 -24.04
N LYS DA 26 30.10 17.18 -24.88
CA LYS DA 26 28.93 18.04 -24.82
C LYS DA 26 27.65 17.24 -25.02
N ALA DA 27 27.64 16.36 -26.03
CA ALA DA 27 26.46 15.56 -26.30
C ALA DA 27 26.12 14.65 -25.12
N VAL DA 28 27.13 13.99 -24.55
CA VAL DA 28 26.90 13.08 -23.44
C VAL DA 28 26.39 13.85 -22.22
N LYS DA 29 26.93 15.06 -22.00
CA LYS DA 29 26.49 15.86 -20.85
C LYS DA 29 25.04 16.30 -21.00
N ILE DA 30 24.67 16.80 -22.19
CA ILE DA 30 23.29 17.24 -22.39
C ILE DA 30 22.33 16.06 -22.36
N SER DA 31 22.74 14.92 -22.88
CA SER DA 31 21.88 13.75 -22.97
C SER DA 31 21.54 13.15 -21.61
N GLY DA 32 22.20 13.58 -20.54
CA GLY DA 32 22.01 12.96 -19.26
C GLY DA 32 22.64 11.59 -19.13
N GLY DA 33 23.66 11.30 -19.94
CA GLY DA 33 24.34 10.03 -19.90
C GLY DA 33 23.66 8.91 -20.67
N ASP DA 34 22.51 9.16 -21.27
CA ASP DA 34 21.83 8.12 -22.03
C ASP DA 34 22.61 7.79 -23.30
N VAL DA 35 22.74 6.50 -23.59
CA VAL DA 35 23.51 6.06 -24.75
C VAL DA 35 22.77 6.41 -26.04
N VAL DA 36 21.47 6.13 -26.08
CA VAL DA 36 20.70 6.34 -27.31
C VAL DA 36 20.62 7.82 -27.66
N LYS DA 37 20.27 8.65 -26.66
CA LYS DA 37 20.18 10.09 -26.91
C LYS DA 37 21.52 10.64 -27.36
N SER DA 38 22.62 10.13 -26.80
CA SER DA 38 23.93 10.61 -27.22
C SER DA 38 24.19 10.32 -28.69
N ILE DA 39 23.79 9.14 -29.16
CA ILE DA 39 24.02 8.79 -30.56
C ILE DA 39 23.12 9.61 -31.47
N GLU DA 40 21.84 9.77 -31.10
CA GLU DA 40 20.94 10.62 -31.87
C GLU DA 40 21.49 12.04 -31.98
N LEU DA 41 21.97 12.58 -30.85
CA LEU DA 41 22.45 13.95 -30.82
C LEU DA 41 23.74 14.10 -31.63
N VAL DA 42 24.64 13.11 -31.55
CA VAL DA 42 25.85 13.16 -32.36
C VAL DA 42 25.52 13.05 -33.84
N ASP DA 43 24.49 12.27 -34.20
CA ASP DA 43 24.05 12.23 -35.59
C ASP DA 43 23.50 13.59 -36.02
N LEU DA 44 22.76 14.25 -35.14
CA LEU DA 44 22.25 15.58 -35.46
C LEU DA 44 23.39 16.57 -35.68
N PHE DA 45 24.48 16.43 -34.91
CA PHE DA 45 25.63 17.31 -35.11
C PHE DA 45 26.22 17.13 -36.50
N ILE DA 46 26.27 15.88 -36.99
CA ILE DA 46 26.86 15.63 -38.31
C ILE DA 46 26.07 16.34 -39.39
N GLU DA 47 24.75 16.44 -39.22
CA GLU DA 47 23.94 17.25 -40.14
C GLU DA 47 24.28 18.72 -39.99
N ILE DA 48 24.15 19.27 -38.77
CA ILE DA 48 24.42 20.69 -38.54
C ILE DA 48 25.84 21.02 -38.94
N LEU DA 49 26.79 20.18 -38.53
CA LEU DA 49 28.21 20.49 -38.74
C LEU DA 49 28.62 20.40 -40.19
N ASN DA 50 27.78 19.84 -41.07
CA ASN DA 50 28.08 19.78 -42.50
C ASN DA 50 27.33 20.88 -43.27
N LYS DA 51 26.00 20.91 -43.16
CA LYS DA 51 25.23 21.94 -43.85
C LYS DA 51 25.46 23.32 -43.24
N GLY DA 52 25.96 23.39 -42.01
CA GLY DA 52 26.21 24.68 -41.39
C GLY DA 52 27.44 25.39 -41.93
N ARG DA 53 28.38 24.65 -42.50
CA ARG DA 53 29.53 25.26 -43.16
C ARG DA 53 29.30 25.43 -44.65
N GLU DA 54 28.45 24.61 -45.24
CA GLU DA 54 28.07 24.77 -46.65
C GLU DA 54 26.84 25.66 -46.77
N MET EA 1 -35.98 2.05 19.55
CA MET EA 1 -36.03 2.79 18.25
C MET EA 1 -37.40 2.66 17.62
N MET EA 2 -37.71 1.44 17.17
CA MET EA 2 -38.96 1.20 16.45
C MET EA 2 -40.19 1.42 17.33
N GLU EA 3 -40.08 1.14 18.63
CA GLU EA 3 -41.24 1.30 19.50
C GLU EA 3 -41.70 2.76 19.56
N ALA EA 4 -40.76 3.70 19.58
CA ALA EA 4 -41.14 5.10 19.51
C ALA EA 4 -41.78 5.42 18.16
N MET EA 5 -41.23 4.87 17.08
CA MET EA 5 -41.82 5.10 15.76
C MET EA 5 -43.22 4.53 15.67
N VAL EA 6 -43.47 3.37 16.30
CA VAL EA 6 -44.78 2.74 16.19
C VAL EA 6 -45.85 3.61 16.84
N LYS EA 7 -45.61 4.05 18.07
CA LYS EA 7 -46.57 4.91 18.75
C LYS EA 7 -46.69 6.25 18.03
N TYR EA 8 -45.57 6.81 17.60
CA TYR EA 8 -45.59 8.08 16.88
C TYR EA 8 -46.48 8.00 15.65
N LEU EA 9 -46.30 6.95 14.83
CA LEU EA 9 -47.11 6.79 13.63
C LEU EA 9 -48.58 6.53 13.98
N ALA EA 10 -48.83 5.66 14.96
CA ALA EA 10 -50.20 5.37 15.34
C ALA EA 10 -50.94 6.63 15.78
N GLU EA 11 -50.28 7.48 16.57
CA GLU EA 11 -50.91 8.72 17.01
C GLU EA 11 -51.10 9.69 15.86
N LYS EA 12 -50.06 9.88 15.05
CA LYS EA 12 -50.12 10.92 14.01
C LYS EA 12 -50.91 10.49 12.78
N ALA EA 13 -51.19 9.20 12.62
CA ALA EA 13 -51.99 8.72 11.51
C ALA EA 13 -53.31 8.08 11.93
N GLY EA 14 -53.49 7.83 13.23
CA GLY EA 14 -54.73 7.24 13.72
C GLY EA 14 -54.86 5.75 13.52
N ILE EA 15 -53.86 5.10 12.91
CA ILE EA 15 -53.96 3.66 12.67
C ILE EA 15 -53.71 2.89 13.98
N SER EA 16 -54.08 1.62 13.96
CA SER EA 16 -53.92 0.76 15.12
C SER EA 16 -52.44 0.43 15.34
N GLU EA 17 -52.15 -0.15 16.51
CA GLU EA 17 -50.78 -0.50 16.84
C GLU EA 17 -50.21 -1.54 15.87
N VAL EA 18 -51.00 -2.57 15.54
CA VAL EA 18 -50.49 -3.64 14.71
C VAL EA 18 -50.27 -3.15 13.28
N GLU EA 19 -51.14 -2.28 12.77
CA GLU EA 19 -50.93 -1.72 11.44
C GLU EA 19 -49.71 -0.80 11.43
N ALA EA 20 -49.55 0.00 12.49
CA ALA EA 20 -48.36 0.85 12.59
C ALA EA 20 -47.10 0.01 12.67
N ALA EA 21 -47.15 -1.11 13.40
CA ALA EA 21 -46.00 -2.00 13.48
C ALA EA 21 -45.64 -2.54 12.10
N GLU EA 22 -46.65 -2.94 11.32
CA GLU EA 22 -46.39 -3.44 9.98
C GLU EA 22 -45.75 -2.38 9.09
N ILE EA 23 -46.29 -1.15 9.12
CA ILE EA 23 -45.73 -0.10 8.27
C ILE EA 23 -44.32 0.27 8.71
N VAL EA 24 -44.08 0.30 10.02
CA VAL EA 24 -42.75 0.62 10.53
C VAL EA 24 -41.76 -0.47 10.16
N LEU EA 25 -42.20 -1.73 10.19
CA LEU EA 25 -41.32 -2.82 9.75
C LEU EA 25 -41.00 -2.71 8.28
N LYS EA 26 -41.99 -2.34 7.45
CA LYS EA 26 -41.72 -2.09 6.04
C LYS EA 26 -40.68 -1.00 5.87
N ALA EA 27 -40.84 0.11 6.60
CA ALA EA 27 -39.89 1.22 6.48
C ALA EA 27 -38.49 0.80 6.91
N VAL EA 28 -38.39 0.06 8.01
CA VAL EA 28 -37.07 -0.36 8.50
C VAL EA 28 -36.42 -1.32 7.50
N LYS EA 29 -37.18 -2.25 6.95
CA LYS EA 29 -36.63 -3.21 5.99
C LYS EA 29 -36.14 -2.49 4.74
N ILE EA 30 -36.95 -1.59 4.19
CA ILE EA 30 -36.55 -0.92 2.94
C ILE EA 30 -35.44 0.08 3.18
N SER EA 31 -35.35 0.64 4.39
CA SER EA 31 -34.31 1.61 4.71
C SER EA 31 -32.93 0.99 4.88
N GLY EA 32 -32.83 -0.34 4.89
CA GLY EA 32 -31.56 -0.98 5.15
C GLY EA 32 -31.16 -0.98 6.61
N GLY EA 33 -32.11 -0.79 7.51
CA GLY EA 33 -31.83 -0.76 8.93
C GLY EA 33 -31.31 0.56 9.46
N ASP EA 34 -31.13 1.56 8.61
CA ASP EA 34 -30.65 2.87 9.06
C ASP EA 34 -31.71 3.54 9.91
N VAL EA 35 -31.27 4.14 11.03
CA VAL EA 35 -32.21 4.80 11.93
C VAL EA 35 -32.74 6.08 11.31
N VAL EA 36 -31.86 6.89 10.71
CA VAL EA 36 -32.27 8.19 10.19
C VAL EA 36 -33.22 8.02 9.02
N LYS EA 37 -32.86 7.16 8.06
CA LYS EA 37 -33.72 6.95 6.90
C LYS EA 37 -35.07 6.39 7.32
N SER EA 38 -35.10 5.53 8.34
CA SER EA 38 -36.37 5.00 8.81
C SER EA 38 -37.26 6.11 9.35
N ILE EA 39 -36.69 7.07 10.08
CA ILE EA 39 -37.49 8.16 10.63
C ILE EA 39 -37.97 9.07 9.51
N GLU EA 40 -37.09 9.38 8.55
CA GLU EA 40 -37.51 10.19 7.41
C GLU EA 40 -38.65 9.52 6.65
N LEU EA 41 -38.55 8.22 6.44
CA LEU EA 41 -39.55 7.50 5.66
C LEU EA 41 -40.87 7.39 6.42
N VAL EA 42 -40.80 7.20 7.75
CA VAL EA 42 -42.02 7.19 8.54
C VAL EA 42 -42.66 8.57 8.54
N ASP EA 43 -41.86 9.64 8.53
CA ASP EA 43 -42.42 10.98 8.38
C ASP EA 43 -43.11 11.12 7.03
N LEU EA 44 -42.51 10.59 5.97
CA LEU EA 44 -43.13 10.66 4.65
C LEU EA 44 -44.45 9.89 4.63
N PHE EA 45 -44.51 8.73 5.30
CA PHE EA 45 -45.75 7.96 5.34
C PHE EA 45 -46.86 8.74 6.03
N ILE EA 46 -46.52 9.48 7.09
CA ILE EA 46 -47.52 10.28 7.79
C ILE EA 46 -48.14 11.31 6.85
N GLU EA 47 -47.34 11.83 5.92
CA GLU EA 47 -47.89 12.72 4.90
C GLU EA 47 -48.78 11.95 3.92
N ILE EA 48 -48.24 10.91 3.29
CA ILE EA 48 -49.00 10.16 2.30
C ILE EA 48 -50.27 9.58 2.93
N LEU EA 49 -50.13 9.01 4.12
CA LEU EA 49 -51.25 8.32 4.75
C LEU EA 49 -52.35 9.28 5.20
N ASN EA 50 -52.10 10.59 5.20
CA ASN EA 50 -53.12 11.58 5.54
C ASN EA 50 -53.72 12.22 4.29
N LYS EA 51 -52.90 12.81 3.43
CA LYS EA 51 -53.41 13.39 2.20
C LYS EA 51 -53.88 12.33 1.22
N GLY EA 52 -53.42 11.08 1.37
CA GLY EA 52 -53.86 10.02 0.48
C GLY EA 52 -55.29 9.60 0.70
N ARG EA 53 -55.82 9.77 1.91
CA ARG EA 53 -57.22 9.50 2.19
C ARG EA 53 -58.10 10.73 2.08
N GLU EA 54 -57.55 11.91 2.31
CA GLU EA 54 -58.28 13.16 2.11
C GLU EA 54 -58.09 13.65 0.68
N MET FA 1 13.50 -36.43 -13.32
CA MET FA 1 12.54 -35.83 -14.29
C MET FA 1 12.97 -36.16 -15.71
N MET FA 2 14.08 -35.57 -16.14
CA MET FA 2 14.53 -35.71 -17.51
C MET FA 2 14.92 -37.15 -17.84
N GLU FA 3 15.45 -37.90 -16.88
CA GLU FA 3 15.85 -39.27 -17.15
C GLU FA 3 14.65 -40.12 -17.56
N ALA FA 4 13.51 -39.92 -16.90
CA ALA FA 4 12.30 -40.60 -17.32
C ALA FA 4 11.87 -40.18 -18.72
N MET FA 5 11.98 -38.89 -19.03
CA MET FA 5 11.63 -38.41 -20.36
C MET FA 5 12.57 -38.99 -21.41
N VAL FA 6 13.85 -39.14 -21.08
CA VAL FA 6 14.82 -39.61 -22.08
C VAL FA 6 14.49 -41.03 -22.51
N LYS FA 7 14.30 -41.94 -21.54
CA LYS FA 7 13.96 -43.31 -21.88
C LYS FA 7 12.58 -43.40 -22.52
N TYR FA 8 11.63 -42.60 -22.02
CA TYR FA 8 10.29 -42.58 -22.61
C TYR FA 8 10.35 -42.24 -24.09
N LEU FA 9 11.06 -41.16 -24.43
CA LEU FA 9 11.19 -40.76 -25.83
C LEU FA 9 11.96 -41.80 -26.63
N ALA FA 10 13.05 -42.34 -26.08
CA ALA FA 10 13.83 -43.33 -26.81
C ALA FA 10 12.99 -44.55 -27.16
N GLU FA 11 12.16 -45.01 -26.22
CA GLU FA 11 11.29 -46.16 -26.49
C GLU FA 11 10.21 -45.79 -27.49
N LYS FA 12 9.53 -44.65 -27.28
CA LYS FA 12 8.37 -44.31 -28.10
C LYS FA 12 8.76 -43.79 -29.48
N ALA FA 13 10.01 -43.42 -29.70
CA ALA FA 13 10.46 -42.95 -31.00
C ALA FA 13 11.55 -43.80 -31.62
N GLY FA 14 12.13 -44.75 -30.88
CA GLY FA 14 13.15 -45.62 -31.43
C GLY FA 14 14.52 -44.97 -31.58
N ILE FA 15 14.68 -43.73 -31.15
CA ILE FA 15 15.98 -43.07 -31.26
C ILE FA 15 16.91 -43.55 -30.14
N SER FA 16 18.20 -43.31 -30.35
CA SER FA 16 19.19 -43.66 -29.33
C SER FA 16 19.04 -42.77 -28.11
N GLU FA 17 19.56 -43.24 -26.98
CA GLU FA 17 19.44 -42.47 -25.75
C GLU FA 17 20.21 -41.16 -25.81
N VAL FA 18 21.34 -41.12 -26.53
CA VAL FA 18 22.09 -39.88 -26.65
C VAL FA 18 21.32 -38.86 -27.49
N GLU FA 19 20.63 -39.30 -28.53
CA GLU FA 19 19.79 -38.40 -29.31
C GLU FA 19 18.57 -37.96 -28.52
N ALA FA 20 17.98 -38.89 -27.77
CA ALA FA 20 16.85 -38.54 -26.91
C ALA FA 20 17.27 -37.51 -25.87
N ALA FA 21 18.47 -37.66 -25.33
CA ALA FA 21 18.96 -36.67 -24.36
C ALA FA 21 19.05 -35.29 -24.99
N GLU FA 22 19.54 -35.20 -26.22
CA GLU FA 22 19.65 -33.91 -26.90
C GLU FA 22 18.27 -33.30 -27.12
N ILE FA 23 17.32 -34.10 -27.60
CA ILE FA 23 15.98 -33.57 -27.86
C ILE FA 23 15.31 -33.15 -26.55
N VAL FA 24 15.49 -33.93 -25.48
CA VAL FA 24 14.88 -33.59 -24.20
C VAL FA 24 15.52 -32.32 -23.64
N LEU FA 25 16.82 -32.12 -23.84
CA LEU FA 25 17.45 -30.89 -23.41
C LEU FA 25 16.92 -29.70 -24.18
N LYS FA 26 16.70 -29.87 -25.50
CA LYS FA 26 16.06 -28.81 -26.28
C LYS FA 26 14.68 -28.47 -25.72
N ALA FA 27 13.89 -29.50 -25.42
CA ALA FA 27 12.54 -29.26 -24.90
C ALA FA 27 12.59 -28.54 -23.56
N VAL FA 28 13.49 -28.97 -22.67
CA VAL FA 28 13.59 -28.33 -21.36
C VAL FA 28 14.04 -26.89 -21.49
N LYS FA 29 14.97 -26.61 -22.40
CA LYS FA 29 15.45 -25.25 -22.60
C LYS FA 29 14.34 -24.35 -23.12
N ILE FA 30 13.59 -24.82 -24.11
CA ILE FA 30 12.50 -24.01 -24.67
C ILE FA 30 11.39 -23.81 -23.63
N SER FA 31 11.11 -24.84 -22.84
CA SER FA 31 10.02 -24.79 -21.87
C SER FA 31 10.27 -23.82 -20.73
N GLY FA 32 11.49 -23.30 -20.60
CA GLY FA 32 11.82 -22.46 -19.46
C GLY FA 32 11.97 -23.22 -18.16
N GLY FA 33 12.27 -24.51 -18.24
CA GLY FA 33 12.43 -25.33 -17.06
C GLY FA 33 11.14 -25.86 -16.45
N ASP FA 34 9.98 -25.51 -17.01
CA ASP FA 34 8.72 -26.02 -16.50
C ASP FA 34 8.61 -27.51 -16.78
N VAL FA 35 8.19 -28.26 -15.76
CA VAL FA 35 8.10 -29.71 -15.90
C VAL FA 35 6.94 -30.09 -16.82
N VAL FA 36 5.77 -29.50 -16.60
CA VAL FA 36 4.58 -29.90 -17.37
C VAL FA 36 4.76 -29.54 -18.84
N LYS FA 37 5.21 -28.31 -19.12
CA LYS FA 37 5.42 -27.91 -20.49
C LYS FA 37 6.43 -28.80 -21.18
N SER FA 38 7.47 -29.21 -20.46
CA SER FA 38 8.46 -30.11 -21.05
C SER FA 38 7.84 -31.44 -21.44
N ILE FA 39 6.94 -31.97 -20.61
CA ILE FA 39 6.31 -33.24 -20.92
C ILE FA 39 5.37 -33.10 -22.11
N GLU FA 40 4.59 -32.01 -22.14
CA GLU FA 40 3.73 -31.76 -23.30
C GLU FA 40 4.55 -31.66 -24.57
N LEU FA 41 5.67 -30.95 -24.51
CA LEU FA 41 6.50 -30.74 -25.69
C LEU FA 41 7.16 -32.04 -26.15
N VAL FA 42 7.61 -32.86 -25.20
CA VAL FA 42 8.17 -34.16 -25.55
C VAL FA 42 7.10 -35.06 -26.15
N ASP FA 43 5.85 -34.96 -25.66
CA ASP FA 43 4.77 -35.70 -26.28
C ASP FA 43 4.53 -35.24 -27.72
N LEU FA 44 4.60 -33.92 -27.94
CA LEU FA 44 4.43 -33.40 -29.31
C LEU FA 44 5.54 -33.91 -30.22
N PHE FA 45 6.77 -34.01 -29.72
CA PHE FA 45 7.87 -34.50 -30.55
C PHE FA 45 7.63 -35.94 -30.99
N ILE FA 46 7.05 -36.76 -30.11
CA ILE FA 46 6.78 -38.14 -30.46
C ILE FA 46 5.81 -38.22 -31.62
N GLU FA 47 4.84 -37.31 -31.69
CA GLU FA 47 3.97 -37.22 -32.85
C GLU FA 47 4.75 -36.81 -34.09
N ILE FA 48 5.45 -35.67 -34.01
CA ILE FA 48 6.19 -35.17 -35.16
C ILE FA 48 7.25 -36.17 -35.59
N LEU FA 49 7.98 -36.74 -34.64
CA LEU FA 49 9.11 -37.60 -34.97
C LEU FA 49 8.67 -38.93 -35.57
N ASN FA 50 7.39 -39.29 -35.47
CA ASN FA 50 6.87 -40.50 -36.09
C ASN FA 50 6.25 -40.21 -37.45
N LYS FA 51 5.23 -39.34 -37.50
CA LYS FA 51 4.60 -39.02 -38.77
C LYS FA 51 5.52 -38.23 -39.69
N GLY FA 52 6.58 -37.60 -39.14
CA GLY FA 52 7.50 -36.86 -39.96
C GLY FA 52 8.40 -37.73 -40.83
N ARG FA 53 8.61 -38.98 -40.43
CA ARG FA 53 9.36 -39.93 -41.24
C ARG FA 53 8.46 -40.83 -42.07
N GLU FA 54 7.23 -41.08 -41.60
CA GLU FA 54 6.26 -41.84 -42.37
C GLU FA 54 5.38 -40.89 -43.18
N MET GA 1 -2.60 -32.58 24.66
CA MET GA 1 -2.71 -33.11 23.26
C MET GA 1 -1.75 -34.28 23.07
N MET GA 2 -0.48 -34.04 23.44
CA MET GA 2 0.54 -35.06 23.28
C MET GA 2 0.29 -36.27 24.17
N GLU GA 3 -0.35 -36.10 25.32
CA GLU GA 3 -0.56 -37.24 26.22
C GLU GA 3 -1.45 -38.29 25.59
N ALA GA 4 -2.42 -37.88 24.77
CA ALA GA 4 -3.23 -38.85 24.04
C ALA GA 4 -2.38 -39.65 23.06
N MET GA 5 -1.46 -38.98 22.38
CA MET GA 5 -0.58 -39.68 21.44
C MET GA 5 0.31 -40.68 22.17
N VAL GA 6 0.80 -40.32 23.35
CA VAL GA 6 1.73 -41.18 24.07
C VAL GA 6 1.08 -42.51 24.40
N LYS GA 7 -0.12 -42.46 24.99
CA LYS GA 7 -0.84 -43.70 25.27
C LYS GA 7 -1.32 -44.35 23.98
N TYR GA 8 -1.76 -43.55 23.01
CA TYR GA 8 -2.18 -44.09 21.73
C TYR GA 8 -1.06 -44.86 21.06
N LEU GA 9 0.15 -44.30 21.05
CA LEU GA 9 1.28 -45.00 20.46
C LEU GA 9 1.69 -46.21 21.28
N ALA GA 10 1.69 -46.09 22.61
CA ALA GA 10 2.10 -47.20 23.45
C ALA GA 10 1.24 -48.43 23.22
N GLU GA 11 -0.08 -48.25 23.10
CA GLU GA 11 -0.97 -49.38 22.88
C GLU GA 11 -0.78 -49.96 21.49
N LYS GA 12 -0.76 -49.11 20.47
CA LYS GA 12 -0.75 -49.58 19.09
C LYS GA 12 0.60 -50.09 18.64
N ALA GA 13 1.68 -49.79 19.38
CA ALA GA 13 3.00 -50.31 19.06
C ALA GA 13 3.56 -51.22 20.15
N GLY GA 14 2.93 -51.29 21.31
CA GLY GA 14 3.39 -52.16 22.38
C GLY GA 14 4.60 -51.67 23.14
N ILE GA 15 5.08 -50.45 22.85
CA ILE GA 15 6.25 -49.92 23.52
C ILE GA 15 5.86 -49.37 24.89
N SER GA 16 6.87 -49.14 25.73
CA SER GA 16 6.64 -48.59 27.05
C SER GA 16 6.22 -47.12 26.96
N GLU GA 17 5.64 -46.62 28.06
CA GLU GA 17 5.19 -45.24 28.07
C GLU GA 17 6.34 -44.27 27.93
N VAL GA 18 7.50 -44.55 28.53
CA VAL GA 18 8.64 -43.65 28.41
C VAL GA 18 9.22 -43.71 27.00
N GLU GA 19 9.23 -44.87 26.36
CA GLU GA 19 9.68 -44.96 24.97
C GLU GA 19 8.70 -44.26 24.04
N ALA GA 20 7.40 -44.37 24.32
CA ALA GA 20 6.41 -43.64 23.54
C ALA GA 20 6.59 -42.14 23.71
N ALA GA 21 6.86 -41.69 24.94
CA ALA GA 21 7.06 -40.26 25.18
C ALA GA 21 8.24 -39.74 24.37
N GLU GA 22 9.33 -40.50 24.30
CA GLU GA 22 10.49 -40.07 23.53
C GLU GA 22 10.15 -39.94 22.05
N ILE GA 23 9.48 -40.97 21.49
CA ILE GA 23 9.17 -40.94 20.05
C ILE GA 23 8.20 -39.82 19.74
N VAL GA 24 7.21 -39.58 20.61
CA VAL GA 24 6.24 -38.53 20.36
C VAL GA 24 6.93 -37.16 20.40
N LEU GA 25 7.92 -36.98 21.27
CA LEU GA 25 8.65 -35.73 21.31
C LEU GA 25 9.46 -35.52 20.03
N LYS GA 26 10.02 -36.60 19.48
CA LYS GA 26 10.68 -36.51 18.19
C LYS GA 26 9.72 -36.05 17.10
N ALA GA 27 8.51 -36.61 17.09
CA ALA GA 27 7.52 -36.22 16.08
C ALA GA 27 7.13 -34.75 16.20
N VAL GA 28 6.98 -34.26 17.43
CA VAL GA 28 6.54 -32.88 17.62
C VAL GA 28 7.62 -31.91 17.14
N LYS GA 29 8.89 -32.22 17.38
CA LYS GA 29 9.97 -31.34 16.93
C LYS GA 29 10.01 -31.23 15.42
N ILE GA 30 9.99 -32.38 14.72
CA ILE GA 30 10.06 -32.36 13.27
C ILE GA 30 8.83 -31.67 12.68
N SER GA 31 7.66 -31.90 13.28
CA SER GA 31 6.42 -31.31 12.79
C SER GA 31 6.42 -29.80 12.89
N GLY GA 32 7.33 -29.20 13.65
CA GLY GA 32 7.26 -27.78 13.91
C GLY GA 32 6.19 -27.39 14.90
N GLY GA 33 5.76 -28.32 15.75
CA GLY GA 33 4.72 -28.07 16.70
C GLY GA 33 3.31 -28.19 16.18
N ASP GA 34 3.14 -28.49 14.89
CA ASP GA 34 1.80 -28.65 14.35
C ASP GA 34 1.12 -29.88 14.92
N VAL GA 35 -0.15 -29.72 15.31
CA VAL GA 35 -0.90 -30.83 15.88
C VAL GA 35 -1.21 -31.88 14.81
N VAL GA 36 -1.66 -31.43 13.64
CA VAL GA 36 -2.07 -32.36 12.59
C VAL GA 36 -0.88 -33.19 12.11
N LYS GA 37 0.23 -32.52 11.78
CA LYS GA 37 1.40 -33.23 11.28
C LYS GA 37 1.93 -34.21 12.32
N SER GA 38 1.84 -33.85 13.61
CA SER GA 38 2.30 -34.76 14.66
C SER GA 38 1.49 -36.05 14.66
N ILE GA 39 0.18 -35.96 14.45
CA ILE GA 39 -0.65 -37.15 14.44
C ILE GA 39 -0.39 -37.99 13.20
N GLU GA 40 -0.19 -37.32 12.05
CA GLU GA 40 0.19 -38.06 10.84
C GLU GA 40 1.50 -38.80 11.04
N LEU GA 41 2.51 -38.13 11.62
CA LEU GA 41 3.79 -38.78 11.86
C LEU GA 41 3.66 -39.94 12.83
N VAL GA 42 2.93 -39.74 13.93
CA VAL GA 42 2.77 -40.81 14.90
C VAL GA 42 2.05 -42.00 14.28
N ASP GA 43 1.08 -41.74 13.39
CA ASP GA 43 0.45 -42.83 12.65
C ASP GA 43 1.47 -43.54 11.76
N LEU GA 44 2.34 -42.78 11.09
CA LEU GA 44 3.34 -43.40 10.23
C LEU GA 44 4.32 -44.24 11.05
N PHE GA 45 4.70 -43.78 12.24
CA PHE GA 45 5.59 -44.55 13.08
C PHE GA 45 4.95 -45.89 13.46
N ILE GA 46 3.64 -45.90 13.72
CA ILE GA 46 2.95 -47.14 14.06
C ILE GA 46 3.04 -48.14 12.92
N GLU GA 47 3.08 -47.66 11.68
CA GLU GA 47 3.31 -48.55 10.54
C GLU GA 47 4.75 -49.04 10.53
N ILE GA 48 5.70 -48.10 10.48
CA ILE GA 48 7.12 -48.47 10.44
C ILE GA 48 7.48 -49.33 11.65
N LEU GA 49 7.02 -48.93 12.82
CA LEU GA 49 7.42 -49.61 14.05
C LEU GA 49 6.82 -51.01 14.17
N ASN GA 50 5.85 -51.36 13.32
CA ASN GA 50 5.27 -52.70 13.33
C ASN GA 50 5.84 -53.57 12.20
N LYS GA 51 5.71 -53.10 10.95
CA LYS GA 51 6.26 -53.88 9.83
C LYS GA 51 7.78 -53.91 9.85
N GLY GA 52 8.43 -53.00 10.56
CA GLY GA 52 9.88 -52.96 10.59
C GLY GA 52 10.50 -54.02 11.48
N ARG GA 53 9.75 -54.55 12.45
CA ARG GA 53 10.24 -55.63 13.29
C ARG GA 53 9.87 -57.00 12.76
N GLU GA 54 8.83 -57.10 11.94
CA GLU GA 54 8.47 -58.36 11.31
C GLU GA 54 9.14 -58.48 9.94
N MET HA 1 33.22 -14.46 19.07
CA MET HA 1 32.48 -15.49 18.27
C MET HA 1 33.45 -16.52 17.69
N MET HA 2 34.24 -16.07 16.72
CA MET HA 2 35.13 -16.98 16.01
C MET HA 2 36.27 -17.49 16.90
N GLU HA 3 36.73 -16.69 17.86
CA GLU HA 3 37.84 -17.14 18.70
C GLU HA 3 37.46 -18.38 19.51
N ALA HA 4 36.22 -18.42 20.01
CA ALA HA 4 35.78 -19.62 20.73
C ALA HA 4 35.75 -20.83 19.80
N MET HA 5 35.30 -20.64 18.56
CA MET HA 5 35.28 -21.74 17.60
C MET HA 5 36.69 -22.23 17.30
N VAL HA 6 37.65 -21.31 17.17
CA VAL HA 6 39.01 -21.71 16.82
C VAL HA 6 39.62 -22.60 17.89
N LYS HA 7 39.53 -22.17 19.15
CA LYS HA 7 39.98 -23.03 20.24
C LYS HA 7 39.14 -24.30 20.32
N TYR HA 8 37.83 -24.17 20.18
CA TYR HA 8 36.95 -25.33 20.25
C TYR HA 8 37.31 -26.34 19.18
N LEU HA 9 37.52 -25.89 17.94
CA LEU HA 9 37.88 -26.81 16.87
C LEU HA 9 39.29 -27.37 17.05
N ALA HA 10 40.25 -26.52 17.44
CA ALA HA 10 41.62 -26.98 17.59
C ALA HA 10 41.73 -28.11 18.61
N GLU HA 11 41.05 -27.96 19.75
CA GLU HA 11 41.12 -28.99 20.79
C GLU HA 11 40.42 -30.27 20.34
N LYS HA 12 39.22 -30.14 19.78
CA LYS HA 12 38.44 -31.33 19.45
C LYS HA 12 39.05 -32.10 18.28
N ALA HA 13 39.61 -31.40 17.30
CA ALA HA 13 40.21 -32.04 16.14
C ALA HA 13 41.71 -32.24 16.28
N GLY HA 14 42.36 -31.59 17.25
CA GLY HA 14 43.78 -31.73 17.46
C GLY HA 14 44.64 -30.94 16.50
N ILE HA 15 44.04 -30.15 15.61
CA ILE HA 15 44.82 -29.39 14.65
C ILE HA 15 45.42 -28.15 15.31
N SER HA 16 46.40 -27.56 14.65
CA SER HA 16 47.07 -26.38 15.15
C SER HA 16 46.14 -25.18 15.16
N GLU HA 17 46.55 -24.14 15.88
CA GLU HA 17 45.72 -22.93 15.99
C GLU HA 17 45.53 -22.27 14.64
N VAL HA 18 46.59 -22.17 13.83
CA VAL HA 18 46.47 -21.50 12.55
C VAL HA 18 45.67 -22.33 11.55
N GLU HA 19 45.79 -23.66 11.60
CA GLU HA 19 44.97 -24.50 10.75
C GLU HA 19 43.51 -24.42 11.15
N ALA HA 20 43.24 -24.37 12.46
CA ALA HA 20 41.86 -24.16 12.91
C ALA HA 20 41.33 -22.81 12.47
N ALA HA 21 42.18 -21.77 12.55
CA ALA HA 21 41.76 -20.45 12.12
C ALA HA 21 41.37 -20.44 10.65
N GLU HA 22 42.13 -21.14 9.81
CA GLU HA 22 41.80 -21.21 8.39
C GLU HA 22 40.47 -21.89 8.15
N ILE HA 23 40.26 -23.04 8.79
CA ILE HA 23 39.03 -23.80 8.58
C ILE HA 23 37.83 -23.02 9.11
N VAL HA 24 37.99 -22.34 10.24
CA VAL HA 24 36.88 -21.56 10.80
C VAL HA 24 36.55 -20.38 9.88
N LEU HA 25 37.57 -19.79 9.26
CA LEU HA 25 37.31 -18.71 8.31
C LEU HA 25 36.57 -19.22 7.08
N LYS HA 26 36.89 -20.44 6.63
CA LYS HA 26 36.13 -21.07 5.56
C LYS HA 26 34.66 -21.24 5.95
N ALA HA 27 34.42 -21.73 7.17
CA ALA HA 27 33.05 -21.93 7.63
C ALA HA 27 32.28 -20.61 7.69
N VAL HA 28 32.90 -19.56 8.22
CA VAL HA 28 32.22 -18.27 8.33
C VAL HA 28 31.91 -17.70 6.95
N LYS HA 29 32.88 -17.80 6.03
CA LYS HA 29 32.69 -17.25 4.69
C LYS HA 29 31.55 -17.94 3.95
N ILE HA 30 31.52 -19.28 3.99
CA ILE HA 30 30.51 -20.02 3.26
C ILE HA 30 29.15 -19.93 3.94
N SER HA 31 29.12 -19.73 5.26
CA SER HA 31 27.88 -19.60 6.00
C SER HA 31 27.18 -18.27 5.78
N GLY HA 32 27.82 -17.32 5.12
CA GLY HA 32 27.25 -15.98 4.98
C GLY HA 32 27.34 -15.14 6.23
N GLY HA 33 28.25 -15.47 7.14
CA GLY HA 33 28.41 -14.72 8.37
C GLY HA 33 27.45 -15.08 9.48
N ASP HA 34 26.53 -16.01 9.24
CA ASP HA 34 25.59 -16.42 10.28
C ASP HA 34 26.33 -17.15 11.39
N VAL HA 35 26.01 -16.77 12.64
CA VAL HA 35 26.68 -17.38 13.78
C VAL HA 35 26.25 -18.83 13.96
N VAL HA 36 24.93 -19.08 13.89
CA VAL HA 36 24.41 -20.43 14.14
C VAL HA 36 24.93 -21.39 13.08
N LYS HA 37 24.83 -21.01 11.80
CA LYS HA 37 25.27 -21.88 10.72
C LYS HA 37 26.76 -22.19 10.84
N SER HA 38 27.56 -21.20 11.26
CA SER HA 38 28.99 -21.43 11.43
C SER HA 38 29.26 -22.48 12.50
N ILE HA 39 28.48 -22.47 13.58
CA ILE HA 39 28.67 -23.46 14.63
C ILE HA 39 28.22 -24.83 14.17
N GLU HA 40 27.08 -24.91 13.48
CA GLU HA 40 26.65 -26.17 12.89
C GLU HA 40 27.69 -26.71 11.93
N LEU HA 41 28.26 -25.84 11.10
CA LEU HA 41 29.20 -26.29 10.09
C LEU HA 41 30.54 -26.70 10.72
N VAL HA 42 31.00 -25.97 11.74
CA VAL HA 42 32.22 -26.35 12.42
C VAL HA 42 32.05 -27.68 13.14
N ASP HA 43 30.85 -27.94 13.68
CA ASP HA 43 30.59 -29.25 14.26
C ASP HA 43 30.68 -30.35 13.22
N LEU HA 44 30.14 -30.10 12.02
CA LEU HA 44 30.22 -31.09 10.95
C LEU HA 44 31.66 -31.35 10.55
N PHE HA 45 32.49 -30.30 10.52
CA PHE HA 45 33.89 -30.50 10.19
C PHE HA 45 34.57 -31.43 11.19
N ILE HA 46 34.19 -31.32 12.47
CA ILE HA 46 34.78 -32.19 13.49
C ILE HA 46 34.43 -33.65 13.22
N GLU HA 47 33.21 -33.90 12.74
CA GLU HA 47 32.85 -35.26 12.33
C GLU HA 47 33.68 -35.71 11.13
N ILE HA 48 33.70 -34.90 10.07
CA ILE HA 48 34.44 -35.26 8.86
C ILE HA 48 35.92 -35.38 9.18
N LEU HA 49 36.46 -34.44 9.95
CA LEU HA 49 37.90 -34.40 10.20
C LEU HA 49 38.36 -35.54 11.10
N ASN HA 50 37.44 -36.27 11.74
CA ASN HA 50 37.82 -37.43 12.55
C ASN HA 50 37.71 -38.73 11.75
N LYS HA 51 36.52 -39.03 11.23
CA LYS HA 51 36.36 -40.25 10.43
C LYS HA 51 37.06 -40.15 9.09
N GLY HA 52 37.41 -38.93 8.64
CA GLY HA 52 38.13 -38.78 7.40
C GLY HA 52 39.57 -39.25 7.47
N ARG HA 53 40.14 -39.30 8.67
CA ARG HA 53 41.47 -39.85 8.87
C ARG HA 53 41.46 -41.26 9.44
N GLU HA 54 40.37 -41.64 10.13
CA GLU HA 54 40.21 -43.01 10.60
C GLU HA 54 39.43 -43.83 9.58
N MET IA 1 0.16 7.83 40.30
CA MET IA 1 -0.33 6.46 39.98
C MET IA 1 0.06 5.48 41.06
N MET IA 2 1.35 5.19 41.13
CA MET IA 2 1.84 4.16 42.05
C MET IA 2 1.69 4.57 43.51
N GLU IA 3 1.78 5.86 43.81
CA GLU IA 3 1.67 6.29 45.21
C GLU IA 3 0.29 5.95 45.77
N ALA IA 4 -0.76 6.12 44.97
CA ALA IA 4 -2.10 5.74 45.42
C ALA IA 4 -2.17 4.24 45.68
N MET IA 5 -1.58 3.43 44.79
CA MET IA 5 -1.58 1.99 44.99
C MET IA 5 -0.83 1.59 46.25
N VAL IA 6 0.31 2.26 46.52
CA VAL IA 6 1.11 1.88 47.68
C VAL IA 6 0.33 2.09 48.97
N LYS IA 7 -0.28 3.26 49.14
CA LYS IA 7 -1.12 3.49 50.31
C LYS IA 7 -2.35 2.59 50.26
N TYR IA 8 -2.96 2.44 49.09
CA TYR IA 8 -4.12 1.57 48.97
C TYR IA 8 -3.78 0.14 49.38
N LEU IA 9 -2.65 -0.39 48.91
CA LEU IA 9 -2.25 -1.73 49.29
C LEU IA 9 -1.87 -1.82 50.77
N ALA IA 10 -1.13 -0.83 51.27
CA ALA IA 10 -0.68 -0.86 52.65
C ALA IA 10 -1.86 -0.95 53.62
N GLU IA 11 -2.91 -0.16 53.37
CA GLU IA 11 -4.07 -0.18 54.26
C GLU IA 11 -4.83 -1.50 54.15
N LYS IA 12 -5.09 -1.94 52.92
CA LYS IA 12 -5.92 -3.11 52.71
C LYS IA 12 -5.22 -4.40 53.09
N ALA IA 13 -3.88 -4.40 53.19
CA ALA IA 13 -3.12 -5.56 53.60
C ALA IA 13 -2.38 -5.39 54.92
N GLY IA 14 -2.34 -4.18 55.47
CA GLY IA 14 -1.69 -3.96 56.75
C GLY IA 14 -0.17 -3.97 56.71
N ILE IA 15 0.43 -4.02 55.53
CA ILE IA 15 1.88 -4.07 55.41
C ILE IA 15 2.46 -2.66 55.47
N SER IA 16 3.77 -2.56 55.65
CA SER IA 16 4.44 -1.28 55.76
C SER IA 16 4.51 -0.57 54.41
N GLU IA 17 4.89 0.70 54.44
CA GLU IA 17 5.02 1.47 53.21
C GLU IA 17 6.08 0.88 52.29
N VAL IA 18 7.24 0.50 52.84
CA VAL IA 18 8.31 -0.02 52.01
C VAL IA 18 7.96 -1.39 51.45
N GLU IA 19 7.28 -2.23 52.23
CA GLU IA 19 6.86 -3.53 51.71
C GLU IA 19 5.79 -3.37 50.65
N ALA IA 20 4.86 -2.43 50.84
CA ALA IA 20 3.88 -2.13 49.80
C ALA IA 20 4.56 -1.59 48.56
N ALA IA 21 5.56 -0.72 48.72
CA ALA IA 21 6.27 -0.17 47.58
C ALA IA 21 6.97 -1.26 46.78
N GLU IA 22 7.57 -2.23 47.47
CA GLU IA 22 8.22 -3.34 46.78
C GLU IA 22 7.22 -4.15 45.97
N ILE IA 23 6.10 -4.51 46.57
CA ILE IA 23 5.11 -5.34 45.88
C ILE IA 23 4.49 -4.58 44.72
N VAL IA 24 4.23 -3.29 44.90
CA VAL IA 24 3.65 -2.50 43.81
C VAL IA 24 4.63 -2.39 42.66
N LEU IA 25 5.93 -2.29 42.95
CA LEU IA 25 6.93 -2.24 41.89
C LEU IA 25 6.99 -3.57 41.14
N LYS IA 26 6.83 -4.68 41.85
CA LYS IA 26 6.73 -5.98 41.19
C LYS IA 26 5.53 -6.03 40.25
N ALA IA 27 4.39 -5.52 40.69
CA ALA IA 27 3.19 -5.53 39.85
C ALA IA 27 3.38 -4.69 38.60
N VAL IA 28 3.97 -3.50 38.75
CA VAL IA 28 4.17 -2.62 37.60
C VAL IA 28 5.12 -3.25 36.60
N LYS IA 29 6.16 -3.93 37.09
CA LYS IA 29 7.14 -4.55 36.21
C LYS IA 29 6.50 -5.66 35.37
N ILE IA 30 5.77 -6.57 36.03
CA ILE IA 30 5.14 -7.68 35.32
C ILE IA 30 4.06 -7.17 34.37
N SER IA 31 3.34 -6.14 34.78
CA SER IA 31 2.23 -5.62 33.98
C SER IA 31 2.69 -4.94 32.69
N GLY IA 32 3.98 -4.72 32.51
CA GLY IA 32 4.45 -4.00 31.36
C GLY IA 32 4.19 -2.51 31.41
N GLY IA 33 4.01 -1.96 32.61
CA GLY IA 33 3.73 -0.56 32.77
C GLY IA 33 2.28 -0.16 32.55
N ASP IA 34 1.41 -1.10 32.22
CA ASP IA 34 0.00 -0.78 32.02
C ASP IA 34 -0.65 -0.39 33.35
N VAL IA 35 -1.41 0.70 33.33
CA VAL IA 35 -2.04 1.20 34.55
C VAL IA 35 -3.13 0.24 35.01
N VAL IA 36 -3.99 -0.17 34.08
CA VAL IA 36 -5.13 -1.02 34.45
C VAL IA 36 -4.67 -2.37 34.96
N LYS IA 37 -3.73 -3.01 34.24
CA LYS IA 37 -3.24 -4.31 34.66
C LYS IA 37 -2.60 -4.24 36.03
N SER IA 38 -1.89 -3.14 36.32
CA SER IA 38 -1.28 -2.99 37.63
C SER IA 38 -2.33 -2.95 38.74
N ILE IA 39 -3.45 -2.27 38.48
CA ILE IA 39 -4.50 -2.18 39.50
C ILE IA 39 -5.20 -3.52 39.67
N GLU IA 40 -5.51 -4.20 38.56
CA GLU IA 40 -6.06 -5.55 38.66
C GLU IA 40 -5.11 -6.47 39.40
N LEU IA 41 -3.81 -6.39 39.09
CA LEU IA 41 -2.84 -7.27 39.72
C LEU IA 41 -2.66 -6.94 41.20
N VAL IA 42 -2.67 -5.66 41.55
CA VAL IA 42 -2.54 -5.28 42.96
C VAL IA 42 -3.78 -5.72 43.73
N ASP IA 43 -4.96 -5.66 43.13
CA ASP IA 43 -6.15 -6.20 43.77
C ASP IA 43 -6.02 -7.69 44.00
N LEU IA 44 -5.46 -8.41 43.01
CA LEU IA 44 -5.26 -9.85 43.17
C LEU IA 44 -4.32 -10.15 44.33
N PHE IA 45 -3.29 -9.31 44.53
CA PHE IA 45 -2.38 -9.51 45.66
C PHE IA 45 -3.12 -9.36 46.98
N ILE IA 46 -4.05 -8.42 47.06
CA ILE IA 46 -4.77 -8.17 48.31
C ILE IA 46 -5.59 -9.40 48.70
N GLU IA 47 -6.12 -10.13 47.72
CA GLU IA 47 -6.78 -11.39 48.01
C GLU IA 47 -5.78 -12.43 48.49
N ILE IA 48 -4.72 -12.68 47.72
CA ILE IA 48 -3.72 -13.67 48.10
C ILE IA 48 -3.09 -13.30 49.43
N LEU IA 49 -2.73 -12.04 49.60
CA LEU IA 49 -2.00 -11.62 50.78
C LEU IA 49 -2.84 -11.68 52.05
N ASN IA 50 -4.16 -11.86 51.93
CA ASN IA 50 -5.03 -12.01 53.09
C ASN IA 50 -5.36 -13.48 53.37
N LYS IA 51 -5.95 -14.16 52.38
CA LYS IA 51 -6.28 -15.57 52.57
C LYS IA 51 -5.04 -16.45 52.67
N GLY IA 52 -3.89 -15.96 52.19
CA GLY IA 52 -2.67 -16.75 52.27
C GLY IA 52 -2.11 -16.86 53.66
N ARG IA 53 -2.40 -15.86 54.51
CA ARG IA 53 -1.99 -15.92 55.91
C ARG IA 53 -3.06 -16.53 56.80
N GLU IA 54 -4.32 -16.48 56.38
CA GLU IA 54 -5.39 -17.14 57.11
C GLU IA 54 -5.59 -18.56 56.61
N MET JA 1 -36.46 7.18 -16.29
CA MET JA 1 -37.07 6.14 -15.41
C MET JA 1 -38.27 6.72 -14.66
N MET JA 2 -38.13 7.96 -14.22
CA MET JA 2 -39.17 8.57 -13.39
C MET JA 2 -40.48 8.75 -14.15
N GLU JA 3 -40.43 9.00 -15.45
CA GLU JA 3 -41.67 9.18 -16.21
C GLU JA 3 -42.49 7.89 -16.21
N ALA JA 4 -41.83 6.75 -16.31
CA ALA JA 4 -42.54 5.48 -16.21
C ALA JA 4 -43.16 5.30 -14.83
N MET JA 5 -42.43 5.68 -13.78
CA MET JA 5 -42.97 5.58 -12.42
C MET JA 5 -44.18 6.48 -12.26
N VAL JA 6 -44.14 7.70 -12.80
CA VAL JA 6 -45.23 8.64 -12.61
C VAL JA 6 -46.52 8.09 -13.22
N LYS JA 7 -46.45 7.61 -14.46
CA LYS JA 7 -47.62 6.96 -15.06
C LYS JA 7 -47.97 5.67 -14.33
N TYR JA 8 -46.95 4.89 -13.96
CA TYR JA 8 -47.20 3.64 -13.25
C TYR JA 8 -47.92 3.90 -11.92
N LEU JA 9 -47.45 4.89 -11.16
CA LEU JA 9 -48.10 5.21 -9.90
C LEU JA 9 -49.48 5.81 -10.10
N ALA JA 10 -49.63 6.71 -11.08
CA ALA JA 10 -50.91 7.37 -11.29
C ALA JA 10 -52.01 6.35 -11.61
N GLU JA 11 -51.69 5.36 -12.45
CA GLU JA 11 -52.68 4.36 -12.82
C GLU JA 11 -53.02 3.46 -11.63
N LYS JA 12 -52.00 2.95 -10.95
CA LYS JA 12 -52.18 1.99 -9.88
C LYS JA 12 -52.75 2.60 -8.60
N ALA JA 13 -52.71 3.92 -8.45
CA ALA JA 13 -53.27 4.58 -7.29
C ALA JA 13 -54.41 5.53 -7.62
N GLY JA 14 -54.66 5.82 -8.90
CA GLY JA 14 -55.75 6.68 -9.30
C GLY JA 14 -55.48 8.17 -9.11
N ILE JA 15 -54.29 8.55 -8.65
CA ILE JA 15 -54.00 9.96 -8.42
C ILE JA 15 -53.69 10.66 -9.74
N SER JA 16 -53.69 11.99 -9.70
CA SER JA 16 -53.42 12.80 -10.88
C SER JA 16 -51.93 12.76 -11.23
N GLU JA 17 -51.61 13.25 -12.43
CA GLU JA 17 -50.23 13.29 -12.87
C GLU JA 17 -49.37 14.15 -11.97
N VAL JA 18 -49.87 15.33 -11.57
CA VAL JA 18 -49.06 16.24 -10.76
C VAL JA 18 -48.87 15.67 -9.35
N GLU JA 19 -49.90 15.01 -8.80
CA GLU JA 19 -49.75 14.39 -7.49
C GLU JA 19 -48.80 13.20 -7.55
N ALA JA 20 -48.88 12.41 -8.64
CA ALA JA 20 -47.93 11.31 -8.82
C ALA JA 20 -46.51 11.84 -8.97
N ALA JA 21 -46.34 12.94 -9.70
CA ALA JA 21 -45.02 13.51 -9.87
C ALA JA 21 -44.43 13.94 -8.54
N GLU JA 22 -45.24 14.55 -7.67
CA GLU JA 22 -44.76 14.96 -6.35
C GLU JA 22 -44.31 13.76 -5.53
N ILE JA 23 -45.13 12.71 -5.47
CA ILE JA 23 -44.80 11.56 -4.65
C ILE JA 23 -43.56 10.85 -5.19
N VAL JA 24 -43.44 10.73 -6.52
CA VAL JA 24 -42.27 10.09 -7.09
C VAL JA 24 -41.02 10.89 -6.81
N LEU JA 25 -41.11 12.22 -6.80
CA LEU JA 25 -39.95 13.04 -6.45
C LEU JA 25 -39.56 12.84 -4.99
N LYS JA 26 -40.54 12.67 -4.11
CA LYS JA 26 -40.25 12.33 -2.71
C LYS JA 26 -39.49 11.01 -2.62
N ALA JA 27 -39.93 10.00 -3.36
CA ALA JA 27 -39.28 8.70 -3.32
C ALA JA 27 -37.85 8.77 -3.82
N VAL JA 28 -37.63 9.50 -4.93
CA VAL JA 28 -36.29 9.59 -5.51
C VAL JA 28 -35.35 10.31 -4.55
N LYS JA 29 -35.85 11.33 -3.85
CA LYS JA 29 -35.02 12.10 -2.93
C LYS JA 29 -34.58 11.24 -1.75
N ILE JA 30 -35.53 10.54 -1.11
CA ILE JA 30 -35.20 9.69 0.03
C ILE JA 30 -34.29 8.55 -0.39
N SER JA 31 -34.52 8.00 -1.58
CA SER JA 31 -33.76 6.85 -2.05
C SER JA 31 -32.30 7.16 -2.32
N GLY JA 32 -31.91 8.43 -2.32
CA GLY JA 32 -30.56 8.79 -2.70
C GLY JA 32 -30.29 8.71 -4.17
N GLY JA 33 -31.33 8.79 -5.00
CA GLY JA 33 -31.18 8.70 -6.43
C GLY JA 33 -31.06 7.30 -6.99
N ASP JA 34 -31.08 6.27 -6.13
CA ASP JA 34 -30.99 4.90 -6.62
C ASP JA 34 -32.26 4.53 -7.37
N VAL JA 35 -32.09 3.91 -8.54
CA VAL JA 35 -33.23 3.53 -9.36
C VAL JA 35 -34.01 2.41 -8.70
N VAL JA 36 -33.31 1.38 -8.22
CA VAL JA 36 -33.99 0.21 -7.67
C VAL JA 36 -34.74 0.58 -6.40
N LYS JA 37 -34.09 1.30 -5.49
CA LYS JA 37 -34.76 1.69 -4.25
C LYS JA 37 -35.98 2.54 -4.54
N SER JA 38 -35.93 3.39 -5.56
CA SER JA 38 -37.07 4.22 -5.90
C SER JA 38 -38.25 3.36 -6.34
N ILE JA 39 -38.00 2.29 -7.08
CA ILE JA 39 -39.08 1.42 -7.54
C ILE JA 39 -39.65 0.62 -6.38
N GLU JA 40 -38.80 0.09 -5.51
CA GLU JA 40 -39.28 -0.58 -4.31
C GLU JA 40 -40.11 0.37 -3.46
N LEU JA 41 -39.61 1.61 -3.28
CA LEU JA 41 -40.31 2.58 -2.44
C LEU JA 41 -41.62 3.01 -3.07
N VAL JA 42 -41.66 3.21 -4.39
CA VAL JA 42 -42.90 3.58 -5.05
C VAL JA 42 -43.91 2.44 -4.97
N ASP JA 43 -43.45 1.20 -5.05
CA ASP JA 43 -44.36 0.07 -4.86
C ASP JA 43 -44.93 0.07 -3.45
N LEU JA 44 -44.11 0.39 -2.46
CA LEU JA 44 -44.58 0.47 -1.09
C LEU JA 44 -45.66 1.53 -0.94
N PHE JA 45 -45.53 2.66 -1.66
CA PHE JA 45 -46.57 3.68 -1.63
C PHE JA 45 -47.89 3.15 -2.19
N ILE JA 46 -47.82 2.35 -3.25
CA ILE JA 46 -49.05 1.84 -3.87
C ILE JA 46 -49.82 0.95 -2.89
N GLU JA 47 -49.10 0.21 -2.05
CA GLU JA 47 -49.77 -0.53 -0.98
C GLU JA 47 -50.37 0.42 0.05
N ILE JA 48 -49.55 1.31 0.61
CA ILE JA 48 -50.03 2.23 1.64
C ILE JA 48 -51.16 3.10 1.08
N LEU JA 49 -50.96 3.64 -0.12
CA LEU JA 49 -51.91 4.60 -0.67
C LEU JA 49 -53.25 3.97 -1.05
N ASN JA 50 -53.32 2.65 -1.12
CA ASN JA 50 -54.58 1.94 -1.40
C ASN JA 50 -55.26 1.49 -0.11
N LYS JA 51 -54.58 0.66 0.69
CA LYS JA 51 -55.18 0.18 1.94
C LYS JA 51 -55.36 1.30 2.95
N GLY JA 52 -54.65 2.42 2.79
CA GLY JA 52 -54.77 3.52 3.74
C GLY JA 52 -56.04 4.33 3.57
N ARG JA 53 -56.73 4.19 2.44
CA ARG JA 53 -57.98 4.90 2.20
C ARG JA 53 -59.21 4.00 2.26
N GLU JA 54 -59.05 2.69 2.15
CA GLU JA 54 -60.17 1.77 2.26
C GLU JA 54 -60.72 1.75 3.68
N MET KA 1 -20.46 34.04 10.18
CA MET KA 1 -21.47 32.97 9.94
C MET KA 1 -22.48 32.96 11.08
N MET KA 2 -21.97 32.91 12.31
CA MET KA 2 -22.84 32.86 13.48
C MET KA 2 -23.64 34.14 13.65
N GLU KA 3 -23.09 35.29 13.24
CA GLU KA 3 -23.82 36.54 13.42
C GLU KA 3 -25.15 36.54 12.68
N ALA KA 4 -25.20 35.92 11.49
CA ALA KA 4 -26.47 35.79 10.79
C ALA KA 4 -27.44 34.94 11.59
N MET KA 5 -26.97 33.85 12.18
CA MET KA 5 -27.84 32.99 12.98
C MET KA 5 -28.37 33.73 14.21
N VAL KA 6 -27.51 34.54 14.85
CA VAL KA 6 -27.92 35.23 16.07
C VAL KA 6 -29.08 36.19 15.78
N LYS KA 7 -28.92 37.02 14.75
CA LYS KA 7 -30.02 37.88 14.35
C LYS KA 7 -31.20 37.07 13.83
N TYR KA 8 -30.92 36.03 13.04
CA TYR KA 8 -31.98 35.20 12.51
C TYR KA 8 -32.79 34.56 13.64
N LEU KA 9 -32.10 34.01 14.63
CA LEU KA 9 -32.80 33.39 15.76
C LEU KA 9 -33.54 34.42 16.60
N ALA KA 10 -32.89 35.55 16.88
CA ALA KA 10 -33.50 36.57 17.73
C ALA KA 10 -34.82 37.06 17.15
N GLU KA 11 -34.85 37.31 15.83
CA GLU KA 11 -36.07 37.79 15.20
C GLU KA 11 -37.16 36.72 15.21
N LYS KA 12 -36.81 35.50 14.84
CA LYS KA 12 -37.81 34.44 14.67
C LYS KA 12 -38.29 33.86 15.99
N ALA KA 13 -37.59 34.09 17.10
CA ALA KA 13 -38.01 33.62 18.40
C ALA KA 13 -38.34 34.72 19.37
N GLY KA 14 -38.04 35.98 19.04
CA GLY KA 14 -38.34 37.10 19.91
C GLY KA 14 -37.42 37.27 21.09
N ILE KA 15 -36.39 36.43 21.22
CA ILE KA 15 -35.49 36.54 22.36
C ILE KA 15 -34.49 37.67 22.13
N SER KA 16 -33.87 38.10 23.22
CA SER KA 16 -32.83 39.11 23.13
C SER KA 16 -31.60 38.54 22.42
N GLU KA 17 -30.80 39.44 21.84
CA GLU KA 17 -29.65 38.98 21.08
C GLU KA 17 -28.57 38.36 21.97
N VAL KA 18 -28.50 38.75 23.24
CA VAL KA 18 -27.56 38.08 24.15
C VAL KA 18 -28.02 36.67 24.46
N GLU KA 19 -29.33 36.46 24.60
CA GLU KA 19 -29.84 35.10 24.78
C GLU KA 19 -29.72 34.29 23.48
N ALA KA 20 -29.93 34.94 22.34
CA ALA KA 20 -29.72 34.27 21.07
C ALA KA 20 -28.27 33.85 20.89
N ALA KA 21 -27.34 34.71 21.30
CA ALA KA 21 -25.92 34.38 21.19
C ALA KA 21 -25.59 33.15 22.03
N GLU KA 22 -26.17 33.04 23.22
CA GLU KA 22 -25.92 31.88 24.06
C GLU KA 22 -26.43 30.60 23.40
N ILE KA 23 -27.66 30.63 22.87
CA ILE KA 23 -28.23 29.43 22.26
C ILE KA 23 -27.46 29.04 21.00
N VAL KA 24 -27.05 30.04 20.21
CA VAL KA 24 -26.30 29.75 18.99
C VAL KA 24 -24.95 29.13 19.32
N LEU KA 25 -24.32 29.59 20.41
CA LEU KA 25 -23.07 28.99 20.84
C LEU KA 25 -23.27 27.56 21.29
N LYS KA 26 -24.39 27.27 21.96
CA LYS KA 26 -24.73 25.90 22.31
C LYS KA 26 -24.89 25.04 21.05
N ALA KA 27 -25.58 25.56 20.03
CA ALA KA 27 -25.77 24.82 18.80
C ALA KA 27 -24.44 24.54 18.11
N VAL KA 28 -23.57 25.53 18.04
CA VAL KA 28 -22.29 25.35 17.35
C VAL KA 28 -21.44 24.32 18.06
N LYS KA 29 -21.44 24.34 19.40
CA LYS KA 29 -20.62 23.40 20.17
C LYS KA 29 -21.07 21.97 19.95
N ILE KA 30 -22.38 21.70 20.05
CA ILE KA 30 -22.89 20.35 19.85
C ILE KA 30 -22.66 19.89 18.43
N SER KA 31 -22.81 20.80 17.46
CA SER KA 31 -22.68 20.45 16.05
C SER KA 31 -21.26 20.05 15.67
N GLY KA 32 -20.28 20.27 16.52
CA GLY KA 32 -18.91 20.01 16.15
C GLY KA 32 -18.31 21.05 15.24
N GLY KA 33 -18.87 22.26 15.22
CA GLY KA 33 -18.39 23.31 14.36
C GLY KA 33 -18.91 23.25 12.94
N ASP KA 34 -19.71 22.25 12.59
CA ASP KA 34 -20.25 22.15 11.24
C ASP KA 34 -21.25 23.28 10.99
N VAL KA 35 -21.14 23.91 9.83
CA VAL KA 35 -22.04 25.01 9.48
C VAL KA 35 -23.44 24.48 9.21
N VAL KA 36 -23.55 23.39 8.45
CA VAL KA 36 -24.86 22.88 8.05
C VAL KA 36 -25.64 22.41 9.27
N LYS KA 37 -25.01 21.59 10.12
CA LYS KA 37 -25.71 21.08 11.29
C LYS KA 37 -26.13 22.20 12.23
N SER KA 38 -25.31 23.25 12.33
CA SER KA 38 -25.67 24.38 13.18
C SER KA 38 -26.93 25.06 12.69
N ILE KA 39 -27.08 25.22 11.37
CA ILE KA 39 -28.26 25.86 10.82
C ILE KA 39 -29.49 24.96 10.99
N GLU KA 40 -29.32 23.66 10.73
CA GLU KA 40 -30.41 22.72 10.98
C GLU KA 40 -30.81 22.74 12.44
N LEU KA 41 -29.82 22.76 13.34
CA LEU KA 41 -30.12 22.72 14.77
C LEU KA 41 -30.77 24.02 15.25
N VAL KA 42 -30.31 25.16 14.72
CA VAL KA 42 -30.93 26.43 15.09
C VAL KA 42 -32.36 26.50 14.59
N ASP KA 43 -32.64 25.92 13.41
CA ASP KA 43 -34.01 25.86 12.93
C ASP KA 43 -34.88 25.03 13.87
N LEU KA 44 -34.36 23.92 14.39
CA LEU KA 44 -35.12 23.10 15.32
C LEU KA 44 -35.42 23.86 16.60
N PHE KA 45 -34.46 24.66 17.09
CA PHE KA 45 -34.72 25.45 18.29
C PHE KA 45 -35.87 26.43 18.07
N ILE KA 46 -35.95 27.01 16.87
CA ILE KA 46 -37.03 27.94 16.57
C ILE KA 46 -38.38 27.25 16.68
N GLU KA 47 -38.46 25.98 16.28
CA GLU KA 47 -39.68 25.20 16.49
C GLU KA 47 -39.92 24.96 17.96
N ILE KA 48 -38.94 24.36 18.65
CA ILE KA 48 -39.10 24.04 20.07
C ILE KA 48 -39.37 25.31 20.86
N LEU KA 49 -38.62 26.37 20.58
CA LEU KA 49 -38.73 27.60 21.37
C LEU KA 49 -40.04 28.33 21.15
N ASN KA 50 -40.83 27.95 20.14
CA ASN KA 50 -42.14 28.54 19.91
C ASN KA 50 -43.27 27.66 20.45
N LYS KA 51 -43.35 26.41 19.99
CA LYS KA 51 -44.38 25.51 20.51
C LYS KA 51 -44.13 25.12 21.96
N GLY KA 52 -42.90 25.29 22.46
CA GLY KA 52 -42.61 24.98 23.85
C GLY KA 52 -43.19 25.96 24.83
N ARG KA 53 -43.50 27.18 24.39
CA ARG KA 53 -44.17 28.16 25.22
C ARG KA 53 -45.66 28.25 24.97
N GLU KA 54 -46.09 27.94 23.75
CA GLU KA 54 -47.51 27.87 23.43
C GLU KA 54 -48.01 26.45 23.56
N MET LA 1 -4.79 -6.89 -39.69
CA MET LA 1 -5.25 -5.47 -39.74
C MET LA 1 -4.61 -4.73 -40.91
N MET LA 2 -3.29 -4.76 -40.96
CA MET LA 2 -2.56 -3.96 -41.94
C MET LA 2 -2.91 -4.33 -43.37
N GLU LA 3 -3.11 -5.63 -43.65
CA GLU LA 3 -3.38 -6.05 -45.02
C GLU LA 3 -4.68 -5.43 -45.54
N ALA LA 4 -5.69 -5.33 -44.69
CA ALA LA 4 -6.92 -4.66 -45.09
C ALA LA 4 -6.67 -3.18 -45.36
N MET LA 5 -5.85 -2.53 -44.53
CA MET LA 5 -5.54 -1.12 -44.75
C MET LA 5 -4.79 -0.93 -46.07
N VAL LA 6 -3.89 -1.84 -46.40
CA VAL LA 6 -3.08 -1.67 -47.61
C VAL LA 6 -3.97 -1.65 -48.84
N LYS LA 7 -4.86 -2.63 -48.95
CA LYS LA 7 -5.82 -2.63 -50.06
C LYS LA 7 -6.78 -1.45 -49.93
N TYR LA 8 -7.25 -1.16 -48.72
CA TYR LA 8 -8.16 -0.04 -48.52
C TYR LA 8 -7.52 1.28 -48.96
N LEU LA 9 -6.26 1.50 -48.57
CA LEU LA 9 -5.58 2.73 -48.97
C LEU LA 9 -5.30 2.73 -50.47
N ALA LA 10 -4.85 1.60 -51.02
CA ALA LA 10 -4.51 1.56 -52.43
C ALA LA 10 -5.71 1.90 -53.31
N GLU LA 11 -6.88 1.36 -52.97
CA GLU LA 11 -8.08 1.66 -53.75
C GLU LA 11 -8.48 3.12 -53.63
N LYS LA 12 -8.54 3.64 -52.39
CA LYS LA 12 -9.08 4.97 -52.18
C LYS LA 12 -8.12 6.05 -52.67
N ALA LA 13 -6.81 5.79 -52.65
CA ALA LA 13 -5.83 6.75 -53.12
C ALA LA 13 -5.31 6.46 -54.52
N GLY LA 14 -5.58 5.27 -55.06
CA GLY LA 14 -5.12 4.90 -56.38
C GLY LA 14 -3.65 4.53 -56.47
N ILE LA 15 -2.93 4.53 -55.35
CA ILE LA 15 -1.51 4.21 -55.40
C ILE LA 15 -1.32 2.70 -55.56
N SER LA 16 -0.08 2.32 -55.88
CA SER LA 16 0.26 0.93 -56.07
C SER LA 16 0.24 0.18 -54.74
N GLU LA 17 0.23 -1.16 -54.84
CA GLU LA 17 0.18 -1.99 -53.64
C GLU LA 17 1.41 -1.79 -52.77
N VAL LA 18 2.58 -1.68 -53.39
CA VAL LA 18 3.81 -1.54 -52.60
C VAL LA 18 3.93 -0.13 -52.01
N GLU LA 19 3.44 0.88 -52.71
CA GLU LA 19 3.43 2.23 -52.14
C GLU LA 19 2.45 2.32 -50.97
N ALA LA 20 1.30 1.65 -51.09
CA ALA LA 20 0.36 1.61 -49.98
C ALA LA 20 0.97 0.88 -48.79
N ALA LA 21 1.69 -0.21 -49.04
CA ALA LA 21 2.34 -0.94 -47.96
C ALA LA 21 3.36 -0.05 -47.24
N GLU LA 22 4.11 0.73 -47.99
CA GLU LA 22 5.10 1.62 -47.37
C GLU LA 22 4.41 2.66 -46.48
N ILE LA 23 3.34 3.28 -46.97
CA ILE LA 23 2.67 4.33 -46.20
C ILE LA 23 2.00 3.73 -44.97
N VAL LA 24 1.40 2.56 -45.09
CA VAL LA 24 0.74 1.94 -43.95
C VAL LA 24 1.76 1.58 -42.88
N LEU LA 25 2.96 1.16 -43.29
CA LEU LA 25 4.01 0.88 -42.31
C LEU LA 25 4.45 2.14 -41.58
N LYS LA 26 4.50 3.27 -42.29
CA LYS LA 26 4.77 4.55 -41.64
C LYS LA 26 3.70 4.88 -40.61
N ALA LA 27 2.42 4.66 -40.95
CA ALA LA 27 1.34 4.95 -40.02
C ALA LA 27 1.42 4.08 -38.77
N VAL LA 28 1.68 2.78 -38.96
CA VAL LA 28 1.73 1.87 -37.81
C VAL LA 28 2.89 2.23 -36.90
N LYS LA 29 4.03 2.62 -37.48
CA LYS LA 29 5.20 2.97 -36.67
C LYS LA 29 4.93 4.20 -35.82
N ILE LA 30 4.36 5.25 -36.41
CA ILE LA 30 4.08 6.48 -35.66
C ILE LA 30 3.00 6.23 -34.61
N SER LA 31 1.99 5.42 -34.95
CA SER LA 31 0.87 5.18 -34.04
C SER LA 31 1.29 4.44 -32.77
N GLY LA 32 2.48 3.88 -32.73
CA GLY LA 32 2.86 3.03 -31.61
C GLY LA 32 2.24 1.66 -31.66
N GLY LA 33 1.81 1.21 -32.84
CA GLY LA 33 1.19 -0.09 -32.99
C GLY LA 33 -0.30 -0.12 -32.71
N ASP LA 34 -0.88 0.99 -32.26
CA ASP LA 34 -2.31 1.02 -31.99
C ASP LA 34 -3.12 0.84 -33.27
N VAL LA 35 -4.10 -0.05 -33.22
CA VAL LA 35 -4.94 -0.28 -34.40
C VAL LA 35 -5.82 0.93 -34.69
N VAL LA 36 -6.45 1.48 -33.66
CA VAL LA 36 -7.38 2.58 -33.86
C VAL LA 36 -6.67 3.79 -34.44
N LYS LA 37 -5.55 4.20 -33.83
CA LYS LA 37 -4.82 5.35 -34.33
C LYS LA 37 -4.32 5.13 -35.76
N SER LA 38 -3.92 3.90 -36.07
CA SER LA 38 -3.47 3.60 -37.43
C SER LA 38 -4.58 3.83 -38.44
N ILE LA 39 -5.81 3.43 -38.11
CA ILE LA 39 -6.92 3.61 -39.04
C ILE LA 39 -7.28 5.08 -39.15
N GLU LA 40 -7.30 5.80 -38.03
CA GLU LA 40 -7.51 7.24 -38.08
C GLU LA 40 -6.43 7.91 -38.91
N LEU LA 41 -5.18 7.49 -38.71
CA LEU LA 41 -4.07 8.11 -39.43
C LEU LA 41 -4.10 7.77 -40.91
N VAL LA 42 -4.42 6.53 -41.25
CA VAL LA 42 -4.51 6.14 -42.66
C VAL LA 42 -5.65 6.88 -43.35
N ASP LA 43 -6.75 7.11 -42.65
CA ASP LA 43 -7.84 7.90 -43.22
C ASP LA 43 -7.39 9.32 -43.52
N LEU LA 44 -6.57 9.90 -42.63
CA LEU LA 44 -6.07 11.24 -42.86
C LEU LA 44 -5.17 11.30 -44.09
N PHE LA 45 -4.36 10.26 -44.32
CA PHE LA 45 -3.53 10.23 -45.51
C PHE LA 45 -4.38 10.27 -46.78
N ILE LA 46 -5.53 9.59 -46.76
CA ILE LA 46 -6.41 9.59 -47.93
C ILE LA 46 -6.90 10.99 -48.24
N GLU LA 47 -7.10 11.82 -47.22
CA GLU LA 47 -7.44 13.22 -47.45
C GLU LA 47 -6.24 13.97 -48.03
N ILE LA 48 -5.11 13.94 -47.32
CA ILE LA 48 -3.92 14.66 -47.77
C ILE LA 48 -3.50 14.18 -49.14
N LEU LA 49 -3.48 12.86 -49.33
CA LEU LA 49 -2.97 12.29 -50.58
C LEU LA 49 -3.88 12.56 -51.77
N ASN LA 50 -5.11 13.04 -51.54
CA ASN LA 50 -6.00 13.41 -52.64
C ASN LA 50 -6.00 14.90 -52.90
N LYS LA 51 -6.31 15.72 -51.87
CA LYS LA 51 -6.30 17.16 -52.05
C LYS LA 51 -4.89 17.70 -52.23
N GLY LA 52 -3.87 16.95 -51.83
CA GLY LA 52 -2.50 17.40 -52.00
C GLY LA 52 -2.02 17.38 -53.43
N ARG LA 53 -2.64 16.55 -54.28
CA ARG LA 53 -2.35 16.55 -55.71
C ARG LA 53 -3.33 17.39 -56.51
N GLU LA 54 -4.54 17.58 -56.02
CA GLU LA 54 -5.51 18.47 -56.65
C GLU LA 54 -5.41 19.88 -56.04
N MET MA 1 26.88 27.81 12.09
CA MET MA 1 27.28 26.60 12.86
C MET MA 1 28.78 26.58 13.12
N MET MA 2 29.54 26.38 12.05
CA MET MA 2 30.96 26.09 12.18
C MET MA 2 31.76 27.26 12.72
N GLU MA 3 31.36 28.50 12.42
CA GLU MA 3 32.15 29.64 12.88
C GLU MA 3 32.17 29.72 14.40
N ALA MA 4 31.04 29.40 15.06
CA ALA MA 4 31.05 29.33 16.51
C ALA MA 4 31.95 28.21 17.00
N MET MA 5 31.91 27.06 16.32
CA MET MA 5 32.76 25.94 16.70
C MET MA 5 34.24 26.28 16.54
N VAL MA 6 34.59 27.03 15.50
CA VAL MA 6 36.00 27.31 15.23
C VAL MA 6 36.59 28.14 16.36
N LYS MA 7 35.92 29.24 16.73
CA LYS MA 7 36.43 30.07 17.82
C LYS MA 7 36.35 29.36 19.16
N TYR MA 8 35.27 28.60 19.37
CA TYR MA 8 35.13 27.84 20.60
C TYR MA 8 36.29 26.88 20.79
N LEU MA 9 36.64 26.13 19.74
CA LEU MA 9 37.75 25.21 19.82
C LEU MA 9 39.09 25.94 19.97
N ALA MA 10 39.28 27.03 19.22
CA ALA MA 10 40.52 27.79 19.33
C ALA MA 10 40.74 28.29 20.75
N GLU MA 11 39.67 28.77 21.40
CA GLU MA 11 39.79 29.24 22.77
C GLU MA 11 40.03 28.08 23.73
N LYS MA 12 39.23 27.02 23.63
CA LYS MA 12 39.29 25.94 24.60
C LYS MA 12 40.52 25.05 24.43
N ALA MA 13 41.13 25.03 23.24
CA ALA MA 13 42.32 24.24 23.00
C ALA MA 13 43.57 25.07 22.79
N GLY MA 14 43.44 26.39 22.65
CA GLY MA 14 44.60 27.25 22.47
C GLY MA 14 45.21 27.21 21.09
N ILE MA 15 44.60 26.49 20.14
CA ILE MA 15 45.15 26.41 18.79
C ILE MA 15 44.76 27.64 17.99
N SER MA 16 45.43 27.81 16.85
CA SER MA 16 45.19 28.95 15.97
C SER MA 16 43.85 28.80 15.25
N GLU MA 17 43.42 29.89 14.63
CA GLU MA 17 42.16 29.86 13.88
C GLU MA 17 42.20 28.87 12.72
N VAL MA 18 43.32 28.84 12.00
CA VAL MA 18 43.39 27.99 10.81
C VAL MA 18 43.43 26.50 11.19
N GLU MA 19 44.11 26.16 12.28
CA GLU MA 19 44.13 24.77 12.73
C GLU MA 19 42.75 24.34 13.25
N ALA MA 20 42.08 25.24 13.99
CA ALA MA 20 40.74 24.94 14.46
C ALA MA 20 39.78 24.73 13.30
N ALA MA 21 39.90 25.55 12.26
CA ALA MA 21 39.05 25.38 11.08
C ALA MA 21 39.28 24.01 10.44
N GLU MA 22 40.52 23.58 10.34
CA GLU MA 22 40.82 22.26 9.77
C GLU MA 22 40.20 21.15 10.61
N ILE MA 23 40.37 21.22 11.94
CA ILE MA 23 39.82 20.17 12.80
C ILE MA 23 38.30 20.17 12.73
N VAL MA 24 37.69 21.35 12.69
CA VAL MA 24 36.24 21.44 12.63
C VAL MA 24 35.73 20.91 11.30
N LEU MA 25 36.46 21.14 10.20
CA LEU MA 25 36.06 20.57 8.92
C LEU MA 25 36.16 19.05 8.93
N LYS MA 26 37.20 18.52 9.57
CA LYS MA 26 37.29 17.08 9.76
C LYS MA 26 36.09 16.55 10.51
N ALA MA 27 35.72 17.22 11.60
CA ALA MA 27 34.57 16.79 12.40
C ALA MA 27 33.28 16.85 11.60
N VAL MA 28 33.09 17.91 10.82
CA VAL MA 28 31.87 18.04 10.02
C VAL MA 28 31.82 16.96 8.95
N LYS MA 29 32.97 16.64 8.34
CA LYS MA 29 32.99 15.57 7.35
C LYS MA 29 32.63 14.23 7.96
N ILE MA 30 33.25 13.88 9.09
CA ILE MA 30 32.98 12.59 9.72
C ILE MA 30 31.54 12.51 10.18
N SER MA 31 31.01 13.62 10.71
CA SER MA 31 29.67 13.63 11.27
C SER MA 31 28.58 13.42 10.23
N GLY MA 32 28.91 13.52 8.94
CA GLY MA 32 27.89 13.47 7.92
C GLY MA 32 27.08 14.73 7.81
N GLY MA 33 27.62 15.86 8.28
CA GLY MA 33 26.92 17.13 8.24
C GLY MA 33 25.98 17.38 9.41
N ASP MA 34 25.80 16.41 10.30
CA ASP MA 34 24.92 16.61 11.45
C ASP MA 34 25.50 17.68 12.39
N VAL MA 35 24.64 18.60 12.83
CA VAL MA 35 25.08 19.66 13.72
C VAL MA 35 25.40 19.12 15.10
N VAL MA 36 24.54 18.25 15.63
CA VAL MA 36 24.70 17.74 16.99
C VAL MA 36 25.98 16.90 17.09
N LYS MA 37 26.14 15.95 16.16
CA LYS MA 37 27.31 15.09 16.19
C LYS MA 37 28.59 15.91 16.04
N SER MA 38 28.54 16.97 15.25
CA SER MA 38 29.73 17.82 15.11
C SER MA 38 30.11 18.45 16.44
N ILE MA 39 29.13 18.90 17.22
CA ILE MA 39 29.43 19.53 18.50
C ILE MA 39 29.95 18.49 19.50
N GLU MA 40 29.31 17.32 19.54
CA GLU MA 40 29.82 16.24 20.39
C GLU MA 40 31.25 15.89 20.05
N LEU MA 41 31.55 15.80 18.75
CA LEU MA 41 32.88 15.40 18.31
C LEU MA 41 33.90 16.50 18.59
N VAL MA 42 33.50 17.77 18.48
CA VAL MA 42 34.43 18.85 18.81
C VAL MA 42 34.71 18.88 20.31
N ASP MA 43 33.70 18.57 21.14
CA ASP MA 43 33.97 18.46 22.57
C ASP MA 43 34.92 17.31 22.88
N LEU MA 44 34.72 16.16 22.22
CA LEU MA 44 35.66 15.06 22.39
C LEU MA 44 37.05 15.45 21.93
N PHE MA 45 37.14 16.25 20.86
CA PHE MA 45 38.44 16.76 20.41
C PHE MA 45 39.05 17.67 21.46
N ILE MA 46 38.24 18.49 22.13
CA ILE MA 46 38.77 19.35 23.18
C ILE MA 46 39.31 18.51 24.33
N GLU MA 47 38.67 17.39 24.63
CA GLU MA 47 39.19 16.49 25.66
C GLU MA 47 40.51 15.87 25.22
N ILE MA 48 40.53 15.28 24.03
CA ILE MA 48 41.70 14.54 23.55
C ILE MA 48 42.89 15.49 23.38
N LEU MA 49 42.66 16.63 22.72
CA LEU MA 49 43.73 17.55 22.37
C LEU MA 49 44.35 18.20 23.60
N ASN MA 50 43.69 18.11 24.75
CA ASN MA 50 44.27 18.56 26.02
C ASN MA 50 44.99 17.42 26.73
N LYS MA 51 44.32 16.30 26.97
CA LYS MA 51 44.93 15.25 27.77
C LYS MA 51 46.03 14.51 27.01
N GLY MA 52 46.11 14.65 25.68
CA GLY MA 52 47.15 13.99 24.92
C GLY MA 52 48.49 14.69 24.93
N ARG MA 53 48.50 16.01 25.12
CA ARG MA 53 49.76 16.74 25.25
C ARG MA 53 50.23 16.82 26.69
N GLU MA 54 49.36 16.59 27.66
CA GLU MA 54 49.75 16.44 29.04
C GLU MA 54 49.85 14.96 29.40
N MET NA 1 32.78 -2.07 -24.40
CA MET NA 1 31.63 -2.85 -24.95
C MET NA 1 31.61 -2.77 -26.47
N MET NA 2 31.30 -1.58 -26.98
CA MET NA 2 31.14 -1.40 -28.42
C MET NA 2 32.44 -1.61 -29.18
N GLU NA 3 33.59 -1.26 -28.57
CA GLU NA 3 34.85 -1.39 -29.28
C GLU NA 3 35.14 -2.83 -29.65
N ALA NA 4 34.83 -3.77 -28.76
CA ALA NA 4 34.97 -5.18 -29.10
C ALA NA 4 34.04 -5.56 -30.24
N MET NA 5 32.82 -5.05 -30.22
CA MET NA 5 31.87 -5.33 -31.30
C MET NA 5 32.37 -4.76 -32.63
N VAL NA 6 33.00 -3.59 -32.60
CA VAL NA 6 33.42 -2.95 -33.85
C VAL NA 6 34.47 -3.82 -34.56
N LYS NA 7 35.52 -4.21 -33.84
CA LYS NA 7 36.56 -5.04 -34.45
C LYS NA 7 36.02 -6.42 -34.79
N TYR NA 8 35.17 -6.97 -33.92
CA TYR NA 8 34.58 -8.28 -34.19
C TYR NA 8 33.81 -8.28 -35.50
N LEU NA 9 32.96 -7.27 -35.70
CA LEU NA 9 32.20 -7.17 -36.94
C LEU NA 9 33.11 -6.90 -38.13
N ALA NA 10 34.10 -6.02 -37.97
CA ALA NA 10 35.01 -5.73 -39.07
C ALA NA 10 35.73 -6.99 -39.53
N GLU NA 11 36.17 -7.82 -38.60
CA GLU NA 11 36.85 -9.06 -38.95
C GLU NA 11 35.89 -10.05 -39.58
N LYS NA 12 34.73 -10.26 -38.96
CA LYS NA 12 33.81 -11.31 -39.41
C LYS NA 12 33.04 -10.92 -40.67
N ALA NA 13 32.93 -9.63 -40.98
CA ALA NA 13 32.28 -9.19 -42.20
C ALA NA 13 33.23 -8.60 -43.22
N GLY NA 14 34.49 -8.36 -42.85
CA GLY NA 14 35.48 -7.80 -43.75
C GLY NA 14 35.32 -6.33 -44.04
N ILE NA 15 34.38 -5.64 -43.38
CA ILE NA 15 34.19 -4.21 -43.62
C ILE NA 15 35.24 -3.40 -42.85
N SER NA 16 35.36 -2.14 -43.24
CA SER NA 16 36.30 -1.23 -42.60
C SER NA 16 35.86 -0.89 -41.18
N GLU NA 17 36.78 -0.30 -40.43
CA GLU NA 17 36.48 0.08 -39.04
C GLU NA 17 35.36 1.12 -38.99
N VAL NA 18 35.37 2.09 -39.90
CA VAL NA 18 34.39 3.17 -39.83
C VAL NA 18 33.00 2.67 -40.20
N GLU NA 19 32.89 1.74 -41.16
CA GLU NA 19 31.59 1.17 -41.50
C GLU NA 19 31.07 0.28 -40.36
N ALA NA 20 31.96 -0.49 -39.74
CA ALA NA 20 31.55 -1.31 -38.60
C ALA NA 20 31.08 -0.44 -37.45
N ALA NA 21 31.75 0.69 -37.22
CA ALA NA 21 31.31 1.59 -36.16
C ALA NA 21 29.90 2.11 -36.44
N GLU NA 22 29.61 2.47 -37.69
CA GLU NA 22 28.28 2.93 -38.04
C GLU NA 22 27.23 1.85 -37.80
N ILE NA 23 27.51 0.63 -38.25
CA ILE NA 23 26.53 -0.44 -38.08
C ILE NA 23 26.34 -0.76 -36.59
N VAL NA 24 27.42 -0.76 -35.82
CA VAL NA 24 27.32 -1.03 -34.39
C VAL NA 24 26.55 0.07 -33.68
N LEU NA 25 26.71 1.33 -34.12
CA LEU NA 25 25.93 2.42 -33.53
C LEU NA 25 24.45 2.26 -33.85
N LYS NA 26 24.12 1.83 -35.08
CA LYS NA 26 22.74 1.53 -35.41
C LYS NA 26 22.18 0.44 -34.50
N ALA NA 27 22.97 -0.62 -34.28
CA ALA NA 27 22.53 -1.71 -33.43
C ALA NA 27 22.31 -1.25 -31.99
N VAL NA 28 23.22 -0.42 -31.47
CA VAL NA 28 23.07 0.10 -30.11
C VAL NA 28 21.86 1.01 -30.02
N LYS NA 29 21.59 1.77 -31.08
CA LYS NA 29 20.39 2.61 -31.12
C LYS NA 29 19.12 1.76 -31.00
N ILE NA 30 19.01 0.75 -31.86
CA ILE NA 30 17.79 -0.04 -31.90
C ILE NA 30 17.62 -0.86 -30.62
N SER NA 31 18.73 -1.36 -30.08
CA SER NA 31 18.68 -2.21 -28.90
C SER NA 31 18.17 -1.48 -27.66
N GLY NA 32 18.10 -0.15 -27.69
CA GLY NA 32 17.79 0.59 -26.50
C GLY NA 32 18.92 0.67 -25.51
N GLY NA 33 20.16 0.48 -25.97
CA GLY NA 33 21.32 0.48 -25.10
C GLY NA 33 21.60 -0.83 -24.40
N ASP NA 34 20.77 -1.86 -24.61
CA ASP NA 34 21.02 -3.15 -23.99
C ASP NA 34 22.26 -3.80 -24.58
N VAL NA 35 23.10 -4.36 -23.71
CA VAL NA 35 24.33 -4.99 -24.17
C VAL NA 35 24.02 -6.30 -24.89
N VAL NA 36 23.14 -7.12 -24.31
CA VAL NA 36 22.84 -8.43 -24.88
C VAL NA 36 22.19 -8.29 -26.26
N LYS NA 37 21.16 -7.43 -26.35
CA LYS NA 37 20.47 -7.27 -27.63
C LYS NA 37 21.41 -6.71 -28.69
N SER NA 38 22.34 -5.83 -28.29
CA SER NA 38 23.31 -5.32 -29.25
C SER NA 38 24.17 -6.43 -29.83
N ILE NA 39 24.60 -7.37 -28.98
CA ILE NA 39 25.43 -8.47 -29.46
C ILE NA 39 24.61 -9.40 -30.33
N GLU NA 40 23.35 -9.67 -29.96
CA GLU NA 40 22.49 -10.49 -30.79
C GLU NA 40 22.30 -9.86 -32.17
N LEU NA 41 22.05 -8.55 -32.21
CA LEU NA 41 21.86 -7.87 -33.49
C LEU NA 41 23.12 -7.89 -34.32
N VAL NA 42 24.28 -7.65 -33.69
CA VAL NA 42 25.53 -7.66 -34.45
C VAL NA 42 25.81 -9.04 -34.99
N ASP NA 43 25.46 -10.09 -34.24
CA ASP NA 43 25.55 -11.44 -34.77
C ASP NA 43 24.62 -11.63 -35.96
N LEU NA 44 23.39 -11.12 -35.86
CA LEU NA 44 22.45 -11.24 -36.97
C LEU NA 44 22.95 -10.50 -38.20
N PHE NA 45 23.53 -9.31 -38.01
CA PHE NA 45 24.05 -8.56 -39.15
C PHE NA 45 25.13 -9.35 -39.88
N ILE NA 46 25.97 -10.06 -39.13
CA ILE NA 46 27.03 -10.86 -39.74
C ILE NA 46 26.43 -11.93 -40.65
N GLU NA 47 25.25 -12.45 -40.30
CA GLU NA 47 24.56 -13.37 -41.19
C GLU NA 47 24.03 -12.65 -42.42
N ILE NA 48 23.20 -11.61 -42.21
CA ILE NA 48 22.62 -10.87 -43.33
C ILE NA 48 23.73 -10.29 -44.20
N LEU NA 49 24.76 -9.73 -43.58
CA LEU NA 49 25.80 -9.04 -44.33
C LEU NA 49 26.69 -10.00 -45.12
N ASN NA 50 26.63 -11.30 -44.84
CA ASN NA 50 27.40 -12.29 -45.59
C ASN NA 50 26.55 -12.96 -46.67
N LYS NA 51 25.44 -13.59 -46.28
CA LYS NA 51 24.57 -14.22 -47.27
C LYS NA 51 23.87 -13.22 -48.15
N GLY NA 52 23.78 -11.95 -47.73
CA GLY NA 52 23.15 -10.93 -48.54
C GLY NA 52 23.96 -10.49 -49.74
N ARG NA 53 25.28 -10.71 -49.70
CA ARG NA 53 26.14 -10.46 -50.84
C ARG NA 53 26.42 -11.72 -51.66
N GLU NA 54 26.30 -12.89 -51.04
CA GLU NA 54 26.43 -14.15 -51.77
C GLU NA 54 25.05 -14.66 -52.18
N MET OA 1 -33.16 2.31 23.88
CA MET OA 1 -32.38 3.58 23.94
C MET OA 1 -33.32 4.77 24.02
N MET OA 2 -34.10 4.95 22.97
CA MET OA 2 -34.97 6.12 22.86
C MET OA 2 -36.10 6.10 23.88
N GLU OA 3 -36.55 4.91 24.31
CA GLU OA 3 -37.66 4.87 25.26
C GLU OA 3 -37.27 5.51 26.59
N ALA OA 4 -36.04 5.30 27.04
CA ALA OA 4 -35.57 5.98 28.24
C ALA OA 4 -35.54 7.49 28.02
N MET OA 5 -35.09 7.93 26.85
CA MET OA 5 -35.06 9.36 26.55
C MET OA 5 -36.47 9.95 26.54
N VAL OA 6 -37.44 9.21 26.01
CA VAL OA 6 -38.80 9.76 25.88
C VAL OA 6 -39.39 10.05 27.26
N LYS OA 7 -39.34 9.06 28.15
CA LYS OA 7 -39.90 9.26 29.49
C LYS OA 7 -39.05 10.25 30.29
N TYR OA 8 -37.73 10.20 30.13
CA TYR OA 8 -36.86 11.15 30.82
C TYR OA 8 -37.22 12.58 30.45
N LEU OA 9 -37.39 12.84 29.15
CA LEU OA 9 -37.77 14.19 28.70
C LEU OA 9 -39.18 14.55 29.15
N ALA OA 10 -40.12 13.62 29.05
CA ALA OA 10 -41.48 13.91 29.48
C ALA OA 10 -41.53 14.31 30.94
N GLU OA 11 -40.76 13.61 31.79
CA GLU OA 11 -40.74 13.94 33.21
C GLU OA 11 -40.02 15.26 33.46
N LYS OA 12 -38.85 15.45 32.85
CA LYS OA 12 -38.03 16.62 33.14
C LYS OA 12 -38.53 17.89 32.46
N ALA OA 13 -39.43 17.78 31.48
CA ALA OA 13 -39.98 18.94 30.82
C ALA OA 13 -41.49 19.05 30.97
N GLY OA 14 -42.17 18.04 31.52
CA GLY OA 14 -43.60 18.07 31.72
C GLY OA 14 -44.43 17.85 30.48
N ILE OA 15 -43.81 17.62 29.32
CA ILE OA 15 -44.59 17.39 28.10
C ILE OA 15 -45.17 15.98 28.10
N SER OA 16 -46.14 15.78 27.21
CA SER OA 16 -46.80 14.49 27.07
C SER OA 16 -45.88 13.47 26.40
N GLU OA 17 -46.29 12.20 26.45
CA GLU OA 17 -45.48 11.15 25.85
C GLU OA 17 -45.33 11.33 24.35
N VAL OA 18 -46.41 11.69 23.65
CA VAL OA 18 -46.35 11.80 22.20
C VAL OA 18 -45.49 12.98 21.77
N GLU OA 19 -45.56 14.09 22.51
CA GLU OA 19 -44.72 15.24 22.18
C GLU OA 19 -43.24 14.92 22.44
N ALA OA 20 -42.95 14.23 23.55
CA ALA OA 20 -41.58 13.84 23.83
C ALA OA 20 -41.05 12.89 22.76
N ALA OA 21 -41.89 11.98 22.28
CA ALA OA 21 -41.45 11.08 21.21
C ALA OA 21 -41.08 11.86 19.96
N GLU OA 22 -41.88 12.87 19.60
CA GLU OA 22 -41.57 13.68 18.43
C GLU OA 22 -40.25 14.42 18.60
N ILE OA 23 -40.06 15.05 19.77
CA ILE OA 23 -38.82 15.80 19.99
C ILE OA 23 -37.62 14.86 20.00
N VAL OA 24 -37.77 13.68 20.60
CA VAL OA 24 -36.66 12.73 20.62
C VAL OA 24 -36.35 12.21 19.23
N LEU OA 25 -37.38 12.03 18.39
CA LEU OA 25 -37.13 11.62 17.01
C LEU OA 25 -36.40 12.71 16.23
N LYS OA 26 -36.76 13.97 16.47
CA LYS OA 26 -36.02 15.08 15.87
C LYS OA 26 -34.56 15.04 16.30
N ALA OA 27 -34.32 14.83 17.60
CA ALA OA 27 -32.95 14.77 18.10
C ALA OA 27 -32.17 13.63 17.48
N VAL OA 28 -32.80 12.45 17.38
CA VAL OA 28 -32.12 11.29 16.80
C VAL OA 28 -31.81 11.53 15.33
N LYS OA 29 -32.73 12.17 14.60
CA LYS OA 29 -32.48 12.48 13.20
C LYS OA 29 -31.30 13.43 13.05
N ILE OA 30 -31.31 14.53 13.78
CA ILE OA 30 -30.24 15.51 13.66
C ILE OA 30 -28.91 14.91 14.08
N SER OA 31 -28.91 14.09 15.13
CA SER OA 31 -27.69 13.51 15.68
C SER OA 31 -27.01 12.53 14.74
N GLY OA 32 -27.67 12.12 13.66
CA GLY OA 32 -27.10 11.09 12.81
C GLY OA 32 -27.17 9.70 13.40
N GLY OA 33 -28.08 9.48 14.35
CA GLY OA 33 -28.22 8.19 14.98
C GLY OA 33 -27.26 7.92 16.13
N ASP OA 34 -26.34 8.84 16.42
CA ASP OA 34 -25.41 8.66 17.51
C ASP OA 34 -26.15 8.69 18.85
N VAL OA 35 -25.81 7.76 19.73
CA VAL OA 35 -26.47 7.69 21.04
C VAL OA 35 -26.05 8.84 21.93
N VAL OA 36 -24.74 9.09 22.01
CA VAL OA 36 -24.24 10.14 22.91
C VAL OA 36 -24.75 11.51 22.47
N LYS OA 37 -24.65 11.80 21.18
CA LYS OA 37 -25.11 13.09 20.68
C LYS OA 37 -26.59 13.27 20.93
N SER OA 38 -27.37 12.18 20.79
CA SER OA 38 -28.80 12.28 21.05
C SER OA 38 -29.07 12.65 22.51
N ILE OA 39 -28.30 12.08 23.44
CA ILE OA 39 -28.52 12.37 24.85
C ILE OA 39 -28.10 13.81 25.17
N GLU OA 40 -26.96 14.24 24.63
CA GLU OA 40 -26.55 15.64 24.82
C GLU OA 40 -27.61 16.59 24.28
N LEU OA 41 -28.12 16.31 23.08
CA LEU OA 41 -29.08 17.19 22.45
C LEU OA 41 -30.41 17.21 23.21
N VAL OA 42 -30.85 16.05 23.71
CA VAL OA 42 -32.06 16.01 24.51
C VAL OA 42 -31.87 16.75 25.82
N ASP OA 43 -30.67 16.68 26.40
CA ASP OA 43 -30.38 17.48 27.59
C ASP OA 43 -30.47 18.97 27.28
N LEU OA 44 -29.96 19.37 26.10
CA LEU OA 44 -30.04 20.77 25.71
C LEU OA 44 -31.49 21.22 25.56
N PHE OA 45 -32.36 20.34 25.03
CA PHE OA 45 -33.77 20.68 24.90
C PHE OA 45 -34.39 20.96 26.26
N ILE OA 46 -34.02 20.17 27.28
CA ILE OA 46 -34.59 20.34 28.61
C ILE OA 46 -34.26 21.72 29.16
N GLU OA 47 -33.11 22.28 28.77
CA GLU OA 47 -32.78 23.66 29.13
C GLU OA 47 -33.65 24.62 28.34
N ILE OA 48 -33.58 24.56 27.01
CA ILE OA 48 -34.35 25.48 26.16
C ILE OA 48 -35.83 25.36 26.48
N LEU OA 49 -36.34 24.13 26.57
CA LEU OA 49 -37.76 23.92 26.75
C LEU OA 49 -38.27 24.38 28.11
N ASN OA 50 -37.38 24.66 29.06
CA ASN OA 50 -37.78 25.18 30.36
C ASN OA 50 -37.59 26.70 30.46
N LYS OA 51 -36.37 27.18 30.22
CA LYS OA 51 -36.13 28.61 30.28
C LYS OA 51 -36.79 29.34 29.11
N GLY OA 52 -37.15 28.63 28.04
CA GLY OA 52 -37.80 29.26 26.91
C GLY OA 52 -39.24 29.65 27.17
N ARG OA 53 -39.88 29.01 28.15
CA ARG OA 53 -41.22 29.40 28.56
C ARG OA 53 -41.23 30.32 29.76
N GLU OA 54 -40.19 30.30 30.58
CA GLU OA 54 -40.04 31.24 31.68
C GLU OA 54 -39.27 32.47 31.23
N MET PA 1 13.23 -37.86 -8.25
CA MET PA 1 11.80 -37.86 -7.82
C MET PA 1 11.03 -38.95 -8.56
N MET PA 2 10.90 -38.75 -9.88
CA MET PA 2 10.08 -39.64 -10.69
C MET PA 2 10.68 -41.03 -10.81
N GLU PA 3 12.01 -41.15 -10.75
CA GLU PA 3 12.63 -42.48 -10.90
C GLU PA 3 12.20 -43.41 -9.76
N ALA PA 4 12.13 -42.89 -8.54
CA ALA PA 4 11.62 -43.70 -7.44
C ALA PA 4 10.17 -44.08 -7.67
N MET PA 5 9.36 -43.15 -8.19
CA MET PA 5 7.96 -43.45 -8.47
C MET PA 5 7.84 -44.52 -9.55
N VAL PA 6 8.72 -44.48 -10.56
CA VAL PA 6 8.61 -45.43 -11.66
C VAL PA 6 8.83 -46.86 -11.16
N LYS PA 7 9.92 -47.08 -10.42
CA LYS PA 7 10.20 -48.42 -9.89
C LYS PA 7 9.15 -48.83 -8.88
N TYR PA 8 8.76 -47.92 -8.00
CA TYR PA 8 7.73 -48.22 -7.00
C TYR PA 8 6.45 -48.68 -7.67
N LEU PA 9 5.99 -47.95 -8.69
CA LEU PA 9 4.77 -48.31 -9.39
C LEU PA 9 4.93 -49.63 -10.13
N ALA PA 10 6.06 -49.82 -10.83
CA ALA PA 10 6.27 -51.05 -11.57
C ALA PA 10 6.24 -52.26 -10.65
N GLU PA 11 6.86 -52.15 -9.47
CA GLU PA 11 6.85 -53.26 -8.52
C GLU PA 11 5.47 -53.49 -7.95
N LYS PA 12 4.81 -52.43 -7.49
CA LYS PA 12 3.52 -52.58 -6.82
C LYS PA 12 2.39 -52.90 -7.78
N ALA PA 13 2.57 -52.68 -9.10
CA ALA PA 13 1.55 -53.00 -10.08
C ALA PA 13 1.98 -54.08 -11.07
N GLY PA 14 3.25 -54.47 -11.09
CA GLY PA 14 3.72 -55.51 -11.98
C GLY PA 14 3.90 -55.09 -13.42
N ILE PA 15 3.73 -53.81 -13.75
CA ILE PA 15 3.86 -53.34 -15.12
C ILE PA 15 5.32 -53.13 -15.47
N SER PA 16 5.60 -52.95 -16.77
CA SER PA 16 6.96 -52.75 -17.23
C SER PA 16 7.46 -51.35 -16.88
N GLU PA 17 8.76 -51.14 -17.05
CA GLU PA 17 9.34 -49.83 -16.77
C GLU PA 17 8.78 -48.75 -17.68
N VAL PA 18 8.63 -49.05 -18.97
CA VAL PA 18 8.17 -48.03 -19.92
C VAL PA 18 6.71 -47.68 -19.68
N GLU PA 19 5.89 -48.67 -19.32
CA GLU PA 19 4.50 -48.38 -18.98
C GLU PA 19 4.39 -47.58 -17.69
N ALA PA 20 5.20 -47.95 -16.69
CA ALA PA 20 5.22 -47.19 -15.44
C ALA PA 20 5.69 -45.77 -15.69
N ALA PA 21 6.69 -45.59 -16.57
CA ALA PA 21 7.16 -44.24 -16.89
C ALA PA 21 6.05 -43.43 -17.53
N GLU PA 22 5.27 -44.03 -18.44
CA GLU PA 22 4.17 -43.32 -19.07
C GLU PA 22 3.12 -42.90 -18.04
N ILE PA 23 2.73 -43.83 -17.16
CA ILE PA 23 1.72 -43.49 -16.17
C ILE PA 23 2.22 -42.44 -15.21
N VAL PA 24 3.49 -42.51 -14.81
CA VAL PA 24 4.05 -41.51 -13.91
C VAL PA 24 4.12 -40.15 -14.59
N LEU PA 25 4.43 -40.13 -15.89
CA LEU PA 25 4.43 -38.85 -16.61
C LEU PA 25 3.02 -38.26 -16.68
N LYS PA 26 2.01 -39.12 -16.89
CA LYS PA 26 0.63 -38.65 -16.84
C LYS PA 26 0.31 -38.03 -15.47
N ALA PA 27 0.71 -38.72 -14.40
CA ALA PA 27 0.44 -38.22 -13.05
C ALA PA 27 1.14 -36.89 -12.82
N VAL PA 28 2.39 -36.77 -13.23
CA VAL PA 28 3.14 -35.53 -13.03
C VAL PA 28 2.53 -34.40 -13.84
N LYS PA 29 2.07 -34.70 -15.06
CA LYS PA 29 1.45 -33.68 -15.90
C LYS PA 29 0.15 -33.17 -15.28
N ILE PA 30 -0.72 -34.08 -14.83
CA ILE PA 30 -1.98 -33.66 -14.22
C ILE PA 30 -1.75 -32.94 -12.90
N SER PA 31 -0.76 -33.38 -12.12
CA SER PA 31 -0.50 -32.80 -10.80
C SER PA 31 -0.04 -31.36 -10.86
N GLY PA 32 0.35 -30.85 -12.02
CA GLY PA 32 0.93 -29.52 -12.11
C GLY PA 32 2.35 -29.47 -11.61
N GLY PA 33 3.06 -30.59 -11.63
CA GLY PA 33 4.43 -30.64 -11.17
C GLY PA 33 4.60 -30.79 -9.67
N ASP PA 34 3.51 -30.80 -8.90
CA ASP PA 34 3.62 -30.96 -7.46
C ASP PA 34 4.13 -32.36 -7.11
N VAL PA 35 5.08 -32.41 -6.19
CA VAL PA 35 5.65 -33.69 -5.78
C VAL PA 35 4.64 -34.51 -4.99
N VAL PA 36 3.94 -33.87 -4.05
CA VAL PA 36 3.02 -34.59 -3.17
C VAL PA 36 1.84 -35.13 -3.95
N LYS PA 37 1.22 -34.29 -4.79
CA LYS PA 37 0.08 -34.74 -5.57
C LYS PA 37 0.47 -35.87 -6.51
N SER PA 38 1.68 -35.84 -7.05
CA SER PA 38 2.12 -36.92 -7.92
C SER PA 38 2.17 -38.24 -7.16
N ILE PA 39 2.65 -38.21 -5.92
CA ILE PA 39 2.71 -39.43 -5.12
C ILE PA 39 1.32 -39.90 -4.74
N GLU PA 40 0.44 -38.97 -4.38
CA GLU PA 40 -0.94 -39.33 -4.08
C GLU PA 40 -1.60 -40.02 -5.29
N LEU PA 41 -1.43 -39.45 -6.47
CA LEU PA 41 -2.02 -40.03 -7.67
C LEU PA 41 -1.42 -41.38 -7.99
N VAL PA 42 -0.09 -41.52 -7.89
CA VAL PA 42 0.54 -42.80 -8.17
C VAL PA 42 0.04 -43.86 -7.20
N ASP PA 43 -0.18 -43.48 -5.93
CA ASP PA 43 -0.79 -44.41 -4.99
C ASP PA 43 -2.21 -44.77 -5.43
N LEU PA 44 -2.97 -43.79 -5.88
CA LEU PA 44 -4.34 -44.05 -6.33
C LEU PA 44 -4.34 -44.97 -7.55
N PHE PA 45 -3.39 -44.81 -8.46
CA PHE PA 45 -3.32 -45.69 -9.62
C PHE PA 45 -3.07 -47.14 -9.19
N ILE PA 46 -2.24 -47.33 -8.17
CA ILE PA 46 -1.94 -48.68 -7.69
C ILE PA 46 -3.21 -49.36 -7.19
N GLU PA 47 -4.12 -48.58 -6.57
CA GLU PA 47 -5.42 -49.12 -6.20
C GLU PA 47 -6.25 -49.45 -7.45
N ILE PA 48 -6.47 -48.46 -8.31
CA ILE PA 48 -7.26 -48.66 -9.51
C ILE PA 48 -6.66 -49.76 -10.36
N LEU PA 49 -5.34 -49.74 -10.54
CA LEU PA 49 -4.69 -50.66 -11.46
C LEU PA 49 -4.68 -52.10 -10.94
N ASN PA 50 -5.06 -52.33 -9.68
CA ASN PA 50 -5.17 -53.67 -9.14
C ASN PA 50 -6.62 -54.14 -9.09
N LYS PA 51 -7.49 -53.39 -8.41
CA LYS PA 51 -8.90 -53.78 -8.34
C LYS PA 51 -9.58 -53.64 -9.69
N GLY PA 52 -9.01 -52.86 -10.61
CA GLY PA 52 -9.60 -52.72 -11.94
C GLY PA 52 -9.42 -53.92 -12.83
N ARG PA 53 -8.42 -54.77 -12.54
CA ARG PA 53 -8.24 -56.01 -13.27
C ARG PA 53 -8.82 -57.22 -12.54
N GLU PA 54 -8.92 -57.15 -11.22
CA GLU PA 54 -9.55 -58.21 -10.44
C GLU PA 54 -11.01 -57.86 -10.18
N MET QA 1 -6.10 -25.44 29.81
CA MET QA 1 -6.47 -25.39 31.26
C MET QA 1 -7.71 -26.22 31.54
N MET QA 2 -8.22 -26.92 30.53
CA MET QA 2 -9.50 -27.60 30.66
C MET QA 2 -9.49 -28.62 31.79
N GLU QA 3 -8.38 -29.35 31.97
CA GLU QA 3 -8.33 -30.30 33.08
C GLU QA 3 -8.39 -29.58 34.42
N ALA QA 4 -7.73 -28.43 34.53
CA ALA QA 4 -7.84 -27.64 35.76
C ALA QA 4 -9.25 -27.11 35.94
N MET QA 5 -9.89 -26.66 34.86
CA MET QA 5 -11.26 -26.17 34.95
C MET QA 5 -12.21 -27.27 35.38
N VAL QA 6 -12.02 -28.48 34.85
CA VAL QA 6 -12.94 -29.58 35.17
C VAL QA 6 -12.89 -29.90 36.66
N LYS QA 7 -11.68 -30.05 37.21
CA LYS QA 7 -11.55 -30.24 38.65
C LYS QA 7 -12.01 -29.00 39.41
N TYR QA 8 -11.63 -27.81 38.92
CA TYR QA 8 -12.02 -26.57 39.59
C TYR QA 8 -13.53 -26.45 39.65
N LEU QA 9 -14.22 -26.70 38.53
CA LEU QA 9 -15.68 -26.62 38.53
C LEU QA 9 -16.31 -27.73 39.37
N ALA QA 10 -15.80 -28.95 39.25
CA ALA QA 10 -16.37 -30.07 40.00
C ALA QA 10 -16.31 -29.82 41.50
N GLU QA 11 -15.17 -29.33 41.99
CA GLU QA 11 -15.03 -29.09 43.42
C GLU QA 11 -15.95 -27.96 43.88
N LYS QA 12 -15.97 -26.84 43.15
CA LYS QA 12 -16.73 -25.69 43.60
C LYS QA 12 -18.23 -25.92 43.48
N ALA QA 13 -18.67 -26.55 42.40
CA ALA QA 13 -20.10 -26.79 42.20
C ALA QA 13 -20.56 -28.12 42.76
N GLY QA 14 -19.65 -29.01 43.13
CA GLY QA 14 -20.02 -30.29 43.70
C GLY QA 14 -20.48 -31.33 42.70
N ILE QA 15 -20.42 -31.03 41.41
CA ILE QA 15 -20.88 -31.95 40.38
C ILE QA 15 -19.82 -33.00 40.09
N SER QA 16 -20.21 -34.06 39.38
CA SER QA 16 -19.29 -35.15 39.06
C SER QA 16 -18.29 -34.71 37.98
N GLU QA 17 -17.26 -35.55 37.80
CA GLU QA 17 -16.24 -35.24 36.80
C GLU QA 17 -16.84 -35.17 35.39
N VAL QA 18 -17.69 -36.13 35.04
CA VAL QA 18 -18.24 -36.15 33.68
C VAL QA 18 -19.22 -35.01 33.48
N GLU QA 19 -20.01 -34.65 34.49
CA GLU QA 19 -20.89 -33.50 34.37
C GLU QA 19 -20.09 -32.21 34.26
N ALA QA 20 -19.01 -32.10 35.03
CA ALA QA 20 -18.13 -30.94 34.89
C ALA QA 20 -17.47 -30.91 33.52
N ALA QA 21 -17.06 -32.07 33.01
CA ALA QA 21 -16.43 -32.12 31.69
C ALA QA 21 -17.40 -31.65 30.61
N GLU QA 22 -18.67 -32.03 30.72
CA GLU QA 22 -19.66 -31.59 29.75
C GLU QA 22 -19.82 -30.07 29.76
N ILE QA 23 -19.99 -29.49 30.96
CA ILE QA 23 -20.20 -28.05 31.05
C ILE QA 23 -18.96 -27.29 30.59
N VAL QA 24 -17.77 -27.77 30.94
CA VAL QA 24 -16.55 -27.10 30.51
C VAL QA 24 -16.40 -27.15 29.00
N LEU QA 25 -16.81 -28.26 28.37
CA LEU QA 25 -16.78 -28.33 26.92
C LEU QA 25 -17.76 -27.34 26.29
N LYS QA 26 -18.93 -27.17 26.91
CA LYS QA 26 -19.86 -26.14 26.46
C LYS QA 26 -19.23 -24.75 26.53
N ALA QA 27 -18.57 -24.45 27.65
CA ALA QA 27 -17.94 -23.14 27.81
C ALA QA 27 -16.85 -22.92 26.76
N VAL QA 28 -16.01 -23.94 26.53
CA VAL QA 28 -14.94 -23.79 25.56
C VAL QA 28 -15.49 -23.61 24.16
N LYS QA 29 -16.52 -24.38 23.80
CA LYS QA 29 -17.09 -24.29 22.46
C LYS QA 29 -17.70 -22.91 22.21
N ILE QA 30 -18.51 -22.42 23.15
CA ILE QA 30 -19.19 -21.15 22.95
C ILE QA 30 -18.21 -19.98 23.06
N SER QA 31 -17.13 -20.14 23.82
CA SER QA 31 -16.13 -19.09 23.98
C SER QA 31 -15.26 -18.91 22.75
N GLY QA 32 -15.36 -19.78 21.75
CA GLY QA 32 -14.47 -19.71 20.60
C GLY QA 32 -13.08 -20.24 20.87
N GLY QA 33 -12.91 -21.04 21.91
CA GLY QA 33 -11.61 -21.60 22.25
C GLY QA 33 -10.71 -20.66 23.04
N ASP QA 34 -11.15 -19.44 23.33
CA ASP QA 34 -10.34 -18.52 24.11
C ASP QA 34 -10.18 -19.01 25.54
N VAL QA 35 -8.96 -18.94 26.05
CA VAL QA 35 -8.70 -19.38 27.41
C VAL QA 35 -9.34 -18.45 28.42
N VAL QA 36 -9.17 -17.13 28.22
CA VAL QA 36 -9.66 -16.15 29.19
C VAL QA 36 -11.18 -16.24 29.31
N LYS QA 37 -11.88 -16.20 28.16
CA LYS QA 37 -13.33 -16.22 28.19
C LYS QA 37 -13.85 -17.51 28.81
N SER QA 38 -13.17 -18.62 28.57
CA SER QA 38 -13.60 -19.89 29.16
C SER QA 38 -13.54 -19.84 30.68
N ILE QA 39 -12.50 -19.21 31.24
CA ILE QA 39 -12.40 -19.12 32.69
C ILE QA 39 -13.44 -18.16 33.24
N GLU QA 40 -13.62 -17.01 32.58
CA GLU QA 40 -14.68 -16.10 32.97
C GLU QA 40 -16.04 -16.79 32.94
N LEU QA 41 -16.30 -17.55 31.87
CA LEU QA 41 -17.60 -18.18 31.71
C LEU QA 41 -17.80 -19.32 32.71
N VAL QA 42 -16.74 -20.08 32.99
CA VAL QA 42 -16.85 -21.15 33.98
C VAL QA 42 -17.08 -20.57 35.37
N ASP QA 43 -16.47 -19.42 35.67
CA ASP QA 43 -16.76 -18.75 36.94
C ASP QA 43 -18.23 -18.35 37.03
N LEU QA 44 -18.78 -17.84 35.94
CA LEU QA 44 -20.20 -17.46 35.93
C LEU QA 44 -21.09 -18.68 36.17
N PHE QA 45 -20.74 -19.82 35.57
CA PHE QA 45 -21.53 -21.03 35.79
C PHE QA 45 -21.54 -21.41 37.28
N ILE QA 46 -20.43 -21.20 37.97
CA ILE QA 46 -20.38 -21.51 39.40
C ILE QA 46 -21.35 -20.64 40.18
N GLU QA 47 -21.53 -19.39 39.75
CA GLU QA 47 -22.55 -18.54 40.37
C GLU QA 47 -23.95 -19.05 40.04
N ILE QA 48 -24.25 -19.22 38.74
CA ILE QA 48 -25.57 -19.66 38.33
C ILE QA 48 -25.87 -21.03 38.91
N LEU QA 49 -24.90 -21.94 38.87
CA LEU QA 49 -25.15 -23.31 39.33
C LEU QA 49 -25.33 -23.40 40.84
N ASN QA 50 -24.99 -22.34 41.58
CA ASN QA 50 -25.22 -22.32 43.03
C ASN QA 50 -26.57 -21.68 43.36
N LYS QA 51 -26.75 -20.42 42.96
CA LYS QA 51 -28.01 -19.74 43.25
C LYS QA 51 -29.17 -20.28 42.43
N GLY QA 52 -28.89 -21.03 41.36
CA GLY QA 52 -29.95 -21.60 40.57
C GLY QA 52 -30.69 -22.72 41.27
N ARG QA 53 -30.03 -23.40 42.20
CA ARG QA 53 -30.65 -24.43 43.01
C ARG QA 53 -31.11 -23.92 44.37
N GLU QA 54 -30.56 -22.81 44.84
CA GLU QA 54 -31.00 -22.19 46.08
C GLU QA 54 -31.97 -21.05 45.79
N MET RA 1 36.03 -11.46 15.63
CA MET RA 1 35.99 -11.70 14.17
C MET RA 1 37.30 -11.28 13.54
N MET RA 2 37.66 -10.01 13.72
CA MET RA 2 38.87 -9.47 13.11
C MET RA 2 40.14 -10.12 13.66
N GLU RA 3 40.15 -10.48 14.95
CA GLU RA 3 41.37 -11.01 15.55
C GLU RA 3 41.83 -12.30 14.85
N ALA RA 4 40.89 -13.14 14.43
CA ALA RA 4 41.26 -14.33 13.68
C ALA RA 4 41.92 -13.95 12.35
N MET RA 5 41.39 -12.93 11.67
CA MET RA 5 41.99 -12.49 10.42
C MET RA 5 43.39 -11.94 10.65
N VAL RA 6 43.60 -11.22 11.76
CA VAL RA 6 44.89 -10.59 12.01
C VAL RA 6 45.99 -11.65 12.13
N LYS RA 7 45.75 -12.65 12.98
CA LYS RA 7 46.72 -13.74 13.09
C LYS RA 7 46.77 -14.58 11.82
N TYR RA 8 45.62 -14.82 11.21
CA TYR RA 8 45.58 -15.56 9.95
C TYR RA 8 46.39 -14.84 8.88
N LEU RA 9 46.21 -13.52 8.76
CA LEU RA 9 46.99 -12.76 7.78
C LEU RA 9 48.46 -12.71 8.16
N ALA RA 10 48.76 -12.49 9.43
CA ALA RA 10 50.16 -12.38 9.86
C ALA RA 10 50.94 -13.64 9.54
N GLU RA 11 50.37 -14.81 9.83
CA GLU RA 11 51.06 -16.06 9.57
C GLU RA 11 51.25 -16.29 8.08
N LYS RA 12 50.17 -16.13 7.29
CA LYS RA 12 50.21 -16.48 5.87
C LYS RA 12 51.02 -15.48 5.05
N ALA RA 13 51.18 -14.25 5.53
CA ALA RA 13 51.96 -13.25 4.83
C ALA RA 13 53.30 -12.94 5.49
N GLY RA 14 53.52 -13.39 6.73
CA GLY RA 14 54.76 -13.18 7.42
C GLY RA 14 54.96 -11.79 7.98
N ILE RA 15 53.98 -10.91 7.85
CA ILE RA 15 54.09 -9.54 8.36
C ILE RA 15 53.91 -9.54 9.87
N SER RA 16 54.24 -8.42 10.51
CA SER RA 16 54.14 -8.31 11.96
C SER RA 16 52.68 -8.22 12.39
N GLU RA 17 52.46 -8.42 13.69
CA GLU RA 17 51.10 -8.36 14.23
C GLU RA 17 50.48 -6.98 14.03
N VAL RA 18 51.25 -5.92 14.26
CA VAL RA 18 50.69 -4.57 14.10
C VAL RA 18 50.47 -4.24 12.63
N GLU RA 19 51.36 -4.71 11.74
CA GLU RA 19 51.16 -4.48 10.32
C GLU RA 19 49.95 -5.24 9.81
N ALA RA 20 49.73 -6.45 10.31
CA ALA RA 20 48.53 -7.20 9.94
C ALA RA 20 47.28 -6.50 10.44
N ALA RA 21 47.34 -5.95 11.67
CA ALA RA 21 46.18 -5.24 12.21
C ALA RA 21 45.82 -4.04 11.35
N GLU RA 22 46.82 -3.32 10.85
CA GLU RA 22 46.55 -2.16 10.01
C GLU RA 22 45.87 -2.58 8.71
N ILE RA 23 46.37 -3.64 8.07
CA ILE RA 23 45.81 -4.06 6.79
C ILE RA 23 44.39 -4.60 6.97
N VAL RA 24 44.15 -5.33 8.06
CA VAL RA 24 42.81 -5.86 8.29
C VAL RA 24 41.82 -4.74 8.55
N LEU RA 25 42.26 -3.65 9.20
CA LEU RA 25 41.38 -2.51 9.40
C LEU RA 25 41.05 -1.84 8.07
N LYS RA 26 42.01 -1.81 7.14
CA LYS RA 26 41.74 -1.31 5.79
C LYS RA 26 40.68 -2.16 5.10
N ALA RA 27 40.79 -3.48 5.22
CA ALA RA 27 39.83 -4.38 4.58
C ALA RA 27 38.43 -4.19 5.15
N VAL RA 28 38.32 -4.10 6.47
CA VAL RA 28 37.01 -3.96 7.09
C VAL RA 28 36.36 -2.64 6.69
N LYS RA 29 37.16 -1.57 6.58
CA LYS RA 29 36.62 -0.27 6.23
C LYS RA 29 36.07 -0.26 4.81
N ILE RA 30 36.82 -0.82 3.85
CA ILE RA 30 36.36 -0.86 2.47
C ILE RA 30 35.16 -1.77 2.31
N SER RA 31 35.14 -2.89 3.05
CA SER RA 31 34.07 -3.87 2.93
C SER RA 31 32.73 -3.34 3.42
N GLY RA 32 32.69 -2.19 4.09
CA GLY RA 32 31.46 -1.73 4.70
C GLY RA 32 31.08 -2.49 5.94
N GLY RA 33 32.06 -3.12 6.60
CA GLY RA 33 31.80 -3.91 7.78
C GLY RA 33 31.32 -5.32 7.52
N ASP RA 34 31.13 -5.72 6.27
CA ASP RA 34 30.68 -7.06 5.97
C ASP RA 34 31.75 -8.08 6.35
N VAL RA 35 31.33 -9.13 7.06
CA VAL RA 35 32.27 -10.15 7.50
C VAL RA 35 32.79 -10.95 6.30
N VAL RA 36 31.87 -11.40 5.44
CA VAL RA 36 32.26 -12.27 4.32
C VAL RA 36 33.18 -11.52 3.36
N LYS RA 37 32.84 -10.28 3.03
CA LYS RA 37 33.66 -9.51 2.10
C LYS RA 37 35.05 -9.25 2.68
N SER RA 38 35.13 -9.02 3.99
CA SER RA 38 36.43 -8.80 4.61
C SER RA 38 37.33 -10.02 4.47
N ILE RA 39 36.76 -11.22 4.61
CA ILE RA 39 37.56 -12.44 4.50
C ILE RA 39 37.99 -12.66 3.05
N GLU RA 40 37.08 -12.43 2.10
CA GLU RA 40 37.46 -12.49 0.69
C GLU RA 40 38.57 -11.49 0.40
N LEU RA 41 38.44 -10.28 0.92
CA LEU RA 41 39.43 -9.24 0.65
C LEU RA 41 40.76 -9.55 1.31
N VAL RA 42 40.74 -10.07 2.54
CA VAL RA 42 41.99 -10.42 3.21
C VAL RA 42 42.68 -11.56 2.49
N ASP RA 43 41.92 -12.50 1.93
CA ASP RA 43 42.52 -13.56 1.14
C ASP RA 43 43.21 -13.00 -0.09
N LEU RA 44 42.60 -12.00 -0.75
CA LEU RA 44 43.23 -11.39 -1.91
C LEU RA 44 44.54 -10.70 -1.53
N PHE RA 45 44.58 -10.06 -0.36
CA PHE RA 45 45.82 -9.42 0.08
C PHE RA 45 46.94 -10.45 0.23
N ILE RA 46 46.61 -11.64 0.75
CA ILE RA 46 47.61 -12.69 0.90
C ILE RA 46 48.19 -13.08 -0.46
N GLU RA 47 47.38 -13.05 -1.50
CA GLU RA 47 47.90 -13.27 -2.85
C GLU RA 47 48.78 -12.12 -3.31
N ILE RA 48 48.24 -10.90 -3.30
CA ILE RA 48 49.00 -9.74 -3.75
C ILE RA 48 50.25 -9.57 -2.91
N LEU RA 49 50.12 -9.70 -1.59
CA LEU RA 49 51.24 -9.44 -0.70
C LEU RA 49 52.36 -10.47 -0.84
N ASN RA 50 52.09 -11.61 -1.47
CA ASN RA 50 53.13 -12.61 -1.71
C ASN RA 50 53.73 -12.48 -3.12
N LYS RA 51 52.90 -12.56 -4.15
CA LYS RA 51 53.41 -12.45 -5.52
C LYS RA 51 53.90 -11.04 -5.82
N GLY RA 52 53.47 -10.05 -5.04
CA GLY RA 52 53.92 -8.68 -5.28
C GLY RA 52 55.35 -8.43 -4.85
N ARG RA 53 55.89 -9.25 -3.95
CA ARG RA 53 57.30 -9.17 -3.57
C ARG RA 53 58.16 -10.17 -4.32
N GLU RA 54 57.60 -11.30 -4.72
CA GLU RA 54 58.31 -12.26 -5.54
C GLU RA 54 58.02 -12.03 -7.02
N MET SA 1 5.51 8.12 39.67
CA MET SA 1 6.12 6.78 39.46
C MET SA 1 7.49 6.72 40.09
N MET SA 2 8.28 7.78 39.88
CA MET SA 2 9.64 7.83 40.40
C MET SA 2 9.67 7.94 41.92
N GLU SA 3 8.65 8.53 42.53
CA GLU SA 3 8.67 8.73 43.98
C GLU SA 3 8.74 7.39 44.71
N ALA SA 4 8.05 6.38 44.19
CA ALA SA 4 8.15 5.05 44.78
C ALA SA 4 9.57 4.50 44.65
N MET SA 5 10.21 4.70 43.49
CA MET SA 5 11.57 4.22 43.31
C MET SA 5 12.54 4.94 44.25
N VAL SA 6 12.36 6.25 44.44
CA VAL SA 6 13.29 7.01 45.26
C VAL SA 6 13.26 6.52 46.70
N LYS SA 7 12.07 6.34 47.26
CA LYS SA 7 11.98 5.77 48.60
C LYS SA 7 12.39 4.30 48.60
N TYR SA 8 12.02 3.55 47.56
CA TYR SA 8 12.41 2.16 47.48
C TYR SA 8 13.93 2.02 47.47
N LEU SA 9 14.61 2.84 46.67
CA LEU SA 9 16.08 2.77 46.61
C LEU SA 9 16.70 3.27 47.91
N ALA SA 10 16.18 4.37 48.47
CA ALA SA 10 16.77 4.94 49.68
C ALA SA 10 16.74 3.94 50.82
N GLU SA 11 15.63 3.22 50.99
CA GLU SA 11 15.52 2.25 52.07
C GLU SA 11 16.44 1.06 51.82
N LYS SA 12 16.40 0.49 50.62
CA LYS SA 12 17.14 -0.73 50.33
C LYS SA 12 18.65 -0.50 50.21
N ALA SA 13 19.07 0.72 49.89
CA ALA SA 13 20.50 1.04 49.79
C ALA SA 13 21.00 1.90 50.93
N GLY SA 14 20.12 2.47 51.76
CA GLY SA 14 20.53 3.29 52.88
C GLY SA 14 20.98 4.69 52.53
N ILE SA 15 20.90 5.09 51.26
CA ILE SA 15 21.34 6.41 50.85
C ILE SA 15 20.26 7.45 51.18
N SER SA 16 20.66 8.72 51.15
CA SER SA 16 19.75 9.81 51.44
C SER SA 16 18.74 10.00 50.32
N GLU SA 17 17.70 10.78 50.60
CA GLU SA 17 16.67 11.03 49.60
C GLU SA 17 17.24 11.73 48.37
N VAL SA 18 18.11 12.73 48.58
CA VAL SA 18 18.64 13.49 47.45
C VAL SA 18 19.60 12.64 46.63
N GLU SA 19 20.40 11.79 47.27
CA GLU SA 19 21.26 10.88 46.52
C GLU SA 19 20.44 9.83 45.79
N ALA SA 20 19.36 9.34 46.41
CA ALA SA 20 18.46 8.43 45.73
C ALA SA 20 17.79 9.11 44.54
N ALA SA 21 17.39 10.37 44.71
CA ALA SA 21 16.76 11.09 43.60
C ALA SA 21 17.71 11.24 42.43
N GLU SA 22 18.99 11.52 42.71
CA GLU SA 22 19.97 11.65 41.65
C GLU SA 22 20.14 10.35 40.88
N ILE SA 23 20.32 9.24 41.60
CA ILE SA 23 20.54 7.95 40.94
C ILE SA 23 19.31 7.53 40.16
N VAL SA 24 18.12 7.75 40.71
CA VAL SA 24 16.90 7.37 40.00
C VAL SA 24 16.74 8.20 38.74
N LEU SA 25 17.14 9.48 38.77
CA LEU SA 25 17.09 10.30 37.56
C LEU SA 25 18.06 9.78 36.51
N LYS SA 26 19.23 9.31 36.94
CA LYS SA 26 20.17 8.68 36.02
C LYS SA 26 19.54 7.46 35.36
N ALA SA 27 18.87 6.62 36.14
CA ALA SA 27 18.25 5.41 35.60
C ALA SA 27 17.17 5.75 34.59
N VAL SA 28 16.33 6.74 34.90
CA VAL SA 28 15.24 7.09 34.00
C VAL SA 28 15.79 7.65 32.69
N LYS SA 29 16.86 8.44 32.77
CA LYS SA 29 17.44 9.04 31.56
C LYS SA 29 17.99 7.96 30.63
N ILE SA 30 18.76 7.02 31.18
CA ILE SA 30 19.34 5.97 30.35
C ILE SA 30 18.26 5.05 29.79
N SER SA 31 17.23 4.78 30.59
CA SER SA 31 16.17 3.87 30.19
C SER SA 31 15.34 4.39 29.02
N GLY SA 32 15.48 5.67 28.68
CA GLY SA 32 14.62 6.27 27.68
C GLY SA 32 13.23 6.57 28.16
N GLY SA 33 13.05 6.71 29.48
CA GLY SA 33 11.75 6.98 30.05
C GLY SA 33 10.88 5.76 30.29
N ASP SA 34 11.33 4.57 29.88
CA ASP SA 34 10.55 3.36 30.10
C ASP SA 34 10.43 3.06 31.59
N VAL SA 35 9.21 2.75 32.02
CA VAL SA 35 8.97 2.47 33.44
C VAL SA 35 9.62 1.15 33.84
N VAL SA 36 9.38 0.10 33.04
CA VAL SA 36 9.87 -1.23 33.41
C VAL SA 36 11.39 -1.26 33.44
N LYS SA 37 12.03 -0.73 32.40
CA LYS SA 37 13.49 -0.72 32.35
C LYS SA 37 14.07 0.05 33.52
N SER SA 38 13.41 1.13 33.93
CA SER SA 38 13.90 1.90 35.07
C SER SA 38 13.87 1.08 36.36
N ILE SA 39 12.83 0.27 36.54
CA ILE SA 39 12.75 -0.54 37.75
C ILE SA 39 13.78 -1.66 37.71
N GLU SA 40 13.96 -2.29 36.54
CA GLU SA 40 15.02 -3.28 36.39
C GLU SA 40 16.37 -2.65 36.69
N LEU SA 41 16.62 -1.45 36.16
CA LEU SA 41 17.91 -0.80 36.34
C LEU SA 41 18.11 -0.37 37.80
N VAL SA 42 17.05 0.12 38.44
CA VAL SA 42 17.16 0.49 39.85
C VAL SA 42 17.43 -0.73 40.72
N ASP SA 43 16.85 -1.88 40.36
CA ASP SA 43 17.15 -3.11 41.11
C ASP SA 43 18.61 -3.48 40.97
N LEU SA 44 19.18 -3.33 39.78
CA LEU SA 44 20.59 -3.64 39.57
C LEU SA 44 21.48 -2.73 40.42
N PHE SA 45 21.10 -1.45 40.57
CA PHE SA 45 21.89 -0.55 41.41
C PHE SA 45 21.91 -1.02 42.85
N ILE SA 46 20.79 -1.55 43.35
CA ILE SA 46 20.74 -2.04 44.72
C ILE SA 46 21.73 -3.18 44.92
N GLU SA 47 21.96 -3.99 43.89
CA GLU SA 47 23.00 -5.01 43.95
C GLU SA 47 24.38 -4.37 43.93
N ILE SA 48 24.67 -3.60 42.88
CA ILE SA 48 25.98 -2.97 42.76
C ILE SA 48 26.27 -2.10 43.98
N LEU SA 49 25.28 -1.32 44.40
CA LEU SA 49 25.50 -0.35 45.47
C LEU SA 49 25.67 -1.00 46.84
N ASN SA 50 25.41 -2.30 46.96
CA ASN SA 50 25.62 -3.03 48.21
C ASN SA 50 26.93 -3.83 48.18
N LYS SA 51 27.08 -4.72 47.20
CA LYS SA 51 28.33 -5.48 47.10
C LYS SA 51 29.49 -4.60 46.69
N GLY SA 52 29.22 -3.42 46.12
CA GLY SA 52 30.30 -2.51 45.74
C GLY SA 52 30.99 -1.87 46.92
N ARG SA 53 30.33 -1.82 48.08
CA ARG SA 53 30.96 -1.31 49.29
C ARG SA 53 31.39 -2.42 50.25
N GLU SA 54 30.80 -3.61 50.14
CA GLU SA 54 31.26 -4.76 50.89
C GLU SA 54 32.25 -5.58 50.07
N MET TA 1 -35.42 12.41 -15.32
CA MET TA 1 -35.79 13.07 -14.04
C MET TA 1 -36.18 14.52 -14.27
N MET TA 2 -35.46 15.19 -15.16
CA MET TA 2 -35.68 16.61 -15.39
C MET TA 2 -37.07 16.91 -15.94
N GLU TA 3 -37.63 16.01 -16.76
CA GLU TA 3 -38.97 16.25 -17.30
C GLU TA 3 -40.01 16.29 -16.19
N ALA TA 4 -39.88 15.43 -15.18
CA ALA TA 4 -40.79 15.50 -14.04
C ALA TA 4 -40.64 16.82 -13.29
N MET TA 5 -39.40 17.28 -13.12
CA MET TA 5 -39.18 18.55 -12.43
C MET TA 5 -39.79 19.71 -13.21
N VAL TA 6 -39.66 19.69 -14.54
CA VAL TA 6 -40.15 20.82 -15.35
C VAL TA 6 -41.66 20.97 -15.18
N LYS TA 7 -42.40 19.87 -15.33
CA LYS TA 7 -43.83 19.93 -15.09
C LYS TA 7 -44.13 20.19 -13.61
N TYR TA 8 -43.36 19.55 -12.72
CA TYR TA 8 -43.56 19.77 -11.29
C TYR TA 8 -43.40 21.25 -10.94
N LEU TA 9 -42.33 21.88 -11.42
CA LEU TA 9 -42.11 23.29 -11.14
C LEU TA 9 -43.16 24.16 -11.83
N ALA TA 10 -43.48 23.86 -13.08
CA ALA TA 10 -44.42 24.70 -13.82
C ALA TA 10 -45.77 24.77 -13.11
N GLU TA 11 -46.28 23.62 -12.65
CA GLU TA 11 -47.57 23.61 -11.98
C GLU TA 11 -47.51 24.32 -10.63
N LYS TA 12 -46.48 24.04 -9.84
CA LYS TA 12 -46.40 24.56 -8.49
C LYS TA 12 -46.02 26.03 -8.44
N ALA TA 13 -45.46 26.58 -9.51
CA ALA TA 13 -45.10 27.99 -9.56
C ALA TA 13 -45.91 28.80 -10.56
N GLY TA 14 -46.68 28.14 -11.43
CA GLY TA 14 -47.49 28.84 -12.41
C GLY TA 14 -46.74 29.37 -13.60
N ILE TA 15 -45.43 29.13 -13.69
CA ILE TA 15 -44.65 29.63 -14.81
C ILE TA 15 -44.88 28.74 -16.03
N SER TA 16 -44.49 29.26 -17.20
CA SER TA 16 -44.61 28.52 -18.43
C SER TA 16 -43.59 27.37 -18.47
N GLU TA 17 -43.85 26.40 -19.35
CA GLU TA 17 -42.97 25.24 -19.44
C GLU TA 17 -41.58 25.63 -19.93
N VAL TA 18 -41.48 26.59 -20.85
CA VAL TA 18 -40.16 27.01 -21.32
C VAL TA 18 -39.41 27.74 -20.22
N GLU TA 19 -40.10 28.54 -19.41
CA GLU TA 19 -39.45 29.20 -18.28
C GLU TA 19 -39.08 28.19 -17.21
N ALA TA 20 -39.93 27.18 -16.99
CA ALA TA 20 -39.59 26.12 -16.05
C ALA TA 20 -38.36 25.34 -16.52
N ALA TA 21 -38.26 25.09 -17.83
CA ALA TA 21 -37.11 24.37 -18.36
C ALA TA 21 -35.82 25.13 -18.11
N GLU TA 22 -35.85 26.46 -18.26
CA GLU TA 22 -34.66 27.27 -18.02
C GLU TA 22 -34.22 27.17 -16.56
N ILE TA 23 -35.17 27.32 -15.63
CA ILE TA 23 -34.82 27.30 -14.21
C ILE TA 23 -34.32 25.93 -13.79
N VAL TA 24 -34.94 24.86 -14.31
CA VAL TA 24 -34.51 23.52 -13.95
C VAL TA 24 -33.10 23.26 -14.47
N LEU TA 25 -32.77 23.79 -15.65
CA LEU TA 25 -31.41 23.65 -16.17
C LEU TA 25 -30.41 24.40 -15.28
N LYS TA 26 -30.80 25.56 -14.77
CA LYS TA 26 -29.96 26.28 -13.82
C LYS TA 26 -29.72 25.43 -12.57
N ALA TA 27 -30.76 24.81 -12.05
CA ALA TA 27 -30.62 23.99 -10.84
C ALA TA 27 -29.70 22.80 -11.09
N VAL TA 28 -29.89 22.13 -12.24
CA VAL TA 28 -29.06 20.95 -12.54
C VAL TA 28 -27.61 21.35 -12.67
N LYS TA 29 -27.34 22.49 -13.29
CA LYS TA 29 -25.96 22.93 -13.52
C LYS TA 29 -25.25 23.21 -12.19
N ILE TA 30 -25.90 23.98 -11.30
CA ILE TA 30 -25.29 24.31 -10.01
C ILE TA 30 -25.13 23.07 -9.15
N SER TA 31 -26.10 22.16 -9.22
CA SER TA 31 -26.08 20.96 -8.40
C SER TA 31 -24.95 20.00 -8.77
N GLY TA 32 -24.28 20.21 -9.90
CA GLY TA 32 -23.29 19.28 -10.35
C GLY TA 32 -23.86 18.01 -10.95
N GLY TA 33 -25.10 18.05 -11.42
CA GLY TA 33 -25.76 16.89 -11.98
C GLY TA 33 -26.38 15.95 -10.98
N ASP TA 34 -26.25 16.22 -9.68
CA ASP TA 34 -26.85 15.37 -8.67
C ASP TA 34 -28.37 15.45 -8.74
N VAL TA 35 -29.02 14.28 -8.71
CA VAL TA 35 -30.48 14.24 -8.78
C VAL TA 35 -31.09 14.79 -7.50
N VAL TA 36 -30.59 14.34 -6.35
CA VAL TA 36 -31.20 14.73 -5.07
C VAL TA 36 -31.04 16.24 -4.86
N LYS TA 37 -29.84 16.77 -5.06
CA LYS TA 37 -29.62 18.19 -4.86
C LYS TA 37 -30.49 19.02 -5.81
N SER TA 38 -30.68 18.53 -7.03
CA SER TA 38 -31.53 19.26 -7.98
C SER TA 38 -32.96 19.34 -7.49
N ILE TA 39 -33.47 18.26 -6.90
CA ILE TA 39 -34.84 18.26 -6.39
C ILE TA 39 -34.95 19.15 -5.17
N GLU TA 40 -33.97 19.09 -4.27
CA GLU TA 40 -33.94 20.01 -3.13
C GLU TA 40 -33.89 21.45 -3.60
N LEU TA 41 -33.04 21.74 -4.60
CA LEU TA 41 -32.88 23.10 -5.09
C LEU TA 41 -34.14 23.57 -5.81
N VAL TA 42 -34.77 22.70 -6.59
CA VAL TA 42 -36.01 23.08 -7.26
C VAL TA 42 -37.12 23.33 -6.23
N ASP TA 43 -37.14 22.56 -5.14
CA ASP TA 43 -38.11 22.83 -4.08
C ASP TA 43 -37.89 24.20 -3.47
N LEU TA 44 -36.63 24.59 -3.27
CA LEU TA 44 -36.33 25.90 -2.72
C LEU TA 44 -36.80 27.02 -3.65
N PHE TA 45 -36.66 26.81 -4.97
CA PHE TA 45 -37.14 27.82 -5.92
C PHE TA 45 -38.64 28.01 -5.80
N ILE TA 46 -39.38 26.92 -5.58
CA ILE TA 46 -40.83 27.03 -5.45
C ILE TA 46 -41.19 27.90 -4.25
N GLU TA 47 -40.40 27.83 -3.19
CA GLU TA 47 -40.59 28.75 -2.06
C GLU TA 47 -40.25 30.19 -2.46
N ILE TA 48 -39.00 30.41 -2.90
CA ILE TA 48 -38.57 31.75 -3.28
C ILE TA 48 -39.46 32.32 -4.36
N LEU TA 49 -39.80 31.51 -5.36
CA LEU TA 49 -40.56 32.01 -6.50
C LEU TA 49 -42.01 32.32 -6.15
N ASN TA 50 -42.49 31.91 -4.99
CA ASN TA 50 -43.85 32.24 -4.54
C ASN TA 50 -43.85 33.43 -3.59
N LYS TA 51 -43.13 33.32 -2.46
CA LYS TA 51 -43.06 34.44 -1.53
C LYS TA 51 -42.31 35.63 -2.11
N GLY TA 52 -41.51 35.40 -3.17
CA GLY TA 52 -40.79 36.50 -3.79
C GLY TA 52 -41.69 37.45 -4.56
N ARG TA 53 -42.85 36.98 -5.01
CA ARG TA 53 -43.83 37.83 -5.66
C ARG TA 53 -44.93 38.30 -4.72
N GLU TA 54 -45.17 37.57 -3.64
CA GLU TA 54 -46.11 38.01 -2.61
C GLU TA 54 -45.38 38.74 -1.50
N MET UA 1 -16.86 33.63 13.88
CA MET UA 1 -17.19 32.85 15.11
C MET UA 1 -16.88 33.67 16.35
N MET UA 2 -15.70 34.32 16.33
CA MET UA 2 -15.20 35.01 17.50
C MET UA 2 -16.07 36.18 17.93
N GLU UA 3 -16.71 36.88 16.99
CA GLU UA 3 -17.46 38.08 17.36
C GLU UA 3 -18.59 37.76 18.32
N ALA UA 4 -19.25 36.62 18.14
CA ALA UA 4 -20.28 36.20 19.10
C ALA UA 4 -19.67 35.96 20.47
N MET UA 5 -18.49 35.34 20.52
CA MET UA 5 -17.85 35.08 21.80
C MET UA 5 -17.49 36.38 22.52
N VAL UA 6 -17.02 37.38 21.77
CA VAL UA 6 -16.57 38.62 22.40
C VAL UA 6 -17.71 39.31 23.11
N LYS UA 7 -18.85 39.45 22.42
CA LYS UA 7 -20.03 40.02 23.08
C LYS UA 7 -20.56 39.07 24.15
N TYR UA 8 -20.57 37.77 23.87
CA TYR UA 8 -21.04 36.80 24.85
C TYR UA 8 -20.23 36.88 26.13
N LEU UA 9 -18.90 36.92 26.01
CA LEU UA 9 -18.06 37.01 27.20
C LEU UA 9 -18.22 38.35 27.90
N ALA UA 10 -18.28 39.45 27.14
CA ALA UA 10 -18.39 40.77 27.75
C ALA UA 10 -19.64 40.88 28.61
N GLU UA 11 -20.78 40.39 28.12
CA GLU UA 11 -22.02 40.48 28.88
C GLU UA 11 -21.96 39.59 30.12
N LYS UA 12 -21.50 38.34 29.96
CA LYS UA 12 -21.55 37.39 31.05
C LYS UA 12 -20.50 37.66 32.13
N ALA UA 13 -19.46 38.42 31.82
CA ALA UA 13 -18.44 38.75 32.79
C ALA UA 13 -18.36 40.23 33.15
N GLY UA 14 -19.06 41.10 32.42
CA GLY UA 14 -19.07 42.52 32.71
C GLY UA 14 -17.83 43.27 32.28
N ILE UA 15 -16.86 42.61 31.64
CA ILE UA 15 -15.63 43.26 31.21
C ILE UA 15 -15.92 44.10 29.97
N SER UA 16 -14.97 44.96 29.61
CA SER UA 16 -15.13 45.81 28.44
C SER UA 16 -14.99 45.01 27.15
N GLU UA 17 -15.40 45.63 26.05
CA GLU UA 17 -15.31 44.96 24.75
C GLU UA 17 -13.86 44.65 24.38
N VAL UA 18 -12.95 45.60 24.62
CA VAL UA 18 -11.55 45.37 24.26
C VAL UA 18 -10.91 44.34 25.17
N GLU UA 19 -11.26 44.33 26.46
CA GLU UA 19 -10.76 43.31 27.36
C GLU UA 19 -11.30 41.94 26.99
N ALA UA 20 -12.57 41.87 26.61
CA ALA UA 20 -13.14 40.61 26.12
C ALA UA 20 -12.43 40.16 24.84
N ALA UA 21 -12.15 41.11 23.94
CA ALA UA 21 -11.47 40.75 22.70
C ALA UA 21 -10.10 40.16 22.96
N GLU UA 22 -9.37 40.72 23.94
CA GLU UA 22 -8.05 40.19 24.28
C GLU UA 22 -8.16 38.77 24.80
N ILE UA 23 -9.08 38.52 25.73
CA ILE UA 23 -9.20 37.20 26.33
C ILE UA 23 -9.66 36.18 25.29
N VAL UA 24 -10.59 36.56 24.41
CA VAL UA 24 -11.07 35.65 23.38
C VAL UA 24 -9.94 35.31 22.42
N LEU UA 25 -9.07 36.28 22.12
CA LEU UA 25 -7.92 36.01 21.26
C LEU UA 25 -6.96 35.03 21.93
N LYS UA 26 -6.77 35.17 23.25
CA LYS UA 26 -5.97 34.20 24.00
C LYS UA 26 -6.58 32.80 23.90
N ALA UA 27 -7.90 32.70 24.06
CA ALA UA 27 -8.56 31.40 23.98
C ALA UA 27 -8.40 30.78 22.60
N VAL UA 28 -8.56 31.58 21.55
CA VAL UA 28 -8.47 31.05 20.19
C VAL UA 28 -7.04 30.58 19.91
N LYS UA 29 -6.04 31.37 20.32
CA LYS UA 29 -4.65 31.01 20.04
C LYS UA 29 -4.27 29.70 20.73
N ILE UA 30 -4.61 29.57 22.02
CA ILE UA 30 -4.22 28.37 22.77
C ILE UA 30 -5.04 27.16 22.34
N SER UA 31 -6.27 27.38 21.86
CA SER UA 31 -7.13 26.30 21.41
C SER UA 31 -6.71 25.69 20.07
N GLY UA 32 -5.71 26.27 19.39
CA GLY UA 32 -5.34 25.79 18.08
C GLY UA 32 -6.29 26.17 16.98
N GLY UA 33 -7.11 27.21 17.20
CA GLY UA 33 -8.07 27.65 16.21
C GLY UA 33 -9.34 26.83 16.15
N ASP UA 34 -9.50 25.82 17.00
CA ASP UA 34 -10.72 25.02 17.01
C ASP UA 34 -11.88 25.85 17.56
N VAL UA 35 -13.02 25.78 16.87
CA VAL UA 35 -14.19 26.53 17.31
C VAL UA 35 -14.76 25.95 18.60
N VAL UA 36 -14.88 24.62 18.66
CA VAL UA 36 -15.49 23.98 19.81
C VAL UA 36 -14.67 24.24 21.07
N LYS UA 37 -13.36 24.01 20.99
CA LYS UA 37 -12.50 24.21 22.16
C LYS UA 37 -12.53 25.66 22.62
N SER UA 38 -12.58 26.60 21.67
CA SER UA 38 -12.63 28.01 22.05
C SER UA 38 -13.89 28.32 22.85
N ILE UA 39 -15.03 27.75 22.47
CA ILE UA 39 -16.26 28.00 23.21
C ILE UA 39 -16.20 27.33 24.57
N GLU UA 40 -15.71 26.09 24.63
CA GLU UA 40 -15.52 25.44 25.92
C GLU UA 40 -14.59 26.25 26.82
N LEU UA 41 -13.50 26.75 26.25
CA LEU UA 41 -12.52 27.48 27.06
C LEU UA 41 -13.06 28.84 27.49
N VAL UA 42 -13.78 29.52 26.61
CA VAL UA 42 -14.37 30.80 26.99
C VAL UA 42 -15.41 30.62 28.09
N ASP UA 43 -16.16 29.52 28.05
CA ASP UA 43 -17.09 29.22 29.14
C ASP UA 43 -16.35 29.03 30.44
N LEU UA 44 -15.20 28.34 30.42
CA LEU UA 44 -14.41 28.15 31.62
C LEU UA 44 -13.92 29.48 32.18
N PHE UA 45 -13.54 30.41 31.31
CA PHE UA 45 -13.12 31.72 31.79
C PHE UA 45 -14.25 32.43 32.52
N ILE UA 46 -15.48 32.28 32.04
CA ILE UA 46 -16.62 32.90 32.71
C ILE UA 46 -16.78 32.36 34.12
N GLU UA 47 -16.41 31.09 34.34
CA GLU UA 47 -16.39 30.56 35.69
C GLU UA 47 -15.24 31.15 36.50
N ILE UA 48 -14.01 31.00 35.99
CA ILE UA 48 -12.84 31.53 36.69
C ILE UA 48 -12.98 33.02 36.93
N LEU UA 49 -13.40 33.75 35.89
CA LEU UA 49 -13.42 35.20 35.97
C LEU UA 49 -14.51 35.73 36.91
N ASN UA 50 -15.46 34.90 37.31
CA ASN UA 50 -16.49 35.30 38.27
C ASN UA 50 -16.12 34.91 39.70
N LYS UA 51 -15.93 33.61 39.95
CA LYS UA 51 -15.56 33.18 41.30
C LYS UA 51 -14.15 33.64 41.68
N GLY UA 52 -13.33 34.02 40.70
CA GLY UA 52 -12.00 34.51 41.00
C GLY UA 52 -11.98 35.87 41.64
N ARG UA 53 -12.99 36.70 41.40
CA ARG UA 53 -13.09 38.00 42.04
C ARG UA 53 -13.99 37.99 43.27
N GLU UA 54 -14.86 37.00 43.40
CA GLU UA 54 -15.66 36.85 44.62
C GLU UA 54 -14.95 35.91 45.59
N MET VA 1 7.11 29.35 -26.88
CA MET VA 1 8.55 29.18 -26.53
C MET VA 1 9.41 29.18 -27.79
N MET VA 2 9.02 28.35 -28.76
CA MET VA 2 9.85 28.13 -29.95
C MET VA 2 10.06 29.41 -30.74
N GLU VA 3 9.05 30.28 -30.81
CA GLU VA 3 9.17 31.48 -31.64
C GLU VA 3 10.32 32.36 -31.16
N ALA VA 4 10.50 32.45 -29.84
CA ALA VA 4 11.65 33.17 -29.30
C ALA VA 4 12.96 32.50 -29.69
N MET VA 5 13.00 31.16 -29.64
CA MET VA 5 14.22 30.45 -30.00
C MET VA 5 14.55 30.65 -31.47
N VAL VA 6 13.53 30.66 -32.34
CA VAL VA 6 13.79 30.76 -33.78
C VAL VA 6 14.43 32.10 -34.10
N LYS VA 7 13.87 33.20 -33.59
CA LYS VA 7 14.51 34.49 -33.76
C LYS VA 7 15.85 34.54 -33.04
N TYR VA 8 15.91 34.00 -31.82
CA TYR VA 8 17.16 34.00 -31.07
C TYR VA 8 18.26 33.27 -31.84
N LEU VA 9 17.95 32.10 -32.38
CA LEU VA 9 18.95 31.34 -33.13
C LEU VA 9 19.30 32.04 -34.45
N ALA VA 10 18.30 32.55 -35.17
CA ALA VA 10 18.56 33.19 -36.45
C ALA VA 10 19.51 34.36 -36.31
N GLU VA 11 19.31 35.20 -35.28
CA GLU VA 11 20.18 36.34 -35.09
C GLU VA 11 21.59 35.92 -34.68
N LYS VA 12 21.70 35.01 -33.72
CA LYS VA 12 23.00 34.64 -33.17
C LYS VA 12 23.80 33.74 -34.09
N ALA VA 13 23.18 33.14 -35.10
CA ALA VA 13 23.89 32.30 -36.05
C ALA VA 13 23.85 32.84 -37.47
N GLY VA 14 23.02 33.84 -37.77
CA GLY VA 14 22.94 34.43 -39.09
C GLY VA 14 22.14 33.64 -40.10
N ILE VA 15 21.63 32.47 -39.73
CA ILE VA 15 20.86 31.67 -40.67
C ILE VA 15 19.48 32.30 -40.90
N SER VA 16 18.84 31.90 -41.99
CA SER VA 16 17.49 32.35 -42.27
C SER VA 16 16.51 31.74 -41.26
N GLU VA 17 15.40 32.44 -41.05
CA GLU VA 17 14.44 31.97 -40.05
C GLU VA 17 13.78 30.66 -40.44
N VAL VA 18 13.65 30.37 -41.74
CA VAL VA 18 13.14 29.05 -42.14
C VAL VA 18 14.14 27.96 -41.79
N GLU VA 19 15.44 28.24 -41.95
CA GLU VA 19 16.45 27.28 -41.53
C GLU VA 19 16.53 27.19 -40.01
N ALA VA 20 16.36 28.32 -39.32
CA ALA VA 20 16.33 28.30 -37.87
C ALA VA 20 15.13 27.50 -37.36
N ALA VA 21 13.99 27.62 -38.04
CA ALA VA 21 12.81 26.87 -37.63
C ALA VA 21 13.05 25.37 -37.73
N GLU VA 22 13.75 24.93 -38.77
CA GLU VA 22 14.05 23.51 -38.91
C GLU VA 22 14.95 23.02 -37.78
N ILE VA 23 16.00 23.78 -37.47
CA ILE VA 23 16.93 23.36 -36.43
C ILE VA 23 16.26 23.36 -35.07
N VAL VA 24 15.41 24.36 -34.80
CA VAL VA 24 14.72 24.41 -33.52
C VAL VA 24 13.75 23.24 -33.39
N LEU VA 25 13.10 22.85 -34.49
CA LEU VA 25 12.23 21.69 -34.46
C LEU VA 25 13.01 20.41 -34.17
N LYS VA 26 14.22 20.30 -34.74
CA LYS VA 26 15.09 19.17 -34.41
C LYS VA 26 15.42 19.16 -32.92
N ALA VA 27 15.75 20.32 -32.35
CA ALA VA 27 16.08 20.40 -30.94
C ALA VA 27 14.91 20.01 -30.07
N VAL VA 28 13.70 20.48 -30.40
CA VAL VA 28 12.54 20.19 -29.57
C VAL VA 28 12.21 18.71 -29.63
N LYS VA 29 12.33 18.09 -30.80
CA LYS VA 29 12.01 16.67 -30.95
C LYS VA 29 12.95 15.81 -30.11
N ILE VA 30 14.25 16.08 -30.17
CA ILE VA 30 15.22 15.30 -29.41
C ILE VA 30 15.05 15.54 -27.92
N SER VA 31 14.73 16.77 -27.52
CA SER VA 31 14.61 17.12 -26.12
C SER VA 31 13.44 16.44 -25.42
N GLY VA 32 12.54 15.81 -26.16
CA GLY VA 32 11.34 15.27 -25.57
C GLY VA 32 10.30 16.30 -25.22
N GLY VA 33 10.36 17.47 -25.87
CA GLY VA 33 9.44 18.55 -25.58
C GLY VA 33 9.79 19.39 -24.38
N ASP VA 34 10.87 19.07 -23.67
CA ASP VA 34 11.27 19.86 -22.51
C ASP VA 34 11.72 21.25 -22.95
N VAL VA 35 11.23 22.27 -22.24
CA VAL VA 35 11.59 23.64 -22.57
C VAL VA 35 13.05 23.92 -22.25
N VAL VA 36 13.49 23.53 -21.05
CA VAL VA 36 14.84 23.84 -20.61
C VAL VA 36 15.87 23.13 -21.48
N LYS VA 37 15.68 21.84 -21.73
CA LYS VA 37 16.62 21.09 -22.54
C LYS VA 37 16.71 21.66 -23.95
N SER VA 38 15.58 22.12 -24.49
CA SER VA 38 15.59 22.72 -25.82
C SER VA 38 16.43 23.98 -25.85
N ILE VA 39 16.38 24.79 -24.80
CA ILE VA 39 17.17 26.02 -24.76
C ILE VA 39 18.65 25.70 -24.59
N GLU VA 40 18.97 24.73 -23.73
CA GLU VA 40 20.35 24.28 -23.61
C GLU VA 40 20.86 23.75 -24.95
N LEU VA 41 20.04 22.96 -25.63
CA LEU VA 41 20.46 22.36 -26.89
C LEU VA 41 20.61 23.41 -27.98
N VAL VA 42 19.71 24.39 -28.03
CA VAL VA 42 19.82 25.46 -29.03
C VAL VA 42 21.06 26.29 -28.76
N ASP VA 43 21.41 26.51 -27.49
CA ASP VA 43 22.65 27.22 -27.18
C ASP VA 43 23.87 26.45 -27.69
N LEU VA 44 23.85 25.13 -27.53
CA LEU VA 44 24.97 24.32 -28.02
C LEU VA 44 25.10 24.42 -29.54
N PHE VA 45 23.97 24.47 -30.25
CA PHE VA 45 24.03 24.62 -31.71
C PHE VA 45 24.69 25.93 -32.10
N ILE VA 46 24.42 26.99 -31.35
CA ILE VA 46 25.03 28.28 -31.64
C ILE VA 46 26.54 28.21 -31.52
N GLU VA 47 27.05 27.40 -30.58
CA GLU VA 47 28.49 27.15 -30.50
C GLU VA 47 28.97 26.34 -31.70
N ILE VA 48 28.38 25.16 -31.91
CA ILE VA 48 28.81 24.31 -33.01
C ILE VA 48 28.65 25.02 -34.34
N LEU VA 49 27.51 25.69 -34.53
CA LEU VA 49 27.22 26.31 -35.82
C LEU VA 49 28.11 27.51 -36.13
N ASN VA 50 28.87 28.01 -35.14
CA ASN VA 50 29.80 29.11 -35.37
C ASN VA 50 31.23 28.60 -35.52
N LYS VA 51 31.74 27.88 -34.51
CA LYS VA 51 33.09 27.34 -34.60
C LYS VA 51 33.18 26.24 -35.65
N GLY VA 52 32.06 25.62 -36.01
CA GLY VA 52 32.07 24.58 -37.02
C GLY VA 52 32.27 25.08 -38.44
N ARG VA 53 32.00 26.36 -38.68
CA ARG VA 53 32.31 26.98 -39.97
C ARG VA 53 33.61 27.75 -39.96
N GLU VA 54 34.07 28.19 -38.79
CA GLU VA 54 35.38 28.82 -38.67
C GLU VA 54 36.44 27.76 -38.37
N MET WA 1 -26.83 -29.88 -4.07
CA MET WA 1 -27.10 -29.30 -2.72
C MET WA 1 -28.58 -29.49 -2.37
N MET WA 2 -29.44 -28.85 -3.19
CA MET WA 2 -30.84 -28.69 -2.82
C MET WA 2 -31.63 -29.99 -2.91
N GLU WA 3 -31.25 -30.90 -3.82
CA GLU WA 3 -32.05 -32.11 -4.00
C GLU WA 3 -32.06 -32.96 -2.74
N ALA WA 4 -30.92 -33.05 -2.04
CA ALA WA 4 -30.91 -33.72 -0.75
C ALA WA 4 -31.81 -33.00 0.25
N MET WA 5 -31.78 -31.67 0.25
CA MET WA 5 -32.62 -30.91 1.16
C MET WA 5 -34.09 -31.13 0.87
N VAL WA 6 -34.46 -31.25 -0.41
CA VAL WA 6 -35.87 -31.38 -0.75
C VAL WA 6 -36.44 -32.69 -0.21
N LYS WA 7 -35.76 -33.81 -0.48
CA LYS WA 7 -36.24 -35.10 0.04
C LYS WA 7 -36.18 -35.12 1.56
N TYR WA 8 -35.11 -34.57 2.14
CA TYR WA 8 -34.97 -34.53 3.59
C TYR WA 8 -36.15 -33.82 4.23
N LEU WA 9 -36.47 -32.62 3.73
CA LEU WA 9 -37.59 -31.86 4.28
C LEU WA 9 -38.92 -32.58 4.03
N ALA WA 10 -39.12 -33.11 2.83
CA ALA WA 10 -40.37 -33.79 2.53
C ALA WA 10 -40.60 -34.96 3.47
N GLU WA 11 -39.56 -35.76 3.71
CA GLU WA 11 -39.69 -36.90 4.62
C GLU WA 11 -39.90 -36.44 6.06
N LYS WA 12 -39.13 -35.45 6.50
CA LYS WA 12 -39.17 -35.04 7.90
C LYS WA 12 -40.40 -34.20 8.24
N ALA WA 13 -41.03 -33.57 7.25
CA ALA WA 13 -42.21 -32.75 7.49
C ALA WA 13 -43.49 -33.34 6.90
N GLY WA 14 -43.39 -34.38 6.07
CA GLY WA 14 -44.56 -34.99 5.47
C GLY WA 14 -45.16 -34.22 4.30
N ILE WA 15 -44.57 -33.09 3.91
CA ILE WA 15 -45.11 -32.32 2.80
C ILE WA 15 -44.76 -32.99 1.47
N SER WA 16 -45.45 -32.56 0.42
CA SER WA 16 -45.21 -33.09 -0.91
C SER WA 16 -43.88 -32.60 -1.47
N GLU WA 17 -43.44 -33.23 -2.55
CA GLU WA 17 -42.17 -32.89 -3.16
C GLU WA 17 -42.16 -31.45 -3.67
N VAL WA 18 -43.25 -31.02 -4.32
CA VAL WA 18 -43.29 -29.69 -4.90
C VAL WA 18 -43.35 -28.61 -3.80
N GLU WA 19 -44.07 -28.88 -2.71
CA GLU WA 19 -44.09 -27.93 -1.61
C GLU WA 19 -42.73 -27.83 -0.93
N ALA WA 20 -42.06 -28.98 -0.76
CA ALA WA 20 -40.71 -28.96 -0.22
C ALA WA 20 -39.76 -28.20 -1.13
N ALA WA 21 -39.91 -28.36 -2.45
CA ALA WA 21 -39.09 -27.60 -3.37
C ALA WA 21 -39.30 -26.10 -3.20
N GLU WA 22 -40.56 -25.68 -3.03
CA GLU WA 22 -40.84 -24.26 -2.84
C GLU WA 22 -40.20 -23.75 -1.55
N ILE WA 23 -40.34 -24.49 -0.45
CA ILE WA 23 -39.77 -24.03 0.82
C ILE WA 23 -38.26 -24.00 0.75
N VAL WA 24 -37.66 -25.00 0.10
CA VAL WA 24 -36.20 -25.04 -0.01
C VAL WA 24 -35.71 -23.90 -0.90
N LEU WA 25 -36.45 -23.55 -1.94
CA LEU WA 25 -36.07 -22.40 -2.76
C LEU WA 25 -36.16 -21.10 -1.97
N LYS WA 26 -37.19 -20.97 -1.14
CA LYS WA 26 -37.27 -19.82 -0.24
C LYS WA 26 -36.05 -19.76 0.67
N ALA WA 27 -35.68 -20.89 1.27
CA ALA WA 27 -34.54 -20.92 2.17
C ALA WA 27 -33.25 -20.55 1.44
N VAL WA 28 -33.04 -21.09 0.24
CA VAL WA 28 -31.82 -20.80 -0.50
C VAL WA 28 -31.76 -19.33 -0.88
N LYS WA 29 -32.89 -18.77 -1.34
CA LYS WA 29 -32.91 -17.36 -1.73
C LYS WA 29 -32.62 -16.46 -0.53
N ILE WA 30 -33.27 -16.71 0.60
CA ILE WA 30 -33.10 -15.83 1.76
C ILE WA 30 -31.72 -16.02 2.39
N SER WA 31 -31.13 -17.21 2.26
CA SER WA 31 -29.82 -17.49 2.84
C SER WA 31 -28.68 -16.82 2.09
N GLY WA 32 -28.92 -16.23 0.93
CA GLY WA 32 -27.85 -15.68 0.12
C GLY WA 32 -27.09 -16.72 -0.67
N GLY WA 33 -27.66 -17.91 -0.84
CA GLY WA 33 -26.99 -18.98 -1.56
C GLY WA 33 -26.00 -19.78 -0.75
N ASP WA 34 -25.80 -19.45 0.52
CA ASP WA 34 -24.87 -20.21 1.36
C ASP WA 34 -25.45 -21.59 1.66
N VAL WA 35 -24.61 -22.62 1.47
CA VAL WA 35 -25.07 -23.99 1.67
C VAL WA 35 -25.34 -24.24 3.15
N VAL WA 36 -24.41 -23.86 4.02
CA VAL WA 36 -24.55 -24.16 5.45
C VAL WA 36 -25.76 -23.44 6.03
N LYS WA 37 -25.93 -22.15 5.70
CA LYS WA 37 -27.06 -21.40 6.20
C LYS WA 37 -28.37 -22.00 5.69
N SER WA 38 -28.38 -22.47 4.44
CA SER WA 38 -29.58 -23.11 3.91
C SER WA 38 -29.95 -24.34 4.71
N ILE WA 39 -28.96 -25.15 5.10
CA ILE WA 39 -29.25 -26.36 5.86
C ILE WA 39 -29.73 -26.00 7.26
N GLU WA 40 -29.09 -25.02 7.89
CA GLU WA 40 -29.55 -24.56 9.21
C GLU WA 40 -30.99 -24.08 9.13
N LEU WA 41 -31.32 -23.32 8.09
CA LEU WA 41 -32.66 -22.75 7.98
C LEU WA 41 -33.70 -23.83 7.65
N VAL WA 42 -33.33 -24.81 6.83
CA VAL WA 42 -34.24 -25.91 6.55
C VAL WA 42 -34.48 -26.75 7.80
N ASP WA 43 -33.46 -26.92 8.63
CA ASP WA 43 -33.66 -27.56 9.92
C ASP WA 43 -34.60 -26.73 10.80
N LEU WA 44 -34.43 -25.40 10.77
CA LEU WA 44 -35.32 -24.53 11.53
C LEU WA 44 -36.76 -24.66 11.05
N PHE WA 45 -36.97 -24.80 9.74
CA PHE WA 45 -38.33 -24.96 9.23
C PHE WA 45 -38.97 -26.24 9.74
N ILE WA 46 -38.19 -27.31 9.84
CA ILE WA 46 -38.74 -28.59 10.30
C ILE WA 46 -39.28 -28.47 11.71
N GLU WA 47 -38.60 -27.69 12.57
CA GLU WA 47 -39.13 -27.41 13.89
C GLU WA 47 -40.43 -26.62 13.81
N ILE WA 48 -40.40 -25.47 13.13
CA ILE WA 48 -41.58 -24.62 13.04
C ILE WA 48 -42.72 -25.37 12.37
N LEU WA 49 -42.43 -26.09 11.28
CA LEU WA 49 -43.48 -26.73 10.49
C LEU WA 49 -44.12 -27.90 11.22
N ASN WA 50 -43.51 -28.39 12.31
CA ASN WA 50 -44.09 -29.46 13.11
C ASN WA 50 -44.87 -28.92 14.30
N LYS WA 51 -44.20 -28.16 15.18
CA LYS WA 51 -44.90 -27.60 16.34
C LYS WA 51 -45.90 -26.52 15.93
N GLY WA 52 -45.77 -25.96 14.73
CA GLY WA 52 -46.72 -24.95 14.28
C GLY WA 52 -48.09 -25.51 13.95
N ARG WA 53 -48.17 -26.81 13.65
CA ARG WA 53 -49.45 -27.47 13.45
C ARG WA 53 -49.92 -28.23 14.68
N GLU WA 54 -49.00 -28.69 15.52
CA GLU WA 54 -49.36 -29.32 16.79
C GLU WA 54 -49.24 -28.31 17.92
N MET XA 1 4.29 26.42 -30.20
CA MET XA 1 4.86 25.29 -30.97
C MET XA 1 4.28 25.25 -32.38
N MET XA 2 2.95 25.28 -32.46
CA MET XA 2 2.28 25.10 -33.74
C MET XA 2 2.63 26.18 -34.75
N GLU XA 3 2.88 27.41 -34.31
CA GLU XA 3 3.16 28.49 -35.25
C GLU XA 3 4.41 28.20 -36.07
N ALA XA 4 5.43 27.63 -35.43
CA ALA XA 4 6.64 27.25 -36.17
C ALA XA 4 6.34 26.16 -37.18
N MET XA 5 5.51 25.17 -36.79
CA MET XA 5 5.16 24.10 -37.72
C MET XA 5 4.43 24.63 -38.93
N VAL XA 6 3.52 25.59 -38.73
CA VAL XA 6 2.71 26.09 -39.85
C VAL XA 6 3.60 26.71 -40.91
N LYS XA 7 4.50 27.61 -40.51
CA LYS XA 7 5.44 28.17 -41.47
C LYS XA 7 6.40 27.12 -41.99
N TYR XA 8 6.90 26.25 -41.10
CA TYR XA 8 7.80 25.18 -41.53
C TYR XA 8 7.13 24.30 -42.58
N LEU XA 9 5.88 23.90 -42.32
CA LEU XA 9 5.17 23.06 -43.28
C LEU XA 9 4.87 23.82 -44.57
N ALA XA 10 4.43 25.08 -44.45
CA ALA XA 10 4.06 25.85 -45.63
C ALA XA 10 5.25 25.99 -46.59
N GLU XA 11 6.44 26.29 -46.06
CA GLU XA 11 7.60 26.47 -46.92
C GLU XA 11 8.03 25.14 -47.55
N LYS XA 12 8.14 24.09 -46.73
CA LYS XA 12 8.69 22.83 -47.22
C LYS XA 12 7.74 22.14 -48.19
N ALA XA 13 6.43 22.37 -48.05
CA ALA XA 13 5.45 21.76 -48.94
C ALA XA 13 4.88 22.72 -49.97
N GLY XA 14 5.11 24.03 -49.83
CA GLY XA 14 4.62 25.00 -50.79
C GLY XA 14 3.15 25.34 -50.66
N ILE XA 15 2.47 24.87 -49.62
CA ILE XA 15 1.04 25.15 -49.47
C ILE XA 15 0.85 26.51 -48.82
N SER XA 16 -0.39 26.99 -48.87
CA SER XA 16 -0.74 28.27 -48.30
C SER XA 16 -0.71 28.22 -46.76
N GLU XA 17 -0.73 29.40 -46.15
CA GLU XA 17 -0.69 29.47 -44.69
C GLU XA 17 -1.92 28.84 -44.07
N VAL XA 18 -3.11 29.08 -44.65
CA VAL XA 18 -4.33 28.53 -44.07
C VAL XA 18 -4.43 27.03 -44.33
N GLU XA 19 -3.95 26.56 -45.48
CA GLU XA 19 -3.91 25.11 -45.72
C GLU XA 19 -2.92 24.44 -44.79
N ALA XA 20 -1.77 25.07 -44.54
CA ALA XA 20 -0.83 24.54 -43.56
C ALA XA 20 -1.43 24.53 -42.17
N ALA XA 21 -2.16 25.60 -41.82
CA ALA XA 21 -2.80 25.65 -40.50
C ALA XA 21 -3.78 24.51 -40.32
N GLU XA 22 -4.55 24.19 -41.36
CA GLU XA 22 -5.51 23.10 -41.28
C GLU XA 22 -4.81 21.77 -41.05
N ILE XA 23 -3.76 21.49 -41.85
CA ILE XA 23 -3.07 20.22 -41.75
C ILE XA 23 -2.37 20.09 -40.40
N VAL XA 24 -1.78 21.18 -39.91
CA VAL XA 24 -1.10 21.13 -38.61
C VAL XA 24 -2.11 20.88 -37.50
N LEU XA 25 -3.31 21.44 -37.61
CA LEU XA 25 -4.35 21.18 -36.62
C LEU XA 25 -4.78 19.72 -36.65
N LYS XA 26 -4.85 19.13 -37.84
CA LYS XA 26 -5.11 17.69 -37.95
C LYS XA 26 -4.05 16.88 -37.24
N ALA XA 27 -2.77 17.24 -37.45
CA ALA XA 27 -1.68 16.51 -36.81
C ALA XA 27 -1.75 16.61 -35.30
N VAL XA 28 -2.02 17.80 -34.77
CA VAL XA 28 -2.06 17.97 -33.32
C VAL XA 28 -3.23 17.19 -32.73
N LYS XA 29 -4.36 17.15 -33.43
CA LYS XA 29 -5.53 16.44 -32.93
C LYS XA 29 -5.28 14.95 -32.82
N ILE XA 30 -4.71 14.35 -33.88
CA ILE XA 30 -4.43 12.92 -33.86
C ILE XA 30 -3.34 12.59 -32.85
N SER XA 31 -2.34 13.47 -32.74
CA SER XA 31 -1.20 13.22 -31.86
C SER XA 31 -1.58 13.23 -30.38
N GLY XA 32 -2.78 13.68 -30.03
CA GLY XA 32 -3.14 13.81 -28.63
C GLY XA 32 -2.52 14.99 -27.95
N GLY XA 33 -2.10 16.01 -28.71
CA GLY XA 33 -1.46 17.17 -28.15
C GLY XA 33 0.02 17.03 -27.85
N ASP XA 34 0.60 15.86 -28.11
CA ASP XA 34 2.02 15.66 -27.88
C ASP XA 34 2.83 16.48 -28.88
N VAL XA 35 3.84 17.20 -28.38
CA VAL XA 35 4.64 18.05 -29.25
C VAL XA 35 5.52 17.20 -30.16
N VAL XA 36 6.18 16.19 -29.60
CA VAL XA 36 7.12 15.38 -30.38
C VAL XA 36 6.38 14.64 -31.50
N LYS XA 37 5.27 13.99 -31.16
CA LYS XA 37 4.52 13.24 -32.16
C LYS XA 37 4.01 14.16 -33.26
N SER XA 38 3.60 15.38 -32.90
CA SER XA 38 3.14 16.33 -33.91
C SER XA 38 4.23 16.68 -34.90
N ILE XA 39 5.47 16.83 -34.42
CA ILE XA 39 6.58 17.15 -35.31
C ILE XA 39 6.91 15.96 -36.20
N GLU XA 40 6.96 14.76 -35.61
CA GLU XA 40 7.15 13.55 -36.41
C GLU XA 40 6.06 13.44 -37.47
N LEU XA 41 4.81 13.63 -37.07
CA LEU XA 41 3.70 13.49 -38.00
C LEU XA 41 3.72 14.55 -39.09
N VAL XA 42 4.04 15.78 -38.73
CA VAL XA 42 4.13 16.85 -39.73
C VAL XA 42 5.27 16.58 -40.70
N ASP XA 43 6.38 16.02 -40.22
CA ASP XA 43 7.46 15.63 -41.12
C ASP XA 43 6.99 14.57 -42.10
N LEU XA 44 6.20 13.60 -41.64
CA LEU XA 44 5.69 12.56 -42.52
C LEU XA 44 4.79 13.16 -43.60
N PHE XA 45 3.98 14.16 -43.24
CA PHE XA 45 3.12 14.78 -44.24
C PHE XA 45 3.94 15.41 -45.36
N ILE XA 46 5.08 15.99 -45.02
CA ILE XA 46 5.93 16.61 -46.04
C ILE XA 46 6.42 15.56 -47.04
N GLU XA 47 6.69 14.34 -46.57
CA GLU XA 47 7.03 13.26 -47.48
C GLU XA 47 5.84 12.89 -48.35
N ILE XA 48 4.71 12.56 -47.72
CA ILE XA 48 3.52 12.16 -48.47
C ILE XA 48 3.07 13.28 -49.40
N LEU XA 49 3.07 14.52 -48.90
CA LEU XA 49 2.55 15.64 -49.67
C LEU XA 49 3.43 16.00 -50.85
N ASN XA 50 4.66 15.50 -50.90
CA ASN XA 50 5.54 15.76 -52.04
C ASN XA 50 5.48 14.61 -53.06
N LYS XA 51 5.81 13.39 -52.64
CA LYS XA 51 5.75 12.26 -53.56
C LYS XA 51 4.32 11.92 -53.95
N GLY XA 52 3.32 12.40 -53.19
CA GLY XA 52 1.93 12.14 -53.54
C GLY XA 52 1.45 12.89 -54.76
N ARG XA 53 2.12 13.99 -55.12
CA ARG XA 53 1.81 14.72 -56.34
C ARG XA 53 2.77 14.41 -57.47
N GLU XA 54 3.97 13.93 -57.17
CA GLU XA 54 4.91 13.49 -58.20
C GLU XA 54 4.72 12.00 -58.47
N MET YA 1 -23.05 -32.61 -5.86
CA MET YA 1 -21.94 -33.23 -5.09
C MET YA 1 -22.50 -34.20 -4.06
N MET YA 2 -23.49 -33.72 -3.30
CA MET YA 2 -24.01 -34.48 -2.17
C MET YA 2 -24.73 -35.75 -2.60
N GLU YA 3 -25.40 -35.75 -3.75
CA GLU YA 3 -26.18 -36.91 -4.15
C GLU YA 3 -25.30 -38.15 -4.31
N ALA YA 4 -24.11 -37.98 -4.86
CA ALA YA 4 -23.16 -39.10 -4.94
C ALA YA 4 -22.78 -39.57 -3.54
N MET YA 5 -22.56 -38.65 -2.62
CA MET YA 5 -22.21 -39.03 -1.25
C MET YA 5 -23.35 -39.79 -0.59
N VAL YA 6 -24.60 -39.40 -0.87
CA VAL YA 6 -25.73 -40.03 -0.19
C VAL YA 6 -25.81 -41.51 -0.55
N LYS YA 7 -25.79 -41.83 -1.85
CA LYS YA 7 -25.88 -43.22 -2.27
C LYS YA 7 -24.63 -44.00 -1.89
N TYR YA 8 -23.46 -43.38 -2.04
CA TYR YA 8 -22.21 -44.02 -1.64
C TYR YA 8 -22.26 -44.44 -0.17
N LEU YA 9 -22.66 -43.51 0.71
CA LEU YA 9 -22.78 -43.82 2.13
C LEU YA 9 -23.84 -44.88 2.39
N ALA YA 10 -25.01 -44.77 1.74
CA ALA YA 10 -26.07 -45.74 1.96
C ALA YA 10 -25.61 -47.14 1.59
N GLU YA 11 -24.93 -47.28 0.45
CA GLU YA 11 -24.44 -48.59 0.04
C GLU YA 11 -23.37 -49.10 0.98
N LYS YA 12 -22.37 -48.27 1.27
CA LYS YA 12 -21.24 -48.73 2.09
C LYS YA 12 -21.66 -48.99 3.53
N ALA YA 13 -22.50 -48.13 4.10
CA ALA YA 13 -22.93 -48.27 5.48
C ALA YA 13 -24.20 -49.10 5.65
N GLY YA 14 -24.92 -49.37 4.56
CA GLY YA 14 -26.13 -50.16 4.62
C GLY YA 14 -27.35 -49.44 5.15
N ILE YA 15 -27.25 -48.14 5.42
CA ILE YA 15 -28.37 -47.37 5.97
C ILE YA 15 -29.31 -46.95 4.85
N SER YA 16 -30.49 -46.47 5.21
CA SER YA 16 -31.49 -46.06 4.24
C SER YA 16 -31.11 -44.74 3.58
N GLU YA 17 -31.83 -44.41 2.51
CA GLU YA 17 -31.56 -43.17 1.79
C GLU YA 17 -31.76 -41.94 2.67
N VAL YA 18 -32.86 -41.91 3.43
CA VAL YA 18 -33.17 -40.72 4.23
C VAL YA 18 -32.18 -40.58 5.40
N GLU YA 19 -31.75 -41.69 6.01
CA GLU YA 19 -30.76 -41.62 7.06
C GLU YA 19 -29.41 -41.17 6.50
N ALA YA 20 -29.02 -41.70 5.33
CA ALA YA 20 -27.80 -41.26 4.69
C ALA YA 20 -27.88 -39.79 4.33
N ALA YA 21 -29.04 -39.32 3.86
CA ALA YA 21 -29.19 -37.91 3.56
C ALA YA 21 -28.97 -37.06 4.79
N GLU YA 22 -29.52 -37.48 5.93
CA GLU YA 22 -29.35 -36.73 7.16
C GLU YA 22 -27.88 -36.68 7.58
N ILE YA 23 -27.19 -37.82 7.53
CA ILE YA 23 -25.80 -37.82 7.94
C ILE YA 23 -24.93 -37.00 6.98
N VAL YA 24 -25.24 -37.05 5.68
CA VAL YA 24 -24.49 -36.28 4.71
C VAL YA 24 -24.74 -34.78 4.91
N LEU YA 25 -25.98 -34.41 5.27
CA LEU YA 25 -26.25 -33.02 5.58
C LEU YA 25 -25.49 -32.56 6.81
N LYS YA 26 -25.42 -33.42 7.83
CA LYS YA 26 -24.60 -33.10 9.00
C LYS YA 26 -23.15 -32.87 8.60
N ALA YA 27 -22.60 -33.76 7.79
CA ALA YA 27 -21.20 -33.63 7.36
C ALA YA 27 -20.98 -32.34 6.58
N VAL YA 28 -21.90 -32.02 5.66
CA VAL YA 28 -21.75 -30.80 4.86
C VAL YA 28 -21.84 -29.57 5.75
N LYS YA 29 -22.77 -29.58 6.70
CA LYS YA 29 -22.95 -28.43 7.59
C LYS YA 29 -21.70 -28.20 8.44
N ILE YA 30 -21.17 -29.26 9.04
CA ILE YA 30 -20.02 -29.11 9.92
C ILE YA 30 -18.75 -28.83 9.14
N SER YA 31 -18.67 -29.31 7.89
CA SER YA 31 -17.49 -29.09 7.05
C SER YA 31 -17.35 -27.67 6.54
N GLY YA 32 -18.37 -26.82 6.75
CA GLY YA 32 -18.33 -25.49 6.19
C GLY YA 32 -18.60 -25.42 4.71
N GLY YA 33 -19.24 -26.46 4.16
CA GLY YA 33 -19.56 -26.50 2.74
C GLY YA 33 -18.44 -26.95 1.83
N ASP YA 34 -17.26 -27.24 2.38
CA ASP YA 34 -16.16 -27.70 1.56
C ASP YA 34 -16.43 -29.10 1.02
N VAL YA 35 -16.17 -29.31 -0.27
CA VAL YA 35 -16.43 -30.60 -0.90
C VAL YA 35 -15.45 -31.65 -0.38
N VAL YA 36 -14.17 -31.32 -0.37
CA VAL YA 36 -13.16 -32.31 0.01
C VAL YA 36 -13.33 -32.74 1.46
N LYS YA 37 -13.51 -31.76 2.36
CA LYS YA 37 -13.69 -32.10 3.77
C LYS YA 37 -14.94 -32.93 3.99
N SER YA 38 -16.00 -32.65 3.23
CA SER YA 38 -17.21 -33.45 3.34
C SER YA 38 -16.95 -34.90 2.95
N ILE YA 39 -16.15 -35.12 1.91
CA ILE YA 39 -15.86 -36.49 1.49
C ILE YA 39 -14.99 -37.20 2.51
N GLU YA 40 -13.98 -36.50 3.04
CA GLU YA 40 -13.15 -37.09 4.10
C GLU YA 40 -14.00 -37.47 5.30
N LEU YA 41 -14.91 -36.57 5.69
CA LEU YA 41 -15.73 -36.81 6.87
C LEU YA 41 -16.72 -37.95 6.65
N VAL YA 42 -17.32 -38.03 5.46
CA VAL YA 42 -18.21 -39.14 5.16
C VAL YA 42 -17.44 -40.45 5.12
N ASP YA 43 -16.19 -40.43 4.66
CA ASP YA 43 -15.35 -41.62 4.75
C ASP YA 43 -15.11 -42.01 6.20
N LEU YA 44 -14.86 -41.01 7.06
CA LEU YA 44 -14.67 -41.30 8.48
C LEU YA 44 -15.93 -41.90 9.10
N PHE YA 45 -17.10 -41.41 8.70
CA PHE YA 45 -18.34 -41.96 9.23
C PHE YA 45 -18.49 -43.44 8.89
N ILE YA 46 -18.09 -43.83 7.67
CA ILE YA 46 -18.22 -45.22 7.27
C ILE YA 46 -17.38 -46.12 8.19
N GLU YA 47 -16.21 -45.64 8.59
CA GLU YA 47 -15.40 -46.38 9.56
C GLU YA 47 -16.09 -46.45 10.92
N ILE YA 48 -16.50 -45.29 11.45
CA ILE YA 48 -17.15 -45.25 12.75
C ILE YA 48 -18.45 -46.05 12.72
N LEU YA 49 -19.24 -45.88 11.66
CA LEU YA 49 -20.55 -46.51 11.59
C LEU YA 49 -20.46 -48.03 11.43
N ASN YA 50 -19.29 -48.57 11.08
CA ASN YA 50 -19.10 -50.01 10.99
C ASN YA 50 -18.64 -50.60 12.32
N LYS YA 51 -17.49 -50.14 12.82
CA LYS YA 51 -16.98 -50.65 14.09
C LYS YA 51 -17.84 -50.18 15.27
N GLY YA 52 -18.69 -49.18 15.07
CA GLY YA 52 -19.57 -48.74 16.14
C GLY YA 52 -20.63 -49.77 16.47
N ARG YA 53 -21.03 -50.58 15.50
CA ARG YA 53 -21.97 -51.66 15.72
C ARG YA 53 -21.30 -53.01 15.88
N GLU YA 54 -20.16 -53.22 15.22
CA GLU YA 54 -19.38 -54.43 15.39
C GLU YA 54 -18.20 -54.17 16.33
N MET ZA 1 -0.61 27.78 -30.15
CA MET ZA 1 -1.83 26.93 -30.13
C MET ZA 1 -3.04 27.73 -30.58
N MET ZA 2 -3.48 28.64 -29.71
CA MET ZA 2 -4.71 29.38 -29.97
C MET ZA 2 -4.59 30.30 -31.18
N GLU ZA 3 -3.39 30.83 -31.45
CA GLU ZA 3 -3.25 31.75 -32.58
C GLU ZA 3 -3.57 31.06 -33.89
N ALA ZA 4 -3.16 29.80 -34.04
CA ALA ZA 4 -3.53 29.04 -35.23
C ALA ZA 4 -5.04 28.87 -35.33
N MET ZA 5 -5.69 28.58 -34.20
CA MET ZA 5 -7.15 28.42 -34.21
C MET ZA 5 -7.83 29.73 -34.58
N VAL ZA 6 -7.31 30.86 -34.10
CA VAL ZA 6 -7.97 32.15 -34.33
C VAL ZA 6 -7.99 32.46 -35.82
N LYS ZA 7 -6.83 32.36 -36.49
CA LYS ZA 7 -6.79 32.56 -37.93
C LYS ZA 7 -7.53 31.46 -38.66
N TYR ZA 8 -7.41 30.22 -38.18
CA TYR ZA 8 -8.14 29.10 -38.80
C TYR ZA 8 -9.64 29.35 -38.75
N LEU ZA 9 -10.16 29.77 -37.60
CA LEU ZA 9 -11.58 30.04 -37.48
C LEU ZA 9 -11.98 31.27 -38.28
N ALA ZA 10 -11.18 32.34 -38.23
CA ALA ZA 10 -11.53 33.56 -38.94
C ALA ZA 10 -11.69 33.31 -40.44
N GLU ZA 11 -10.79 32.53 -41.03
CA GLU ZA 11 -10.88 32.25 -42.46
C GLU ZA 11 -12.08 31.37 -42.78
N LYS ZA 12 -12.26 30.28 -42.02
CA LYS ZA 12 -13.29 29.30 -42.32
C LYS ZA 12 -14.69 29.75 -41.97
N ALA ZA 13 -14.84 30.82 -41.18
CA ALA ZA 13 -16.16 31.35 -40.85
C ALA ZA 13 -16.37 32.78 -41.33
N GLY ZA 14 -15.34 33.46 -41.83
CA GLY ZA 14 -15.47 34.81 -42.31
C GLY ZA 14 -15.58 35.87 -41.25
N ILE ZA 15 -15.46 35.50 -39.97
CA ILE ZA 15 -15.57 36.49 -38.90
C ILE ZA 15 -14.26 37.26 -38.75
N SER ZA 16 -14.33 38.38 -38.03
CA SER ZA 16 -13.17 39.21 -37.80
C SER ZA 16 -12.19 38.54 -36.83
N GLU ZA 17 -10.97 39.07 -36.80
CA GLU ZA 17 -9.94 38.50 -35.94
C GLU ZA 17 -10.35 38.59 -34.47
N VAL ZA 18 -10.89 39.73 -34.04
CA VAL ZA 18 -11.27 39.89 -32.64
C VAL ZA 18 -12.47 39.02 -32.29
N GLU ZA 19 -13.42 38.86 -33.21
CA GLU ZA 19 -14.54 37.96 -32.95
C GLU ZA 19 -14.08 36.51 -32.90
N ALA ZA 20 -13.14 36.13 -33.76
CA ALA ZA 20 -12.58 34.79 -33.69
C ALA ZA 20 -11.84 34.58 -32.38
N ALA ZA 21 -11.10 35.59 -31.92
CA ALA ZA 21 -10.39 35.48 -30.66
C ALA ZA 21 -11.36 35.27 -29.50
N GLU ZA 22 -12.48 35.96 -29.51
CA GLU ZA 22 -13.47 35.80 -28.44
C GLU ZA 22 -14.02 34.38 -28.43
N ILE ZA 23 -14.40 33.86 -29.61
CA ILE ZA 23 -14.99 32.53 -29.67
C ILE ZA 23 -13.96 31.46 -29.30
N VAL ZA 24 -12.71 31.63 -29.73
CA VAL ZA 24 -11.68 30.65 -29.37
C VAL ZA 24 -11.43 30.65 -27.88
N LEU ZA 25 -11.49 31.82 -27.24
CA LEU ZA 25 -11.33 31.87 -25.79
C LEU ZA 25 -12.47 31.16 -25.08
N LYS ZA 26 -13.69 31.28 -25.61
CA LYS ZA 26 -14.81 30.51 -25.09
C LYS ZA 26 -14.55 29.01 -25.18
N ALA ZA 27 -14.04 28.55 -26.33
CA ALA ZA 27 -13.77 27.13 -26.53
C ALA ZA 27 -12.72 26.63 -25.54
N VAL ZA 28 -11.63 27.38 -25.38
CA VAL ZA 28 -10.56 26.95 -24.50
C VAL ZA 28 -11.04 26.87 -23.05
N LYS ZA 29 -11.87 27.83 -22.64
CA LYS ZA 29 -12.38 27.86 -21.27
C LYS ZA 29 -13.25 26.63 -21.00
N ILE ZA 30 -14.19 26.34 -21.90
CA ILE ZA 30 -15.08 25.20 -21.70
C ILE ZA 30 -14.30 23.89 -21.76
N SER ZA 31 -13.31 23.81 -22.65
CA SER ZA 31 -12.56 22.58 -22.86
C SER ZA 31 -11.71 22.20 -21.66
N GLY ZA 32 -11.55 23.09 -20.68
CA GLY ZA 32 -10.65 22.82 -19.58
C GLY ZA 32 -9.18 22.98 -19.93
N GLY ZA 33 -8.89 23.74 -20.99
CA GLY ZA 33 -7.53 23.94 -21.43
C GLY ZA 33 -6.97 22.84 -22.30
N ASP ZA 34 -7.72 21.78 -22.55
CA ASP ZA 34 -7.23 20.69 -23.40
C ASP ZA 34 -7.10 21.17 -24.85
N VAL ZA 35 -5.96 20.83 -25.46
CA VAL ZA 35 -5.72 21.26 -26.84
C VAL ZA 35 -6.62 20.52 -27.80
N VAL ZA 36 -6.71 19.19 -27.66
CA VAL ZA 36 -7.48 18.38 -28.61
C VAL ZA 36 -8.96 18.75 -28.55
N LYS ZA 37 -9.50 18.88 -27.33
CA LYS ZA 37 -10.92 19.22 -27.20
C LYS ZA 37 -11.20 20.60 -27.77
N SER ZA 38 -10.27 21.54 -27.60
CA SER ZA 38 -10.47 22.88 -28.15
C SER ZA 38 -10.56 22.83 -29.67
N ILE ZA 39 -9.73 22.01 -30.31
CA ILE ZA 39 -9.77 21.92 -31.77
C ILE ZA 39 -11.04 21.24 -32.24
N GLU ZA 40 -11.45 20.17 -31.55
CA GLU ZA 40 -12.73 19.55 -31.86
C GLU ZA 40 -13.87 20.55 -31.70
N LEU ZA 41 -13.83 21.34 -30.63
CA LEU ZA 41 -14.92 22.29 -30.37
C LEU ZA 41 -14.91 23.44 -31.37
N VAL ZA 42 -13.73 23.92 -31.74
CA VAL ZA 42 -13.65 25.00 -32.73
C VAL ZA 42 -14.14 24.50 -34.09
N ASP ZA 43 -13.88 23.24 -34.42
CA ASP ZA 43 -14.41 22.68 -35.65
C ASP ZA 43 -15.93 22.66 -35.63
N LEU ZA 44 -16.52 22.30 -34.48
CA LEU ZA 44 -17.97 22.29 -34.37
C LEU ZA 44 -18.55 23.69 -34.56
N PHE ZA 45 -17.88 24.71 -34.03
CA PHE ZA 45 -18.35 26.08 -34.23
C PHE ZA 45 -18.39 26.44 -35.71
N ILE ZA 46 -17.40 25.97 -36.47
CA ILE ZA 46 -17.37 26.25 -37.91
C ILE ZA 46 -18.58 25.65 -38.60
N GLU ZA 47 -19.03 24.47 -38.15
CA GLU ZA 47 -20.27 23.90 -38.66
C GLU ZA 47 -21.47 24.74 -38.26
N ILE ZA 48 -21.65 24.96 -36.95
CA ILE ZA 48 -22.80 25.72 -36.47
C ILE ZA 48 -22.79 27.13 -37.05
N LEU ZA 49 -21.62 27.78 -37.03
CA LEU ZA 49 -21.55 29.18 -37.43
C LEU ZA 49 -21.77 29.36 -38.92
N ASN ZA 50 -21.70 28.29 -39.71
CA ASN ZA 50 -21.97 28.38 -41.14
C ASN ZA 50 -23.42 28.04 -41.47
N LYS ZA 51 -23.88 26.84 -41.09
CA LYS ZA 51 -25.25 26.45 -41.40
C LYS ZA 51 -26.26 27.27 -40.60
N GLY ZA 52 -25.85 27.81 -39.45
CA GLY ZA 52 -26.78 28.52 -38.59
C GLY ZA 52 -27.23 29.86 -39.13
N ARG ZA 53 -26.50 30.44 -40.08
CA ARG ZA 53 -26.88 31.72 -40.67
C ARG ZA 53 -27.65 31.57 -41.98
N GLU ZA 54 -27.75 30.35 -42.51
CA GLU ZA 54 -28.50 30.11 -43.73
C GLU ZA 54 -29.96 29.78 -43.42
N MET AB 1 -22.39 -31.88 -11.05
CA MET AB 1 -21.21 -32.25 -11.89
C MET AB 1 -20.91 -33.73 -11.75
N MET AB 2 -20.80 -34.20 -10.51
CA MET AB 2 -20.35 -35.57 -10.26
C MET AB 2 -21.29 -36.61 -10.84
N GLU AB 3 -22.60 -36.35 -10.79
CA GLU AB 3 -23.55 -37.35 -11.29
C GLU AB 3 -23.33 -37.62 -12.77
N ALA AB 4 -23.02 -36.60 -13.57
CA ALA AB 4 -22.67 -36.83 -14.96
C ALA AB 4 -21.39 -37.65 -15.07
N MET AB 5 -20.40 -37.37 -14.23
CA MET AB 5 -19.16 -38.12 -14.26
C MET AB 5 -19.39 -39.58 -13.89
N VAL AB 6 -20.28 -39.85 -12.94
CA VAL AB 6 -20.50 -41.22 -12.48
C VAL AB 6 -21.04 -42.09 -13.62
N LYS AB 7 -22.09 -41.62 -14.29
CA LYS AB 7 -22.65 -42.38 -15.41
C LYS AB 7 -21.67 -42.46 -16.58
N TYR AB 8 -21.00 -41.36 -16.87
CA TYR AB 8 -20.01 -41.34 -17.94
C TYR AB 8 -18.94 -42.40 -17.71
N LEU AB 9 -18.38 -42.44 -16.50
CA LEU AB 9 -17.35 -43.42 -16.18
C LEU AB 9 -17.91 -44.84 -16.21
N ALA AB 10 -19.10 -45.05 -15.63
CA ALA AB 10 -19.69 -46.39 -15.63
C ALA AB 10 -19.89 -46.90 -17.04
N GLU AB 11 -20.37 -46.06 -17.95
CA GLU AB 11 -20.57 -46.47 -19.33
C GLU AB 11 -19.25 -46.72 -20.02
N LYS AB 12 -18.31 -45.79 -19.92
CA LYS AB 12 -17.07 -45.87 -20.69
C LYS AB 12 -16.10 -46.91 -20.12
N ALA AB 13 -16.25 -47.29 -18.85
CA ALA AB 13 -15.39 -48.30 -18.25
C ALA AB 13 -16.11 -49.60 -17.93
N GLY AB 14 -17.43 -49.63 -18.01
CA GLY AB 14 -18.19 -50.84 -17.75
C GLY AB 14 -18.36 -51.20 -16.28
N ILE AB 15 -17.81 -50.40 -15.37
CA ILE AB 15 -17.96 -50.70 -13.94
C ILE AB 15 -19.37 -50.36 -13.48
N SER AB 16 -19.73 -50.89 -12.32
CA SER AB 16 -21.02 -50.58 -11.72
C SER AB 16 -21.03 -49.14 -11.23
N GLU AB 17 -22.24 -48.60 -11.07
CA GLU AB 17 -22.37 -47.20 -10.69
C GLU AB 17 -21.90 -46.94 -9.26
N VAL AB 18 -22.00 -47.92 -8.36
CA VAL AB 18 -21.49 -47.74 -7.01
C VAL AB 18 -19.97 -47.68 -7.00
N GLU AB 19 -19.31 -48.48 -7.84
CA GLU AB 19 -17.86 -48.40 -7.97
C GLU AB 19 -17.45 -47.10 -8.66
N ALA AB 20 -18.22 -46.69 -9.67
CA ALA AB 20 -17.95 -45.43 -10.35
C ALA AB 20 -18.07 -44.27 -9.38
N ALA AB 21 -19.06 -44.30 -8.49
CA ALA AB 21 -19.21 -43.25 -7.49
C ALA AB 21 -17.97 -43.18 -6.60
N GLU AB 22 -17.46 -44.33 -6.17
CA GLU AB 22 -16.26 -44.35 -5.33
C GLU AB 22 -15.07 -43.75 -6.06
N ILE AB 23 -14.86 -44.16 -7.32
CA ILE AB 23 -13.70 -43.65 -8.06
C ILE AB 23 -13.85 -42.16 -8.33
N VAL AB 24 -15.06 -41.71 -8.63
CA VAL AB 24 -15.29 -40.29 -8.88
C VAL AB 24 -15.08 -39.48 -7.61
N LEU AB 25 -15.46 -40.04 -6.46
CA LEU AB 25 -15.20 -39.36 -5.19
C LEU AB 25 -13.71 -39.26 -4.92
N LYS AB 26 -12.96 -40.32 -5.23
CA LYS AB 26 -11.50 -40.27 -5.13
C LYS AB 26 -10.93 -39.15 -6.00
N ALA AB 27 -11.39 -39.07 -7.26
CA ALA AB 27 -10.90 -38.05 -8.17
C ALA AB 27 -11.22 -36.65 -7.66
N VAL AB 28 -12.45 -36.45 -7.19
CA VAL AB 28 -12.85 -35.13 -6.69
C VAL AB 28 -12.03 -34.75 -5.47
N LYS AB 29 -11.78 -35.72 -4.56
CA LYS AB 29 -10.99 -35.44 -3.38
C LYS AB 29 -9.57 -35.04 -3.74
N ILE AB 30 -8.93 -35.78 -4.66
CA ILE AB 30 -7.56 -35.46 -5.04
C ILE AB 30 -7.50 -34.12 -5.78
N SER AB 31 -8.51 -33.84 -6.61
CA SER AB 31 -8.50 -32.63 -7.42
C SER AB 31 -8.60 -31.35 -6.61
N GLY AB 32 -8.94 -31.44 -5.33
CA GLY AB 32 -9.18 -30.25 -4.54
C GLY AB 32 -10.52 -29.60 -4.82
N GLY AB 33 -11.48 -30.36 -5.35
CA GLY AB 33 -12.78 -29.84 -5.68
C GLY AB 33 -12.88 -29.16 -7.02
N ASP AB 34 -11.78 -29.02 -7.76
CA ASP AB 34 -11.82 -28.40 -9.07
C ASP AB 34 -12.60 -29.27 -10.05
N VAL AB 35 -13.48 -28.63 -10.83
CA VAL AB 35 -14.30 -29.36 -11.79
C VAL AB 35 -13.44 -29.84 -12.95
N VAL AB 36 -12.57 -28.97 -13.47
CA VAL AB 36 -11.78 -29.31 -14.66
C VAL AB 36 -10.83 -30.48 -14.35
N LYS AB 37 -10.08 -30.37 -13.26
CA LYS AB 37 -9.14 -31.42 -12.91
C LYS AB 37 -9.85 -32.73 -12.64
N SER AB 38 -11.04 -32.67 -12.06
CA SER AB 38 -11.80 -33.90 -11.82
C SER AB 38 -12.14 -34.58 -13.14
N ILE AB 39 -12.54 -33.80 -14.14
CA ILE AB 39 -12.89 -34.39 -15.44
C ILE AB 39 -11.63 -34.94 -16.12
N GLU AB 40 -10.52 -34.21 -16.03
CA GLU AB 40 -9.27 -34.71 -16.58
C GLU AB 40 -8.87 -36.04 -15.93
N LEU AB 41 -8.98 -36.14 -14.62
CA LEU AB 41 -8.63 -37.37 -13.92
C LEU AB 41 -9.57 -38.51 -14.29
N VAL AB 42 -10.88 -38.23 -14.37
CA VAL AB 42 -11.83 -39.27 -14.76
C VAL AB 42 -11.51 -39.76 -16.17
N ASP AB 43 -11.11 -38.85 -17.06
CA ASP AB 43 -10.66 -39.27 -18.38
C ASP AB 43 -9.42 -40.15 -18.28
N LEU AB 44 -8.48 -39.78 -17.42
CA LEU AB 44 -7.26 -40.58 -17.26
C LEU AB 44 -7.59 -41.96 -16.71
N PHE AB 45 -8.53 -42.05 -15.77
CA PHE AB 45 -8.90 -43.35 -15.22
C PHE AB 45 -9.46 -44.26 -16.31
N ILE AB 46 -10.25 -43.70 -17.22
CA ILE AB 46 -10.85 -44.51 -18.29
C ILE AB 46 -9.76 -45.13 -19.16
N GLU AB 47 -8.60 -44.46 -19.27
CA GLU AB 47 -7.46 -45.06 -19.97
C GLU AB 47 -6.83 -46.15 -19.11
N ILE AB 48 -6.41 -45.81 -17.89
CA ILE AB 48 -5.77 -46.78 -17.01
C ILE AB 48 -6.69 -47.97 -16.77
N LEU AB 49 -7.97 -47.69 -16.52
CA LEU AB 49 -8.91 -48.75 -16.16
C LEU AB 49 -9.24 -49.68 -17.32
N ASN AB 50 -8.84 -49.33 -18.56
CA ASN AB 50 -9.05 -50.20 -19.70
C ASN AB 50 -7.79 -50.97 -20.08
N LYS AB 51 -6.69 -50.25 -20.35
CA LYS AB 51 -5.44 -50.92 -20.67
C LYS AB 51 -4.83 -51.61 -19.46
N GLY AB 52 -5.26 -51.26 -18.25
CA GLY AB 52 -4.76 -51.94 -17.06
C GLY AB 52 -5.27 -53.35 -16.89
N ARG AB 53 -6.43 -53.67 -17.48
CA ARG AB 53 -6.95 -55.02 -17.47
C ARG AB 53 -6.61 -55.78 -18.75
N GLU AB 54 -6.39 -55.08 -19.86
CA GLU AB 54 -5.95 -55.71 -21.09
C GLU AB 54 -4.43 -55.72 -21.16
N MET BB 1 -1.27 31.34 -26.20
CA MET BB 1 -2.24 31.50 -25.09
C MET BB 1 -2.40 32.96 -24.72
N MET BB 2 -1.33 33.53 -24.15
CA MET BB 2 -1.40 34.88 -23.63
C MET BB 2 -1.57 35.93 -24.73
N GLU BB 3 -1.02 35.67 -25.92
CA GLU BB 3 -1.10 36.67 -26.98
C GLU BB 3 -2.55 36.94 -27.38
N ALA BB 4 -3.38 35.89 -27.43
CA ALA BB 4 -4.81 36.10 -27.70
C ALA BB 4 -5.45 36.95 -26.61
N MET BB 5 -5.11 36.69 -25.35
CA MET BB 5 -5.66 37.49 -24.26
C MET BB 5 -5.22 38.95 -24.37
N VAL BB 6 -3.97 39.19 -24.76
CA VAL BB 6 -3.45 40.56 -24.79
C VAL BB 6 -4.24 41.39 -25.79
N LYS BB 7 -4.43 40.88 -27.01
CA LYS BB 7 -5.23 41.60 -27.99
C LYS BB 7 -6.70 41.60 -27.59
N TYR BB 8 -7.19 40.47 -27.05
CA TYR BB 8 -8.58 40.42 -26.60
C TYR BB 8 -8.86 41.48 -25.55
N LEU BB 9 -7.96 41.61 -24.56
CA LEU BB 9 -8.13 42.64 -23.53
C LEU BB 9 -7.96 44.04 -24.11
N ALA BB 10 -6.94 44.23 -24.95
CA ALA BB 10 -6.69 45.57 -25.50
C ALA BB 10 -7.89 46.10 -26.26
N GLU BB 11 -8.53 45.26 -27.08
CA GLU BB 11 -9.68 45.69 -27.85
C GLU BB 11 -10.87 45.98 -26.94
N LYS BB 12 -11.18 45.05 -26.04
CA LYS BB 12 -12.39 45.16 -25.22
C LYS BB 12 -12.27 46.21 -24.12
N ALA BB 13 -11.05 46.62 -23.76
CA ALA BB 13 -10.86 47.66 -22.76
C ALA BB 13 -10.28 48.94 -23.33
N GLY BB 14 -9.80 48.93 -24.57
CA GLY BB 14 -9.26 50.12 -25.20
C GLY BB 14 -7.84 50.46 -24.78
N ILE BB 15 -7.22 49.66 -23.92
CA ILE BB 15 -5.87 49.98 -23.46
C ILE BB 15 -4.84 49.60 -24.53
N SER BB 16 -3.62 50.08 -24.34
CA SER BB 16 -2.54 49.81 -25.28
C SER BB 16 -2.05 48.38 -25.15
N GLU BB 17 -1.24 47.96 -26.12
CA GLU BB 17 -0.71 46.60 -26.11
C GLU BB 17 0.17 46.35 -24.90
N VAL BB 18 1.04 47.32 -24.56
CA VAL BB 18 1.95 47.11 -23.43
C VAL BB 18 1.20 47.13 -22.11
N GLU BB 19 0.17 47.97 -21.99
CA GLU BB 19 -0.64 47.96 -20.78
C GLU BB 19 -1.46 46.67 -20.67
N ALA BB 20 -1.97 46.18 -21.81
CA ALA BB 20 -2.65 44.90 -21.81
C ALA BB 20 -1.68 43.77 -21.46
N ALA BB 21 -0.46 43.83 -21.98
CA ALA BB 21 0.53 42.80 -21.67
C ALA BB 21 0.84 42.78 -20.18
N GLU BB 22 0.95 43.95 -19.56
CA GLU BB 22 1.21 44.01 -18.12
C GLU BB 22 0.08 43.38 -17.33
N ILE BB 23 -1.16 43.74 -17.64
CA ILE BB 23 -2.30 43.23 -16.88
C ILE BB 23 -2.44 41.72 -17.09
N VAL BB 24 -2.24 41.25 -18.32
CA VAL BB 24 -2.35 39.81 -18.58
C VAL BB 24 -1.28 39.05 -17.83
N LEU BB 25 -0.08 39.61 -17.72
CA LEU BB 25 0.98 38.97 -16.94
C LEU BB 25 0.60 38.89 -15.46
N LYS BB 26 -0.05 39.94 -14.94
CA LYS BB 26 -0.57 39.90 -13.58
C LYS BB 26 -1.57 38.76 -13.42
N ALA BB 27 -2.49 38.63 -14.37
CA ALA BB 27 -3.50 37.58 -14.29
C ALA BB 27 -2.87 36.19 -14.31
N VAL BB 28 -1.89 35.98 -15.19
CA VAL BB 28 -1.26 34.67 -15.30
C VAL BB 28 -0.52 34.33 -14.00
N LYS BB 29 0.16 35.30 -13.41
CA LYS BB 29 0.91 35.05 -12.18
C LYS BB 29 -0.02 34.65 -11.04
N ILE BB 30 -1.10 35.41 -10.82
CA ILE BB 30 -2.03 35.10 -9.75
C ILE BB 30 -2.71 33.75 -9.99
N SER BB 31 -3.05 33.47 -11.24
CA SER BB 31 -3.75 32.23 -11.58
C SER BB 31 -2.92 30.98 -11.32
N GLY BB 32 -1.62 31.12 -11.09
CA GLY BB 32 -0.76 29.96 -10.98
C GLY BB 32 -0.46 29.30 -12.31
N GLY BB 33 -0.58 30.04 -13.41
CA GLY BB 33 -0.35 29.51 -14.72
C GLY BB 33 -1.51 28.78 -15.35
N ASP BB 34 -2.62 28.62 -14.63
CA ASP BB 34 -3.79 27.96 -15.20
C ASP BB 34 -4.36 28.78 -16.36
N VAL BB 35 -4.66 28.09 -17.46
CA VAL BB 35 -5.19 28.78 -18.63
C VAL BB 35 -6.62 29.23 -18.37
N VAL BB 36 -7.44 28.36 -17.79
CA VAL BB 36 -8.85 28.68 -17.58
C VAL BB 36 -8.99 29.85 -16.62
N LYS BB 37 -8.30 29.80 -15.48
CA LYS BB 37 -8.41 30.87 -14.50
C LYS BB 37 -7.94 32.21 -15.08
N SER BB 38 -6.91 32.16 -15.93
CA SER BB 38 -6.43 33.40 -16.55
C SER BB 38 -7.51 34.04 -17.42
N ILE BB 39 -8.26 33.22 -18.17
CA ILE BB 39 -9.31 33.76 -19.03
C ILE BB 39 -10.47 34.28 -18.18
N GLU BB 40 -10.85 33.53 -17.15
CA GLU BB 40 -11.87 34.02 -16.23
C GLU BB 40 -11.45 35.33 -15.60
N LEU BB 41 -10.18 35.45 -15.20
CA LEU BB 41 -9.70 36.65 -14.53
C LEU BB 41 -9.58 37.82 -15.50
N VAL BB 42 -9.12 37.57 -16.73
CA VAL BB 42 -9.05 38.63 -17.73
C VAL BB 42 -10.45 39.13 -18.07
N ASP BB 43 -11.43 38.24 -18.10
CA ASP BB 43 -12.81 38.66 -18.30
C ASP BB 43 -13.28 39.54 -17.14
N LEU BB 44 -12.90 39.15 -15.92
CA LEU BB 44 -13.27 39.95 -14.74
C LEU BB 44 -12.67 41.36 -14.83
N PHE BB 45 -11.43 41.47 -15.33
CA PHE BB 45 -10.82 42.78 -15.46
C PHE BB 45 -11.58 43.65 -16.44
N ILE BB 46 -12.08 43.06 -17.53
CA ILE BB 46 -12.81 43.83 -18.53
C ILE BB 46 -14.06 44.46 -17.92
N GLU BB 47 -14.68 43.78 -16.96
CA GLU BB 47 -15.78 44.38 -16.21
C GLU BB 47 -15.28 45.52 -15.33
N ILE BB 48 -14.33 45.22 -14.44
CA ILE BB 48 -13.82 46.23 -13.51
C ILE BB 48 -13.25 47.41 -14.29
N LEU BB 49 -12.47 47.13 -15.34
CA LEU BB 49 -11.77 48.19 -16.05
C LEU BB 49 -12.71 49.06 -16.88
N ASN BB 50 -13.97 48.66 -17.04
CA ASN BB 50 -14.96 49.47 -17.75
C ASN BB 50 -15.86 50.23 -16.79
N LYS BB 51 -16.55 49.52 -15.89
CA LYS BB 51 -17.38 50.19 -14.90
C LYS BB 51 -16.54 50.96 -13.89
N GLY BB 52 -15.24 50.66 -13.79
CA GLY BB 52 -14.37 51.39 -12.88
C GLY BB 52 -14.07 52.80 -13.33
N ARG BB 53 -14.21 53.07 -14.63
CA ARG BB 53 -14.05 54.43 -15.15
C ARG BB 53 -15.38 55.10 -15.47
N GLU BB 54 -16.41 54.33 -15.81
CA GLU BB 54 -17.75 54.86 -15.97
C GLU BB 54 -18.59 54.57 -14.74
N MET CB 1 -26.50 -28.60 -12.32
CA MET CB 1 -26.08 -27.72 -13.44
C MET CB 1 -26.00 -28.53 -14.73
N MET CB 2 -25.04 -29.46 -14.77
CA MET CB 2 -24.79 -30.21 -15.98
C MET CB 2 -25.94 -31.13 -16.35
N GLU CB 3 -26.67 -31.66 -15.36
CA GLU CB 3 -27.74 -32.61 -15.66
C GLU CB 3 -28.83 -31.95 -16.51
N ALA CB 4 -29.15 -30.69 -16.23
CA ALA CB 4 -30.10 -29.97 -17.08
C ALA CB 4 -29.54 -29.82 -18.50
N MET CB 5 -28.24 -29.53 -18.60
CA MET CB 5 -27.64 -29.40 -19.93
C MET CB 5 -27.65 -30.71 -20.69
N VAL CB 6 -27.46 -31.84 -19.98
CA VAL CB 6 -27.38 -33.13 -20.67
C VAL CB 6 -28.72 -33.46 -21.32
N LYS CB 7 -29.82 -33.37 -20.57
CA LYS CB 7 -31.13 -33.65 -21.14
C LYS CB 7 -31.50 -32.62 -22.20
N TYR CB 8 -31.20 -31.35 -21.94
CA TYR CB 8 -31.49 -30.29 -22.90
C TYR CB 8 -30.82 -30.57 -24.24
N LEU CB 9 -29.52 -30.91 -24.20
CA LEU CB 9 -28.80 -31.21 -25.44
C LEU CB 9 -29.31 -32.49 -26.09
N ALA CB 10 -29.58 -33.53 -25.29
CA ALA CB 10 -30.08 -34.77 -25.86
C ALA CB 10 -31.40 -34.54 -26.61
N GLU CB 11 -32.30 -33.75 -26.03
CA GLU CB 11 -33.57 -33.46 -26.69
C GLU CB 11 -33.36 -32.59 -27.92
N LYS CB 12 -32.58 -31.51 -27.80
CA LYS CB 12 -32.43 -30.56 -28.88
C LYS CB 12 -31.56 -31.08 -30.02
N ALA CB 13 -30.75 -32.11 -29.78
CA ALA CB 13 -29.91 -32.68 -30.82
C ALA CB 13 -30.26 -34.12 -31.17
N GLY CB 14 -31.13 -34.78 -30.40
CA GLY CB 14 -31.52 -36.14 -30.67
C GLY CB 14 -30.50 -37.20 -30.31
N ILE CB 15 -29.39 -36.82 -29.69
CA ILE CB 15 -28.34 -37.76 -29.33
C ILE CB 15 -28.71 -38.49 -28.04
N SER CB 16 -27.97 -39.56 -27.73
CA SER CB 16 -28.23 -40.35 -26.55
C SER CB 16 -27.78 -39.62 -25.29
N GLU CB 17 -28.17 -40.17 -24.13
CA GLU CB 17 -27.78 -39.57 -22.86
C GLU CB 17 -26.27 -39.59 -22.67
N VAL CB 18 -25.62 -40.71 -23.00
CA VAL CB 18 -24.19 -40.83 -22.75
C VAL CB 18 -23.38 -39.95 -23.72
N GLU CB 19 -23.83 -39.81 -24.97
CA GLU CB 19 -23.15 -38.92 -25.90
C GLU CB 19 -23.33 -37.46 -25.48
N ALA CB 20 -24.53 -37.10 -25.03
CA ALA CB 20 -24.75 -35.75 -24.52
C ALA CB 20 -23.89 -35.51 -23.30
N ALA CB 21 -23.75 -36.50 -22.42
CA ALA CB 21 -22.89 -36.34 -21.26
C ALA CB 21 -21.44 -36.09 -21.67
N GLU CB 22 -20.96 -36.83 -22.68
CA GLU CB 22 -19.59 -36.62 -23.14
C GLU CB 22 -19.41 -35.21 -23.71
N ILE CB 23 -20.35 -34.75 -24.54
CA ILE CB 23 -20.20 -33.43 -25.14
C ILE CB 23 -20.31 -32.35 -24.07
N VAL CB 24 -21.19 -32.53 -23.09
CA VAL CB 24 -21.32 -31.54 -22.03
C VAL CB 24 -20.07 -31.50 -21.17
N LEU CB 25 -19.43 -32.66 -20.96
CA LEU CB 25 -18.18 -32.68 -20.22
C LEU CB 25 -17.08 -31.97 -20.98
N LYS CB 26 -17.02 -32.16 -22.31
CA LYS CB 26 -16.09 -31.41 -23.13
C LYS CB 26 -16.31 -29.91 -22.98
N ALA CB 27 -17.58 -29.48 -23.06
CA ALA CB 27 -17.89 -28.06 -22.95
C ALA CB 27 -17.49 -27.50 -21.59
N VAL CB 28 -17.79 -28.24 -20.52
CA VAL CB 28 -17.46 -27.78 -19.17
C VAL CB 28 -15.94 -27.69 -19.00
N LYS CB 29 -15.21 -28.66 -19.56
CA LYS CB 29 -13.75 -28.65 -19.46
C LYS CB 29 -13.16 -27.45 -20.19
N ILE CB 30 -13.60 -27.21 -21.43
CA ILE CB 30 -13.06 -26.07 -22.20
C ILE CB 30 -13.45 -24.75 -21.55
N SER CB 31 -14.66 -24.68 -21.00
CA SER CB 31 -15.17 -23.43 -20.43
C SER CB 31 -14.44 -23.01 -19.17
N GLY CB 32 -13.60 -23.86 -18.59
CA GLY CB 32 -12.97 -23.54 -17.33
C GLY CB 32 -13.90 -23.65 -16.14
N GLY CB 33 -14.97 -24.42 -16.27
CA GLY CB 33 -15.93 -24.58 -15.19
C GLY CB 33 -16.95 -23.48 -15.06
N ASP CB 34 -16.89 -22.46 -15.92
CA ASP CB 34 -17.88 -21.37 -15.87
C ASP CB 34 -19.24 -21.88 -16.31
N VAL CB 35 -20.27 -21.53 -15.56
CA VAL CB 35 -21.63 -21.99 -15.88
C VAL CB 35 -22.14 -21.29 -17.13
N VAL CB 36 -21.94 -19.97 -17.22
CA VAL CB 36 -22.47 -19.21 -18.36
C VAL CB 36 -21.81 -19.66 -19.65
N LYS CB 37 -20.47 -19.71 -19.66
CA LYS CB 37 -19.76 -20.13 -20.85
C LYS CB 37 -20.15 -21.55 -21.26
N SER CB 38 -20.40 -22.42 -20.28
CA SER CB 38 -20.81 -23.78 -20.61
C SER CB 38 -22.15 -23.78 -21.34
N ILE CB 39 -23.09 -22.95 -20.91
CA ILE CB 39 -24.40 -22.90 -21.55
C ILE CB 39 -24.29 -22.29 -22.95
N GLU CB 40 -23.52 -21.20 -23.09
CA GLU CB 40 -23.30 -20.62 -24.40
C GLU CB 40 -22.69 -21.65 -25.36
N LEU CB 41 -21.68 -22.38 -24.89
CA LEU CB 41 -20.99 -23.34 -25.73
C LEU CB 41 -21.88 -24.51 -26.09
N VAL CB 42 -22.70 -24.98 -25.14
CA VAL CB 42 -23.63 -26.07 -25.45
C VAL CB 42 -24.69 -25.60 -26.44
N ASP CB 43 -25.12 -24.33 -26.35
CA ASP CB 43 -26.01 -23.79 -27.36
C ASP CB 43 -25.35 -23.76 -28.73
N LEU CB 44 -24.07 -23.38 -28.76
CA LEU CB 44 -23.34 -23.37 -30.03
C LEU CB 44 -23.25 -24.77 -30.62
N PHE CB 45 -23.06 -25.79 -29.79
CA PHE CB 45 -23.02 -27.16 -30.28
C PHE CB 45 -24.33 -27.55 -30.94
N ILE CB 46 -25.46 -27.10 -30.37
CA ILE CB 46 -26.76 -27.46 -30.93
C ILE CB 46 -26.91 -26.90 -32.34
N GLU CB 47 -26.32 -25.74 -32.61
CA GLU CB 47 -26.28 -25.22 -33.98
C GLU CB 47 -25.38 -26.08 -34.85
N ILE CB 48 -24.12 -26.24 -34.45
CA ILE CB 48 -23.17 -27.01 -35.25
C ILE CB 48 -23.67 -28.44 -35.43
N LEU CB 49 -24.16 -29.06 -34.35
CA LEU CB 49 -24.53 -30.47 -34.41
C LEU CB 49 -25.77 -30.71 -35.25
N ASN CB 50 -26.54 -29.67 -35.58
CA ASN CB 50 -27.70 -29.80 -36.45
C ASN CB 50 -27.36 -29.47 -37.91
N LYS CB 51 -26.88 -28.25 -38.16
CA LYS CB 51 -26.53 -27.88 -39.54
C LYS CB 51 -25.33 -28.66 -40.05
N GLY CB 52 -24.51 -29.23 -39.14
CA GLY CB 52 -23.36 -29.99 -39.56
C GLY CB 52 -23.70 -31.32 -40.20
N ARG CB 53 -24.89 -31.85 -39.93
CA ARG CB 53 -25.37 -33.07 -40.57
C ARG CB 53 -26.28 -32.80 -41.74
N GLU CB 54 -26.96 -31.65 -41.76
CA GLU CB 54 -27.77 -31.25 -42.90
C GLU CB 54 -26.94 -30.45 -43.89
N MET DB 1 3.53 32.51 -24.46
CA MET DB 1 3.99 32.83 -23.07
C MET DB 1 5.14 33.82 -23.10
N MET DB 2 6.26 33.38 -23.70
CA MET DB 2 7.48 34.16 -23.67
C MET DB 2 7.39 35.43 -24.52
N GLU DB 3 6.61 35.40 -25.61
CA GLU DB 3 6.57 36.55 -26.50
C GLU DB 3 6.03 37.79 -25.78
N ALA DB 4 5.05 37.60 -24.91
CA ALA DB 4 4.57 38.72 -24.10
C ALA DB 4 5.67 39.25 -23.20
N MET DB 5 6.46 38.37 -22.59
CA MET DB 5 7.55 38.80 -21.73
C MET DB 5 8.60 39.58 -22.52
N VAL DB 6 8.90 39.13 -23.74
CA VAL DB 6 9.95 39.77 -24.52
C VAL DB 6 9.58 41.22 -24.83
N LYS DB 7 8.37 41.45 -25.33
CA LYS DB 7 7.91 42.81 -25.55
C LYS DB 7 7.75 43.55 -24.23
N TYR DB 8 7.18 42.89 -23.23
CA TYR DB 8 7.02 43.51 -21.92
C TYR DB 8 8.37 43.93 -21.34
N LEU DB 9 9.37 43.05 -21.42
CA LEU DB 9 10.70 43.40 -20.91
C LEU DB 9 11.35 44.49 -21.75
N ALA DB 10 11.25 44.39 -23.08
CA ALA DB 10 11.88 45.37 -23.94
C ALA DB 10 11.37 46.78 -23.68
N GLU DB 11 10.05 46.92 -23.52
CA GLU DB 11 9.48 48.25 -23.28
C GLU DB 11 9.89 48.79 -21.91
N LYS DB 12 9.81 47.96 -20.87
CA LYS DB 12 10.04 48.41 -19.51
C LYS DB 12 11.52 48.56 -19.18
N ALA DB 13 12.42 48.11 -20.04
CA ALA DB 13 13.85 48.27 -19.83
C ALA DB 13 14.56 49.00 -20.97
N GLY DB 14 13.89 49.23 -22.10
CA GLY DB 14 14.50 49.93 -23.20
C GLY DB 14 15.45 49.10 -24.05
N ILE DB 15 15.60 47.82 -23.76
CA ILE DB 15 16.53 46.99 -24.52
C ILE DB 15 15.88 46.56 -25.83
N SER DB 16 16.71 46.04 -26.73
CA SER DB 16 16.26 45.59 -28.03
C SER DB 16 15.49 44.28 -27.93
N GLU DB 17 14.82 43.91 -29.02
CA GLU DB 17 14.06 42.67 -29.03
C GLU DB 17 14.96 41.46 -28.82
N VAL DB 18 16.11 41.42 -29.50
CA VAL DB 18 16.99 40.26 -29.39
C VAL DB 18 17.65 40.21 -28.02
N GLU DB 19 18.00 41.36 -27.44
CA GLU DB 19 18.53 41.37 -26.09
C GLU DB 19 17.48 40.94 -25.08
N ALA DB 20 16.23 41.38 -25.27
CA ALA DB 20 15.15 40.92 -24.41
C ALA DB 20 14.94 39.42 -24.57
N ALA DB 21 15.00 38.92 -25.79
CA ALA DB 21 14.82 37.48 -26.02
C ALA DB 21 15.89 36.68 -25.31
N GLU DB 22 17.13 37.15 -25.33
CA GLU DB 22 18.21 36.44 -24.64
C GLU DB 22 17.96 36.40 -23.14
N ILE DB 23 17.62 37.55 -22.54
CA ILE DB 23 17.42 37.60 -21.10
C ILE DB 23 16.22 36.76 -20.69
N VAL DB 24 15.14 36.79 -21.48
CA VAL DB 24 13.96 36.00 -21.15
C VAL DB 24 14.27 34.51 -21.24
N LEU DB 25 15.13 34.10 -22.20
CA LEU DB 25 15.53 32.71 -22.28
C LEU DB 25 16.35 32.30 -21.06
N LYS DB 26 17.20 33.20 -20.55
CA LYS DB 26 17.91 32.95 -19.31
C LYS DB 26 16.93 32.73 -18.15
N ALA DB 27 15.91 33.59 -18.05
CA ALA DB 27 14.93 33.45 -16.97
C ALA DB 27 14.19 32.13 -17.06
N VAL DB 28 13.77 31.75 -18.27
CA VAL DB 28 13.00 30.51 -18.44
C VAL DB 28 13.85 29.30 -18.07
N LYS DB 29 15.13 29.31 -18.46
CA LYS DB 29 16.01 28.18 -18.17
C LYS DB 29 16.22 28.01 -16.67
N ILE DB 30 16.54 29.10 -15.97
CA ILE DB 30 16.79 29.01 -14.52
C ILE DB 30 15.50 28.65 -13.79
N SER DB 31 14.36 29.15 -14.27
CA SER DB 31 13.09 28.91 -13.61
C SER DB 31 12.64 27.46 -13.70
N GLY DB 32 13.29 26.64 -14.52
CA GLY DB 32 12.83 25.29 -14.73
C GLY DB 32 11.61 25.18 -15.59
N GLY DB 33 11.35 26.19 -16.43
CA GLY DB 33 10.20 26.21 -17.29
C GLY DB 33 8.92 26.66 -16.64
N ASP DB 34 8.94 26.99 -15.34
CA ASP DB 34 7.73 27.46 -14.67
C ASP DB 34 7.32 28.82 -15.21
N VAL DB 35 6.03 28.96 -15.51
CA VAL DB 35 5.52 30.21 -16.07
C VAL DB 35 5.56 31.31 -15.01
N VAL DB 36 5.07 31.01 -13.81
CA VAL DB 36 4.98 32.02 -12.75
C VAL DB 36 6.38 32.49 -12.35
N LYS DB 37 7.29 31.55 -12.11
CA LYS DB 37 8.64 31.93 -11.70
C LYS DB 37 9.32 32.77 -12.76
N SER DB 38 9.06 32.49 -14.04
CA SER DB 38 9.66 33.28 -15.11
C SER DB 38 9.18 34.72 -15.06
N ILE DB 39 7.91 34.94 -14.75
CA ILE DB 39 7.37 36.29 -14.68
C ILE DB 39 7.91 37.02 -13.45
N GLU DB 40 7.96 36.33 -12.31
CA GLU DB 40 8.59 36.93 -11.14
C GLU DB 40 10.04 37.28 -11.42
N LEU DB 41 10.77 36.37 -12.07
CA LEU DB 41 12.19 36.59 -12.33
C LEU DB 41 12.39 37.70 -13.34
N VAL DB 42 11.55 37.76 -14.38
CA VAL DB 42 11.67 38.84 -15.36
C VAL DB 42 11.34 40.18 -14.73
N ASP DB 43 10.39 40.23 -13.80
CA ASP DB 43 10.13 41.47 -13.07
C ASP DB 43 11.35 41.87 -12.25
N LEU DB 44 12.01 40.89 -11.62
CA LEU DB 44 13.20 41.17 -10.84
C LEU DB 44 14.30 41.77 -11.73
N PHE DB 45 14.41 41.30 -12.97
CA PHE DB 45 15.40 41.88 -13.88
C PHE DB 45 15.08 43.34 -14.18
N ILE DB 46 13.80 43.67 -14.34
CA ILE DB 46 13.42 45.05 -14.65
C ILE DB 46 13.85 45.99 -13.54
N GLU DB 47 13.85 45.52 -12.29
CA GLU DB 47 14.39 46.32 -11.20
C GLU DB 47 15.90 46.45 -11.33
N ILE DB 48 16.61 45.31 -11.38
CA ILE DB 48 18.06 45.33 -11.48
C ILE DB 48 18.50 46.09 -12.72
N LEU DB 49 17.87 45.81 -13.86
CA LEU DB 49 18.31 46.38 -15.12
C LEU DB 49 18.04 47.88 -15.22
N ASN DB 50 17.24 48.44 -14.31
CA ASN DB 50 17.00 49.88 -14.30
C ASN DB 50 17.88 50.60 -13.29
N LYS DB 51 17.79 50.20 -12.01
CA LYS DB 51 18.58 50.87 -10.99
C LYS DB 51 20.07 50.57 -11.15
N GLY DB 52 20.42 49.46 -11.79
CA GLY DB 52 21.81 49.07 -11.91
C GLY DB 52 22.63 49.91 -12.85
N ARG DB 53 21.99 50.67 -13.74
CA ARG DB 53 22.69 51.54 -14.68
C ARG DB 53 22.72 52.99 -14.23
N GLU DB 54 22.11 53.31 -13.10
CA GLU DB 54 22.12 54.67 -12.57
C GLU DB 54 23.19 54.82 -11.49
N MET EB 1 -29.27 -27.65 -7.91
CA MET EB 1 -29.79 -26.25 -7.95
C MET EB 1 -30.84 -26.11 -9.04
N MET EB 2 -30.38 -26.21 -10.29
CA MET EB 2 -31.28 -26.00 -11.43
C MET EB 2 -32.37 -27.06 -11.50
N GLU EB 3 -32.07 -28.30 -11.12
CA GLU EB 3 -33.07 -29.36 -11.22
C GLU EB 3 -34.29 -29.06 -10.36
N ALA EB 4 -34.09 -28.47 -9.18
CA ALA EB 4 -35.22 -28.04 -8.36
C ALA EB 4 -36.00 -26.94 -9.06
N MET EB 5 -35.29 -25.99 -9.69
CA MET EB 5 -35.96 -24.92 -10.41
C MET EB 5 -36.75 -25.47 -11.60
N VAL EB 6 -36.22 -26.48 -12.28
CA VAL EB 6 -36.88 -26.99 -13.48
C VAL EB 6 -38.24 -27.58 -13.13
N LYS EB 7 -38.29 -28.48 -12.14
CA LYS EB 7 -39.56 -29.09 -11.76
C LYS EB 7 -40.49 -28.07 -11.12
N TYR EB 8 -39.94 -27.18 -10.29
CA TYR EB 8 -40.75 -26.13 -9.68
C TYR EB 8 -41.45 -25.29 -10.75
N LEU EB 9 -40.70 -24.87 -11.77
CA LEU EB 9 -41.28 -24.07 -12.85
C LEU EB 9 -42.28 -24.88 -13.65
N ALA EB 10 -41.95 -26.14 -13.95
CA ALA EB 10 -42.88 -26.98 -14.72
C ALA EB 10 -44.21 -27.13 -13.99
N GLU EB 11 -44.16 -27.35 -12.67
CA GLU EB 11 -45.39 -27.50 -11.90
C GLU EB 11 -46.16 -26.19 -11.83
N LYS EB 12 -45.48 -25.10 -11.49
CA LYS EB 12 -46.16 -23.84 -11.26
C LYS EB 12 -46.59 -23.13 -12.55
N ALA EB 13 -46.05 -23.54 -13.70
CA ALA EB 13 -46.46 -22.97 -14.98
C ALA EB 13 -47.13 -24.00 -15.88
N GLY EB 14 -47.08 -25.29 -15.53
CA GLY EB 14 -47.70 -26.32 -16.33
C GLY EB 14 -46.95 -26.71 -17.59
N ILE EB 15 -45.79 -26.12 -17.84
CA ILE EB 15 -45.03 -26.45 -19.05
C ILE EB 15 -44.31 -27.78 -18.87
N SER EB 16 -43.86 -28.33 -20.00
CA SER EB 16 -43.14 -29.60 -20.00
C SER EB 16 -41.74 -29.43 -19.41
N GLU EB 17 -41.12 -30.57 -19.10
CA GLU EB 17 -39.78 -30.54 -18.52
C GLU EB 17 -38.77 -29.88 -19.45
N VAL EB 18 -38.83 -30.20 -20.75
CA VAL EB 18 -37.82 -29.67 -21.68
C VAL EB 18 -37.98 -28.17 -21.86
N GLU EB 19 -39.22 -27.67 -21.88
CA GLU EB 19 -39.43 -26.23 -21.98
C GLU EB 19 -38.99 -25.52 -20.71
N ALA EB 20 -39.29 -26.13 -19.55
CA ALA EB 20 -38.83 -25.56 -18.29
C ALA EB 20 -37.31 -25.56 -18.22
N ALA EB 21 -36.67 -26.62 -18.72
CA ALA EB 21 -35.21 -26.65 -18.74
C ALA EB 21 -34.65 -25.52 -19.58
N GLU EB 22 -35.26 -25.27 -20.75
CA GLU EB 22 -34.79 -24.18 -21.60
C GLU EB 22 -34.94 -22.83 -20.92
N ILE EB 23 -36.10 -22.59 -20.31
CA ILE EB 23 -36.32 -21.30 -19.65
C ILE EB 23 -35.38 -21.13 -18.47
N VAL EB 24 -35.14 -22.20 -17.71
CA VAL EB 24 -34.24 -22.13 -16.57
C VAL EB 24 -32.82 -21.89 -17.02
N LEU EB 25 -32.42 -22.50 -18.15
CA LEU EB 25 -31.08 -22.23 -18.69
C LEU EB 25 -30.95 -20.78 -19.12
N LYS EB 26 -32.00 -20.23 -19.75
CA LYS EB 26 -32.00 -18.81 -20.08
C LYS EB 26 -31.81 -17.95 -18.83
N ALA EB 27 -32.57 -18.26 -17.77
CA ALA EB 27 -32.48 -17.49 -16.53
C ALA EB 27 -31.07 -17.59 -15.93
N VAL EB 28 -30.50 -18.79 -15.90
CA VAL EB 28 -29.18 -18.97 -15.31
C VAL EB 28 -28.13 -18.21 -16.12
N LYS EB 29 -28.21 -18.28 -17.45
CA LYS EB 29 -27.24 -17.58 -18.29
C LYS EB 29 -27.33 -16.07 -18.10
N ILE EB 30 -28.56 -15.53 -18.11
CA ILE EB 30 -28.71 -14.08 -18.02
C ILE EB 30 -28.40 -13.58 -16.61
N SER EB 31 -28.60 -14.43 -15.60
CA SER EB 31 -28.32 -14.05 -14.21
C SER EB 31 -26.83 -13.99 -13.90
N GLY EB 32 -25.96 -14.45 -14.80
CA GLY EB 32 -24.55 -14.52 -14.50
C GLY EB 32 -24.17 -15.68 -13.62
N GLY EB 33 -25.02 -16.70 -13.53
CA GLY EB 33 -24.75 -17.86 -12.71
C GLY EB 33 -25.10 -17.71 -11.24
N ASP EB 34 -25.60 -16.55 -10.82
CA ASP EB 34 -25.97 -16.36 -9.43
C ASP EB 34 -27.19 -17.21 -9.08
N VAL EB 35 -27.12 -17.88 -7.93
CA VAL EB 35 -28.23 -18.73 -7.50
C VAL EB 35 -29.45 -17.89 -7.13
N VAL EB 36 -29.23 -16.82 -6.36
CA VAL EB 36 -30.35 -16.01 -5.87
C VAL EB 36 -31.07 -15.34 -7.04
N LYS EB 37 -30.30 -14.68 -7.92
CA LYS EB 37 -30.91 -13.99 -9.05
C LYS EB 37 -31.65 -14.97 -9.96
N SER EB 38 -31.12 -16.18 -10.11
CA SER EB 38 -31.82 -17.17 -10.92
C SER EB 38 -33.18 -17.51 -10.33
N ILE EB 39 -33.27 -17.65 -9.00
CA ILE EB 39 -34.54 -17.96 -8.37
C ILE EB 39 -35.50 -16.78 -8.49
N GLU EB 40 -34.99 -15.56 -8.28
CA GLU EB 40 -35.83 -14.38 -8.45
C GLU EB 40 -36.40 -14.32 -9.86
N LEU EB 41 -35.55 -14.53 -10.86
CA LEU EB 41 -35.97 -14.42 -12.25
C LEU EB 41 -36.94 -15.53 -12.62
N VAL EB 42 -36.72 -16.75 -12.12
CA VAL EB 42 -37.66 -17.84 -12.38
C VAL EB 42 -39.00 -17.56 -11.73
N ASP EB 43 -38.99 -16.96 -10.54
CA ASP EB 43 -40.24 -16.53 -9.92
C ASP EB 43 -40.94 -15.48 -10.78
N LEU EB 44 -40.18 -14.54 -11.34
CA LEU EB 44 -40.78 -13.53 -12.20
C LEU EB 44 -41.39 -14.16 -13.45
N PHE EB 45 -40.73 -15.18 -14.00
CA PHE EB 45 -41.28 -15.85 -15.18
C PHE EB 45 -42.63 -16.49 -14.87
N ILE EB 46 -42.78 -17.07 -13.68
CA ILE EB 46 -44.04 -17.70 -13.30
C ILE EB 46 -45.16 -16.68 -13.29
N GLU EB 47 -44.85 -15.43 -12.94
CA GLU EB 47 -45.84 -14.36 -13.05
C GLU EB 47 -46.12 -14.03 -14.51
N ILE EB 48 -45.08 -13.70 -15.28
CA ILE EB 48 -45.27 -13.34 -16.69
C ILE EB 48 -45.91 -14.49 -17.44
N LEU EB 49 -45.46 -15.72 -17.19
CA LEU EB 49 -45.92 -16.86 -17.97
C LEU EB 49 -47.35 -17.27 -17.64
N ASN EB 50 -47.95 -16.72 -16.60
CA ASN EB 50 -49.34 -17.00 -16.27
C ASN EB 50 -50.27 -15.89 -16.74
N LYS EB 51 -50.02 -14.65 -16.30
CA LYS EB 51 -50.84 -13.53 -16.77
C LYS EB 51 -50.58 -13.21 -18.23
N GLY EB 52 -49.46 -13.69 -18.78
CA GLY EB 52 -49.17 -13.46 -20.19
C GLY EB 52 -50.06 -14.25 -21.12
N ARG EB 53 -50.59 -15.38 -20.66
CA ARG EB 53 -51.54 -16.16 -21.44
C ARG EB 53 -52.98 -15.86 -21.07
N GLU EB 54 -53.24 -15.40 -19.85
CA GLU EB 54 -54.56 -14.97 -19.45
C GLU EB 54 -54.70 -13.46 -19.61
N MET FB 1 1.12 -13.30 -38.78
CA MET FB 1 2.06 -14.04 -37.89
C MET FB 1 2.15 -15.49 -38.32
N MET FB 2 1.06 -16.23 -38.09
CA MET FB 2 1.06 -17.66 -38.37
C MET FB 2 1.18 -17.95 -39.86
N GLU FB 3 0.63 -17.09 -40.72
CA GLU FB 3 0.71 -17.36 -42.16
C GLU FB 3 2.15 -17.37 -42.64
N ALA FB 4 2.99 -16.47 -42.12
CA ALA FB 4 4.39 -16.48 -42.49
C ALA FB 4 5.07 -17.76 -42.03
N MET FB 5 4.75 -18.23 -40.82
CA MET FB 5 5.33 -19.47 -40.32
C MET FB 5 4.90 -20.67 -41.17
N VAL FB 6 3.63 -20.69 -41.60
CA VAL FB 6 3.13 -21.84 -42.34
C VAL FB 6 3.89 -21.99 -43.65
N LYS FB 7 4.03 -20.89 -44.40
CA LYS FB 7 4.84 -20.93 -45.61
C LYS FB 7 6.31 -21.18 -45.29
N TYR FB 8 6.81 -20.51 -44.24
CA TYR FB 8 8.20 -20.70 -43.85
C TYR FB 8 8.48 -22.16 -43.51
N LEU FB 9 7.60 -22.78 -42.74
CA LEU FB 9 7.80 -24.19 -42.37
C LEU FB 9 7.62 -25.11 -43.57
N ALA FB 10 6.60 -24.85 -44.41
CA ALA FB 10 6.35 -25.73 -45.55
C ALA FB 10 7.56 -25.79 -46.48
N GLU FB 11 8.16 -24.63 -46.76
CA GLU FB 11 9.33 -24.60 -47.65
C GLU FB 11 10.52 -25.31 -47.01
N LYS FB 12 10.84 -24.95 -45.76
CA LYS FB 12 12.03 -25.48 -45.12
C LYS FB 12 11.93 -26.95 -44.77
N ALA FB 13 10.71 -27.50 -44.69
CA ALA FB 13 10.52 -28.92 -44.40
C ALA FB 13 9.94 -29.71 -45.55
N GLY FB 14 9.43 -29.06 -46.59
CA GLY FB 14 8.86 -29.76 -47.72
C GLY FB 14 7.47 -30.30 -47.51
N ILE FB 15 6.86 -30.02 -46.37
CA ILE FB 15 5.52 -30.53 -46.09
C ILE FB 15 4.47 -29.66 -46.78
N SER FB 16 3.25 -30.18 -46.85
CA SER FB 16 2.15 -29.48 -47.48
C SER FB 16 1.68 -28.32 -46.62
N GLU FB 17 0.87 -27.44 -47.21
CA GLU FB 17 0.35 -26.29 -46.47
C GLU FB 17 -0.54 -26.74 -45.31
N VAL FB 18 -1.39 -27.74 -45.54
CA VAL FB 18 -2.29 -28.18 -44.46
C VAL FB 18 -1.51 -28.88 -43.35
N GLU FB 19 -0.47 -29.65 -43.70
CA GLU FB 19 0.35 -30.25 -42.67
C GLU FB 19 1.16 -29.20 -41.92
N ALA FB 20 1.66 -28.20 -42.64
CA ALA FB 20 2.35 -27.09 -41.97
C ALA FB 20 1.39 -26.33 -41.07
N ALA FB 21 0.15 -26.10 -41.52
CA ALA FB 21 -0.82 -25.39 -40.70
C ALA FB 21 -1.11 -26.16 -39.40
N GLU FB 22 -1.21 -27.48 -39.48
CA GLU FB 22 -1.46 -28.28 -38.29
C GLU FB 22 -0.31 -28.16 -37.29
N ILE FB 23 0.92 -28.30 -37.77
CA ILE FB 23 2.08 -28.25 -36.87
C ILE FB 23 2.23 -26.85 -36.27
N VAL FB 24 1.99 -25.81 -37.07
CA VAL FB 24 2.10 -24.45 -36.55
C VAL FB 24 1.04 -24.19 -35.50
N LEU FB 25 -0.16 -24.76 -35.66
CA LEU FB 25 -1.19 -24.59 -34.64
C LEU FB 25 -0.80 -25.30 -33.36
N LYS FB 26 -0.16 -26.46 -33.46
CA LYS FB 26 0.36 -27.14 -32.28
C LYS FB 26 1.37 -26.26 -31.54
N ALA FB 27 2.26 -25.61 -32.29
CA ALA FB 27 3.28 -24.76 -31.67
C ALA FB 27 2.63 -23.58 -30.95
N VAL FB 28 1.61 -22.97 -31.56
CA VAL FB 28 0.99 -21.80 -30.96
C VAL FB 28 0.29 -22.16 -29.65
N LYS FB 29 -0.37 -23.31 -29.61
CA LYS FB 29 -1.05 -23.74 -28.38
C LYS FB 29 -0.05 -23.94 -27.25
N ILE FB 30 1.02 -24.71 -27.50
CA ILE FB 30 2.01 -24.98 -26.45
C ILE FB 30 2.69 -23.69 -26.02
N SER FB 31 2.96 -22.80 -26.97
CA SER FB 31 3.66 -21.56 -26.68
C SER FB 31 2.85 -20.60 -25.82
N GLY FB 32 1.56 -20.86 -25.62
CA GLY FB 32 0.72 -19.92 -24.91
C GLY FB 32 0.35 -18.70 -25.71
N GLY FB 33 0.43 -18.78 -27.03
CA GLY FB 33 0.14 -17.66 -27.89
C GLY FB 33 1.27 -16.67 -28.08
N ASP FB 34 2.41 -16.89 -27.44
CA ASP FB 34 3.55 -15.99 -27.59
C ASP FB 34 4.13 -16.11 -29.00
N VAL FB 35 4.40 -14.95 -29.61
CA VAL FB 35 4.93 -14.95 -30.97
C VAL FB 35 6.37 -15.47 -30.98
N VAL FB 36 7.19 -14.99 -30.05
CA VAL FB 36 8.60 -15.36 -30.04
C VAL FB 36 8.76 -16.86 -29.79
N LYS FB 37 8.07 -17.38 -28.78
CA LYS FB 37 8.18 -18.81 -28.47
C LYS FB 37 7.72 -19.66 -29.65
N SER FB 38 6.69 -19.21 -30.36
CA SER FB 38 6.20 -19.96 -31.51
C SER FB 38 7.27 -20.06 -32.59
N ILE FB 39 8.02 -18.97 -32.81
CA ILE FB 39 9.06 -18.98 -33.84
C ILE FB 39 10.22 -19.85 -33.40
N GLU FB 40 10.63 -19.74 -32.13
CA GLU FB 40 11.66 -20.64 -31.61
C GLU FB 40 11.23 -22.09 -31.74
N LEU FB 41 9.99 -22.38 -31.38
CA LEU FB 41 9.49 -23.75 -31.40
C LEU FB 41 9.36 -24.27 -32.82
N VAL FB 42 8.90 -23.43 -33.75
CA VAL FB 42 8.80 -23.86 -35.14
C VAL FB 42 10.17 -24.11 -35.74
N ASP FB 43 11.18 -23.32 -35.34
CA ASP FB 43 12.54 -23.58 -35.79
C ASP FB 43 13.03 -24.93 -35.29
N LEU FB 44 12.69 -25.28 -34.04
CA LEU FB 44 13.09 -26.57 -33.51
C LEU FB 44 12.44 -27.71 -34.28
N PHE FB 45 11.18 -27.53 -34.71
CA PHE FB 45 10.52 -28.55 -35.51
C PHE FB 45 11.28 -28.79 -36.82
N ILE FB 46 11.79 -27.73 -37.43
CA ILE FB 46 12.51 -27.87 -38.70
C ILE FB 46 13.76 -28.72 -38.50
N GLU FB 47 14.43 -28.61 -37.35
CA GLU FB 47 15.53 -29.51 -37.04
C GLU FB 47 15.03 -30.94 -36.86
N ILE FB 48 14.09 -31.14 -35.94
CA ILE FB 48 13.58 -32.48 -35.66
C ILE FB 48 13.00 -33.09 -36.94
N LEU FB 49 12.23 -32.31 -37.68
CA LEU FB 49 11.52 -32.84 -38.85
C LEU FB 49 12.45 -33.16 -40.00
N ASN FB 50 13.69 -32.68 -39.98
CA ASN FB 50 14.67 -33.02 -41.02
C ASN FB 50 15.56 -34.18 -40.59
N LYS FB 51 16.27 -34.06 -39.47
CA LYS FB 51 17.12 -35.14 -39.00
C LYS FB 51 16.31 -36.33 -38.49
N GLY FB 52 15.02 -36.12 -38.20
CA GLY FB 52 14.18 -37.22 -37.75
C GLY FB 52 13.83 -38.19 -38.86
N ARG FB 53 13.93 -37.77 -40.11
CA ARG FB 53 13.71 -38.66 -41.25
C ARG FB 53 15.01 -39.09 -41.92
N GLU FB 54 16.10 -38.37 -41.69
CA GLU FB 54 17.40 -38.81 -42.18
C GLU FB 54 18.14 -39.60 -41.11
N MET GB 1 36.26 -6.48 17.13
CA MET GB 1 36.54 -5.18 16.45
C MET GB 1 37.43 -4.29 17.30
N MET GB 2 36.94 -3.98 18.51
CA MET GB 2 37.60 -2.98 19.34
C MET GB 2 38.98 -3.42 19.80
N GLU GB 3 39.20 -4.72 20.03
CA GLU GB 3 40.51 -5.17 20.49
C GLU GB 3 41.59 -4.85 19.45
N ALA GB 4 41.28 -5.01 18.18
CA ALA GB 4 42.22 -4.60 17.14
C ALA GB 4 42.44 -3.09 17.17
N MET GB 5 41.37 -2.32 17.35
CA MET GB 5 41.51 -0.87 17.41
C MET GB 5 42.32 -0.44 18.62
N VAL GB 6 42.17 -1.12 19.75
CA VAL GB 6 42.85 -0.71 20.97
C VAL GB 6 44.36 -0.83 20.81
N LYS GB 7 44.85 -1.99 20.35
CA LYS GB 7 46.28 -2.16 20.14
C LYS GB 7 46.77 -1.28 19.00
N TYR GB 8 45.97 -1.17 17.94
CA TYR GB 8 46.35 -0.31 16.82
C TYR GB 8 46.60 1.12 17.29
N LEU GB 9 45.67 1.68 18.06
CA LEU GB 9 45.83 3.03 18.57
C LEU GB 9 47.00 3.12 19.55
N ALA GB 10 47.14 2.15 20.45
CA ALA GB 10 48.23 2.17 21.41
C ALA GB 10 49.58 2.21 20.72
N GLU GB 11 49.74 1.42 19.67
CA GLU GB 11 51.00 1.41 18.92
C GLU GB 11 51.18 2.71 18.14
N LYS GB 12 50.14 3.14 17.41
CA LYS GB 12 50.28 4.28 16.52
C LYS GB 12 50.31 5.61 17.27
N ALA GB 13 49.88 5.64 18.53
CA ALA GB 13 49.90 6.87 19.31
C ALA GB 13 50.78 6.78 20.55
N GLY GB 14 51.26 5.59 20.91
CA GLY GB 14 52.14 5.42 22.05
C GLY GB 14 51.44 5.43 23.39
N ILE GB 15 50.11 5.53 23.42
CA ILE GB 15 49.40 5.56 24.70
C ILE GB 15 49.29 4.15 25.28
N SER GB 16 48.91 4.08 26.55
CA SER GB 16 48.77 2.81 27.24
C SER GB 16 47.52 2.07 26.76
N GLU GB 17 47.43 0.79 27.14
CA GLU GB 17 46.29 -0.03 26.74
C GLU GB 17 44.99 0.53 27.29
N VAL GB 18 44.98 0.94 28.57
CA VAL GB 18 43.74 1.39 29.19
C VAL GB 18 43.30 2.74 28.64
N GLU GB 19 44.26 3.62 28.31
CA GLU GB 19 43.91 4.89 27.70
C GLU GB 19 43.36 4.69 26.28
N ALA GB 20 43.98 3.78 25.53
CA ALA GB 20 43.47 3.46 24.19
C ALA GB 20 42.07 2.87 24.29
N ALA GB 21 41.83 2.02 25.28
CA ALA GB 21 40.49 1.45 25.46
C ALA GB 21 39.46 2.55 25.71
N GLU GB 22 39.81 3.53 26.54
CA GLU GB 22 38.90 4.63 26.82
C GLU GB 22 38.60 5.43 25.55
N ILE GB 23 39.65 5.78 24.80
CA ILE GB 23 39.43 6.57 23.58
C ILE GB 23 38.62 5.78 22.57
N VAL GB 24 38.88 4.48 22.44
CA VAL GB 24 38.13 3.65 21.51
C VAL GB 24 36.67 3.52 21.95
N LEU GB 25 36.42 3.46 23.25
CA LEU GB 25 35.03 3.43 23.72
C LEU GB 25 34.33 4.74 23.40
N LYS GB 26 35.03 5.87 23.56
CA LYS GB 26 34.46 7.15 23.15
C LYS GB 26 34.11 7.14 21.65
N ALA GB 27 35.03 6.64 20.83
CA ALA GB 27 34.79 6.59 19.39
C ALA GB 27 33.59 5.70 19.06
N VAL GB 28 33.49 4.54 19.71
CA VAL GB 28 32.37 3.64 19.44
C VAL GB 28 31.06 4.27 19.88
N LYS GB 29 31.05 4.97 21.02
CA LYS GB 29 29.84 5.64 21.47
C LYS GB 29 29.39 6.70 20.47
N ILE GB 30 30.32 7.57 20.06
CA ILE GB 30 29.95 8.64 19.13
C ILE GB 30 29.51 8.07 17.78
N SER GB 31 30.18 7.01 17.33
CA SER GB 31 29.89 6.43 16.03
C SER GB 31 28.48 5.84 15.94
N GLY GB 32 27.82 5.64 17.08
CA GLY GB 32 26.56 4.93 17.08
C GLY GB 32 26.71 3.44 16.89
N GLY GB 33 27.89 2.89 17.21
CA GLY GB 33 28.14 1.49 17.05
C GLY GB 33 28.60 1.06 15.67
N ASP GB 34 28.65 1.97 14.70
CA ASP GB 34 29.10 1.62 13.37
C ASP GB 34 30.58 1.27 13.38
N VAL GB 35 30.92 0.17 12.70
CA VAL GB 35 32.32 -0.28 12.66
C VAL GB 35 33.16 0.67 11.82
N VAL GB 36 32.65 1.06 10.64
CA VAL GB 36 33.42 1.89 9.73
C VAL GB 36 33.69 3.26 10.35
N LYS GB 37 32.66 3.91 10.88
CA LYS GB 37 32.83 5.22 11.49
C LYS GB 37 33.79 5.15 12.67
N SER GB 38 33.78 4.04 13.40
CA SER GB 38 34.71 3.90 14.52
C SER GB 38 36.14 3.89 14.03
N ILE GB 39 36.41 3.21 12.91
CA ILE GB 39 37.78 3.15 12.40
C ILE GB 39 38.20 4.51 11.85
N GLU GB 40 37.29 5.19 11.14
CA GLU GB 40 37.60 6.54 10.68
C GLU GB 40 37.91 7.47 11.84
N LEU GB 41 37.10 7.39 12.91
CA LEU GB 41 37.33 8.23 14.08
C LEU GB 41 38.65 7.89 14.76
N VAL GB 42 39.00 6.61 14.83
CA VAL GB 42 40.27 6.25 15.45
C VAL GB 42 41.44 6.75 14.62
N ASP GB 43 41.31 6.73 13.29
CA ASP GB 43 42.37 7.29 12.46
C ASP GB 43 42.49 8.80 12.66
N LEU GB 44 41.36 9.50 12.74
CA LEU GB 44 41.40 10.93 13.02
C LEU GB 44 42.01 11.20 14.39
N PHE GB 45 41.73 10.33 15.36
CA PHE GB 45 42.34 10.45 16.67
C PHE GB 45 43.84 10.26 16.59
N ILE GB 46 44.30 9.32 15.77
CA ILE GB 46 45.73 9.12 15.59
C ILE GB 46 46.38 10.35 14.99
N GLU GB 47 45.68 11.02 14.07
CA GLU GB 47 46.19 12.27 13.52
C GLU GB 47 46.27 13.36 14.59
N ILE GB 48 45.16 13.59 15.29
CA ILE GB 48 45.06 14.68 16.25
C ILE GB 48 46.03 14.46 17.42
N LEU GB 49 46.02 13.24 17.97
CA LEU GB 49 46.79 12.92 19.16
C LEU GB 49 48.29 12.96 18.90
N ASN GB 50 48.71 13.02 17.65
CA ASN GB 50 50.11 13.21 17.29
C ASN GB 50 50.42 14.66 17.00
N LYS GB 51 49.66 15.30 16.11
CA LYS GB 51 50.00 16.66 15.72
C LYS GB 51 49.68 17.68 16.82
N GLY GB 52 48.85 17.34 17.81
CA GLY GB 52 48.54 18.26 18.87
C GLY GB 52 49.58 18.34 19.97
N ARG GB 53 50.38 17.29 20.14
CA ARG GB 53 51.48 17.31 21.11
C ARG GB 53 52.78 17.80 20.49
N GLU GB 54 52.89 17.78 19.17
CA GLU GB 54 53.99 18.41 18.48
C GLU GB 54 53.56 19.74 17.89
N MET HB 1 1.79 -30.93 26.50
CA MET HB 1 3.21 -30.62 26.19
C MET HB 1 4.10 -30.89 27.39
N MET HB 2 3.93 -30.06 28.42
CA MET HB 2 4.89 -30.04 29.52
C MET HB 2 4.86 -31.35 30.32
N GLU HB 3 3.68 -31.96 30.49
CA GLU HB 3 3.60 -33.18 31.29
C GLU HB 3 4.44 -34.29 30.67
N ALA HB 4 4.43 -34.40 29.34
CA ALA HB 4 5.31 -35.34 28.67
C ALA HB 4 6.77 -34.97 28.91
N MET HB 5 7.10 -33.68 28.84
CA MET HB 5 8.46 -33.25 29.08
C MET HB 5 8.88 -33.53 30.52
N VAL HB 6 7.98 -33.33 31.48
CA VAL HB 6 8.34 -33.50 32.88
C VAL HB 6 8.75 -34.94 33.16
N LYS HB 7 7.91 -35.90 32.75
CA LYS HB 7 8.22 -37.30 32.98
C LYS HB 7 9.43 -37.75 32.16
N TYR HB 8 9.51 -37.29 30.92
CA TYR HB 8 10.65 -37.62 30.07
C TYR HB 8 11.95 -37.18 30.73
N LEU HB 9 12.00 -35.95 31.23
CA LEU HB 9 13.20 -35.45 31.89
C LEU HB 9 13.47 -36.20 33.20
N ALA HB 10 12.43 -36.45 34.00
CA ALA HB 10 12.62 -37.17 35.25
C ALA HB 10 13.22 -38.55 35.00
N GLU HB 11 12.72 -39.25 33.99
CA GLU HB 11 13.26 -40.57 33.67
C GLU HB 11 14.68 -40.48 33.15
N LYS HB 12 14.94 -39.56 32.20
CA LYS HB 12 16.24 -39.51 31.55
C LYS HB 12 17.32 -38.85 32.41
N ALA HB 13 16.94 -38.11 33.44
CA ALA HB 13 17.91 -37.46 34.32
C ALA HB 13 17.90 -38.02 35.74
N GLY HB 14 16.89 -38.80 36.12
CA GLY HB 14 16.82 -39.37 37.45
C GLY HB 14 16.33 -38.43 38.52
N ILE HB 15 16.02 -37.18 38.17
CA ILE HB 15 15.54 -36.23 39.17
C ILE HB 15 14.08 -36.53 39.53
N SER HB 16 13.64 -35.95 40.64
CA SER HB 16 12.26 -36.09 41.07
C SER HB 16 11.34 -35.32 40.13
N GLU HB 17 10.05 -35.67 40.19
CA GLU HB 17 9.09 -35.04 39.29
C GLU HB 17 8.89 -33.56 39.61
N VAL HB 18 8.97 -33.18 40.88
CA VAL HB 18 8.82 -31.78 41.24
C VAL HB 18 10.00 -30.95 40.74
N GLU HB 19 11.22 -31.50 40.83
CA GLU HB 19 12.38 -30.81 40.28
C GLU HB 19 12.31 -30.73 38.76
N ALA HB 20 11.85 -31.81 38.11
CA ALA HB 20 11.69 -31.78 36.68
C ALA HB 20 10.67 -30.73 36.26
N ALA HB 21 9.61 -30.56 37.05
CA ALA HB 21 8.62 -29.52 36.74
C ALA HB 21 9.27 -28.15 36.79
N GLU HB 22 10.11 -27.89 37.79
CA GLU HB 22 10.78 -26.60 37.89
C GLU HB 22 11.70 -26.37 36.68
N ILE HB 23 12.49 -27.37 36.32
CA ILE HB 23 13.42 -27.20 35.20
C ILE HB 23 12.65 -27.02 33.89
N VAL HB 24 11.57 -27.77 33.71
CA VAL HB 24 10.77 -27.62 32.49
C VAL HB 24 10.10 -26.26 32.45
N LEU HB 25 9.67 -25.72 33.60
CA LEU HB 25 9.12 -24.38 33.63
C LEU HB 25 10.17 -23.34 33.25
N LYS HB 26 11.40 -23.52 33.74
CA LYS HB 26 12.50 -22.65 33.33
C LYS HB 26 12.69 -22.70 31.81
N ALA HB 27 12.70 -23.91 31.26
CA ALA HB 27 12.90 -24.06 29.82
C ALA HB 27 11.78 -23.38 29.02
N VAL HB 28 10.53 -23.59 29.46
CA VAL HB 28 9.40 -22.99 28.75
C VAL HB 28 9.45 -21.48 28.84
N LYS HB 29 9.85 -20.94 30.00
CA LYS HB 29 9.94 -19.49 30.17
C LYS HB 29 11.00 -18.91 29.25
N ILE HB 30 12.20 -19.50 29.23
CA ILE HB 30 13.27 -18.98 28.40
C ILE HB 30 12.92 -19.13 26.92
N SER HB 31 12.26 -20.22 26.54
CA SER HB 31 11.96 -20.49 25.15
C SER HB 31 10.94 -19.54 24.56
N GLY HB 32 10.28 -18.72 25.38
CA GLY HB 32 9.22 -17.87 24.87
C GLY HB 32 7.94 -18.60 24.57
N GLY HB 33 7.73 -19.77 25.19
CA GLY HB 33 6.54 -20.56 24.97
C GLY HB 33 6.58 -21.43 23.73
N ASP HB 34 7.66 -21.41 22.97
CA ASP HB 34 7.77 -22.24 21.78
C ASP HB 34 7.88 -23.72 22.19
N VAL HB 35 7.09 -24.57 21.54
CA VAL HB 35 7.10 -25.99 21.87
C VAL HB 35 8.41 -26.64 21.45
N VAL HB 36 8.86 -26.36 20.22
CA VAL HB 36 10.05 -27.02 19.70
C VAL HB 36 11.29 -26.59 20.48
N LYS HB 37 11.44 -25.27 20.68
CA LYS HB 37 12.59 -24.78 21.43
C LYS HB 37 12.62 -25.36 22.83
N SER HB 38 11.45 -25.55 23.46
CA SER HB 38 11.40 -26.14 24.78
C SER HB 38 11.94 -27.57 24.77
N ILE HB 39 11.63 -28.34 23.74
CA ILE HB 39 12.09 -29.71 23.67
C ILE HB 39 13.59 -29.77 23.41
N GLU HB 40 14.09 -28.92 22.49
CA GLU HB 40 15.53 -28.85 22.28
C GLU HB 40 16.25 -28.47 23.57
N LEU HB 41 15.71 -27.49 24.29
CA LEU HB 41 16.34 -27.03 25.52
C LEU HB 41 16.30 -28.10 26.60
N VAL HB 42 15.22 -28.87 26.66
CA VAL HB 42 15.16 -29.96 27.64
C VAL HB 42 16.15 -31.06 27.29
N ASP HB 43 16.34 -31.33 26.00
CA ASP HB 43 17.38 -32.31 25.61
C ASP HB 43 18.76 -31.82 26.00
N LEU HB 44 19.03 -30.53 25.76
CA LEU HB 44 20.30 -29.96 26.21
C LEU HB 44 20.45 -30.06 27.73
N PHE HB 45 19.35 -29.86 28.45
CA PHE HB 45 19.36 -30.03 29.90
C PHE HB 45 19.69 -31.47 30.27
N ILE HB 46 19.15 -32.43 29.53
CA ILE HB 46 19.45 -33.84 29.80
C ILE HB 46 20.92 -34.14 29.57
N GLU HB 47 21.52 -33.50 28.56
CA GLU HB 47 22.96 -33.65 28.34
C GLU HB 47 23.76 -33.06 29.49
N ILE HB 48 23.47 -31.80 29.85
CA ILE HB 48 24.23 -31.11 30.88
C ILE HB 48 24.06 -31.79 32.23
N LEU HB 49 22.82 -32.11 32.59
CA LEU HB 49 22.52 -32.63 33.92
C LEU HB 49 23.08 -34.01 34.14
N ASN HB 50 23.55 -34.67 33.09
CA ASN HB 50 24.25 -35.95 33.21
C ASN HB 50 25.75 -35.76 33.19
N LYS HB 51 26.29 -35.05 32.19
CA LYS HB 51 27.74 -34.97 32.08
C LYS HB 51 28.35 -34.03 33.11
N GLY HB 52 27.56 -33.16 33.75
CA GLY HB 52 28.10 -32.26 34.76
C GLY HB 52 28.30 -32.89 36.12
N ARG HB 53 27.57 -33.97 36.42
CA ARG HB 53 27.79 -34.71 37.65
C ARG HB 53 28.78 -35.85 37.48
N GLU HB 54 28.96 -36.34 36.26
CA GLU HB 54 30.02 -37.28 35.96
C GLU HB 54 31.26 -36.53 35.46
#